data_2WKN
#
_entry.id   2WKN
#
_cell.length_a   63.871
_cell.length_b   94.621
_cell.length_c   152.297
_cell.angle_alpha   105.71
_cell.angle_beta   90.27
_cell.angle_gamma   108.46
#
_symmetry.space_group_name_H-M   'P 1'
#
loop_
_entity.id
_entity.type
_entity.pdbx_description
1 polymer FORMAMIDASE
2 non-polymer 'ZINC ION'
3 water water
#
_entity_poly.entity_id   1
_entity_poly.type   'polypeptide(L)'
_entity_poly.pdbx_seq_one_letter_code
;MAETLIKVDLNQSPYDNPQVHNRWHPDIPMAVWVEPGAEFKLETYDWTGGAIKNDDSAEDVRDVDLSTVHFLSGPVGVKG
AEPGDLLVVDLLDIGARDDSLWGFNGFFSKQNGGGFLDEHFPLAQKSIWDFHGMFTKSRHIPGVNFAGLIHPGLIGCLPD
PKMLASWNERETGLIATDPDRIPGLANPPNATTAHMGQMQGEARDKAAAEGARTVPPREHGGNCDIKDLSRGSRVFFPVY
VDGAGLSVGDLHFSQGDGEITFCGAIEMAGWVHMKVSLIKGGMAKYGIKNPIFKPSPMTPNYKDYLIFEGISVDEKGKQH
YLDVTVAYRQACLNAIEYLKKFGYSGAQAYSLLGTAPVQGHISGVVDVPNACATLWLPTEIFDFDINPTAEGPQKIITGG
VDLPIAQDK
;
_entity_poly.pdbx_strand_id   A,B,C,D,E,F,G,H
#
# COMPACT_ATOMS: atom_id res chain seq x y z
N ALA A 2 -4.66 9.13 12.66
CA ALA A 2 -3.44 9.96 12.99
C ALA A 2 -2.22 9.44 12.24
N GLU A 3 -1.23 10.31 12.07
CA GLU A 3 -0.08 9.92 11.26
C GLU A 3 0.97 9.21 12.08
N THR A 4 1.63 8.25 11.46
CA THR A 4 2.72 7.49 12.06
C THR A 4 4.04 8.27 11.92
N LEU A 5 4.56 8.79 13.03
CA LEU A 5 5.78 9.61 13.03
C LEU A 5 7.09 8.83 13.09
N ILE A 6 7.02 7.56 13.49
CA ILE A 6 8.16 6.69 13.43
C ILE A 6 7.72 5.37 12.83
N LYS A 7 8.26 5.06 11.66
CA LYS A 7 7.91 3.83 10.96
C LYS A 7 9.00 2.80 11.14
N VAL A 8 8.61 1.54 11.16
CA VAL A 8 9.51 0.45 11.41
C VAL A 8 9.30 -0.60 10.33
N ASP A 9 10.41 -1.03 9.74
CA ASP A 9 10.42 -2.14 8.81
C ASP A 9 11.06 -3.32 9.54
N LEU A 10 10.22 -4.30 9.87
CA LEU A 10 10.67 -5.47 10.64
C LEU A 10 11.86 -6.21 10.03
N ASN A 11 12.00 -6.12 8.71
CA ASN A 11 13.07 -6.78 7.99
C ASN A 11 14.35 -5.91 7.90
N GLN A 12 14.24 -4.65 8.31
CA GLN A 12 15.41 -3.79 8.43
C GLN A 12 16.03 -3.96 9.81
N SER A 13 17.35 -4.02 9.86
CA SER A 13 18.07 -4.08 11.13
C SER A 13 17.78 -2.80 11.89
N PRO A 14 17.46 -2.92 13.19
CA PRO A 14 17.15 -1.76 14.02
C PRO A 14 18.28 -0.74 14.03
N TYR A 15 19.51 -1.20 13.89
CA TYR A 15 20.67 -0.33 13.84
C TYR A 15 20.63 0.63 12.66
N ASP A 16 19.95 0.23 11.59
CA ASP A 16 19.79 1.04 10.37
C ASP A 16 18.66 2.06 10.48
N ASN A 17 17.87 1.98 11.54
CA ASN A 17 16.81 2.95 11.77
C ASN A 17 17.32 4.02 12.73
N PRO A 18 17.44 5.26 12.26
CA PRO A 18 17.98 6.36 13.09
C PRO A 18 17.03 6.88 14.19
N GLN A 19 15.76 6.47 14.14
CA GLN A 19 14.75 6.90 15.11
C GLN A 19 14.48 5.85 16.19
N VAL A 20 15.41 4.90 16.30
CA VAL A 20 15.37 3.85 17.29
C VAL A 20 16.62 3.99 18.15
N HIS A 21 16.57 3.53 19.40
CA HIS A 21 17.75 3.48 20.28
C HIS A 21 17.60 2.40 21.34
N ASN A 22 18.71 1.98 21.94
CA ASN A 22 18.68 0.89 22.92
C ASN A 22 19.50 1.12 24.20
N ARG A 23 19.76 2.39 24.51
CA ARG A 23 20.40 2.78 25.75
C ARG A 23 19.76 4.10 26.16
N TRP A 24 19.83 4.42 27.45
CA TRP A 24 19.37 5.72 27.96
C TRP A 24 20.56 6.67 28.09
N HIS A 25 20.40 7.86 27.52
CA HIS A 25 21.44 8.87 27.53
C HIS A 25 20.85 10.24 27.21
N PRO A 26 21.22 11.28 27.98
CA PRO A 26 20.70 12.64 27.80
C PRO A 26 20.95 13.27 26.43
N ASP A 27 21.91 12.74 25.70
CA ASP A 27 22.38 13.37 24.46
C ASP A 27 21.86 12.75 23.16
N ILE A 28 21.14 11.63 23.24
CA ILE A 28 20.47 11.08 22.06
C ILE A 28 19.52 12.17 21.54
N PRO A 29 19.69 12.58 20.26
CA PRO A 29 18.85 13.63 19.70
C PRO A 29 17.44 13.16 19.39
N MET A 30 16.48 14.07 19.47
CA MET A 30 15.08 13.74 19.23
C MET A 30 14.88 13.14 17.84
N ALA A 31 14.21 11.98 17.80
CA ALA A 31 13.78 11.33 16.55
C ALA A 31 12.74 12.15 15.76
N VAL A 32 11.98 12.98 16.48
CA VAL A 32 10.94 13.83 15.87
C VAL A 32 10.47 14.83 16.93
N TRP A 33 9.95 15.96 16.48
CA TRP A 33 9.41 16.97 17.38
C TRP A 33 7.91 17.11 17.19
N VAL A 34 7.18 17.24 18.29
CA VAL A 34 5.72 17.47 18.26
C VAL A 34 5.32 18.65 19.15
N GLU A 35 4.16 19.24 18.86
CA GLU A 35 3.57 20.29 19.70
C GLU A 35 2.76 19.65 20.84
N PRO A 36 2.71 20.30 22.01
CA PRO A 36 1.80 19.82 23.06
C PRO A 36 0.37 19.73 22.53
N GLY A 37 -0.30 18.60 22.79
CA GLY A 37 -1.66 18.34 22.30
C GLY A 37 -1.64 17.46 21.05
N ALA A 38 -0.45 17.14 20.57
CA ALA A 38 -0.31 16.32 19.37
C ALA A 38 -0.74 14.88 19.64
N GLU A 39 -1.41 14.30 18.64
CA GLU A 39 -1.82 12.90 18.61
CA GLU A 39 -1.80 12.89 18.62
C GLU A 39 -1.11 12.25 17.45
N PHE A 40 -0.54 11.06 17.66
CA PHE A 40 0.24 10.39 16.61
C PHE A 40 0.50 8.94 16.95
N LYS A 41 1.03 8.17 16.00
CA LYS A 41 1.38 6.77 16.23
C LYS A 41 2.88 6.57 16.11
N LEU A 42 3.40 5.60 16.85
CA LEU A 42 4.77 5.17 16.75
C LEU A 42 4.74 3.66 16.55
N GLU A 43 5.48 3.17 15.58
CA GLU A 43 5.63 1.73 15.38
C GLU A 43 6.84 1.25 16.15
N THR A 44 6.91 -0.05 16.48
CA THR A 44 7.99 -0.57 17.32
C THR A 44 8.47 -1.93 16.86
N TYR A 45 9.75 -2.19 17.07
CA TYR A 45 10.29 -3.55 16.97
C TYR A 45 9.90 -4.28 18.24
N ASP A 46 9.82 -5.60 18.18
CA ASP A 46 9.81 -6.38 19.40
C ASP A 46 11.16 -6.09 20.09
N TRP A 47 11.24 -6.30 21.40
CA TRP A 47 12.37 -5.84 22.20
C TRP A 47 13.76 -6.33 21.72
N THR A 48 13.79 -7.56 21.21
CA THR A 48 14.99 -8.17 20.66
C THR A 48 15.30 -7.74 19.22
N GLY A 49 14.32 -7.18 18.54
CA GLY A 49 14.52 -6.68 17.18
C GLY A 49 14.54 -7.72 16.09
N GLY A 50 14.00 -8.91 16.38
CA GLY A 50 13.86 -9.97 15.38
C GLY A 50 14.54 -11.28 15.73
N ALA A 51 15.25 -11.31 16.86
CA ALA A 51 16.00 -12.50 17.29
C ALA A 51 15.18 -13.78 17.48
N ILE A 52 13.93 -13.65 17.89
CA ILE A 52 13.10 -14.80 18.21
C ILE A 52 12.08 -15.08 17.11
N LYS A 53 11.94 -16.35 16.76
CA LYS A 53 11.17 -16.74 15.59
C LYS A 53 9.92 -17.52 15.98
N ASN A 54 8.93 -17.53 15.08
CA ASN A 54 7.75 -18.36 15.25
C ASN A 54 7.97 -19.80 14.75
N ASP A 55 8.47 -20.64 15.64
CA ASP A 55 8.72 -22.06 15.35
C ASP A 55 8.67 -22.89 16.63
N ASP A 56 9.05 -24.16 16.55
CA ASP A 56 8.95 -25.04 17.71
C ASP A 56 10.31 -25.44 18.28
N SER A 57 11.26 -24.52 18.25
CA SER A 57 12.53 -24.73 18.95
C SER A 57 12.91 -23.53 19.83
N ALA A 58 13.55 -23.82 20.96
CA ALA A 58 13.88 -22.81 21.97
C ALA A 58 15.33 -22.27 21.87
N GLU A 59 16.07 -22.70 20.85
CA GLU A 59 17.48 -22.30 20.70
C GLU A 59 17.68 -20.80 20.52
N ASP A 60 16.74 -20.14 19.82
CA ASP A 60 16.82 -18.69 19.68
C ASP A 60 16.75 -17.98 21.03
N VAL A 61 15.86 -18.45 21.91
CA VAL A 61 15.77 -17.94 23.28
C VAL A 61 17.06 -18.23 24.07
N ARG A 62 17.58 -19.45 23.95
CA ARG A 62 18.84 -19.80 24.58
C ARG A 62 20.00 -18.88 24.16
N ASP A 63 20.05 -18.57 22.87
CA ASP A 63 21.22 -17.93 22.27
C ASP A 63 21.12 -16.42 22.06
N VAL A 64 19.96 -15.82 22.31
CA VAL A 64 19.76 -14.38 22.09
C VAL A 64 20.84 -13.52 22.80
N ASP A 65 21.20 -12.40 22.17
CA ASP A 65 22.20 -11.53 22.76
C ASP A 65 21.52 -10.42 23.56
N LEU A 66 21.35 -10.69 24.86
CA LEU A 66 20.56 -9.82 25.74
C LEU A 66 21.14 -8.42 25.95
N SER A 67 22.37 -8.18 25.47
CA SER A 67 22.95 -6.83 25.50
C SER A 67 22.28 -5.89 24.49
N THR A 68 21.61 -6.46 23.49
CA THR A 68 20.93 -5.70 22.45
C THR A 68 19.61 -5.08 22.88
N VAL A 69 18.90 -5.72 23.80
CA VAL A 69 17.57 -5.25 24.26
C VAL A 69 17.70 -3.93 25.04
N HIS A 70 16.73 -3.02 24.99
CA HIS A 70 15.49 -3.09 24.21
C HIS A 70 15.56 -2.07 23.10
N PHE A 71 15.13 -2.43 21.89
CA PHE A 71 15.04 -1.42 20.83
C PHE A 71 13.80 -0.55 20.92
N LEU A 72 14.01 0.70 21.33
CA LEU A 72 12.92 1.61 21.60
C LEU A 72 12.74 2.57 20.46
N SER A 73 11.48 3.02 20.23
CA SER A 73 11.20 4.06 19.26
C SER A 73 11.12 5.43 19.95
N GLY A 74 11.90 6.37 19.44
CA GLY A 74 12.04 7.68 20.05
C GLY A 74 13.48 8.13 19.96
N PRO A 75 13.84 9.19 20.70
CA PRO A 75 13.03 9.97 21.63
C PRO A 75 12.15 10.99 20.95
N VAL A 76 10.93 11.16 21.46
CA VAL A 76 10.01 12.08 20.88
C VAL A 76 10.16 13.41 21.64
N GLY A 77 10.43 14.48 20.89
CA GLY A 77 10.60 15.82 21.48
C GLY A 77 9.27 16.52 21.56
N VAL A 78 9.00 17.16 22.69
CA VAL A 78 7.77 17.91 22.89
C VAL A 78 8.12 19.38 23.15
N LYS A 79 7.69 20.24 22.23
CA LYS A 79 8.08 21.66 22.25
C LYS A 79 7.61 22.37 23.51
N GLY A 80 8.58 22.90 24.27
CA GLY A 80 8.28 23.68 25.48
C GLY A 80 8.38 22.88 26.78
N ALA A 81 8.64 21.58 26.64
CA ALA A 81 8.84 20.70 27.78
C ALA A 81 10.18 21.03 28.45
N GLU A 82 10.11 21.29 29.75
CA GLU A 82 11.29 21.69 30.53
C GLU A 82 11.47 20.76 31.73
N PRO A 83 12.73 20.58 32.22
CA PRO A 83 12.96 19.77 33.42
C PRO A 83 12.04 20.17 34.55
N GLY A 84 11.46 19.17 35.24
CA GLY A 84 10.49 19.40 36.30
C GLY A 84 9.03 19.52 35.88
N ASP A 85 8.77 19.46 34.57
CA ASP A 85 7.40 19.32 34.08
C ASP A 85 6.93 17.87 34.25
N LEU A 86 5.62 17.65 34.15
CA LEU A 86 5.11 16.30 33.91
C LEU A 86 4.65 16.22 32.47
N LEU A 87 5.02 15.12 31.81
CA LEU A 87 4.55 14.84 30.47
C LEU A 87 3.34 13.92 30.57
N VAL A 88 2.18 14.43 30.18
CA VAL A 88 0.94 13.65 30.24
C VAL A 88 0.77 12.89 28.93
N VAL A 89 0.79 11.54 29.02
CA VAL A 89 0.63 10.68 27.85
C VAL A 89 -0.71 9.89 27.93
N ASP A 90 -1.60 10.12 26.98
CA ASP A 90 -2.76 9.27 26.82
C ASP A 90 -2.41 8.14 25.86
N LEU A 91 -2.52 6.91 26.34
CA LEU A 91 -2.38 5.75 25.45
C LEU A 91 -3.74 5.48 24.82
N LEU A 92 -3.94 5.95 23.60
CA LEU A 92 -5.26 5.95 22.98
C LEU A 92 -5.63 4.57 22.40
N ASP A 93 -4.62 3.84 21.91
CA ASP A 93 -4.78 2.43 21.51
C ASP A 93 -3.42 1.89 21.27
N ILE A 94 -3.31 0.55 21.28
CA ILE A 94 -2.06 -0.15 21.05
C ILE A 94 -2.42 -1.45 20.39
N GLY A 95 -1.60 -1.90 19.43
CA GLY A 95 -1.86 -3.18 18.78
C GLY A 95 -0.67 -3.83 18.13
N ALA A 96 -0.92 -5.01 17.58
CA ALA A 96 0.03 -5.74 16.76
C ALA A 96 0.01 -5.21 15.31
N ARG A 97 1.10 -5.38 14.60
CA ARG A 97 1.19 -5.04 13.17
C ARG A 97 0.43 -6.09 12.38
N ASP A 98 -0.14 -5.65 11.27
CA ASP A 98 -0.98 -6.53 10.44
C ASP A 98 -0.21 -7.70 9.85
N ASP A 99 1.09 -7.51 9.63
CA ASP A 99 1.94 -8.53 9.06
C ASP A 99 2.63 -9.40 10.11
N SER A 100 2.25 -9.26 11.38
CA SER A 100 2.96 -9.93 12.47
C SER A 100 2.03 -10.21 13.65
N LEU A 101 1.07 -11.08 13.40
CA LEU A 101 -0.01 -11.37 14.35
C LEU A 101 0.30 -12.57 15.27
N TRP A 102 1.50 -12.57 15.85
CA TRP A 102 1.90 -13.57 16.81
C TRP A 102 2.92 -12.91 17.73
N GLY A 103 3.16 -13.56 18.88
CA GLY A 103 4.12 -13.06 19.82
C GLY A 103 4.70 -14.23 20.54
N PHE A 104 5.68 -13.95 21.41
CA PHE A 104 6.40 -15.04 22.07
C PHE A 104 6.58 -14.78 23.55
N ASN A 105 6.51 -15.87 24.31
CA ASN A 105 6.93 -15.94 25.69
C ASN A 105 8.06 -16.95 25.76
N GLY A 106 8.99 -16.78 26.71
CA GLY A 106 10.00 -17.79 26.96
C GLY A 106 10.57 -17.82 28.37
N PHE A 107 11.27 -18.90 28.71
CA PHE A 107 12.20 -18.87 29.83
C PHE A 107 13.61 -18.83 29.29
N PHE A 108 14.38 -17.83 29.69
CA PHE A 108 15.83 -17.83 29.42
C PHE A 108 16.51 -19.01 30.14
N SER A 109 17.61 -19.49 29.57
CA SER A 109 18.50 -20.39 30.31
C SER A 109 19.04 -19.62 31.51
N LYS A 110 19.29 -20.31 32.62
CA LYS A 110 19.98 -19.68 33.75
C LYS A 110 21.35 -19.11 33.33
N GLN A 111 21.98 -19.76 32.36
CA GLN A 111 23.28 -19.31 31.83
C GLN A 111 23.21 -18.02 31.00
N ASN A 112 22.01 -17.67 30.53
CA ASN A 112 21.83 -16.49 29.69
C ASN A 112 20.54 -15.75 30.05
N GLY A 113 20.55 -15.13 31.24
CA GLY A 113 19.45 -14.26 31.68
C GLY A 113 18.74 -14.67 32.97
N GLY A 114 18.40 -15.95 33.07
CA GLY A 114 17.66 -16.45 34.22
C GLY A 114 16.20 -16.02 34.27
N GLY A 115 15.66 -15.94 35.47
CA GLY A 115 14.24 -15.61 35.71
C GLY A 115 13.80 -15.94 37.12
N PHE A 116 12.54 -15.64 37.43
CA PHE A 116 11.99 -15.80 38.78
C PHE A 116 12.03 -17.23 39.31
N LEU A 117 11.77 -18.20 38.45
CA LEU A 117 11.80 -19.61 38.86
C LEU A 117 12.94 -20.37 38.16
N ASP A 118 14.06 -19.69 37.91
CA ASP A 118 15.20 -20.32 37.20
C ASP A 118 15.85 -21.53 37.90
N GLU A 119 15.64 -21.65 39.22
CA GLU A 119 16.13 -22.82 39.95
C GLU A 119 15.26 -24.04 39.66
N HIS A 120 14.05 -23.83 39.17
CA HIS A 120 13.11 -24.91 38.85
C HIS A 120 13.04 -25.19 37.35
N PHE A 121 13.32 -24.18 36.55
CA PHE A 121 13.29 -24.29 35.08
C PHE A 121 14.55 -23.65 34.50
N PRO A 122 15.70 -24.33 34.63
CA PRO A 122 16.97 -23.69 34.25
C PRO A 122 17.29 -23.72 32.73
N LEU A 123 16.57 -24.53 31.97
CA LEU A 123 16.75 -24.65 30.51
C LEU A 123 15.79 -23.72 29.75
N ALA A 124 16.29 -23.12 28.67
CA ALA A 124 15.50 -22.19 27.84
C ALA A 124 14.29 -22.85 27.19
N GLN A 125 13.17 -22.13 27.17
CA GLN A 125 11.93 -22.66 26.57
C GLN A 125 11.18 -21.55 25.84
N LYS A 126 10.09 -21.91 25.17
CA LYS A 126 9.33 -20.92 24.38
C LYS A 126 7.91 -21.37 24.18
N SER A 127 6.99 -20.40 24.31
CA SER A 127 5.61 -20.56 23.82
C SER A 127 5.29 -19.46 22.84
N ILE A 128 4.56 -19.83 21.80
CA ILE A 128 4.21 -18.90 20.74
C ILE A 128 2.72 -18.59 20.83
N TRP A 129 2.38 -17.32 20.71
CA TRP A 129 1.00 -16.89 20.85
C TRP A 129 0.50 -16.27 19.56
N ASP A 130 -0.69 -16.67 19.12
CA ASP A 130 -1.35 -16.08 17.95
C ASP A 130 -2.39 -15.08 18.37
N PHE A 131 -2.52 -13.99 17.63
CA PHE A 131 -3.51 -12.96 17.95
C PHE A 131 -4.75 -13.08 17.06
N HIS A 132 -5.91 -13.25 17.70
CA HIS A 132 -7.20 -13.32 17.03
C HIS A 132 -8.07 -12.14 17.46
N GLY A 133 -7.87 -11.01 16.80
CA GLY A 133 -8.50 -9.76 17.21
C GLY A 133 -8.03 -9.32 18.57
N MET A 134 -8.95 -9.34 19.54
CA MET A 134 -8.62 -8.94 20.92
C MET A 134 -8.02 -10.06 21.73
N PHE A 135 -8.09 -11.27 21.18
CA PHE A 135 -7.83 -12.51 21.92
C PHE A 135 -6.54 -13.18 21.52
N THR A 136 -6.05 -14.06 22.39
CA THR A 136 -4.85 -14.78 22.09
C THR A 136 -4.95 -16.23 22.61
N LYS A 137 -4.07 -17.09 22.10
CA LYS A 137 -3.97 -18.52 22.50
C LYS A 137 -2.66 -19.06 21.96
N SER A 138 -2.22 -20.18 22.52
CA SER A 138 -0.95 -20.79 22.15
CA SER A 138 -0.95 -20.78 22.13
C SER A 138 -1.13 -22.24 21.75
N ARG A 139 -0.48 -22.63 20.65
CA ARG A 139 -0.46 -24.04 20.22
C ARG A 139 0.26 -24.90 21.26
N HIS A 140 1.03 -24.24 22.14
CA HIS A 140 1.80 -24.91 23.18
C HIS A 140 1.08 -25.08 24.52
N ILE A 141 -0.06 -24.39 24.70
CA ILE A 141 -0.83 -24.48 25.94
C ILE A 141 -2.31 -24.71 25.62
N PRO A 142 -2.74 -25.97 25.57
CA PRO A 142 -4.15 -26.24 25.23
C PRO A 142 -5.17 -25.82 26.31
N GLY A 143 -6.37 -25.46 25.86
CA GLY A 143 -7.47 -25.16 26.76
C GLY A 143 -7.49 -23.74 27.32
N VAL A 144 -6.56 -22.90 26.87
CA VAL A 144 -6.41 -21.53 27.37
CA VAL A 144 -6.50 -21.53 27.37
C VAL A 144 -6.75 -20.52 26.26
N ASN A 145 -7.62 -19.56 26.56
CA ASN A 145 -7.98 -18.47 25.65
C ASN A 145 -8.25 -17.24 26.50
N PHE A 146 -7.68 -16.10 26.12
CA PHE A 146 -8.01 -14.88 26.85
C PHE A 146 -7.91 -13.60 26.03
N ALA A 147 -8.65 -12.58 26.47
CA ALA A 147 -8.49 -11.21 25.93
C ALA A 147 -7.17 -10.65 26.44
N GLY A 148 -6.42 -10.00 25.56
CA GLY A 148 -5.15 -9.42 25.95
C GLY A 148 -5.27 -8.10 26.67
N LEU A 149 -4.38 -7.90 27.62
CA LEU A 149 -4.25 -6.63 28.33
C LEU A 149 -3.02 -5.98 27.73
N ILE A 150 -3.26 -5.24 26.66
CA ILE A 150 -2.19 -4.82 25.77
C ILE A 150 -1.53 -3.56 26.34
N HIS A 151 -0.20 -3.63 26.51
CA HIS A 151 0.53 -2.57 27.19
C HIS A 151 1.96 -2.45 26.69
N PRO A 152 2.54 -1.22 26.77
CA PRO A 152 3.98 -1.13 26.60
C PRO A 152 4.69 -1.55 27.87
N GLY A 153 5.60 -2.50 27.76
CA GLY A 153 6.46 -2.88 28.87
C GLY A 153 7.41 -1.80 29.31
N LEU A 154 7.77 -0.94 28.37
CA LEU A 154 8.84 0.04 28.56
C LEU A 154 8.46 1.35 27.93
N ILE A 155 8.41 2.39 28.76
CA ILE A 155 8.12 3.74 28.30
C ILE A 155 8.64 4.73 29.32
N GLY A 156 9.17 5.84 28.84
CA GLY A 156 9.70 6.89 29.72
C GLY A 156 10.58 7.90 29.00
N CYS A 157 11.03 8.90 29.76
CA CYS A 157 11.75 10.05 29.20
C CYS A 157 13.25 9.97 29.47
N LEU A 158 14.01 10.73 28.69
CA LEU A 158 15.49 10.74 28.80
C LEU A 158 15.96 11.29 30.16
N PRO A 159 16.95 10.63 30.79
CA PRO A 159 17.54 11.12 32.04
C PRO A 159 18.43 12.33 31.77
N ASP A 160 18.62 13.17 32.78
CA ASP A 160 19.64 14.21 32.73
C ASP A 160 21.01 13.62 33.10
N PRO A 161 22.10 14.38 32.87
CA PRO A 161 23.46 13.92 33.22
C PRO A 161 23.63 13.38 34.66
N LYS A 162 23.12 14.13 35.64
CA LYS A 162 23.15 13.71 37.06
C LYS A 162 22.52 12.35 37.29
N MET A 163 21.27 12.21 36.84
CA MET A 163 20.51 10.94 36.93
C MET A 163 21.28 9.77 36.35
N LEU A 164 21.82 9.94 35.15
CA LEU A 164 22.54 8.85 34.50
C LEU A 164 23.76 8.42 35.30
N ALA A 165 24.47 9.40 35.85
CA ALA A 165 25.66 9.14 36.68
C ALA A 165 25.32 8.33 37.93
N SER A 166 24.22 8.70 38.60
CA SER A 166 23.71 7.94 39.76
C SER A 166 23.40 6.50 39.38
N TRP A 167 22.70 6.31 38.27
CA TRP A 167 22.29 4.98 37.82
C TRP A 167 23.52 4.10 37.64
N ASN A 168 24.46 4.54 36.83
CA ASN A 168 25.68 3.77 36.61
C ASN A 168 26.46 3.50 37.91
N GLU A 169 26.58 4.51 38.76
CA GLU A 169 27.33 4.35 40.01
C GLU A 169 26.75 3.26 40.93
N ARG A 170 25.46 3.36 41.24
CA ARG A 170 24.81 2.40 42.15
C ARG A 170 24.72 0.99 41.53
N GLU A 171 24.54 0.92 40.22
CA GLU A 171 24.38 -0.36 39.53
C GLU A 171 25.68 -1.09 39.30
N THR A 172 26.73 -0.37 38.90
CA THR A 172 28.07 -0.98 38.83
C THR A 172 28.56 -1.36 40.24
N GLY A 173 28.25 -0.51 41.22
CA GLY A 173 28.54 -0.79 42.62
C GLY A 173 27.97 -2.12 43.09
N LEU A 174 26.75 -2.41 42.67
CA LEU A 174 26.08 -3.67 43.03
C LEU A 174 26.68 -4.89 42.32
N ILE A 175 27.06 -4.73 41.05
CA ILE A 175 27.76 -5.80 40.32
C ILE A 175 29.08 -6.15 41.05
N ALA A 176 29.77 -5.11 41.54
CA ALA A 176 31.04 -5.25 42.27
C ALA A 176 30.96 -6.19 43.48
N THR A 177 29.80 -6.25 44.12
CA THR A 177 29.60 -7.09 45.30
C THR A 177 29.51 -8.60 45.00
N ASP A 178 29.31 -8.96 43.73
CA ASP A 178 29.29 -10.37 43.29
C ASP A 178 29.44 -10.43 41.76
N PRO A 179 30.65 -10.10 41.24
CA PRO A 179 30.82 -9.89 39.80
C PRO A 179 30.75 -11.13 38.92
N ASP A 180 30.96 -12.31 39.50
CA ASP A 180 30.97 -13.56 38.73
C ASP A 180 29.67 -14.36 38.80
N ARG A 181 28.65 -13.78 39.44
CA ARG A 181 27.37 -14.42 39.63
C ARG A 181 26.68 -14.71 38.30
N ILE A 182 26.19 -15.93 38.14
CA ILE A 182 25.39 -16.33 36.98
C ILE A 182 23.96 -16.69 37.44
N PRO A 183 22.96 -15.87 37.08
CA PRO A 183 23.01 -14.64 36.27
C PRO A 183 23.48 -13.43 37.09
N GLY A 184 23.90 -12.37 36.39
CA GLY A 184 24.37 -11.14 37.04
C GLY A 184 23.30 -10.41 37.81
N LEU A 185 23.73 -9.54 38.72
CA LEU A 185 22.85 -8.75 39.57
C LEU A 185 22.32 -7.52 38.83
N ALA A 186 23.11 -7.03 37.87
CA ALA A 186 22.77 -5.87 37.05
C ALA A 186 23.50 -5.97 35.70
N ASN A 187 23.21 -5.03 34.80
CA ASN A 187 23.86 -5.00 33.50
C ASN A 187 24.52 -3.65 33.32
N PRO A 188 25.86 -3.64 33.14
CA PRO A 188 26.59 -2.37 33.03
C PRO A 188 26.42 -1.72 31.66
N PRO A 189 26.82 -0.45 31.54
CA PRO A 189 26.89 0.12 30.19
C PRO A 189 27.75 -0.74 29.25
N ASN A 190 27.39 -0.79 27.97
CA ASN A 190 28.05 -1.66 27.00
C ASN A 190 27.96 -1.07 25.58
N ALA A 191 29.10 -0.58 25.07
CA ALA A 191 29.13 0.13 23.80
C ALA A 191 29.09 -0.78 22.55
N THR A 192 29.52 -2.03 22.70
CA THR A 192 29.57 -3.03 21.61
C THR A 192 28.26 -3.13 20.82
N THR A 193 27.15 -3.30 21.55
CA THR A 193 25.83 -3.51 20.92
C THR A 193 24.93 -2.30 21.07
N ALA A 194 25.51 -1.15 21.38
CA ALA A 194 24.74 0.07 21.61
C ALA A 194 24.28 0.73 20.31
N HIS A 195 22.98 1.01 20.21
CA HIS A 195 22.40 1.81 19.14
C HIS A 195 22.02 3.16 19.76
N MET A 196 22.69 4.21 19.34
CA MET A 196 22.49 5.51 19.99
C MET A 196 21.70 6.52 19.17
N GLY A 197 20.81 6.03 18.31
CA GLY A 197 19.94 6.89 17.51
C GLY A 197 20.71 7.62 16.43
N GLN A 198 20.56 8.95 16.39
CA GLN A 198 21.23 9.79 15.40
C GLN A 198 22.61 10.29 15.81
N MET A 199 23.16 9.73 16.87
CA MET A 199 24.47 10.13 17.36
C MET A 199 25.55 9.66 16.40
N GLN A 200 26.48 10.55 16.13
CA GLN A 200 27.57 10.24 15.20
CA GLN A 200 27.56 10.29 15.18
C GLN A 200 28.94 10.61 15.73
N GLY A 201 29.94 9.86 15.28
CA GLY A 201 31.34 10.17 15.52
C GLY A 201 31.84 9.86 16.92
N GLU A 202 32.67 10.76 17.44
CA GLU A 202 33.33 10.55 18.72
C GLU A 202 32.34 10.64 19.90
N ALA A 203 31.37 11.54 19.75
CA ALA A 203 30.31 11.74 20.74
C ALA A 203 29.48 10.47 20.89
N ARG A 204 29.26 9.79 19.77
CA ARG A 204 28.54 8.52 19.77
C ARG A 204 29.29 7.51 20.61
N ASP A 205 30.58 7.35 20.35
CA ASP A 205 31.37 6.31 21.04
C ASP A 205 31.51 6.63 22.52
N LYS A 206 31.62 7.92 22.86
CA LYS A 206 31.62 8.41 24.25
C LYS A 206 30.33 8.03 24.98
N ALA A 207 29.20 8.47 24.43
CA ALA A 207 27.86 8.18 24.96
C ALA A 207 27.54 6.69 25.06
N ALA A 208 27.95 5.90 24.07
CA ALA A 208 27.70 4.45 24.07
C ALA A 208 28.41 3.72 25.21
N ALA A 209 29.51 4.29 25.67
CA ALA A 209 30.30 3.69 26.74
C ALA A 209 29.72 4.01 28.12
N GLU A 210 28.95 5.10 28.21
CA GLU A 210 28.29 5.47 29.47
C GLU A 210 26.74 5.37 29.44
N GLY A 211 26.20 4.86 28.33
CA GLY A 211 24.75 4.75 28.15
C GLY A 211 24.15 3.59 28.93
N ALA A 212 23.17 3.89 29.76
CA ALA A 212 22.57 2.89 30.65
C ALA A 212 21.74 1.86 29.90
N ARG A 213 21.86 0.61 30.31
CA ARG A 213 20.98 -0.43 29.83
C ARG A 213 19.51 -0.10 30.14
N THR A 214 18.62 -0.50 29.24
CA THR A 214 17.18 -0.24 29.38
C THR A 214 16.46 -1.30 30.23
N VAL A 215 17.22 -2.28 30.71
CA VAL A 215 16.69 -3.46 31.42
C VAL A 215 15.86 -3.13 32.68
N PRO A 216 16.38 -2.29 33.61
CA PRO A 216 15.58 -2.09 34.82
C PRO A 216 14.69 -0.85 34.82
N PRO A 217 13.55 -0.91 35.52
CA PRO A 217 12.78 0.28 35.81
C PRO A 217 13.60 1.17 36.71
N ARG A 218 13.44 2.47 36.55
CA ARG A 218 14.11 3.46 37.38
C ARG A 218 13.17 4.64 37.64
N GLU A 219 13.66 5.67 38.32
CA GLU A 219 12.82 6.80 38.70
C GLU A 219 11.99 7.41 37.56
N HIS A 220 12.52 7.37 36.33
CA HIS A 220 11.86 8.03 35.20
C HIS A 220 10.69 7.22 34.65
N GLY A 221 10.62 5.94 35.05
CA GLY A 221 9.76 4.96 34.46
C GLY A 221 10.61 3.93 33.77
N GLY A 222 10.53 3.89 32.44
CA GLY A 222 11.38 2.98 31.70
C GLY A 222 10.75 1.60 31.70
N ASN A 223 11.56 0.58 31.93
CA ASN A 223 11.08 -0.78 31.85
C ASN A 223 10.34 -1.33 33.09
N CYS A 224 9.15 -0.81 33.34
CA CYS A 224 8.44 -1.20 34.56
C CYS A 224 7.69 -2.54 34.41
N ASP A 225 7.27 -2.88 33.20
CA ASP A 225 6.48 -4.07 32.95
C ASP A 225 5.24 -4.13 33.86
N ILE A 226 4.59 -2.99 34.00
CA ILE A 226 3.34 -2.89 34.70
C ILE A 226 2.24 -3.17 33.66
N LYS A 227 1.64 -4.35 33.74
CA LYS A 227 0.57 -4.76 32.82
C LYS A 227 -0.58 -3.77 32.79
N ASP A 228 -0.79 -3.07 33.91
CA ASP A 228 -1.97 -2.21 34.04
C ASP A 228 -1.78 -0.81 33.46
N LEU A 229 -0.55 -0.55 33.01
CA LEU A 229 -0.26 0.64 32.23
C LEU A 229 -0.62 0.31 30.78
N SER A 230 -1.91 0.13 30.51
CA SER A 230 -2.32 -0.52 29.25
C SER A 230 -3.05 0.43 28.32
N ARG A 231 -3.33 -0.02 27.11
CA ARG A 231 -4.12 0.80 26.20
C ARG A 231 -5.39 1.33 26.87
N GLY A 232 -5.56 2.65 26.83
CA GLY A 232 -6.62 3.35 27.54
C GLY A 232 -6.20 4.13 28.77
N SER A 233 -4.97 3.89 29.22
CA SER A 233 -4.41 4.56 30.40
C SER A 233 -3.92 6.01 30.15
N ARG A 234 -3.77 6.75 31.23
CA ARG A 234 -3.15 8.08 31.20
C ARG A 234 -2.02 8.06 32.21
N VAL A 235 -0.81 8.31 31.75
CA VAL A 235 0.37 8.32 32.60
C VAL A 235 1.04 9.70 32.65
N PHE A 236 1.63 10.02 33.81
CA PHE A 236 2.25 11.34 34.06
C PHE A 236 3.74 11.09 34.32
N PHE A 237 4.60 11.44 33.37
CA PHE A 237 6.04 11.20 33.49
C PHE A 237 6.80 12.43 33.97
N PRO A 238 7.78 12.23 34.86
CA PRO A 238 8.75 13.26 35.17
C PRO A 238 9.60 13.59 33.94
N VAL A 239 9.82 14.89 33.70
CA VAL A 239 10.68 15.41 32.63
C VAL A 239 12.03 15.87 33.20
N TYR A 240 13.13 15.41 32.59
CA TYR A 240 14.47 15.74 33.09
C TYR A 240 15.28 16.68 32.17
N VAL A 241 15.02 16.63 30.87
CA VAL A 241 15.74 17.41 29.87
C VAL A 241 14.73 18.16 29.01
N ASP A 242 15.20 19.19 28.30
CA ASP A 242 14.34 19.99 27.43
C ASP A 242 13.78 19.13 26.31
N GLY A 243 12.48 19.30 26.04
CA GLY A 243 11.80 18.52 25.03
C GLY A 243 11.40 17.13 25.50
N ALA A 244 11.82 16.76 26.71
CA ALA A 244 11.46 15.50 27.37
C ALA A 244 12.13 14.27 26.80
N GLY A 245 11.87 13.97 25.53
CA GLY A 245 12.49 12.81 24.89
C GLY A 245 11.84 11.51 25.34
N LEU A 246 10.58 11.34 24.93
CA LEU A 246 9.78 10.19 25.30
C LEU A 246 10.04 9.04 24.35
N SER A 247 10.40 7.89 24.90
CA SER A 247 10.59 6.68 24.09
C SER A 247 9.70 5.54 24.54
N VAL A 248 9.39 4.61 23.63
CA VAL A 248 8.47 3.52 23.92
C VAL A 248 8.85 2.26 23.17
N GLY A 249 8.68 1.10 23.79
CA GLY A 249 9.00 -0.16 23.10
C GLY A 249 8.52 -1.30 23.92
N ASP A 250 8.98 -2.50 23.58
CA ASP A 250 8.74 -3.65 24.44
C ASP A 250 7.24 -3.93 24.61
N LEU A 251 6.49 -3.89 23.53
CA LEU A 251 5.04 -4.05 23.62
C LEU A 251 4.65 -5.48 24.02
N HIS A 252 3.63 -5.56 24.88
CA HIS A 252 3.13 -6.81 25.35
C HIS A 252 1.66 -6.95 24.95
N PHE A 253 1.29 -8.11 24.43
CA PHE A 253 -0.11 -8.38 24.15
C PHE A 253 -0.85 -8.69 25.47
N SER A 254 -0.10 -9.28 26.40
CA SER A 254 -0.56 -9.62 27.74
C SER A 254 0.66 -9.95 28.56
N GLN A 255 0.46 -10.06 29.87
CA GLN A 255 1.49 -10.31 30.86
C GLN A 255 0.83 -10.58 32.20
N GLY A 256 1.48 -11.41 33.02
CA GLY A 256 1.07 -11.56 34.41
C GLY A 256 1.87 -10.65 35.34
N ASP A 257 1.30 -10.35 36.51
CA ASP A 257 2.00 -9.53 37.49
C ASP A 257 3.35 -10.23 37.82
N GLY A 258 4.41 -9.44 37.81
CA GLY A 258 5.75 -9.94 38.12
C GLY A 258 6.55 -10.28 36.87
N GLU A 259 5.85 -10.48 35.76
CA GLU A 259 6.47 -10.99 34.52
C GLU A 259 7.47 -12.11 34.85
N ILE A 260 7.03 -13.11 35.62
CA ILE A 260 7.97 -14.04 36.28
C ILE A 260 8.90 -14.77 35.32
N THR A 261 8.43 -14.99 34.10
CA THR A 261 9.20 -15.70 33.07
C THR A 261 10.37 -14.90 32.49
N PHE A 262 10.42 -13.61 32.81
CA PHE A 262 11.43 -12.67 32.31
C PHE A 262 11.35 -12.38 30.80
N CYS A 263 11.38 -13.44 29.98
CA CYS A 263 11.28 -13.28 28.52
C CYS A 263 9.82 -13.10 28.14
N GLY A 264 9.30 -11.91 28.43
CA GLY A 264 7.85 -11.69 28.42
C GLY A 264 7.17 -12.29 29.64
N ALA A 265 5.83 -12.29 29.71
CA ALA A 265 4.89 -11.63 28.81
C ALA A 265 4.74 -12.29 27.43
N ILE A 266 3.79 -11.83 26.67
CA ILE A 266 3.69 -12.15 25.24
C ILE A 266 4.31 -10.97 24.55
N GLU A 267 5.58 -11.13 24.18
CA GLU A 267 6.37 -10.15 23.48
C GLU A 267 5.96 -10.02 22.02
N MET A 268 5.87 -8.79 21.56
CA MET A 268 5.46 -8.54 20.19
C MET A 268 6.01 -7.23 19.62
N ALA A 269 6.00 -7.12 18.29
CA ALA A 269 6.19 -5.86 17.58
C ALA A 269 4.81 -5.24 17.45
N GLY A 270 4.75 -3.95 17.17
CA GLY A 270 3.47 -3.31 17.09
C GLY A 270 3.51 -1.81 16.91
N TRP A 271 2.47 -1.14 17.41
CA TRP A 271 2.30 0.29 17.30
C TRP A 271 1.58 0.83 18.52
N VAL A 272 1.78 2.12 18.80
CA VAL A 272 1.15 2.77 19.91
C VAL A 272 0.59 4.08 19.38
N HIS A 273 -0.68 4.36 19.67
CA HIS A 273 -1.32 5.60 19.27
C HIS A 273 -1.44 6.38 20.57
N MET A 274 -0.91 7.59 20.60
CA MET A 274 -0.86 8.39 21.83
C MET A 274 -1.11 9.88 21.60
N LYS A 275 -1.50 10.56 22.68
CA LYS A 275 -1.63 11.99 22.73
C LYS A 275 -0.71 12.46 23.86
N VAL A 276 -0.06 13.62 23.69
CA VAL A 276 0.84 14.21 24.71
C VAL A 276 0.46 15.66 25.09
N SER A 277 0.70 16.00 26.36
CA SER A 277 0.49 17.34 26.89
C SER A 277 1.39 17.52 28.13
N LEU A 278 1.27 18.70 28.75
CA LEU A 278 2.17 19.08 29.82
C LEU A 278 1.44 19.61 31.04
N ILE A 279 2.02 19.35 32.20
CA ILE A 279 1.71 20.09 33.43
C ILE A 279 2.95 20.90 33.83
N LYS A 280 2.89 22.22 33.69
CA LYS A 280 4.07 23.06 33.94
C LYS A 280 4.45 23.00 35.40
N GLY A 281 5.69 22.60 35.68
CA GLY A 281 6.18 22.43 37.03
C GLY A 281 5.47 21.31 37.78
N GLY A 282 5.00 20.31 37.04
CA GLY A 282 4.21 19.24 37.65
C GLY A 282 4.90 18.46 38.74
N MET A 283 6.20 18.24 38.60
CA MET A 283 6.92 17.41 39.57
C MET A 283 6.90 17.96 41.00
N ALA A 284 7.10 19.28 41.15
CA ALA A 284 7.11 19.89 42.48
C ALA A 284 5.69 20.09 42.99
N LYS A 285 4.80 20.47 42.07
CA LYS A 285 3.40 20.69 42.42
C LYS A 285 2.77 19.47 43.08
N TYR A 286 3.12 18.28 42.58
CA TYR A 286 2.50 17.02 43.02
C TYR A 286 3.45 16.07 43.75
N GLY A 287 4.66 16.56 44.07
CA GLY A 287 5.65 15.77 44.81
C GLY A 287 5.99 14.45 44.11
N ILE A 288 6.27 14.55 42.80
CA ILE A 288 6.50 13.40 41.95
C ILE A 288 7.96 12.98 41.98
N LYS A 289 8.20 11.70 42.28
CA LYS A 289 9.49 11.10 42.09
C LYS A 289 9.41 10.09 40.92
N ASN A 290 8.73 8.96 41.11
CA ASN A 290 8.44 8.01 40.01
C ASN A 290 7.16 8.41 39.27
N PRO A 291 6.95 7.87 38.05
CA PRO A 291 5.69 8.20 37.34
C PRO A 291 4.45 7.79 38.11
N ILE A 292 3.32 8.40 37.78
CA ILE A 292 2.03 7.97 38.30
C ILE A 292 1.13 7.84 37.10
N PHE A 293 0.09 7.01 37.24
CA PHE A 293 -0.87 6.83 36.14
C PHE A 293 -2.26 6.37 36.59
N LYS A 294 -3.20 6.47 35.65
CA LYS A 294 -4.56 6.03 35.81
C LYS A 294 -4.79 4.87 34.85
N PRO A 295 -5.34 3.76 35.34
CA PRO A 295 -5.49 2.57 34.50
C PRO A 295 -6.63 2.76 33.48
N SER A 296 -6.81 1.78 32.60
CA SER A 296 -7.68 1.97 31.43
C SER A 296 -9.15 1.66 31.75
N PRO A 297 -10.07 2.41 31.16
CA PRO A 297 -11.49 1.96 31.26
C PRO A 297 -11.83 0.69 30.46
N MET A 298 -10.91 0.25 29.60
CA MET A 298 -11.12 -0.95 28.77
C MET A 298 -10.11 -1.99 29.08
N THR A 299 -10.46 -2.92 29.96
CA THR A 299 -9.60 -4.02 30.31
C THR A 299 -10.41 -5.32 30.42
N PRO A 300 -9.72 -6.47 30.33
CA PRO A 300 -10.45 -7.73 30.46
C PRO A 300 -11.13 -7.83 31.84
N ASN A 301 -12.43 -8.11 31.83
CA ASN A 301 -13.23 -8.12 33.07
C ASN A 301 -13.16 -9.40 33.94
N TYR A 302 -12.09 -10.19 33.86
CA TYR A 302 -12.02 -11.43 34.67
C TYR A 302 -12.09 -11.15 36.19
N LYS A 303 -12.94 -11.91 36.89
CA LYS A 303 -13.10 -11.73 38.33
C LYS A 303 -13.21 -13.02 39.12
N ASP A 304 -13.38 -14.13 38.41
CA ASP A 304 -13.48 -15.42 39.08
C ASP A 304 -12.13 -16.02 39.35
N TYR A 305 -11.41 -15.41 40.27
CA TYR A 305 -10.04 -15.83 40.57
C TYR A 305 -10.01 -17.03 41.51
N LEU A 306 -8.96 -17.82 41.34
CA LEU A 306 -8.59 -18.81 42.33
C LEU A 306 -7.25 -18.31 42.83
N ILE A 307 -7.19 -18.06 44.14
CA ILE A 307 -6.11 -17.26 44.73
C ILE A 307 -5.20 -18.09 45.62
N PHE A 308 -3.90 -18.00 45.36
CA PHE A 308 -2.87 -18.85 46.00
C PHE A 308 -2.04 -17.97 46.93
N GLU A 309 -1.44 -18.58 47.96
CA GLU A 309 -0.74 -17.83 48.99
C GLU A 309 0.70 -18.32 49.19
N GLY A 310 1.53 -17.41 49.69
CA GLY A 310 2.91 -17.70 50.02
C GLY A 310 3.37 -16.79 51.13
N ILE A 311 4.33 -17.30 51.91
CA ILE A 311 4.96 -16.60 53.01
C ILE A 311 6.50 -16.63 52.84
N SER A 312 7.20 -15.82 53.62
CA SER A 312 8.64 -15.65 53.51
C SER A 312 9.46 -16.83 54.08
N VAL A 313 9.09 -18.05 53.71
CA VAL A 313 9.85 -19.26 53.99
C VAL A 313 10.12 -19.96 52.65
N ASP A 314 11.40 -20.16 52.28
CA ASP A 314 11.75 -20.65 50.93
C ASP A 314 11.57 -22.16 50.74
N GLU A 315 11.90 -22.65 49.55
CA GLU A 315 11.68 -24.06 49.19
C GLU A 315 12.52 -25.02 50.04
N LYS A 316 13.61 -24.51 50.63
CA LYS A 316 14.46 -25.32 51.52
C LYS A 316 13.98 -25.29 52.97
N GLY A 317 12.99 -24.43 53.26
CA GLY A 317 12.40 -24.36 54.59
C GLY A 317 13.06 -23.31 55.46
N LYS A 318 13.94 -22.52 54.87
CA LYS A 318 14.72 -21.53 55.63
C LYS A 318 13.91 -20.25 55.79
N GLN A 319 14.02 -19.64 56.95
CA GLN A 319 13.18 -18.51 57.35
C GLN A 319 13.78 -17.19 56.94
N HIS A 320 13.03 -16.39 56.19
CA HIS A 320 13.48 -15.05 55.82
C HIS A 320 12.72 -14.01 56.63
N TYR A 321 13.02 -12.74 56.39
CA TYR A 321 12.43 -11.70 57.16
C TYR A 321 11.72 -10.70 56.26
N LEU A 322 10.39 -10.64 56.40
CA LEU A 322 9.53 -9.73 55.62
C LEU A 322 9.94 -9.68 54.14
N ASP A 323 10.17 -10.84 53.55
CA ASP A 323 10.64 -10.92 52.17
C ASP A 323 9.47 -11.26 51.23
N VAL A 324 8.94 -10.24 50.59
CA VAL A 324 7.84 -10.40 49.64
C VAL A 324 8.25 -11.23 48.41
N THR A 325 9.48 -11.01 47.96
CA THR A 325 10.02 -11.77 46.83
C THR A 325 9.94 -13.29 47.08
N VAL A 326 10.37 -13.73 48.25
CA VAL A 326 10.32 -15.19 48.59
C VAL A 326 8.88 -15.68 48.75
N ALA A 327 8.02 -14.82 49.28
CA ALA A 327 6.61 -15.18 49.47
C ALA A 327 5.93 -15.36 48.11
N TYR A 328 6.24 -14.48 47.16
CA TYR A 328 5.60 -14.55 45.85
C TYR A 328 6.04 -15.81 45.14
N ARG A 329 7.31 -16.18 45.27
CA ARG A 329 7.80 -17.39 44.65
C ARG A 329 6.99 -18.56 45.12
N GLN A 330 6.77 -18.62 46.44
CA GLN A 330 5.94 -19.67 47.03
CA GLN A 330 5.95 -19.67 47.03
C GLN A 330 4.52 -19.73 46.45
N ALA A 331 3.88 -18.57 46.31
CA ALA A 331 2.52 -18.47 45.75
C ALA A 331 2.49 -18.95 44.31
N CYS A 332 3.51 -18.59 43.54
CA CYS A 332 3.59 -19.01 42.13
C CYS A 332 3.77 -20.55 42.03
N LEU A 333 4.67 -21.09 42.84
CA LEU A 333 4.94 -22.54 42.90
C LEU A 333 3.72 -23.31 43.34
N ASN A 334 2.97 -22.76 44.29
CA ASN A 334 1.68 -23.34 44.68
C ASN A 334 0.68 -23.38 43.52
N ALA A 335 0.58 -22.27 42.80
CA ALA A 335 -0.26 -22.24 41.60
C ALA A 335 0.16 -23.29 40.56
N ILE A 336 1.46 -23.43 40.35
CA ILE A 336 1.97 -24.35 39.35
C ILE A 336 1.59 -25.77 39.74
N GLU A 337 1.85 -26.15 41.00
CA GLU A 337 1.52 -27.49 41.53
C GLU A 337 0.06 -27.80 41.33
N TYR A 338 -0.79 -26.78 41.50
CA TYR A 338 -2.23 -26.94 41.33
C TYR A 338 -2.58 -27.22 39.88
N LEU A 339 -1.99 -26.48 38.96
CA LEU A 339 -2.30 -26.63 37.53
C LEU A 339 -1.83 -28.00 36.99
N LYS A 340 -0.69 -28.46 37.49
CA LYS A 340 -0.17 -29.78 37.12
C LYS A 340 -1.18 -30.92 37.37
N LYS A 341 -2.02 -30.77 38.40
CA LYS A 341 -3.01 -31.79 38.74
C LYS A 341 -4.07 -31.89 37.69
N PHE A 342 -4.13 -30.89 36.81
CA PHE A 342 -5.11 -30.88 35.74
C PHE A 342 -4.51 -31.38 34.43
N GLY A 343 -3.20 -31.66 34.45
CA GLY A 343 -2.53 -32.24 33.29
C GLY A 343 -1.53 -31.35 32.58
N TYR A 344 -1.42 -30.11 33.02
CA TYR A 344 -0.42 -29.19 32.48
C TYR A 344 0.95 -29.61 32.97
N SER A 345 1.94 -29.45 32.11
CA SER A 345 3.32 -29.57 32.54
C SER A 345 3.65 -28.35 33.38
N GLY A 346 4.79 -28.41 34.06
CA GLY A 346 5.26 -27.31 34.89
C GLY A 346 5.56 -26.12 34.01
N ALA A 347 6.05 -26.40 32.80
CA ALA A 347 6.49 -25.39 31.85
C ALA A 347 5.30 -24.63 31.29
N GLN A 348 4.25 -25.39 30.96
CA GLN A 348 2.98 -24.79 30.55
C GLN A 348 2.43 -23.83 31.62
N ALA A 349 2.48 -24.27 32.87
CA ALA A 349 1.99 -23.51 34.01
C ALA A 349 2.79 -22.22 34.24
N TYR A 350 4.12 -22.34 34.21
CA TYR A 350 5.04 -21.23 34.39
C TYR A 350 4.87 -20.21 33.30
N SER A 351 4.78 -20.65 32.05
CA SER A 351 4.51 -19.78 30.91
C SER A 351 3.17 -19.04 31.05
N LEU A 352 2.15 -19.79 31.42
CA LEU A 352 0.84 -19.23 31.73
C LEU A 352 0.89 -18.10 32.75
N LEU A 353 1.62 -18.29 33.84
CA LEU A 353 1.71 -17.26 34.86
C LEU A 353 2.43 -16.01 34.38
N GLY A 354 3.31 -16.17 33.41
CA GLY A 354 4.04 -15.05 32.83
C GLY A 354 3.26 -14.31 31.77
N THR A 355 2.21 -14.93 31.26
CA THR A 355 1.49 -14.41 30.09
C THR A 355 0.06 -14.00 30.35
N ALA A 356 -0.69 -14.87 31.02
CA ALA A 356 -2.09 -14.55 31.32
C ALA A 356 -2.14 -13.41 32.36
N PRO A 357 -3.25 -12.65 32.41
CA PRO A 357 -3.28 -11.51 33.34
C PRO A 357 -3.56 -11.93 34.83
N VAL A 358 -2.66 -12.72 35.39
CA VAL A 358 -2.71 -13.08 36.80
C VAL A 358 -2.32 -11.89 37.67
N GLN A 359 -2.89 -11.81 38.87
CA GLN A 359 -2.60 -10.71 39.78
C GLN A 359 -1.66 -11.22 40.86
N GLY A 360 -0.73 -10.35 41.25
CA GLY A 360 0.23 -10.65 42.33
C GLY A 360 0.07 -9.53 43.35
N HIS A 361 -0.37 -9.88 44.55
CA HIS A 361 -0.61 -8.86 45.57
C HIS A 361 0.35 -8.97 46.73
N ILE A 362 0.75 -7.80 47.21
CA ILE A 362 1.51 -7.67 48.43
C ILE A 362 0.43 -7.52 49.50
N SER A 363 -0.09 -8.66 49.92
CA SER A 363 -1.28 -8.69 50.79
C SER A 363 -0.95 -8.22 52.18
N GLY A 364 0.17 -8.71 52.73
CA GLY A 364 0.67 -8.27 54.03
C GLY A 364 2.19 -8.21 54.06
N VAL A 365 2.71 -7.14 54.67
CA VAL A 365 4.15 -6.90 54.75
C VAL A 365 4.57 -6.38 56.16
N VAL A 366 3.83 -6.82 57.21
CA VAL A 366 4.10 -6.35 58.57
C VAL A 366 4.13 -7.42 59.64
N ASP A 367 3.54 -8.57 59.37
CA ASP A 367 3.36 -9.64 60.36
C ASP A 367 4.65 -10.42 60.58
N VAL A 368 5.63 -9.72 61.15
CA VAL A 368 6.98 -10.29 61.35
C VAL A 368 6.95 -11.73 61.89
N PRO A 369 7.75 -12.64 61.31
CA PRO A 369 8.71 -12.45 60.22
C PRO A 369 8.15 -12.58 58.78
N ASN A 370 6.92 -13.06 58.61
CA ASN A 370 6.42 -13.39 57.27
C ASN A 370 5.61 -12.31 56.57
N ALA A 371 6.07 -11.92 55.40
CA ALA A 371 5.22 -11.23 54.43
C ALA A 371 4.23 -12.25 53.87
N CYS A 372 3.10 -11.74 53.38
CA CYS A 372 2.12 -12.59 52.71
C CYS A 372 1.87 -12.04 51.30
N ALA A 373 2.11 -12.91 50.32
CA ALA A 373 1.88 -12.60 48.92
C ALA A 373 0.87 -13.54 48.31
N THR A 374 -0.04 -12.99 47.50
CA THR A 374 -1.03 -13.80 46.78
C THR A 374 -0.89 -13.70 45.25
N LEU A 375 -1.11 -14.83 44.60
CA LEU A 375 -1.17 -14.96 43.15
C LEU A 375 -2.62 -15.32 42.75
N TRP A 376 -3.25 -14.48 41.93
CA TRP A 376 -4.65 -14.65 41.53
C TRP A 376 -4.80 -15.16 40.10
N LEU A 377 -5.24 -16.41 39.94
CA LEU A 377 -5.41 -17.03 38.65
C LEU A 377 -6.85 -16.83 38.17
N PRO A 378 -7.07 -16.10 37.06
CA PRO A 378 -8.45 -15.97 36.59
C PRO A 378 -8.89 -17.28 35.97
N THR A 379 -9.97 -17.85 36.50
CA THR A 379 -10.45 -19.15 36.01
C THR A 379 -11.20 -19.05 34.66
N GLU A 380 -11.60 -17.82 34.27
CA GLU A 380 -12.30 -17.63 32.99
C GLU A 380 -11.47 -17.97 31.76
N ILE A 381 -10.15 -18.01 31.91
CA ILE A 381 -9.28 -18.26 30.78
C ILE A 381 -9.24 -19.77 30.35
N PHE A 382 -9.75 -20.67 31.18
CA PHE A 382 -9.70 -22.11 30.84
C PHE A 382 -11.02 -22.53 30.25
N ASP A 383 -11.02 -23.43 29.26
CA ASP A 383 -12.30 -23.86 28.68
C ASP A 383 -12.89 -25.09 29.41
N PHE A 384 -12.45 -25.27 30.65
CA PHE A 384 -12.99 -26.25 31.58
C PHE A 384 -12.87 -25.69 32.98
N ASP A 385 -13.69 -26.20 33.90
CA ASP A 385 -13.75 -25.68 35.27
C ASP A 385 -12.57 -26.17 36.11
N ILE A 386 -11.73 -25.25 36.60
CA ILE A 386 -10.56 -25.63 37.43
C ILE A 386 -10.75 -25.45 38.94
N ASN A 387 -11.97 -25.14 39.34
CA ASN A 387 -12.30 -24.93 40.75
C ASN A 387 -12.32 -26.25 41.49
N PRO A 388 -11.96 -26.23 42.80
CA PRO A 388 -11.91 -27.45 43.58
C PRO A 388 -13.32 -28.00 43.84
N THR A 389 -13.49 -29.32 43.72
CA THR A 389 -14.76 -30.00 43.99
C THR A 389 -14.51 -31.14 44.97
N ALA A 390 -15.59 -31.75 45.47
CA ALA A 390 -15.47 -32.88 46.40
C ALA A 390 -14.69 -34.04 45.78
N GLU A 391 -14.79 -34.16 44.46
CA GLU A 391 -14.27 -35.29 43.68
C GLU A 391 -12.74 -35.28 43.46
N GLY A 392 -12.13 -34.09 43.54
CA GLY A 392 -10.74 -33.93 43.14
C GLY A 392 -10.70 -33.61 41.66
N PRO A 393 -9.50 -33.28 41.14
CA PRO A 393 -9.43 -32.84 39.74
C PRO A 393 -9.50 -33.98 38.74
N GLN A 394 -9.83 -33.64 37.50
CA GLN A 394 -9.69 -34.54 36.38
C GLN A 394 -8.62 -34.02 35.43
N LYS A 395 -7.74 -34.92 34.99
CA LYS A 395 -6.71 -34.58 34.03
C LYS A 395 -7.38 -34.34 32.67
N ILE A 396 -7.94 -33.15 32.47
CA ILE A 396 -8.53 -32.76 31.18
C ILE A 396 -7.43 -32.43 30.14
N ILE A 397 -6.26 -32.05 30.62
CA ILE A 397 -5.10 -31.89 29.74
C ILE A 397 -4.34 -33.21 29.53
N THR A 398 -4.67 -33.87 28.43
CA THR A 398 -3.94 -35.05 27.99
C THR A 398 -3.70 -34.89 26.49
N GLY A 399 -2.59 -35.46 26.02
CA GLY A 399 -2.18 -35.29 24.63
C GLY A 399 -0.72 -34.89 24.52
N GLY A 400 -0.34 -34.52 23.30
CA GLY A 400 1.07 -34.29 22.97
C GLY A 400 1.67 -32.98 23.45
N VAL A 401 1.22 -31.87 22.86
CA VAL A 401 1.99 -30.61 22.86
C VAL A 401 2.49 -30.16 24.23
N ASP A 402 3.75 -29.73 24.24
CA ASP A 402 4.37 -29.05 25.36
C ASP A 402 5.21 -27.92 24.78
N LEU A 403 5.82 -27.10 25.63
CA LEU A 403 6.73 -26.05 25.20
C LEU A 403 8.04 -26.67 24.72
N PRO A 404 8.59 -26.18 23.60
CA PRO A 404 9.96 -26.47 23.19
C PRO A 404 10.96 -26.25 24.33
N ILE A 405 11.98 -27.08 24.39
CA ILE A 405 13.03 -26.93 25.39
C ILE A 405 14.38 -27.11 24.69
N ALA A 406 15.34 -26.26 25.03
CA ALA A 406 16.67 -26.36 24.44
C ALA A 406 17.70 -26.65 25.51
N GLN A 407 18.47 -27.73 25.30
CA GLN A 407 19.61 -28.08 26.16
C GLN A 407 20.65 -26.97 26.17
N ASP A 408 21.37 -26.84 27.27
CA ASP A 408 22.38 -25.79 27.41
C ASP A 408 23.51 -25.94 26.41
N LYS A 409 24.04 -24.80 25.95
CA LYS A 409 25.11 -24.81 24.97
C LYS A 409 26.31 -25.53 25.58
N ALA B 2 -29.09 -17.95 62.25
CA ALA B 2 -28.22 -19.10 62.62
C ALA B 2 -27.82 -18.94 64.07
N GLU B 3 -27.58 -20.03 64.76
CA GLU B 3 -27.19 -19.89 66.17
C GLU B 3 -25.72 -19.56 66.31
N THR B 4 -25.45 -18.61 67.21
CA THR B 4 -24.13 -18.20 67.62
C THR B 4 -23.53 -19.27 68.57
N LEU B 5 -22.49 -19.98 68.12
CA LEU B 5 -21.92 -21.09 68.89
C LEU B 5 -20.81 -20.67 69.82
N ILE B 6 -20.25 -19.48 69.60
CA ILE B 6 -19.32 -18.87 70.55
C ILE B 6 -19.72 -17.44 70.78
N LYS B 7 -20.06 -17.12 72.04
CA LYS B 7 -20.53 -15.77 72.39
C LYS B 7 -19.45 -15.05 73.15
N VAL B 8 -19.43 -13.73 73.00
CA VAL B 8 -18.38 -12.92 73.52
C VAL B 8 -19.02 -11.74 74.24
N ASP B 9 -18.58 -11.54 75.48
CA ASP B 9 -18.99 -10.39 76.25
C ASP B 9 -17.78 -9.46 76.28
N LEU B 10 -17.91 -8.32 75.60
CA LEU B 10 -16.78 -7.38 75.47
C LEU B 10 -16.22 -6.90 76.81
N ASN B 11 -17.07 -6.91 77.83
CA ASN B 11 -16.69 -6.44 79.16
C ASN B 11 -16.14 -7.56 80.06
N GLN B 12 -16.22 -8.80 79.58
CA GLN B 12 -15.51 -9.91 80.22
C GLN B 12 -14.09 -10.03 79.66
N SER B 13 -13.13 -10.29 80.55
CA SER B 13 -11.77 -10.51 80.14
C SER B 13 -11.74 -11.75 79.30
N PRO B 14 -11.03 -11.70 78.15
CA PRO B 14 -10.91 -12.85 77.25
C PRO B 14 -10.39 -14.09 77.95
N TYR B 15 -9.56 -13.90 78.98
CA TYR B 15 -8.97 -15.03 79.71
C TYR B 15 -10.05 -15.84 80.43
N ASP B 16 -11.14 -15.17 80.77
CA ASP B 16 -12.29 -15.80 81.43
C ASP B 16 -13.21 -16.57 80.47
N ASN B 17 -13.01 -16.39 79.15
CA ASN B 17 -13.80 -17.11 78.15
C ASN B 17 -13.05 -18.35 77.70
N PRO B 18 -13.59 -19.54 77.99
CA PRO B 18 -12.87 -20.80 77.69
C PRO B 18 -12.88 -21.24 76.21
N GLN B 19 -13.62 -20.51 75.36
CA GLN B 19 -13.74 -20.80 73.93
C GLN B 19 -12.95 -19.78 73.11
N VAL B 20 -12.03 -19.12 73.79
CA VAL B 20 -11.10 -18.19 73.18
C VAL B 20 -9.67 -18.67 73.44
N HIS B 21 -8.74 -18.37 72.54
CA HIS B 21 -7.32 -18.69 72.75
C HIS B 21 -6.45 -17.72 71.99
N ASN B 22 -5.18 -17.58 72.40
CA ASN B 22 -4.24 -16.64 71.76
C ASN B 22 -2.86 -17.18 71.38
N ARG B 23 -2.75 -18.52 71.24
CA ARG B 23 -1.54 -19.14 70.76
C ARG B 23 -1.99 -20.32 69.91
N TRP B 24 -1.12 -20.81 69.04
CA TRP B 24 -1.38 -22.01 68.23
C TRP B 24 -0.71 -23.21 68.87
N HIS B 25 -1.47 -24.29 69.04
CA HIS B 25 -0.98 -25.51 69.67
C HIS B 25 -1.95 -26.62 69.35
N PRO B 26 -1.42 -27.80 68.97
CA PRO B 26 -2.22 -28.99 68.60
C PRO B 26 -3.15 -29.53 69.69
N ASP B 27 -2.90 -29.15 70.94
CA ASP B 27 -3.59 -29.76 72.09
C ASP B 27 -4.72 -28.92 72.70
N ILE B 28 -4.87 -27.67 72.24
CA ILE B 28 -6.04 -26.88 72.61
C ILE B 28 -7.31 -27.64 72.21
N PRO B 29 -8.18 -27.92 73.20
CA PRO B 29 -9.38 -28.70 72.91
C PRO B 29 -10.43 -27.86 72.17
N MET B 30 -11.23 -28.51 71.35
CA MET B 30 -12.28 -27.85 70.60
C MET B 30 -13.26 -27.10 71.52
N ALA B 31 -13.49 -25.82 71.20
CA ALA B 31 -14.47 -24.99 71.89
C ALA B 31 -15.91 -25.43 71.63
N VAL B 32 -16.12 -26.14 70.52
CA VAL B 32 -17.43 -26.66 70.10
C VAL B 32 -17.22 -27.61 68.95
N TRP B 33 -18.13 -28.57 68.77
CA TRP B 33 -18.11 -29.49 67.64
C TRP B 33 -19.29 -29.26 66.73
N VAL B 34 -19.05 -29.34 65.42
CA VAL B 34 -20.11 -29.21 64.40
C VAL B 34 -20.03 -30.34 63.38
N GLU B 35 -21.16 -30.64 62.73
CA GLU B 35 -21.18 -31.60 61.65
C GLU B 35 -20.85 -30.90 60.32
N PRO B 36 -20.25 -31.62 59.36
CA PRO B 36 -20.01 -31.03 58.05
C PRO B 36 -21.31 -30.54 57.41
N GLY B 37 -21.30 -29.30 56.94
CA GLY B 37 -22.52 -28.73 56.35
C GLY B 37 -23.17 -27.78 57.31
N ALA B 38 -22.64 -27.72 58.51
CA ALA B 38 -23.17 -26.85 59.55
C ALA B 38 -22.91 -25.42 59.19
N GLU B 39 -23.82 -24.57 59.60
CA GLU B 39 -23.68 -23.16 59.39
C GLU B 39 -24.00 -22.48 60.69
N PHE B 40 -23.20 -21.49 61.07
CA PHE B 40 -23.29 -20.90 62.39
C PHE B 40 -22.54 -19.58 62.47
N LYS B 41 -22.70 -18.88 63.59
CA LYS B 41 -21.97 -17.63 63.82
C LYS B 41 -20.98 -17.76 64.96
N LEU B 42 -19.89 -16.99 64.88
CA LEU B 42 -18.92 -16.90 65.98
C LEU B 42 -18.75 -15.41 66.27
N GLU B 43 -18.72 -15.04 67.55
CA GLU B 43 -18.49 -13.63 67.91
C GLU B 43 -17.02 -13.55 68.26
N THR B 44 -16.44 -12.35 68.18
CA THR B 44 -15.00 -12.19 68.37
C THR B 44 -14.66 -10.91 69.12
N TYR B 45 -13.61 -10.97 69.93
CA TYR B 45 -13.02 -9.79 70.52
C TYR B 45 -12.22 -9.15 69.39
N ASP B 46 -12.04 -7.82 69.47
CA ASP B 46 -10.95 -7.18 68.73
C ASP B 46 -9.66 -7.85 69.19
N TRP B 47 -8.63 -7.81 68.35
CA TRP B 47 -7.41 -8.60 68.52
C TRP B 47 -6.67 -8.41 69.86
N THR B 48 -6.74 -7.18 70.38
CA THR B 48 -6.15 -6.81 71.67
C THR B 48 -7.04 -7.20 72.86
N GLY B 49 -8.33 -7.44 72.59
CA GLY B 49 -9.28 -7.83 73.62
C GLY B 49 -9.74 -6.71 74.53
N GLY B 50 -9.61 -5.48 74.07
CA GLY B 50 -10.14 -4.33 74.79
C GLY B 50 -9.17 -3.21 75.11
N ALA B 51 -7.89 -3.45 74.82
CA ALA B 51 -6.80 -2.52 75.20
C ALA B 51 -6.91 -1.10 74.64
N ILE B 52 -7.49 -0.97 73.43
CA ILE B 52 -7.53 0.31 72.72
C ILE B 52 -8.93 0.87 72.81
N LYS B 53 -9.01 2.19 73.04
CA LYS B 53 -10.25 2.87 73.36
C LYS B 53 -10.64 3.87 72.29
N ASN B 54 -11.93 4.20 72.23
CA ASN B 54 -12.41 5.29 71.40
C ASN B 54 -12.25 6.70 72.05
N ASP B 55 -11.07 7.28 71.85
CA ASP B 55 -10.77 8.62 72.36
C ASP B 55 -9.74 9.32 71.48
N ASP B 56 -9.24 10.47 71.94
CA ASP B 56 -8.30 11.23 71.14
C ASP B 56 -6.86 11.25 71.69
N SER B 57 -6.42 10.11 72.25
CA SER B 57 -5.05 9.95 72.72
C SER B 57 -4.46 8.61 72.26
N ALA B 58 -3.15 8.62 71.98
CA ALA B 58 -2.48 7.47 71.37
C ALA B 58 -1.67 6.64 72.35
N GLU B 59 -1.75 7.01 73.63
CA GLU B 59 -0.98 6.32 74.66
C GLU B 59 -1.31 4.85 74.74
N ASP B 60 -2.60 4.50 74.53
CA ASP B 60 -3.04 3.08 74.44
C ASP B 60 -2.30 2.29 73.35
N VAL B 61 -2.11 2.94 72.21
CA VAL B 61 -1.41 2.29 71.10
C VAL B 61 0.04 2.02 71.56
N ARG B 62 0.70 3.06 72.05
CA ARG B 62 2.08 2.95 72.56
C ARG B 62 2.26 1.91 73.67
N ASP B 63 1.32 1.84 74.62
CA ASP B 63 1.52 0.99 75.83
C ASP B 63 0.95 -0.43 75.76
N VAL B 64 0.21 -0.76 74.70
CA VAL B 64 -0.45 -2.06 74.59
C VAL B 64 0.56 -3.22 74.75
N ASP B 65 0.12 -4.31 75.36
CA ASP B 65 1.01 -5.45 75.55
C ASP B 65 0.84 -6.44 74.41
N LEU B 66 1.68 -6.26 73.39
CA LEU B 66 1.56 -7.01 72.14
C LEU B 66 1.78 -8.51 72.26
N SER B 67 2.20 -8.99 73.44
CA SER B 67 2.30 -10.43 73.70
CA SER B 67 2.28 -10.44 73.67
C SER B 67 0.91 -11.06 73.84
N THR B 68 -0.08 -10.22 74.16
CA THR B 68 -1.48 -10.71 74.32
C THR B 68 -2.23 -11.09 73.03
N VAL B 69 -1.92 -10.38 71.93
CA VAL B 69 -2.61 -10.60 70.63
C VAL B 69 -2.25 -11.99 70.05
N HIS B 70 -3.15 -12.65 69.31
CA HIS B 70 -4.52 -12.21 69.01
C HIS B 70 -5.49 -13.13 69.72
N PHE B 71 -6.55 -12.55 70.27
CA PHE B 71 -7.60 -13.37 70.92
C PHE B 71 -8.58 -13.95 69.91
N LEU B 72 -8.44 -15.24 69.66
CA LEU B 72 -9.19 -15.91 68.61
C LEU B 72 -10.36 -16.67 69.18
N SER B 73 -11.46 -16.80 68.41
CA SER B 73 -12.60 -17.60 68.80
C SER B 73 -12.49 -18.98 68.12
N GLY B 74 -12.49 -20.01 68.94
CA GLY B 74 -12.32 -21.39 68.49
C GLY B 74 -11.50 -22.15 69.52
N PRO B 75 -11.02 -23.34 69.16
CA PRO B 75 -11.10 -24.02 67.87
C PRO B 75 -12.43 -24.71 67.63
N VAL B 76 -12.92 -24.63 66.39
CA VAL B 76 -14.15 -25.26 66.05
C VAL B 76 -13.79 -26.65 65.51
N GLY B 77 -14.37 -27.67 66.13
CA GLY B 77 -14.18 -29.05 65.68
C GLY B 77 -15.20 -29.44 64.64
N VAL B 78 -14.74 -30.13 63.60
CA VAL B 78 -15.60 -30.59 62.51
C VAL B 78 -15.54 -32.11 62.43
N LYS B 79 -16.68 -32.76 62.69
CA LYS B 79 -16.72 -34.22 62.83
C LYS B 79 -16.34 -34.93 61.56
N GLY B 80 -15.27 -35.73 61.64
CA GLY B 80 -14.81 -36.55 60.52
C GLY B 80 -13.64 -35.92 59.75
N ALA B 81 -13.26 -34.71 60.16
CA ALA B 81 -12.11 -34.03 59.57
C ALA B 81 -10.84 -34.71 60.00
N GLU B 82 -10.03 -35.09 59.01
CA GLU B 82 -8.78 -35.83 59.23
C GLU B 82 -7.60 -35.09 58.58
N PRO B 83 -6.36 -35.31 59.11
CA PRO B 83 -5.18 -34.68 58.51
C PRO B 83 -5.09 -34.96 57.02
N GLY B 84 -4.78 -33.92 56.25
CA GLY B 84 -4.76 -34.04 54.80
C GLY B 84 -6.07 -33.75 54.07
N ASP B 85 -7.13 -33.47 54.81
CA ASP B 85 -8.36 -32.99 54.18
C ASP B 85 -8.20 -31.49 53.86
N LEU B 86 -9.10 -30.95 53.03
CA LEU B 86 -9.32 -29.51 52.98
C LEU B 86 -10.62 -29.18 53.67
N LEU B 87 -10.59 -28.13 54.50
CA LEU B 87 -11.77 -27.62 55.17
C LEU B 87 -12.30 -26.41 54.38
N VAL B 88 -13.48 -26.60 53.79
CA VAL B 88 -14.07 -25.57 52.93
C VAL B 88 -14.90 -24.67 53.81
N VAL B 89 -14.54 -23.39 53.86
CA VAL B 89 -15.26 -22.43 54.70
C VAL B 89 -15.87 -21.32 53.84
N ASP B 90 -17.20 -21.22 53.85
CA ASP B 90 -17.89 -20.12 53.20
C ASP B 90 -18.05 -19.05 54.23
N LEU B 91 -17.58 -17.85 53.91
CA LEU B 91 -17.83 -16.68 54.77
C LEU B 91 -19.10 -16.06 54.27
N LEU B 92 -20.22 -16.34 54.95
CA LEU B 92 -21.52 -15.96 54.45
C LEU B 92 -21.82 -14.52 54.75
N ASP B 93 -21.34 -14.03 55.90
CA ASP B 93 -21.38 -12.57 56.23
C ASP B 93 -20.46 -12.28 57.41
N ILE B 94 -20.09 -11.01 57.59
CA ILE B 94 -19.26 -10.59 58.70
C ILE B 94 -19.67 -9.16 59.03
N GLY B 95 -19.65 -8.82 60.32
CA GLY B 95 -20.00 -7.46 60.71
C GLY B 95 -19.52 -7.07 62.07
N ALA B 96 -19.73 -5.80 62.40
CA ALA B 96 -19.49 -5.26 63.71
C ALA B 96 -20.67 -5.63 64.66
N ARG B 97 -20.40 -5.65 65.97
CA ARG B 97 -21.41 -5.85 67.01
C ARG B 97 -22.25 -4.58 67.12
N ASP B 98 -23.53 -4.74 67.43
CA ASP B 98 -24.45 -3.62 67.54
C ASP B 98 -24.05 -2.63 68.62
N ASP B 99 -23.38 -3.12 69.67
CA ASP B 99 -22.95 -2.26 70.77
C ASP B 99 -21.52 -1.70 70.60
N SER B 100 -20.96 -1.84 69.39
CA SER B 100 -19.54 -1.48 69.16
C SER B 100 -19.26 -1.09 67.68
N LEU B 101 -19.87 0.01 67.30
CA LEU B 101 -19.90 0.45 65.91
C LEU B 101 -18.77 1.41 65.57
N TRP B 102 -17.57 1.03 65.98
CA TRP B 102 -16.38 1.84 65.71
C TRP B 102 -15.19 0.90 65.70
N GLY B 103 -14.11 1.36 65.10
CA GLY B 103 -12.89 0.59 65.09
C GLY B 103 -11.71 1.52 65.12
N PHE B 104 -10.54 0.93 65.14
CA PHE B 104 -9.34 1.74 65.28
C PHE B 104 -8.23 1.29 64.34
N ASN B 105 -7.52 2.31 63.86
CA ASN B 105 -6.23 2.13 63.22
C ASN B 105 -5.16 2.81 64.06
N GLY B 106 -3.94 2.27 64.06
CA GLY B 106 -2.81 3.00 64.63
C GLY B 106 -1.43 2.75 64.04
N PHE B 107 -0.45 3.59 64.39
CA PHE B 107 0.97 3.24 64.23
C PHE B 107 1.54 2.97 65.61
N PHE B 108 2.07 1.76 65.80
CA PHE B 108 2.84 1.45 66.99
C PHE B 108 4.08 2.33 67.05
N SER B 109 4.56 2.60 68.27
CA SER B 109 5.89 3.22 68.43
C SER B 109 6.93 2.21 67.95
N LYS B 110 8.02 2.71 67.38
CA LYS B 110 9.12 1.80 67.01
C LYS B 110 9.59 0.94 68.21
N GLN B 111 9.51 1.53 69.40
CA GLN B 111 9.93 0.86 70.63
C GLN B 111 9.00 -0.29 71.04
N ASN B 112 7.77 -0.27 70.53
CA ASN B 112 6.79 -1.30 70.88
C ASN B 112 5.99 -1.74 69.65
N GLY B 113 6.67 -2.47 68.76
CA GLY B 113 6.06 -3.10 67.59
C GLY B 113 6.56 -2.65 66.22
N GLY B 114 6.68 -1.33 66.02
CA GLY B 114 7.08 -0.77 64.74
C GLY B 114 6.05 -0.87 63.62
N GLY B 115 6.54 -0.97 62.38
CA GLY B 115 5.66 -1.00 61.20
C GLY B 115 6.43 -0.68 59.92
N PHE B 116 5.73 -0.73 58.79
CA PHE B 116 6.33 -0.60 57.49
C PHE B 116 7.09 0.70 57.28
N LEU B 117 6.55 1.80 57.81
CA LEU B 117 7.17 3.13 57.67
C LEU B 117 7.62 3.67 59.03
N ASP B 118 8.02 2.77 59.94
CA ASP B 118 8.46 3.18 61.29
C ASP B 118 9.69 4.12 61.35
N GLU B 119 10.52 4.15 60.30
CA GLU B 119 11.61 5.12 60.24
C GLU B 119 11.11 6.54 59.95
N HIS B 120 9.90 6.65 59.38
CA HIS B 120 9.29 7.97 59.08
C HIS B 120 8.25 8.42 60.10
N PHE B 121 7.66 7.46 60.81
CA PHE B 121 6.62 7.75 61.82
C PHE B 121 6.88 6.91 63.07
N PRO B 122 7.92 7.28 63.86
CA PRO B 122 8.36 6.40 64.94
C PRO B 122 7.53 6.47 66.23
N LEU B 123 6.71 7.51 66.34
CA LEU B 123 5.83 7.72 67.49
C LEU B 123 4.42 7.13 67.28
N ALA B 124 3.86 6.54 68.33
CA ALA B 124 2.54 5.87 68.26
C ALA B 124 1.44 6.85 67.95
N GLN B 125 0.49 6.43 67.11
CA GLN B 125 -0.64 7.29 66.73
C GLN B 125 -1.95 6.50 66.63
N LYS B 126 -3.05 7.19 66.42
CA LYS B 126 -4.33 6.51 66.33
C LYS B 126 -5.32 7.28 65.49
N SER B 127 -6.04 6.54 64.63
CA SER B 127 -7.28 7.06 64.02
C SER B 127 -8.46 6.15 64.41
N ILE B 128 -9.60 6.80 64.65
CA ILE B 128 -10.81 6.10 65.05
C ILE B 128 -11.82 6.13 63.94
N TRP B 129 -12.44 4.98 63.70
CA TRP B 129 -13.37 4.87 62.59
C TRP B 129 -14.77 4.51 63.07
N ASP B 130 -15.77 5.28 62.65
CA ASP B 130 -17.20 4.97 62.94
C ASP B 130 -17.83 4.22 61.79
N PHE B 131 -18.66 3.20 62.10
CA PHE B 131 -19.33 2.42 61.08
C PHE B 131 -20.75 2.92 60.84
N HIS B 132 -21.08 3.26 59.59
CA HIS B 132 -22.42 3.71 59.17
C HIS B 132 -23.00 2.71 58.14
N GLY B 133 -23.60 1.63 58.65
CA GLY B 133 -24.02 0.50 57.82
C GLY B 133 -22.81 -0.11 57.12
N MET B 134 -22.78 0.01 55.79
CA MET B 134 -21.68 -0.58 55.01
C MET B 134 -20.43 0.28 54.96
N PHE B 135 -20.59 1.54 55.36
CA PHE B 135 -19.63 2.62 55.16
C PHE B 135 -18.87 2.98 56.44
N THR B 136 -17.73 3.64 56.25
CA THR B 136 -16.91 4.10 57.36
C THR B 136 -16.27 5.44 57.08
N LYS B 137 -15.85 6.11 58.15
CA LYS B 137 -15.21 7.42 58.07
C LYS B 137 -14.55 7.75 59.43
N SER B 138 -13.59 8.67 59.42
CA SER B 138 -12.85 9.03 60.63
C SER B 138 -12.96 10.49 60.94
N ARG B 139 -13.21 10.81 62.21
CA ARG B 139 -13.11 12.20 62.68
C ARG B 139 -11.68 12.75 62.51
N HIS B 140 -10.70 11.85 62.42
CA HIS B 140 -9.29 12.21 62.25
C HIS B 140 -8.80 12.42 60.81
N ILE B 141 -9.59 12.01 59.83
CA ILE B 141 -9.22 12.15 58.41
C ILE B 141 -10.40 12.71 57.64
N PRO B 142 -10.44 14.04 57.47
CA PRO B 142 -11.55 14.68 56.75
C PRO B 142 -11.56 14.40 55.24
N GLY B 143 -12.76 14.41 54.66
CA GLY B 143 -12.94 14.29 53.22
C GLY B 143 -12.91 12.87 52.71
N VAL B 144 -12.88 11.89 53.61
CA VAL B 144 -12.74 10.47 53.23
C VAL B 144 -13.96 9.66 53.70
N ASN B 145 -14.59 8.94 52.75
CA ASN B 145 -15.73 8.03 53.02
C ASN B 145 -15.60 6.80 52.15
N PHE B 146 -15.83 5.61 52.69
CA PHE B 146 -15.77 4.44 51.84
C PHE B 146 -16.51 3.24 52.38
N ALA B 147 -16.94 2.37 51.46
CA ALA B 147 -17.57 1.11 51.81
C ALA B 147 -16.47 0.23 52.30
N GLY B 148 -16.73 -0.52 53.37
CA GLY B 148 -15.72 -1.41 53.91
C GLY B 148 -15.59 -2.72 53.18
N LEU B 149 -14.36 -3.24 53.13
CA LEU B 149 -14.07 -4.60 52.63
C LEU B 149 -13.82 -5.43 53.87
N ILE B 150 -14.91 -5.97 54.40
CA ILE B 150 -14.94 -6.51 55.74
C ILE B 150 -14.41 -7.91 55.64
N HIS B 151 -13.37 -8.21 56.42
CA HIS B 151 -12.66 -9.50 56.36
C HIS B 151 -12.07 -9.91 57.72
N PRO B 152 -11.89 -11.23 57.94
CA PRO B 152 -11.10 -11.64 59.07
C PRO B 152 -9.61 -11.50 58.75
N GLY B 153 -8.86 -10.79 59.58
CA GLY B 153 -7.41 -10.70 59.41
C GLY B 153 -6.74 -12.04 59.62
N LEU B 154 -7.35 -12.86 60.48
CA LEU B 154 -6.73 -14.10 60.94
C LEU B 154 -7.75 -15.22 60.98
N ILE B 155 -7.43 -16.31 60.30
CA ILE B 155 -8.27 -17.48 60.31
C ILE B 155 -7.42 -18.66 59.86
N GLY B 156 -7.71 -19.84 60.40
CA GLY B 156 -6.93 -21.05 60.08
C GLY B 156 -7.09 -22.17 61.10
N CYS B 157 -6.50 -23.32 60.77
CA CYS B 157 -6.65 -24.54 61.56
C CYS B 157 -5.41 -24.84 62.42
N LEU B 158 -5.63 -25.67 63.45
CA LEU B 158 -4.56 -26.02 64.41
C LEU B 158 -3.45 -26.80 63.73
N PRO B 159 -2.18 -26.47 64.05
CA PRO B 159 -1.04 -27.20 63.53
C PRO B 159 -0.91 -28.56 64.21
N ASP B 160 -0.30 -29.53 63.54
CA ASP B 160 0.14 -30.77 64.21
C ASP B 160 1.45 -30.55 64.99
N PRO B 161 1.86 -31.52 65.85
CA PRO B 161 3.14 -31.44 66.59
C PRO B 161 4.38 -31.11 65.72
N LYS B 162 4.61 -31.90 64.66
CA LYS B 162 5.62 -31.60 63.62
C LYS B 162 5.64 -30.10 63.25
N MET B 163 4.56 -29.63 62.63
CA MET B 163 4.40 -28.25 62.18
C MET B 163 4.79 -27.21 63.23
N LEU B 164 4.30 -27.38 64.45
CA LEU B 164 4.60 -26.43 65.52
C LEU B 164 6.09 -26.39 65.87
N ALA B 165 6.73 -27.56 65.84
CA ALA B 165 8.16 -27.68 66.12
C ALA B 165 9.00 -26.92 65.09
N SER B 166 8.68 -27.12 63.81
CA SER B 166 9.30 -26.37 62.71
C SER B 166 9.14 -24.87 62.90
N TRP B 167 7.92 -24.42 63.22
CA TRP B 167 7.66 -22.97 63.37
C TRP B 167 8.55 -22.37 64.45
N ASN B 168 8.52 -22.95 65.64
CA ASN B 168 9.38 -22.49 66.72
C ASN B 168 10.86 -22.53 66.36
N GLU B 169 11.32 -23.62 65.75
CA GLU B 169 12.75 -23.76 65.43
C GLU B 169 13.23 -22.64 64.51
N ARG B 170 12.60 -22.52 63.34
CA ARG B 170 13.01 -21.55 62.32
C ARG B 170 12.83 -20.11 62.81
N GLU B 171 11.80 -19.86 63.61
CA GLU B 171 11.51 -18.51 64.11
C GLU B 171 12.40 -18.04 65.27
N THR B 172 12.71 -18.96 66.19
CA THR B 172 13.67 -18.65 67.26
C THR B 172 15.06 -18.53 66.64
N GLY B 173 15.35 -19.40 65.67
CA GLY B 173 16.61 -19.34 64.91
C GLY B 173 16.90 -17.96 64.34
N LEU B 174 15.85 -17.33 63.81
CA LEU B 174 15.95 -16.01 63.20
C LEU B 174 16.11 -14.90 64.22
N ILE B 175 15.44 -15.02 65.36
CA ILE B 175 15.66 -14.06 66.47
C ILE B 175 17.14 -14.13 66.92
N ALA B 176 17.69 -15.35 66.96
CA ALA B 176 19.09 -15.59 67.36
C ALA B 176 20.10 -14.77 66.53
N THR B 177 19.77 -14.51 65.25
CA THR B 177 20.67 -13.78 64.35
C THR B 177 20.76 -12.27 64.64
N ASP B 178 19.81 -11.75 65.42
CA ASP B 178 19.84 -10.34 65.86
C ASP B 178 18.89 -10.14 67.06
N PRO B 179 19.26 -10.71 68.25
CA PRO B 179 18.27 -10.68 69.35
C PRO B 179 18.07 -9.31 70.01
N ASP B 180 18.87 -8.30 69.64
CA ASP B 180 18.74 -6.96 70.21
C ASP B 180 18.14 -5.92 69.26
N ARG B 181 17.65 -6.36 68.11
CA ARG B 181 16.94 -5.44 67.21
C ARG B 181 15.64 -4.96 67.84
N ILE B 182 15.46 -3.64 67.83
CA ILE B 182 14.20 -3.01 68.19
C ILE B 182 13.63 -2.36 66.91
N PRO B 183 12.50 -2.89 66.37
CA PRO B 183 11.70 -4.02 66.85
C PRO B 183 12.33 -5.37 66.52
N GLY B 184 11.86 -6.44 67.17
CA GLY B 184 12.34 -7.79 66.93
C GLY B 184 11.98 -8.35 65.56
N LEU B 185 12.67 -9.40 65.17
CA LEU B 185 12.49 -10.02 63.86
C LEU B 185 11.35 -11.03 63.88
N ALA B 186 11.10 -11.59 65.05
CA ALA B 186 10.02 -12.53 65.29
C ALA B 186 9.58 -12.43 66.76
N ASN B 187 8.54 -13.16 67.14
CA ASN B 187 8.09 -13.22 68.52
C ASN B 187 8.10 -14.69 68.95
N PRO B 188 8.83 -14.99 70.03
CA PRO B 188 8.95 -16.39 70.49
C PRO B 188 7.73 -16.84 71.30
N PRO B 189 7.60 -18.15 71.54
CA PRO B 189 6.58 -18.59 72.47
C PRO B 189 6.69 -17.85 73.82
N ASN B 190 5.55 -17.58 74.45
CA ASN B 190 5.52 -16.79 75.69
C ASN B 190 4.34 -17.17 76.59
N ALA B 191 4.64 -17.86 77.70
CA ALA B 191 3.61 -18.46 78.57
C ALA B 191 2.93 -17.46 79.51
N THR B 192 3.59 -16.32 79.74
CA THR B 192 3.12 -15.30 80.68
C THR B 192 1.70 -14.83 80.33
N THR B 193 1.49 -14.44 79.08
CA THR B 193 0.23 -13.87 78.62
C THR B 193 -0.57 -14.85 77.76
N ALA B 194 -0.21 -16.12 77.80
CA ALA B 194 -0.90 -17.14 77.02
C ALA B 194 -2.28 -17.52 77.58
N HIS B 195 -3.29 -17.45 76.72
CA HIS B 195 -4.60 -18.03 76.97
C HIS B 195 -4.73 -19.32 76.16
N MET B 196 -4.82 -20.46 76.83
CA MET B 196 -4.81 -21.73 76.12
C MET B 196 -6.16 -22.44 76.02
N GLY B 197 -7.24 -21.65 76.06
CA GLY B 197 -8.60 -22.21 75.91
C GLY B 197 -9.08 -22.97 77.14
N GLN B 198 -9.49 -24.22 76.94
CA GLN B 198 -9.96 -25.07 78.06
C GLN B 198 -8.79 -25.67 78.83
N MET B 199 -7.80 -24.84 79.16
CA MET B 199 -6.58 -25.35 79.79
C MET B 199 -6.23 -24.64 81.11
N GLN B 200 -5.95 -25.44 82.14
CA GLN B 200 -5.41 -24.96 83.43
C GLN B 200 -4.50 -26.03 84.07
N GLY B 201 -3.51 -25.59 84.85
CA GLY B 201 -2.60 -26.50 85.53
C GLY B 201 -1.38 -26.91 84.73
N GLU B 202 -1.14 -28.22 84.64
CA GLU B 202 0.08 -28.79 84.03
C GLU B 202 0.07 -28.73 82.51
N ALA B 203 -0.90 -29.41 81.88
CA ALA B 203 -1.02 -29.43 80.41
C ALA B 203 -1.07 -28.01 79.83
N ARG B 204 -1.72 -27.11 80.56
CA ARG B 204 -1.74 -25.68 80.27
C ARG B 204 -0.36 -25.04 80.26
N ASP B 205 0.52 -25.46 81.16
CA ASP B 205 1.82 -24.80 81.34
C ASP B 205 2.96 -25.36 80.48
N LYS B 206 2.83 -26.60 80.01
CA LYS B 206 3.77 -27.15 79.02
C LYS B 206 3.45 -26.58 77.63
N ALA B 207 2.16 -26.62 77.30
CA ALA B 207 1.65 -26.09 76.03
C ALA B 207 1.84 -24.56 75.89
N ALA B 208 1.62 -23.81 76.96
CA ALA B 208 1.79 -22.35 76.93
C ALA B 208 3.24 -21.90 76.72
N ALA B 209 4.18 -22.77 77.07
CA ALA B 209 5.60 -22.48 76.93
C ALA B 209 6.09 -22.78 75.52
N GLU B 210 5.39 -23.69 74.84
CA GLU B 210 5.72 -24.04 73.46
C GLU B 210 4.67 -23.59 72.40
N GLY B 211 3.67 -22.82 72.84
CA GLY B 211 2.59 -22.37 71.96
C GLY B 211 2.99 -21.18 71.13
N ALA B 212 2.87 -21.32 69.81
CA ALA B 212 3.33 -20.30 68.86
C ALA B 212 2.51 -19.02 68.94
N ARG B 213 3.17 -17.88 68.81
CA ARG B 213 2.49 -16.61 68.63
C ARG B 213 1.61 -16.61 67.35
N THR B 214 0.50 -15.89 67.39
CA THR B 214 -0.44 -15.88 66.26
C THR B 214 -0.06 -14.79 65.25
N VAL B 215 1.02 -14.06 65.55
CA VAL B 215 1.43 -12.85 64.80
C VAL B 215 1.69 -13.06 63.29
N PRO B 216 2.41 -14.15 62.91
CA PRO B 216 2.68 -14.25 61.47
C PRO B 216 1.80 -15.23 60.74
N PRO B 217 1.55 -14.95 59.43
CA PRO B 217 0.94 -15.97 58.58
C PRO B 217 1.87 -17.15 58.46
N ARG B 218 1.32 -18.36 58.34
CA ARG B 218 2.16 -19.53 58.11
C ARG B 218 1.46 -20.44 57.11
N GLU B 219 1.98 -21.65 56.92
CA GLU B 219 1.46 -22.59 55.93
C GLU B 219 -0.04 -22.90 56.09
N HIS B 220 -0.53 -22.85 57.32
CA HIS B 220 -1.92 -23.25 57.64
C HIS B 220 -2.90 -22.14 57.31
N GLY B 221 -2.37 -20.93 57.11
CA GLY B 221 -3.18 -19.71 56.98
C GLY B 221 -2.80 -18.84 58.15
N GLY B 222 -3.75 -18.58 59.03
CA GLY B 222 -3.46 -17.88 60.26
C GLY B 222 -3.57 -16.40 59.95
N ASN B 223 -2.61 -15.62 60.42
CA ASN B 223 -2.73 -14.17 60.29
C ASN B 223 -2.22 -13.64 58.95
N CYS B 224 -3.02 -13.76 57.89
CA CYS B 224 -2.53 -13.38 56.56
C CYS B 224 -2.83 -11.92 56.26
N ASP B 225 -3.86 -11.39 56.89
CA ASP B 225 -4.27 -9.99 56.60
C ASP B 225 -4.46 -9.73 55.09
N ILE B 226 -5.03 -10.73 54.43
CA ILE B 226 -5.44 -10.62 53.04
C ILE B 226 -6.84 -9.96 52.99
N LYS B 227 -6.88 -8.69 52.66
CA LYS B 227 -8.15 -7.95 52.64
C LYS B 227 -9.22 -8.66 51.76
N ASP B 228 -8.77 -9.36 50.72
CA ASP B 228 -9.66 -9.94 49.74
C ASP B 228 -10.27 -11.26 50.18
N LEU B 229 -9.82 -11.75 51.32
CA LEU B 229 -10.41 -12.92 51.93
C LEU B 229 -11.60 -12.43 52.77
N SER B 230 -12.61 -11.90 52.10
CA SER B 230 -13.58 -11.03 52.72
C SER B 230 -14.98 -11.69 52.79
N ARG B 231 -15.93 -11.01 53.43
CA ARG B 231 -17.30 -11.58 53.51
C ARG B 231 -17.86 -11.88 52.11
N GLY B 232 -18.23 -13.15 51.89
CA GLY B 232 -18.67 -13.63 50.59
C GLY B 232 -17.72 -14.63 49.94
N SER B 233 -16.50 -14.75 50.47
CA SER B 233 -15.47 -15.57 49.92
C SER B 233 -15.63 -17.04 50.30
N ARG B 234 -14.94 -17.90 49.58
CA ARG B 234 -14.86 -19.30 49.93
C ARG B 234 -13.37 -19.67 50.03
N VAL B 235 -12.96 -20.19 51.18
CA VAL B 235 -11.56 -20.51 51.42
C VAL B 235 -11.37 -22.02 51.65
N PHE B 236 -10.24 -22.56 51.21
CA PHE B 236 -9.94 -23.98 51.34
C PHE B 236 -8.70 -24.14 52.25
N PHE B 237 -8.88 -24.62 53.48
CA PHE B 237 -7.78 -24.74 54.44
C PHE B 237 -7.24 -26.16 54.52
N PRO B 238 -5.90 -26.30 54.57
CA PRO B 238 -5.29 -27.58 54.93
C PRO B 238 -5.64 -27.97 56.38
N VAL B 239 -5.89 -29.27 56.57
CA VAL B 239 -6.20 -29.81 57.90
C VAL B 239 -5.03 -30.64 58.40
N TYR B 240 -4.61 -30.38 59.63
CA TYR B 240 -3.44 -31.07 60.19
C TYR B 240 -3.77 -32.07 61.31
N VAL B 241 -4.82 -31.78 62.08
CA VAL B 241 -5.24 -32.63 63.20
C VAL B 241 -6.69 -33.11 63.00
N ASP B 242 -7.11 -34.13 63.76
CA ASP B 242 -8.51 -34.61 63.71
C ASP B 242 -9.46 -33.51 64.18
N GLY B 243 -10.55 -33.32 63.41
CA GLY B 243 -11.54 -32.28 63.73
C GLY B 243 -11.15 -30.88 63.31
N ALA B 244 -9.92 -30.74 62.81
CA ALA B 244 -9.42 -29.51 62.18
C ALA B 244 -9.06 -28.41 63.16
N GLY B 245 -10.03 -27.97 63.95
CA GLY B 245 -9.77 -26.93 64.92
C GLY B 245 -9.62 -25.56 64.26
N LEU B 246 -10.73 -25.08 63.71
CA LEU B 246 -10.76 -23.81 62.99
C LEU B 246 -10.96 -22.66 63.96
N SER B 247 -10.07 -21.68 63.91
CA SER B 247 -10.26 -20.48 64.73
C SER B 247 -10.26 -19.24 63.86
N VAL B 248 -10.75 -18.14 64.40
CA VAL B 248 -10.93 -16.92 63.62
C VAL B 248 -10.92 -15.71 64.54
N GLY B 249 -10.42 -14.60 64.07
CA GLY B 249 -10.46 -13.40 64.91
C GLY B 249 -9.90 -12.25 64.12
N ASP B 250 -9.57 -11.17 64.82
CA ASP B 250 -8.79 -10.11 64.17
C ASP B 250 -9.58 -9.51 63.02
N LEU B 251 -10.85 -9.20 63.25
CA LEU B 251 -11.73 -8.76 62.19
C LEU B 251 -11.41 -7.35 61.81
N HIS B 252 -11.46 -7.08 60.51
CA HIS B 252 -11.17 -5.77 59.97
C HIS B 252 -12.39 -5.27 59.23
N PHE B 253 -12.71 -4.00 59.42
CA PHE B 253 -13.80 -3.44 58.67
C PHE B 253 -13.30 -3.11 57.25
N SER B 254 -12.01 -2.79 57.15
CA SER B 254 -11.33 -2.47 55.88
C SER B 254 -9.84 -2.57 56.15
N GLN B 255 -9.06 -2.55 55.08
CA GLN B 255 -7.59 -2.63 55.15
C GLN B 255 -7.00 -2.39 53.76
N GLY B 256 -5.80 -1.79 53.70
CA GLY B 256 -5.08 -1.61 52.45
C GLY B 256 -4.13 -2.75 52.32
N ASP B 257 -3.68 -3.02 51.08
CA ASP B 257 -2.79 -4.11 50.81
C ASP B 257 -1.49 -3.83 51.59
N GLY B 258 -0.94 -4.87 52.19
CA GLY B 258 0.29 -4.72 52.98
C GLY B 258 0.02 -4.47 54.47
N GLU B 259 -1.17 -3.94 54.78
CA GLU B 259 -1.52 -3.47 56.13
C GLU B 259 -0.35 -2.67 56.72
N ILE B 260 0.15 -1.70 55.95
CA ILE B 260 1.45 -1.07 56.23
C ILE B 260 1.59 -0.47 57.65
N THR B 261 0.47 -0.02 58.22
CA THR B 261 0.43 0.58 59.57
C THR B 261 0.61 -0.42 60.71
N PHE B 262 0.56 -1.72 60.39
CA PHE B 262 0.68 -2.83 61.34
C PHE B 262 -0.50 -2.95 62.34
N CYS B 263 -0.87 -1.85 62.98
CA CYS B 263 -1.92 -1.82 63.99
C CYS B 263 -3.25 -1.58 63.24
N GLY B 264 -3.75 -2.61 62.59
CA GLY B 264 -4.77 -2.43 61.56
C GLY B 264 -4.19 -1.91 60.25
N ALA B 265 -5.01 -1.71 59.21
CA ALA B 265 -6.44 -2.01 59.17
C ALA B 265 -7.33 -1.19 60.12
N ILE B 266 -8.65 -1.27 59.89
CA ILE B 266 -9.62 -0.78 60.86
C ILE B 266 -9.97 -1.98 61.68
N GLU B 267 -9.37 -2.04 62.86
CA GLU B 267 -9.51 -3.15 63.80
C GLU B 267 -10.84 -3.04 64.53
N MET B 268 -11.48 -4.19 64.74
CA MET B 268 -12.80 -4.17 65.38
C MET B 268 -13.13 -5.49 66.06
N ALA B 269 -14.04 -5.43 67.05
CA ALA B 269 -14.76 -6.65 67.49
C ALA B 269 -15.90 -6.93 66.52
N GLY B 270 -16.38 -8.17 66.47
CA GLY B 270 -17.57 -8.46 65.70
C GLY B 270 -18.01 -9.91 65.65
N TRP B 271 -18.52 -10.34 64.48
CA TRP B 271 -19.05 -11.70 64.30
C TRP B 271 -18.83 -12.17 62.89
N VAL B 272 -18.79 -13.49 62.72
CA VAL B 272 -18.58 -14.09 61.42
C VAL B 272 -19.63 -15.18 61.28
N HIS B 273 -20.38 -15.16 60.18
CA HIS B 273 -21.38 -16.16 59.87
C HIS B 273 -20.77 -17.05 58.81
N MET B 274 -20.68 -18.34 59.05
CA MET B 274 -19.95 -19.26 58.16
C MET B 274 -20.61 -20.61 58.01
N LYS B 275 -20.27 -21.29 56.92
CA LYS B 275 -20.67 -22.66 56.66
C LYS B 275 -19.38 -23.46 56.45
N VAL B 276 -19.35 -24.71 56.87
CA VAL B 276 -18.16 -25.55 56.71
C VAL B 276 -18.48 -26.88 56.04
N SER B 277 -17.50 -27.40 55.31
CA SER B 277 -17.60 -28.71 54.64
C SER B 277 -16.19 -29.24 54.38
N LEU B 278 -16.11 -30.42 53.78
CA LEU B 278 -14.83 -31.10 53.60
C LEU B 278 -14.57 -31.54 52.17
N ILE B 279 -13.29 -31.56 51.79
CA ILE B 279 -12.86 -32.31 50.61
C ILE B 279 -11.91 -33.39 51.13
N LYS B 280 -12.35 -34.66 51.04
CA LYS B 280 -11.58 -35.76 51.62
C LYS B 280 -10.30 -35.96 50.85
N GLY B 281 -9.18 -35.85 51.56
CA GLY B 281 -7.86 -35.96 50.97
C GLY B 281 -7.56 -34.81 50.02
N GLY B 282 -8.17 -33.65 50.30
CA GLY B 282 -7.99 -32.49 49.46
C GLY B 282 -6.56 -32.04 49.21
N MET B 283 -5.70 -32.16 50.22
CA MET B 283 -4.37 -31.61 50.15
C MET B 283 -3.50 -32.27 49.09
N ALA B 284 -3.59 -33.59 48.99
CA ALA B 284 -2.81 -34.32 48.00
C ALA B 284 -3.48 -34.23 46.63
N LYS B 285 -4.80 -34.23 46.63
CA LYS B 285 -5.53 -34.20 45.38
C LYS B 285 -5.20 -32.93 44.58
N TYR B 286 -5.07 -31.81 45.29
CA TYR B 286 -4.89 -30.51 44.65
C TYR B 286 -3.50 -29.88 44.88
N GLY B 287 -2.58 -30.66 45.46
CA GLY B 287 -1.23 -30.17 45.70
C GLY B 287 -1.21 -28.94 46.57
N ILE B 288 -1.93 -28.99 47.70
CA ILE B 288 -2.07 -27.84 48.58
C ILE B 288 -0.95 -27.77 49.63
N LYS B 289 -0.32 -26.61 49.71
CA LYS B 289 0.59 -26.30 50.80
C LYS B 289 -0.01 -25.17 51.67
N ASN B 290 -0.12 -23.96 51.13
CA ASN B 290 -0.85 -22.87 51.78
C ASN B 290 -2.33 -22.90 51.43
N PRO B 291 -3.19 -22.21 52.20
CA PRO B 291 -4.59 -22.15 51.77
C PRO B 291 -4.79 -21.58 50.36
N ILE B 292 -5.96 -21.84 49.79
CA ILE B 292 -6.39 -21.20 48.56
C ILE B 292 -7.82 -20.74 48.75
N PHE B 293 -8.20 -19.64 48.10
CA PHE B 293 -9.55 -19.17 48.18
C PHE B 293 -10.11 -18.50 46.94
N LYS B 294 -11.41 -18.26 46.95
CA LYS B 294 -12.08 -17.53 45.92
C LYS B 294 -12.62 -16.22 46.54
N PRO B 295 -12.39 -15.08 45.89
CA PRO B 295 -12.79 -13.78 46.49
C PRO B 295 -14.32 -13.61 46.42
N SER B 296 -14.85 -12.52 46.95
CA SER B 296 -16.30 -12.38 47.18
C SER B 296 -16.98 -11.78 45.95
N PRO B 297 -18.24 -12.17 45.70
CA PRO B 297 -18.97 -11.49 44.63
C PRO B 297 -19.51 -10.12 45.09
N MET B 298 -19.37 -9.80 46.37
CA MET B 298 -19.81 -8.49 46.90
C MET B 298 -18.61 -7.78 47.51
N THR B 299 -17.98 -6.88 46.74
CA THR B 299 -16.88 -6.05 47.23
C THR B 299 -17.05 -4.62 46.72
N PRO B 300 -16.39 -3.63 47.36
CA PRO B 300 -16.55 -2.24 46.89
C PRO B 300 -15.98 -2.06 45.46
N ASN B 301 -16.80 -1.49 44.57
CA ASN B 301 -16.49 -1.48 43.13
C ASN B 301 -15.53 -0.37 42.64
N TYR B 302 -14.69 0.16 43.52
CA TYR B 302 -13.80 1.26 43.13
C TYR B 302 -12.86 0.85 42.00
N LYS B 303 -12.72 1.70 41.00
CA LYS B 303 -11.80 1.38 39.90
C LYS B 303 -11.05 2.59 39.36
N ASP B 304 -11.44 3.78 39.79
CA ASP B 304 -10.73 4.99 39.38
C ASP B 304 -9.50 5.21 40.27
N TYR B 305 -8.50 4.37 40.07
CA TYR B 305 -7.27 4.44 40.82
C TYR B 305 -6.32 5.52 40.32
N LEU B 306 -5.53 6.04 41.26
CA LEU B 306 -4.36 6.78 40.89
C LEU B 306 -3.19 5.94 41.38
N ILE B 307 -2.32 5.58 40.46
CA ILE B 307 -1.38 4.50 40.74
C ILE B 307 0.05 5.00 40.85
N PHE B 308 0.72 4.62 41.93
CA PHE B 308 2.08 5.11 42.27
C PHE B 308 3.07 3.99 42.13
N GLU B 309 4.34 4.33 41.85
CA GLU B 309 5.35 3.33 41.52
C GLU B 309 6.56 3.42 42.45
N GLY B 310 7.24 2.30 42.63
CA GLY B 310 8.49 2.26 43.33
C GLY B 310 9.41 1.19 42.80
N ILE B 311 10.71 1.39 43.02
CA ILE B 311 11.76 0.48 42.59
C ILE B 311 12.67 0.14 43.76
N SER B 312 13.45 -0.93 43.63
CA SER B 312 14.32 -1.40 44.70
C SER B 312 15.54 -0.53 44.99
N VAL B 313 15.33 0.79 45.13
CA VAL B 313 16.35 1.75 45.58
C VAL B 313 15.74 2.53 46.75
N ASP B 314 16.39 2.47 47.92
CA ASP B 314 15.79 2.97 49.17
C ASP B 314 15.90 4.48 49.34
N GLU B 315 15.40 4.99 50.48
CA GLU B 315 15.37 6.43 50.79
C GLU B 315 16.75 7.07 50.82
N LYS B 316 17.78 6.27 51.11
CA LYS B 316 19.15 6.77 51.14
C LYS B 316 19.82 6.75 49.75
N GLY B 317 19.14 6.13 48.78
CA GLY B 317 19.63 6.04 47.40
C GLY B 317 20.45 4.79 47.15
N LYS B 318 20.36 3.84 48.07
CA LYS B 318 21.18 2.63 48.00
C LYS B 318 20.47 1.54 47.22
N GLN B 319 21.24 0.84 46.41
CA GLN B 319 20.72 -0.08 45.42
C GLN B 319 20.53 -1.48 46.01
N HIS B 320 19.30 -1.97 45.99
CA HIS B 320 19.06 -3.36 46.41
C HIS B 320 18.89 -4.26 45.21
N TYR B 321 18.70 -5.54 45.47
CA TYR B 321 18.52 -6.50 44.41
C TYR B 321 17.14 -7.17 44.44
N LEU B 322 16.36 -6.95 43.39
CA LEU B 322 15.00 -7.52 43.25
C LEU B 322 14.26 -7.52 44.59
N ASP B 323 14.22 -6.36 45.24
CA ASP B 323 13.62 -6.27 46.57
C ASP B 323 12.26 -5.61 46.45
N VAL B 324 11.21 -6.44 46.45
CA VAL B 324 9.83 -5.93 46.39
C VAL B 324 9.48 -5.09 47.60
N THR B 325 9.98 -5.52 48.77
CA THR B 325 9.72 -4.80 50.01
C THR B 325 10.17 -3.36 49.92
N VAL B 326 11.41 -3.11 49.49
CA VAL B 326 11.91 -1.73 49.35
C VAL B 326 11.16 -0.96 48.28
N ALA B 327 10.83 -1.64 47.19
CA ALA B 327 10.07 -1.01 46.09
C ALA B 327 8.68 -0.55 46.55
N TYR B 328 8.00 -1.40 47.32
CA TYR B 328 6.65 -1.00 47.85
C TYR B 328 6.75 0.21 48.78
N ARG B 329 7.81 0.26 49.59
CA ARG B 329 8.00 1.38 50.53
C ARG B 329 8.09 2.66 49.75
N GLN B 330 8.89 2.67 48.67
CA GLN B 330 8.95 3.83 47.77
C GLN B 330 7.58 4.22 47.19
N ALA B 331 6.80 3.22 46.78
CA ALA B 331 5.47 3.54 46.18
C ALA B 331 4.56 4.18 47.23
N CYS B 332 4.59 3.62 48.45
CA CYS B 332 3.81 4.18 49.54
C CYS B 332 4.25 5.60 49.90
N LEU B 333 5.56 5.82 50.04
CA LEU B 333 6.10 7.17 50.28
C LEU B 333 5.75 8.17 49.20
N ASN B 334 5.83 7.75 47.94
CA ASN B 334 5.33 8.55 46.83
C ASN B 334 3.86 8.96 46.95
N ALA B 335 3.01 8.02 47.33
CA ALA B 335 1.58 8.29 47.53
C ALA B 335 1.39 9.29 48.68
N ILE B 336 2.16 9.11 49.76
CA ILE B 336 2.04 10.00 50.90
C ILE B 336 2.40 11.44 50.48
N GLU B 337 3.54 11.59 49.80
CA GLU B 337 3.99 12.90 49.30
C GLU B 337 2.94 13.58 48.46
N TYR B 338 2.29 12.79 47.60
CA TYR B 338 1.17 13.26 46.78
C TYR B 338 -0.01 13.78 47.60
N LEU B 339 -0.43 12.97 48.57
CA LEU B 339 -1.57 13.35 49.41
C LEU B 339 -1.33 14.65 50.22
N LYS B 340 -0.10 14.83 50.72
CA LYS B 340 0.30 16.00 51.48
C LYS B 340 0.10 17.31 50.73
N LYS B 341 0.23 17.26 49.40
CA LYS B 341 0.00 18.42 48.54
C LYS B 341 -1.45 18.86 48.54
N PHE B 342 -2.32 18.01 49.04
CA PHE B 342 -3.74 18.34 49.10
C PHE B 342 -4.14 18.81 50.50
N GLY B 343 -3.19 18.73 51.43
CA GLY B 343 -3.39 19.31 52.76
C GLY B 343 -3.41 18.29 53.86
N TYR B 344 -3.35 17.00 53.51
CA TYR B 344 -3.27 15.94 54.50
C TYR B 344 -1.93 15.99 55.16
N SER B 345 -1.90 15.69 56.45
CA SER B 345 -0.63 15.45 57.15
C SER B 345 -0.11 14.09 56.68
N GLY B 346 1.14 13.79 56.99
CA GLY B 346 1.73 12.53 56.63
C GLY B 346 1.14 11.37 57.39
N ALA B 347 0.72 11.65 58.61
CA ALA B 347 0.09 10.66 59.45
C ALA B 347 -1.31 10.31 58.92
N GLN B 348 -2.04 11.32 58.48
CA GLN B 348 -3.37 11.07 57.86
C GLN B 348 -3.24 10.18 56.62
N ALA B 349 -2.25 10.51 55.78
CA ALA B 349 -1.95 9.75 54.56
C ALA B 349 -1.53 8.29 54.85
N TYR B 350 -0.65 8.12 55.83
CA TYR B 350 -0.14 6.80 56.23
C TYR B 350 -1.25 5.91 56.78
N SER B 351 -2.10 6.53 57.60
CA SER B 351 -3.27 5.83 58.17
C SER B 351 -4.25 5.44 57.06
N LEU B 352 -4.49 6.36 56.15
CA LEU B 352 -5.29 6.08 54.96
C LEU B 352 -4.79 4.85 54.19
N LEU B 353 -3.48 4.75 53.96
CA LEU B 353 -2.96 3.63 53.19
C LEU B 353 -3.09 2.33 53.93
N GLY B 354 -3.16 2.40 55.26
CA GLY B 354 -3.33 1.21 56.10
C GLY B 354 -4.79 0.74 56.17
N THR B 355 -5.70 1.66 55.88
CA THR B 355 -7.15 1.43 56.16
C THR B 355 -8.05 1.31 54.94
N ALA B 356 -7.94 2.26 54.02
CA ALA B 356 -8.69 2.26 52.78
C ALA B 356 -8.26 1.10 51.88
N PRO B 357 -9.15 0.63 50.99
CA PRO B 357 -8.78 -0.57 50.22
C PRO B 357 -7.85 -0.26 49.02
N VAL B 358 -6.66 0.32 49.31
CA VAL B 358 -5.61 0.52 48.32
C VAL B 358 -5.09 -0.87 47.86
N GLN B 359 -4.61 -0.95 46.62
CA GLN B 359 -4.00 -2.20 46.09
C GLN B 359 -2.48 -2.04 46.04
N GLY B 360 -1.79 -3.15 46.29
CA GLY B 360 -0.33 -3.21 46.20
C GLY B 360 0.02 -4.34 45.27
N HIS B 361 0.61 -4.01 44.13
CA HIS B 361 0.93 -5.02 43.17
C HIS B 361 2.41 -5.25 43.05
N ILE B 362 2.75 -6.52 42.91
CA ILE B 362 4.08 -6.94 42.53
C ILE B 362 4.11 -6.93 41.00
N SER B 363 4.27 -5.74 40.43
CA SER B 363 4.13 -5.51 39.00
C SER B 363 5.27 -6.16 38.20
N GLY B 364 6.50 -6.00 38.67
CA GLY B 364 7.69 -6.64 38.07
C GLY B 364 8.68 -7.16 39.09
N VAL B 365 9.14 -8.40 38.90
CA VAL B 365 10.09 -8.94 39.83
C VAL B 365 11.25 -9.68 39.11
N VAL B 366 11.64 -9.17 37.93
CA VAL B 366 12.64 -9.85 37.11
C VAL B 366 13.67 -8.89 36.47
N ASP B 367 13.30 -7.62 36.33
CA ASP B 367 14.11 -6.67 35.59
C ASP B 367 15.34 -6.20 36.38
N VAL B 368 16.25 -7.14 36.61
CA VAL B 368 17.43 -6.94 37.49
C VAL B 368 18.12 -5.60 37.21
N PRO B 369 18.44 -4.82 38.28
CA PRO B 369 18.30 -5.17 39.70
C PRO B 369 16.99 -4.76 40.35
N ASN B 370 16.13 -4.04 39.64
CA ASN B 370 14.95 -3.47 40.27
C ASN B 370 13.66 -4.25 40.11
N ALA B 371 13.01 -4.54 41.23
CA ALA B 371 11.61 -4.96 41.23
C ALA B 371 10.80 -3.71 41.00
N CYS B 372 9.58 -3.87 40.50
CA CYS B 372 8.68 -2.73 40.38
C CYS B 372 7.37 -3.01 41.15
N ALA B 373 7.06 -2.16 42.12
CA ALA B 373 5.87 -2.32 42.93
C ALA B 373 4.98 -1.12 42.71
N THR B 374 3.67 -1.37 42.62
CA THR B 374 2.70 -0.26 42.50
C THR B 374 1.70 -0.22 43.66
N LEU B 375 1.27 1.01 43.98
CA LEU B 375 0.32 1.31 45.05
C LEU B 375 -0.85 2.03 44.39
N TRP B 376 -2.02 1.43 44.48
CA TRP B 376 -3.22 1.94 43.78
C TRP B 376 -4.16 2.61 44.75
N LEU B 377 -4.30 3.91 44.60
CA LEU B 377 -5.14 4.66 45.47
C LEU B 377 -6.52 4.89 44.80
N PRO B 378 -7.62 4.35 45.36
CA PRO B 378 -8.94 4.58 44.72
C PRO B 378 -9.41 6.02 44.98
N THR B 379 -9.62 6.80 43.93
CA THR B 379 -9.96 8.22 44.06
C THR B 379 -11.43 8.46 44.46
N GLU B 380 -12.24 7.40 44.45
CA GLU B 380 -13.66 7.50 44.77
C GLU B 380 -13.85 7.78 46.25
N ILE B 381 -12.84 7.44 47.06
CA ILE B 381 -12.99 7.60 48.50
C ILE B 381 -12.91 9.08 48.99
N PHE B 382 -12.55 10.03 48.11
CA PHE B 382 -12.40 11.44 48.50
C PHE B 382 -13.59 12.25 48.01
N ASP B 383 -14.06 13.19 48.82
CA ASP B 383 -15.22 13.96 48.37
C ASP B 383 -14.82 15.19 47.55
N PHE B 384 -13.61 15.13 47.02
CA PHE B 384 -13.10 16.12 46.06
C PHE B 384 -12.18 15.41 45.08
N ASP B 385 -11.92 16.02 43.94
CA ASP B 385 -11.15 15.38 42.88
C ASP B 385 -9.65 15.52 43.14
N ILE B 386 -8.96 14.39 43.34
CA ILE B 386 -7.49 14.38 43.59
C ILE B 386 -6.60 14.06 42.38
N ASN B 387 -7.20 14.04 41.20
CA ASN B 387 -6.47 13.77 39.98
C ASN B 387 -5.63 14.99 39.59
N PRO B 388 -4.48 14.76 38.93
CA PRO B 388 -3.66 15.88 38.48
C PRO B 388 -4.35 16.71 37.40
N THR B 389 -4.17 18.02 37.46
CA THR B 389 -4.69 18.95 36.47
C THR B 389 -3.56 19.89 36.05
N ALA B 390 -3.81 20.69 35.02
CA ALA B 390 -2.82 21.65 34.53
C ALA B 390 -2.42 22.70 35.59
N GLU B 391 -3.34 23.09 36.46
CA GLU B 391 -3.10 24.26 37.34
C GLU B 391 -2.51 23.96 38.70
N GLY B 392 -2.56 22.70 39.12
CA GLY B 392 -1.97 22.33 40.40
C GLY B 392 -3.01 22.04 41.45
N PRO B 393 -2.59 21.46 42.59
CA PRO B 393 -3.58 21.02 43.57
C PRO B 393 -4.15 22.15 44.42
N GLN B 394 -5.47 22.19 44.58
CA GLN B 394 -6.10 22.99 45.60
C GLN B 394 -5.88 22.28 46.93
N LYS B 395 -5.26 22.97 47.89
CA LYS B 395 -4.86 22.35 49.16
C LYS B 395 -6.06 22.19 50.10
N ILE B 396 -7.05 21.42 49.64
CA ILE B 396 -8.40 21.35 50.21
C ILE B 396 -8.46 21.18 51.72
N ILE B 397 -7.62 20.30 52.27
CA ILE B 397 -7.83 19.85 53.65
C ILE B 397 -7.45 20.84 54.76
N THR B 398 -8.50 21.45 55.30
CA THR B 398 -8.43 22.51 56.30
C THR B 398 -8.45 21.89 57.71
N GLY B 399 -8.62 22.74 58.72
CA GLY B 399 -9.12 22.31 60.02
C GLY B 399 -8.21 22.35 61.22
N GLY B 400 -7.10 21.63 61.15
CA GLY B 400 -6.25 21.44 62.33
C GLY B 400 -6.49 20.09 62.98
N VAL B 401 -7.52 19.39 62.49
CA VAL B 401 -7.75 17.98 62.83
C VAL B 401 -6.51 17.20 62.43
N ASP B 402 -6.08 16.29 63.29
CA ASP B 402 -5.03 15.37 62.92
C ASP B 402 -5.14 14.15 63.81
N LEU B 403 -4.31 13.15 63.55
CA LEU B 403 -4.28 11.95 64.37
C LEU B 403 -3.57 12.30 65.68
N PRO B 404 -4.13 11.84 66.83
CA PRO B 404 -3.42 11.83 68.11
C PRO B 404 -2.02 11.26 67.95
N ILE B 405 -1.07 11.84 68.69
CA ILE B 405 0.30 11.34 68.73
C ILE B 405 0.77 11.26 70.18
N ALA B 406 1.45 10.18 70.53
CA ALA B 406 1.95 9.99 71.89
C ALA B 406 3.47 9.91 71.91
N GLN B 407 4.10 10.80 72.70
CA GLN B 407 5.55 10.77 72.91
C GLN B 407 5.99 9.44 73.51
N ASP B 408 7.24 9.07 73.27
CA ASP B 408 7.74 7.79 73.76
C ASP B 408 7.86 7.73 75.28
N LYS B 409 7.87 6.51 75.81
CA LYS B 409 7.90 6.25 77.25
C LYS B 409 9.32 6.38 77.79
N ALA C 2 -26.76 2.65 65.40
CA ALA C 2 -27.79 3.73 65.38
C ALA C 2 -29.09 3.22 65.99
N GLU C 3 -29.94 4.14 66.42
CA GLU C 3 -31.16 3.74 67.11
C GLU C 3 -32.29 3.48 66.13
N THR C 4 -33.10 2.49 66.44
CA THR C 4 -34.28 2.13 65.67
C THR C 4 -35.46 3.02 66.08
N LEU C 5 -35.87 3.93 65.19
CA LEU C 5 -36.94 4.88 65.47
C LEU C 5 -38.36 4.38 65.21
N ILE C 6 -38.49 3.29 64.43
CA ILE C 6 -39.76 2.62 64.26
C ILE C 6 -39.55 1.13 64.41
N LYS C 7 -40.15 0.55 65.45
CA LYS C 7 -40.00 -0.86 65.75
C LYS C 7 -41.25 -1.61 65.32
N VAL C 8 -41.04 -2.87 64.97
CA VAL C 8 -42.08 -3.67 64.40
C VAL C 8 -42.07 -5.01 65.10
N ASP C 9 -43.26 -5.43 65.53
CA ASP C 9 -43.44 -6.74 66.13
C ASP C 9 -44.23 -7.53 65.11
N LEU C 10 -43.56 -8.50 64.48
CA LEU C 10 -44.17 -9.29 63.40
C LEU C 10 -45.48 -9.99 63.80
N ASN C 11 -45.63 -10.26 65.09
CA ASN C 11 -46.82 -10.92 65.61
C ASN C 11 -47.94 -9.95 66.01
N GLN C 12 -47.65 -8.66 65.98
CA GLN C 12 -48.68 -7.64 66.13
C GLN C 12 -49.26 -7.29 64.77
N SER C 13 -50.58 -7.10 64.72
CA SER C 13 -51.25 -6.68 63.52
C SER C 13 -50.77 -5.28 63.17
N PRO C 14 -50.44 -5.05 61.89
CA PRO C 14 -49.92 -3.76 61.45
C PRO C 14 -50.85 -2.62 61.76
N TYR C 15 -52.15 -2.93 61.82
CA TYR C 15 -53.19 -1.93 62.13
C TYR C 15 -53.03 -1.39 63.55
N ASP C 16 -52.45 -2.21 64.43
CA ASP C 16 -52.18 -1.84 65.82
C ASP C 16 -50.91 -0.99 65.99
N ASN C 17 -50.09 -0.91 64.93
CA ASN C 17 -48.89 -0.07 64.97
C ASN C 17 -49.19 1.31 64.39
N PRO C 18 -49.14 2.36 65.21
CA PRO C 18 -49.49 3.73 64.76
C PRO C 18 -48.46 4.41 63.85
N GLN C 19 -47.27 3.78 63.72
CA GLN C 19 -46.18 4.34 62.91
C GLN C 19 -46.05 3.65 61.55
N VAL C 20 -47.13 2.95 61.18
CA VAL C 20 -47.23 2.22 59.92
C VAL C 20 -48.44 2.78 59.19
N HIS C 21 -48.42 2.69 57.86
CA HIS C 21 -49.57 3.09 57.04
C HIS C 21 -49.56 2.38 55.70
N ASN C 22 -50.72 2.32 55.03
CA ASN C 22 -50.82 1.60 53.75
C ASN C 22 -51.54 2.34 52.63
N ARG C 23 -51.61 3.67 52.73
CA ARG C 23 -52.18 4.51 51.67
C ARG C 23 -51.34 5.76 51.64
N TRP C 24 -51.38 6.48 50.52
CA TRP C 24 -50.67 7.76 50.42
C TRP C 24 -51.66 8.89 50.61
N HIS C 25 -51.35 9.80 51.52
CA HIS C 25 -52.22 10.94 51.82
C HIS C 25 -51.44 12.03 52.51
N PRO C 26 -51.61 13.30 52.08
CA PRO C 26 -50.88 14.45 52.65
C PRO C 26 -51.06 14.64 54.16
N ASP C 27 -52.11 14.06 54.73
CA ASP C 27 -52.52 14.38 56.10
C ASP C 27 -52.14 13.34 57.14
N ILE C 28 -51.61 12.20 56.71
CA ILE C 28 -51.04 11.25 57.66
C ILE C 28 -49.94 11.97 58.46
N PRO C 29 -50.05 11.98 59.80
CA PRO C 29 -49.08 12.69 60.62
C PRO C 29 -47.77 11.92 60.72
N MET C 30 -46.67 12.64 60.92
CA MET C 30 -45.35 12.04 61.01
C MET C 30 -45.26 11.04 62.15
N ALA C 31 -44.76 9.84 61.84
CA ALA C 31 -44.49 8.80 62.84
C ALA C 31 -43.35 9.15 63.79
N VAL C 32 -42.47 10.03 63.35
CA VAL C 32 -41.31 10.48 64.15
C VAL C 32 -40.69 11.67 63.43
N TRP C 33 -40.00 12.52 64.17
CA TRP C 33 -39.31 13.67 63.60
C TRP C 33 -37.80 13.53 63.79
N VAL C 34 -37.02 13.86 62.75
CA VAL C 34 -35.55 13.82 62.83
C VAL C 34 -34.97 15.12 62.30
N GLU C 35 -33.76 15.43 62.73
CA GLU C 35 -33.04 16.60 62.22
CA GLU C 35 -33.06 16.59 62.21
C GLU C 35 -32.24 16.21 60.95
N PRO C 36 -32.05 17.16 60.02
CA PRO C 36 -31.21 16.85 58.86
C PRO C 36 -29.83 16.37 59.30
N GLY C 37 -29.36 15.28 58.71
CA GLY C 37 -28.05 14.72 59.06
C GLY C 37 -28.21 13.53 59.98
N ALA C 38 -29.45 13.27 60.38
CA ALA C 38 -29.76 12.16 61.28
C ALA C 38 -29.56 10.86 60.57
N GLU C 39 -29.06 9.89 61.31
CA GLU C 39 -29.06 8.54 60.81
C GLU C 39 -29.69 7.61 61.82
N PHE C 40 -30.42 6.64 61.30
CA PHE C 40 -31.30 5.81 62.12
C PHE C 40 -31.79 4.59 61.38
N LYS C 41 -32.43 3.68 62.09
CA LYS C 41 -32.97 2.48 61.48
C LYS C 41 -34.49 2.51 61.54
N LEU C 42 -35.14 1.88 60.56
CA LEU C 42 -36.58 1.66 60.58
C LEU C 42 -36.78 0.18 60.32
N GLU C 43 -37.58 -0.48 61.15
CA GLU C 43 -37.99 -1.87 60.89
C GLU C 43 -39.29 -1.88 60.05
N THR C 44 -39.53 -2.99 59.35
CA THR C 44 -40.64 -3.05 58.41
C THR C 44 -41.32 -4.41 58.45
N TYR C 45 -42.65 -4.41 58.24
CA TYR C 45 -43.37 -5.64 57.90
C TYR C 45 -43.05 -6.02 56.44
N ASP C 46 -43.15 -7.29 56.11
CA ASP C 46 -43.27 -7.67 54.71
C ASP C 46 -44.54 -6.97 54.17
N TRP C 47 -44.62 -6.79 52.87
CA TRP C 47 -45.64 -5.92 52.27
C TRP C 47 -47.10 -6.31 52.62
N THR C 48 -47.34 -7.61 52.76
CA THR C 48 -48.64 -8.18 53.13
C THR C 48 -48.92 -8.16 54.64
N GLY C 49 -47.86 -8.04 55.43
CA GLY C 49 -48.01 -7.86 56.87
C GLY C 49 -48.25 -9.16 57.59
N GLY C 50 -47.91 -10.27 56.94
CA GLY C 50 -47.95 -11.58 57.58
C GLY C 50 -48.80 -12.62 56.88
N ALA C 51 -49.46 -12.21 55.81
CA ALA C 51 -50.41 -13.09 55.08
C ALA C 51 -49.79 -14.36 54.48
N ILE C 52 -48.50 -14.30 54.12
CA ILE C 52 -47.86 -15.43 53.42
C ILE C 52 -46.92 -16.17 54.37
N LYS C 53 -46.98 -17.50 54.32
CA LYS C 53 -46.32 -18.34 55.31
C LYS C 53 -45.19 -19.16 54.69
N ASN C 54 -44.24 -19.58 55.52
CA ASN C 54 -43.19 -20.48 55.06
C ASN C 54 -43.66 -21.93 55.11
N ASP C 55 -44.28 -22.39 54.02
CA ASP C 55 -44.74 -23.79 53.90
C ASP C 55 -44.76 -24.21 52.43
N ASP C 56 -45.34 -25.38 52.14
CA ASP C 56 -45.36 -25.87 50.76
C ASP C 56 -46.75 -25.86 50.11
N SER C 57 -47.54 -24.83 50.40
CA SER C 57 -48.83 -24.63 49.72
C SER C 57 -49.01 -23.19 49.25
N ALA C 58 -49.66 -23.02 48.11
CA ALA C 58 -49.80 -21.71 47.48
C ALA C 58 -51.12 -21.00 47.78
N GLU C 59 -51.94 -21.60 48.65
CA GLU C 59 -53.28 -21.09 48.92
C GLU C 59 -53.27 -19.70 49.55
N ASP C 60 -52.27 -19.42 50.40
CA ASP C 60 -52.13 -18.08 50.97
C ASP C 60 -51.92 -16.99 49.91
N VAL C 61 -51.12 -17.33 48.87
CA VAL C 61 -50.86 -16.43 47.73
C VAL C 61 -52.16 -16.26 46.94
N ARG C 62 -52.86 -17.37 46.70
CA ARG C 62 -54.17 -17.32 46.02
C ARG C 62 -55.15 -16.39 46.74
N ASP C 63 -55.21 -16.52 48.06
CA ASP C 63 -56.29 -15.90 48.84
C ASP C 63 -55.98 -14.56 49.47
N VAL C 64 -54.73 -14.09 49.36
CA VAL C 64 -54.32 -12.85 50.02
C VAL C 64 -55.21 -11.66 49.64
N ASP C 65 -55.42 -10.74 50.56
CA ASP C 65 -56.26 -9.58 50.28
C ASP C 65 -55.41 -8.40 49.84
N LEU C 66 -55.25 -8.29 48.53
CA LEU C 66 -54.30 -7.32 47.94
C LEU C 66 -54.66 -5.85 48.15
N SER C 67 -55.84 -5.59 48.73
CA SER C 67 -56.20 -4.23 49.12
C SER C 67 -55.42 -3.76 50.34
N THR C 68 -54.89 -4.73 51.09
CA THR C 68 -54.10 -4.39 52.30
C THR C 68 -52.68 -3.85 52.04
N VAL C 69 -52.05 -4.30 50.94
CA VAL C 69 -50.66 -3.92 50.62
C VAL C 69 -50.57 -2.42 50.26
N HIS C 70 -49.45 -1.74 50.55
CA HIS C 70 -48.25 -2.24 51.25
C HIS C 70 -48.17 -1.59 52.62
N PHE C 71 -47.85 -2.37 53.66
CA PHE C 71 -47.65 -1.75 54.98
C PHE C 71 -46.29 -1.10 55.11
N LEU C 72 -46.28 0.23 55.09
CA LEU C 72 -45.07 1.01 55.09
C LEU C 72 -44.76 1.53 56.48
N SER C 73 -43.47 1.69 56.81
CA SER C 73 -43.02 2.33 58.04
C SER C 73 -42.76 3.81 57.76
N GLY C 74 -43.39 4.69 58.54
CA GLY C 74 -43.27 6.15 58.40
C GLY C 74 -44.62 6.76 58.62
N PRO C 75 -44.82 8.03 58.22
CA PRO C 75 -43.88 8.91 57.54
C PRO C 75 -42.86 9.52 58.49
N VAL C 76 -41.62 9.62 58.02
CA VAL C 76 -40.56 10.21 58.82
C VAL C 76 -40.52 11.68 58.49
N GLY C 77 -40.66 12.52 59.52
CA GLY C 77 -40.55 13.95 59.33
C GLY C 77 -39.11 14.43 59.44
N VAL C 78 -38.76 15.41 58.61
CA VAL C 78 -37.41 15.96 58.61
C VAL C 78 -37.53 17.46 58.81
N LYS C 79 -36.98 17.95 59.92
CA LYS C 79 -37.16 19.35 60.31
C LYS C 79 -36.56 20.34 59.33
N GLY C 80 -37.42 21.19 58.79
CA GLY C 80 -36.97 22.23 57.86
C GLY C 80 -37.16 21.88 56.40
N ALA C 81 -37.61 20.65 56.15
CA ALA C 81 -37.92 20.20 54.79
C ALA C 81 -39.17 20.91 54.28
N GLU C 82 -39.03 21.58 53.12
CA GLU C 82 -40.12 22.35 52.52
C GLU C 82 -40.43 21.83 51.11
N PRO C 83 -41.67 22.04 50.62
CA PRO C 83 -42.00 21.64 49.24
C PRO C 83 -41.01 22.23 48.26
N GLY C 84 -40.60 21.42 47.27
CA GLY C 84 -39.58 21.83 46.30
C GLY C 84 -38.12 21.54 46.69
N ASP C 85 -37.92 21.02 47.89
CA ASP C 85 -36.59 20.58 48.32
C ASP C 85 -36.33 19.19 47.71
N LEU C 86 -35.07 18.74 47.75
CA LEU C 86 -34.78 17.31 47.53
C LEU C 86 -34.36 16.72 48.87
N LEU C 87 -34.91 15.55 49.18
CA LEU C 87 -34.54 14.81 50.35
C LEU C 87 -33.48 13.79 49.94
N VAL C 88 -32.26 13.99 50.43
CA VAL C 88 -31.16 13.06 50.14
C VAL C 88 -31.17 11.91 51.12
N VAL C 89 -31.33 10.70 50.59
CA VAL C 89 -31.35 9.51 51.46
C VAL C 89 -30.21 8.57 51.14
N ASP C 90 -29.28 8.40 52.09
CA ASP C 90 -28.29 7.36 51.97
C ASP C 90 -28.86 6.09 52.54
N LEU C 91 -28.90 5.04 51.74
CA LEU C 91 -29.24 3.71 52.26
C LEU C 91 -27.94 3.05 52.75
N LEU C 92 -27.72 3.03 54.07
CA LEU C 92 -26.38 2.67 54.59
C LEU C 92 -26.26 1.16 54.73
N ASP C 93 -27.38 0.49 54.98
CA ASP C 93 -27.45 -0.98 54.95
C ASP C 93 -28.93 -1.34 55.05
N ILE C 94 -29.25 -2.58 54.70
CA ILE C 94 -30.59 -3.12 54.72
C ILE C 94 -30.44 -4.63 54.94
N GLY C 95 -31.33 -5.23 55.72
CA GLY C 95 -31.26 -6.67 55.95
C GLY C 95 -32.55 -7.29 56.42
N ALA C 96 -32.51 -8.61 56.60
CA ALA C 96 -33.58 -9.39 57.19
C ALA C 96 -33.49 -9.32 58.71
N ARG C 97 -34.62 -9.55 59.38
CA ARG C 97 -34.69 -9.60 60.85
C ARG C 97 -34.11 -10.91 61.29
N ASP C 98 -33.52 -10.93 62.47
CA ASP C 98 -32.84 -12.13 62.95
C ASP C 98 -33.79 -13.30 63.17
N ASP C 99 -35.04 -12.99 63.50
CA ASP C 99 -36.08 -13.99 63.75
C ASP C 99 -36.86 -14.40 62.49
N SER C 100 -36.44 -13.92 61.31
CA SER C 100 -37.22 -14.12 60.10
C SER C 100 -36.33 -14.22 58.85
N LEU C 101 -35.55 -15.30 58.77
CA LEU C 101 -34.47 -15.39 57.79
C LEU C 101 -34.91 -16.15 56.55
N TRP C 102 -36.06 -15.76 56.02
CA TRP C 102 -36.62 -16.40 54.83
C TRP C 102 -37.50 -15.35 54.17
N GLY C 103 -37.81 -15.58 52.90
CA GLY C 103 -38.72 -14.71 52.19
C GLY C 103 -39.43 -15.51 51.16
N PHE C 104 -40.30 -14.83 50.44
CA PHE C 104 -41.16 -15.55 49.50
C PHE C 104 -41.29 -14.84 48.17
N ASN C 105 -41.35 -15.65 47.13
CA ASN C 105 -41.78 -15.24 45.80
C ASN C 105 -43.06 -16.00 45.45
N GLY C 106 -43.95 -15.38 44.67
CA GLY C 106 -45.08 -16.13 44.12
C GLY C 106 -45.62 -15.62 42.79
N PHE C 107 -46.48 -16.42 42.15
CA PHE C 107 -47.35 -15.90 41.09
C PHE C 107 -48.76 -15.83 41.67
N PHE C 108 -49.38 -14.66 41.61
CA PHE C 108 -50.78 -14.53 41.91
C PHE C 108 -51.63 -15.29 40.89
N SER C 109 -52.81 -15.74 41.30
CA SER C 109 -53.79 -16.23 40.34
C SER C 109 -54.22 -15.07 39.45
N LYS C 110 -54.52 -15.35 38.19
CA LYS C 110 -55.06 -14.29 37.32
C LYS C 110 -56.34 -13.68 37.92
N GLN C 111 -57.08 -14.48 38.69
CA GLN C 111 -58.32 -14.02 39.34
C GLN C 111 -58.08 -13.05 40.51
N ASN C 112 -56.86 -13.06 41.05
CA ASN C 112 -56.51 -12.24 42.20
C ASN C 112 -55.10 -11.63 42.03
N GLY C 113 -54.99 -10.70 41.09
CA GLY C 113 -53.76 -9.92 40.91
C GLY C 113 -53.11 -10.02 39.54
N GLY C 114 -52.93 -11.26 39.08
CA GLY C 114 -52.26 -11.51 37.79
C GLY C 114 -50.74 -11.30 37.83
N GLY C 115 -50.18 -10.93 36.69
CA GLY C 115 -48.73 -10.82 36.53
C GLY C 115 -48.32 -10.78 35.07
N PHE C 116 -47.02 -10.60 34.83
CA PHE C 116 -46.48 -10.40 33.49
C PHE C 116 -46.74 -11.57 32.52
N LEU C 117 -46.65 -12.78 33.06
CA LEU C 117 -46.87 -13.99 32.27
C LEU C 117 -48.14 -14.74 32.74
N ASP C 118 -49.14 -14.00 33.21
CA ASP C 118 -50.38 -14.62 33.73
C ASP C 118 -51.19 -15.46 32.69
N GLU C 119 -50.99 -15.18 31.40
CA GLU C 119 -51.61 -16.00 30.37
C GLU C 119 -50.96 -17.38 30.26
N HIS C 120 -49.73 -17.50 30.77
CA HIS C 120 -48.99 -18.77 30.73
C HIS C 120 -48.98 -19.52 32.07
N PHE C 121 -49.15 -18.77 33.16
CA PHE C 121 -49.15 -19.33 34.51
C PHE C 121 -50.29 -18.71 35.30
N PRO C 122 -51.54 -19.12 35.01
CA PRO C 122 -52.70 -18.43 35.59
C PRO C 122 -53.06 -18.85 37.03
N LEU C 123 -52.50 -19.96 37.49
CA LEU C 123 -52.73 -20.46 38.86
C LEU C 123 -51.66 -19.96 39.82
N ALA C 124 -52.08 -19.63 41.05
CA ALA C 124 -51.19 -19.13 42.10
C ALA C 124 -50.10 -20.14 42.50
N GLN C 125 -48.87 -19.63 42.67
CA GLN C 125 -47.75 -20.50 43.10
C GLN C 125 -46.85 -19.79 44.10
N LYS C 126 -45.87 -20.52 44.62
CA LYS C 126 -44.97 -19.95 45.62
C LYS C 126 -43.63 -20.64 45.64
N SER C 127 -42.57 -19.83 45.77
CA SER C 127 -41.23 -20.36 46.16
C SER C 127 -40.77 -19.66 47.42
N ILE C 128 -40.14 -20.44 48.29
CA ILE C 128 -39.67 -19.93 49.57
C ILE C 128 -38.17 -19.83 49.53
N TRP C 129 -37.63 -18.70 50.02
CA TRP C 129 -36.20 -18.49 49.99
C TRP C 129 -35.62 -18.34 51.40
N ASP C 130 -34.54 -19.06 51.68
CA ASP C 130 -33.82 -18.94 52.94
C ASP C 130 -32.60 -18.03 52.80
N PHE C 131 -32.34 -17.23 53.82
CA PHE C 131 -31.19 -16.32 53.79
C PHE C 131 -30.00 -16.90 54.58
N HIS C 132 -28.83 -16.96 53.93
CA HIS C 132 -27.60 -17.50 54.50
C HIS C 132 -26.55 -16.39 54.40
N GLY C 133 -26.57 -15.49 55.40
CA GLY C 133 -25.76 -14.29 55.37
C GLY C 133 -26.14 -13.45 54.17
N MET C 134 -25.21 -13.31 53.21
CA MET C 134 -25.44 -12.46 52.04
C MET C 134 -26.20 -13.17 50.94
N PHE C 135 -26.28 -14.50 51.06
CA PHE C 135 -26.73 -15.41 50.02
C PHE C 135 -28.11 -15.96 50.29
N THR C 136 -28.74 -16.45 49.22
CA THR C 136 -30.08 -17.03 49.30
C THR C 136 -30.17 -18.25 48.37
N LYS C 137 -31.17 -19.09 48.63
CA LYS C 137 -31.47 -20.28 47.82
C LYS C 137 -32.88 -20.79 48.19
N SER C 138 -33.48 -21.57 47.31
CA SER C 138 -34.86 -22.07 47.49
C SER C 138 -34.90 -23.57 47.48
N ARG C 139 -35.61 -24.16 48.43
CA ARG C 139 -35.88 -25.61 48.40
C ARG C 139 -36.71 -25.98 47.17
N HIS C 140 -37.32 -24.98 46.56
CA HIS C 140 -38.16 -25.17 45.37
C HIS C 140 -37.46 -25.08 44.03
N ILE C 141 -36.24 -24.55 44.03
CA ILE C 141 -35.45 -24.40 42.80
C ILE C 141 -34.03 -24.94 43.02
N PRO C 142 -33.79 -26.21 42.67
CA PRO C 142 -32.45 -26.79 42.89
C PRO C 142 -31.36 -26.21 41.97
N GLY C 143 -30.13 -26.20 42.45
CA GLY C 143 -29.00 -25.80 41.61
C GLY C 143 -28.74 -24.29 41.52
N VAL C 144 -29.51 -23.49 42.24
CA VAL C 144 -29.39 -22.02 42.19
C VAL C 144 -28.99 -21.46 43.53
N ASN C 145 -27.92 -20.65 43.53
CA ASN C 145 -27.43 -19.93 44.71
C ASN C 145 -26.97 -18.56 44.26
N PHE C 146 -27.35 -17.53 44.99
CA PHE C 146 -26.85 -16.20 44.64
C PHE C 146 -26.79 -15.21 45.80
N ALA C 147 -25.93 -14.20 45.65
CA ALA C 147 -25.84 -13.10 46.61
C ALA C 147 -26.97 -12.19 46.30
N GLY C 148 -27.64 -11.70 47.33
CA GLY C 148 -28.81 -10.88 47.15
C GLY C 148 -28.48 -9.42 46.86
N LEU C 149 -29.34 -8.82 46.04
CA LEU C 149 -29.24 -7.39 45.74
C LEU C 149 -30.36 -6.79 46.57
N ILE C 150 -30.02 -6.42 47.80
CA ILE C 150 -31.02 -6.14 48.82
C ILE C 150 -31.48 -4.70 48.65
N HIS C 151 -32.79 -4.50 48.49
CA HIS C 151 -33.33 -3.17 48.17
C HIS C 151 -34.74 -2.97 48.73
N PRO C 152 -35.14 -1.71 49.00
CA PRO C 152 -36.52 -1.48 49.27
C PRO C 152 -37.29 -1.37 47.96
N GLY C 153 -38.35 -2.17 47.80
CA GLY C 153 -39.21 -2.05 46.62
C GLY C 153 -39.97 -0.74 46.57
N LEU C 154 -40.21 -0.16 47.74
CA LEU C 154 -41.09 0.98 47.87
C LEU C 154 -40.52 1.95 48.87
N ILE C 155 -40.31 3.17 48.39
CA ILE C 155 -39.85 4.26 49.23
C ILE C 155 -40.20 5.58 48.55
N GLY C 156 -40.56 6.59 49.35
CA GLY C 156 -40.91 7.89 48.83
C GLY C 156 -41.59 8.79 49.85
N CYS C 157 -41.88 10.03 49.45
CA CYS C 157 -42.44 11.04 50.32
C CYS C 157 -43.96 11.24 50.07
N LEU C 158 -44.60 11.86 51.06
CA LEU C 158 -46.04 12.15 50.99
C LEU C 158 -46.37 13.15 49.89
N PRO C 159 -47.45 12.87 49.12
CA PRO C 159 -47.92 13.79 48.09
C PRO C 159 -48.62 14.98 48.71
N ASP C 160 -48.61 16.12 48.03
CA ASP C 160 -49.48 17.25 48.40
C ASP C 160 -50.93 17.00 47.91
N PRO C 161 -51.90 17.82 48.37
CA PRO C 161 -53.30 17.70 47.94
C PRO C 161 -53.50 17.64 46.42
N LYS C 162 -52.91 18.58 45.68
CA LYS C 162 -52.96 18.59 44.21
C LYS C 162 -52.53 17.26 43.57
N MET C 163 -51.32 16.82 43.92
CA MET C 163 -50.76 15.55 43.43
C MET C 163 -51.71 14.39 43.65
N LEU C 164 -52.23 14.27 44.87
CA LEU C 164 -53.15 13.17 45.20
C LEU C 164 -54.40 13.20 44.32
N ALA C 165 -54.93 14.41 44.09
CA ALA C 165 -56.12 14.60 43.27
C ALA C 165 -55.89 14.12 41.83
N SER C 166 -54.74 14.50 41.25
CA SER C 166 -54.33 14.06 39.93
C SER C 166 -54.27 12.53 39.85
N TRP C 167 -53.63 11.92 40.85
CA TRP C 167 -53.45 10.47 40.86
C TRP C 167 -54.78 9.75 40.79
N ASN C 168 -55.68 10.08 41.72
CA ASN C 168 -57.01 9.50 41.74
C ASN C 168 -57.79 9.74 40.44
N GLU C 169 -57.77 10.98 39.93
CA GLU C 169 -58.47 11.32 38.70
C GLU C 169 -58.06 10.50 37.48
N ARG C 170 -56.75 10.47 37.19
CA ARG C 170 -56.24 9.75 36.01
C ARG C 170 -56.38 8.24 36.18
N GLU C 171 -56.24 7.76 37.41
CA GLU C 171 -56.28 6.30 37.67
C GLU C 171 -57.70 5.73 37.71
N THR C 172 -58.62 6.46 38.32
CA THR C 172 -60.04 6.06 38.27
C THR C 172 -60.55 6.20 36.83
N GLY C 173 -60.11 7.26 36.14
CA GLY C 173 -60.40 7.46 34.71
C GLY C 173 -60.04 6.26 33.85
N LEU C 174 -58.90 5.66 34.13
CA LEU C 174 -58.43 4.49 33.39
C LEU C 174 -59.22 3.22 33.74
N ILE C 175 -59.60 3.06 35.01
CA ILE C 175 -60.46 1.93 35.40
C ILE C 175 -61.80 2.02 34.65
N ALA C 176 -62.31 3.25 34.51
CA ALA C 176 -63.57 3.53 33.80
C ALA C 176 -63.62 2.98 32.37
N THR C 177 -62.46 2.95 31.69
CA THR C 177 -62.37 2.48 30.30
C THR C 177 -62.52 0.96 30.15
N ASP C 178 -62.39 0.21 31.25
CA ASP C 178 -62.60 -1.24 31.25
C ASP C 178 -62.79 -1.76 32.69
N PRO C 179 -63.95 -1.43 33.32
CA PRO C 179 -64.11 -1.62 34.76
C PRO C 179 -64.25 -3.05 35.22
N ASP C 180 -64.65 -3.95 34.34
CA ASP C 180 -64.87 -5.34 34.72
C ASP C 180 -63.68 -6.25 34.40
N ARG C 181 -62.58 -5.65 33.95
CA ARG C 181 -61.40 -6.42 33.52
C ARG C 181 -60.79 -7.20 34.69
N ILE C 182 -60.50 -8.48 34.45
CA ILE C 182 -59.82 -9.34 35.41
C ILE C 182 -58.46 -9.78 34.82
N PRO C 183 -57.33 -9.28 35.39
CA PRO C 183 -57.21 -8.35 36.51
C PRO C 183 -57.48 -6.90 36.10
N GLY C 184 -57.72 -6.04 37.09
CA GLY C 184 -58.01 -4.63 36.84
C GLY C 184 -56.82 -3.85 36.31
N LEU C 185 -57.10 -2.68 35.74
CA LEU C 185 -56.08 -1.84 35.13
C LEU C 185 -55.37 -0.98 36.16
N ALA C 186 -56.10 -0.68 37.24
CA ALA C 186 -55.60 0.11 38.37
C ALA C 186 -56.35 -0.28 39.64
N ASN C 187 -55.93 0.28 40.78
CA ASN C 187 -56.63 0.02 42.04
C ASN C 187 -57.08 1.35 42.63
N PRO C 188 -58.40 1.49 42.88
CA PRO C 188 -58.92 2.77 43.34
C PRO C 188 -58.67 2.95 44.85
N PRO C 189 -58.84 4.18 45.37
CA PRO C 189 -58.88 4.34 46.82
C PRO C 189 -59.89 3.38 47.48
N ASN C 190 -59.57 2.91 48.68
CA ASN C 190 -60.38 1.89 49.34
C ASN C 190 -60.25 1.99 50.88
N ALA C 191 -61.31 2.46 51.53
CA ALA C 191 -61.27 2.78 52.97
C ALA C 191 -61.39 1.55 53.88
N THR C 192 -61.98 0.47 53.36
CA THR C 192 -62.23 -0.77 54.13
C THR C 192 -60.97 -1.32 54.81
N THR C 193 -59.88 -1.43 54.06
CA THR C 193 -58.63 -2.02 54.55
C THR C 193 -57.54 -0.97 54.75
N ALA C 194 -57.92 0.30 54.77
CA ALA C 194 -56.97 1.38 54.92
C ALA C 194 -56.45 1.56 56.35
N HIS C 195 -55.12 1.58 56.50
CA HIS C 195 -54.45 1.94 57.74
C HIS C 195 -53.87 3.33 57.53
N MET C 196 -54.38 4.33 58.27
CA MET C 196 -53.97 5.70 58.03
C MET C 196 -53.03 6.28 59.10
N GLY C 197 -52.26 5.40 59.75
CA GLY C 197 -51.27 5.85 60.73
C GLY C 197 -51.95 6.33 61.99
N GLN C 198 -51.62 7.56 62.41
CA GLN C 198 -52.19 8.15 63.64
C GLN C 198 -53.46 9.01 63.39
N MET C 199 -54.07 8.91 62.20
CA MET C 199 -55.28 9.69 61.90
C MET C 199 -56.50 9.12 62.64
N GLN C 200 -57.45 9.99 62.97
CA GLN C 200 -58.56 9.59 63.86
C GLN C 200 -59.98 9.93 63.41
N GLY C 201 -60.86 8.94 63.64
CA GLY C 201 -62.31 9.10 63.61
C GLY C 201 -62.89 9.66 62.32
N GLU C 202 -63.32 10.92 62.40
CA GLU C 202 -64.02 11.56 61.28
C GLU C 202 -63.04 11.98 60.19
N ALA C 203 -62.05 12.78 60.58
CA ALA C 203 -61.00 13.26 59.66
C ALA C 203 -60.36 12.09 58.90
N ARG C 204 -60.27 10.95 59.57
CA ARG C 204 -59.67 9.76 59.02
C ARG C 204 -60.58 9.03 58.04
N ASP C 205 -61.87 8.90 58.37
CA ASP C 205 -62.81 8.19 57.49
C ASP C 205 -62.86 8.80 56.09
N LYS C 206 -62.68 10.13 56.02
CA LYS C 206 -62.56 10.84 54.76
C LYS C 206 -61.20 10.55 54.06
N ALA C 207 -60.08 10.81 54.74
CA ALA C 207 -58.75 10.52 54.19
C ALA C 207 -58.63 9.09 53.64
N ALA C 208 -59.20 8.12 54.36
CA ALA C 208 -59.16 6.70 53.94
C ALA C 208 -59.96 6.45 52.65
N ALA C 209 -60.94 7.31 52.41
CA ALA C 209 -61.79 7.19 51.21
C ALA C 209 -61.13 7.82 49.98
N GLU C 210 -60.22 8.77 50.21
CA GLU C 210 -59.47 9.39 49.11
C GLU C 210 -57.96 9.04 49.06
N GLY C 211 -57.51 8.15 49.95
CA GLY C 211 -56.10 7.79 50.07
C GLY C 211 -55.71 6.82 48.97
N ALA C 212 -54.66 7.18 48.23
CA ALA C 212 -54.23 6.41 47.08
C ALA C 212 -53.61 5.09 47.47
N ARG C 213 -53.86 4.06 46.67
CA ARG C 213 -53.16 2.79 46.83
C ARG C 213 -51.65 2.99 46.60
N THR C 214 -50.84 2.18 47.27
CA THR C 214 -49.38 2.29 47.20
C THR C 214 -48.82 1.43 46.05
N VAL C 215 -49.73 0.77 45.31
CA VAL C 215 -49.38 -0.24 44.32
C VAL C 215 -48.48 0.28 43.18
N PRO C 216 -48.79 1.47 42.61
CA PRO C 216 -47.96 1.86 41.47
C PRO C 216 -46.89 2.91 41.77
N PRO C 217 -45.78 2.89 41.03
CA PRO C 217 -44.83 3.96 41.13
C PRO C 217 -45.44 5.24 40.57
N ARG C 218 -45.05 6.37 41.12
CA ARG C 218 -45.57 7.65 40.64
C ARG C 218 -44.47 8.69 40.70
N GLU C 219 -44.79 9.96 40.40
CA GLU C 219 -43.79 11.02 40.34
C GLU C 219 -42.90 11.15 41.58
N HIS C 220 -43.45 10.81 42.75
CA HIS C 220 -42.74 10.96 44.01
C HIS C 220 -41.70 9.85 44.26
N GLY C 221 -41.80 8.76 43.47
CA GLY C 221 -41.09 7.51 43.76
C GLY C 221 -42.14 6.49 44.10
N GLY C 222 -42.13 6.01 45.34
CA GLY C 222 -43.11 5.06 45.81
C GLY C 222 -42.70 3.67 45.38
N ASN C 223 -43.66 2.89 44.90
CA ASN C 223 -43.34 1.48 44.60
C ASN C 223 -42.70 1.31 43.23
N CYS C 224 -41.40 1.65 43.11
CA CYS C 224 -40.74 1.55 41.82
C CYS C 224 -40.20 0.14 41.54
N ASP C 225 -39.87 -0.58 42.60
CA ASP C 225 -39.30 -1.94 42.43
C ASP C 225 -38.11 -1.90 41.47
N ILE C 226 -37.30 -0.85 41.62
CA ILE C 226 -35.97 -0.75 41.01
C ILE C 226 -34.96 -1.54 41.87
N LYS C 227 -34.54 -2.69 41.38
CA LYS C 227 -33.62 -3.52 42.14
C LYS C 227 -32.31 -2.81 42.45
N ASP C 228 -31.95 -1.83 41.63
CA ASP C 228 -30.64 -1.21 41.73
C ASP C 228 -30.65 -0.04 42.71
N LEU C 229 -31.83 0.28 43.24
CA LEU C 229 -31.96 1.26 44.32
C LEU C 229 -31.67 0.50 45.61
N SER C 230 -30.43 0.00 45.76
CA SER C 230 -30.13 -1.07 46.73
C SER C 230 -29.29 -0.57 47.90
N ARG C 231 -29.02 -1.43 48.87
CA ARG C 231 -28.22 -1.01 50.02
C ARG C 231 -26.88 -0.50 49.52
N GLY C 232 -26.54 0.75 49.87
CA GLY C 232 -25.32 1.39 49.43
C GLY C 232 -25.61 2.61 48.56
N SER C 233 -26.84 2.73 48.06
CA SER C 233 -27.29 3.77 47.15
C SER C 233 -27.55 5.14 47.80
N ARG C 234 -27.52 6.18 46.99
CA ARG C 234 -27.97 7.47 47.46
C ARG C 234 -29.10 7.90 46.53
N VAL C 235 -30.28 8.19 47.09
CA VAL C 235 -31.44 8.64 46.32
C VAL C 235 -31.83 10.10 46.62
N PHE C 236 -32.34 10.80 45.61
CA PHE C 236 -32.73 12.20 45.78
C PHE C 236 -34.23 12.32 45.51
N PHE C 237 -35.03 12.52 46.56
CA PHE C 237 -36.48 12.52 46.42
C PHE C 237 -37.06 13.93 46.35
N PRO C 238 -38.03 14.17 45.45
CA PRO C 238 -38.83 15.41 45.50
C PRO C 238 -39.67 15.49 46.79
N VAL C 239 -39.72 16.68 47.38
CA VAL C 239 -40.49 16.93 48.60
C VAL C 239 -41.74 17.74 48.26
N TYR C 240 -42.88 17.28 48.73
CA TYR C 240 -44.15 17.96 48.38
C TYR C 240 -44.80 18.73 49.53
N VAL C 241 -44.61 18.21 50.76
CA VAL C 241 -45.19 18.80 51.96
C VAL C 241 -44.08 19.11 52.98
N ASP C 242 -44.41 19.92 54.00
CA ASP C 242 -43.48 20.28 55.06
C ASP C 242 -43.05 19.06 55.88
N GLY C 243 -41.74 18.93 56.12
CA GLY C 243 -41.24 17.77 56.83
C GLY C 243 -41.07 16.53 55.96
N ALA C 244 -41.52 16.61 54.72
CA ALA C 244 -41.32 15.55 53.69
C ALA C 244 -42.21 14.33 53.85
N GLY C 245 -42.06 13.64 54.97
CA GLY C 245 -42.87 12.47 55.26
C GLY C 245 -42.38 11.26 54.45
N LEU C 246 -41.16 10.83 54.75
CA LEU C 246 -40.55 9.72 54.04
C LEU C 246 -41.03 8.38 54.59
N SER C 247 -41.54 7.52 53.73
CA SER C 247 -41.90 6.17 54.20
C SER C 247 -41.22 5.10 53.39
N VAL C 248 -41.16 3.88 53.94
CA VAL C 248 -40.39 2.84 53.28
C VAL C 248 -40.98 1.50 53.62
N GLY C 249 -40.95 0.55 52.68
CA GLY C 249 -41.36 -0.81 53.04
C GLY C 249 -41.08 -1.72 51.88
N ASP C 250 -41.71 -2.89 51.89
CA ASP C 250 -41.70 -3.74 50.73
C ASP C 250 -40.27 -4.19 50.40
N LEU C 251 -39.52 -4.57 51.43
CA LEU C 251 -38.10 -4.88 51.27
C LEU C 251 -37.94 -6.14 50.51
N HIS C 252 -36.97 -6.15 49.59
CA HIS C 252 -36.64 -7.34 48.79
C HIS C 252 -35.22 -7.78 49.08
N PHE C 253 -35.00 -9.09 49.21
CA PHE C 253 -33.68 -9.61 49.36
C PHE C 253 -32.98 -9.65 47.98
N SER C 254 -33.79 -9.83 46.92
CA SER C 254 -33.36 -9.84 45.51
C SER C 254 -34.57 -9.67 44.61
N GLN C 255 -34.33 -9.36 43.35
CA GLN C 255 -35.41 -9.21 42.36
C GLN C 255 -34.79 -9.14 40.99
N GLY C 256 -35.52 -9.57 39.98
CA GLY C 256 -35.06 -9.39 38.61
C GLY C 256 -35.72 -8.16 38.03
N ASP C 257 -35.15 -7.64 36.95
CA ASP C 257 -35.67 -6.45 36.30
C ASP C 257 -37.12 -6.76 35.81
N GLY C 258 -38.04 -5.82 36.06
CA GLY C 258 -39.44 -6.02 35.65
C GLY C 258 -40.30 -6.55 36.79
N GLU C 259 -39.67 -7.26 37.74
CA GLU C 259 -40.35 -7.97 38.81
C GLU C 259 -41.52 -8.78 38.23
N ILE C 260 -41.24 -9.58 37.20
CA ILE C 260 -42.27 -10.09 36.31
C ILE C 260 -43.34 -10.93 37.04
N THR C 261 -42.92 -11.61 38.09
CA THR C 261 -43.83 -12.45 38.89
C THR C 261 -44.85 -11.68 39.74
N PHE C 262 -44.71 -10.35 39.79
CA PHE C 262 -45.56 -9.44 40.57
C PHE C 262 -45.49 -9.63 42.10
N CYS C 263 -45.67 -10.86 42.57
CA CYS C 263 -45.63 -11.17 43.99
C CYS C 263 -44.16 -11.36 44.40
N GLY C 264 -43.43 -10.25 44.49
CA GLY C 264 -41.97 -10.33 44.53
C GLY C 264 -41.38 -10.62 43.16
N ALA C 265 -40.06 -10.71 43.04
CA ALA C 265 -39.08 -10.52 44.12
C ALA C 265 -39.02 -11.61 45.20
N ILE C 266 -37.97 -11.58 46.01
CA ILE C 266 -37.96 -12.29 47.26
C ILE C 266 -38.40 -11.30 48.29
N GLU C 267 -39.69 -11.35 48.64
CA GLU C 267 -40.34 -10.48 49.62
C GLU C 267 -39.95 -10.88 51.03
N MET C 268 -39.71 -9.87 51.87
CA MET C 268 -39.32 -10.12 53.24
C MET C 268 -39.70 -9.00 54.21
N ALA C 269 -39.74 -9.34 55.50
CA ALA C 269 -39.68 -8.31 56.54
C ALA C 269 -38.20 -7.93 56.78
N GLY C 270 -37.93 -6.73 57.28
CA GLY C 270 -36.57 -6.39 57.63
C GLY C 270 -36.36 -5.08 58.31
N TRP C 271 -35.23 -4.43 57.98
CA TRP C 271 -34.88 -3.12 58.51
C TRP C 271 -34.06 -2.37 57.49
N VAL C 272 -34.03 -1.05 57.60
CA VAL C 272 -33.28 -0.20 56.73
C VAL C 272 -32.53 0.79 57.61
N HIS C 273 -31.22 0.90 57.41
CA HIS C 273 -30.40 1.85 58.14
C HIS C 273 -30.16 2.98 57.14
N MET C 274 -30.47 4.23 57.52
CA MET C 274 -30.41 5.33 56.57
C MET C 274 -29.97 6.67 57.20
N LYS C 275 -29.45 7.55 56.36
CA LYS C 275 -29.08 8.91 56.71
C LYS C 275 -29.89 9.86 55.84
N VAL C 276 -30.31 11.01 56.37
CA VAL C 276 -31.07 11.96 55.57
C VAL C 276 -30.45 13.32 55.60
N SER C 277 -30.63 14.06 54.52
CA SER C 277 -30.20 15.47 54.43
C SER C 277 -31.02 16.15 53.35
N LEU C 278 -30.71 17.43 53.06
CA LEU C 278 -31.54 18.24 52.17
C LEU C 278 -30.72 18.98 51.14
N ILE C 279 -31.34 19.23 49.99
CA ILE C 279 -30.87 20.21 49.02
C ILE C 279 -31.95 21.29 48.90
N LYS C 280 -31.67 22.47 49.42
CA LYS C 280 -32.69 23.50 49.47
C LYS C 280 -33.05 23.93 48.05
N GLY C 281 -34.34 23.81 47.72
CA GLY C 281 -34.83 24.15 46.39
C GLY C 281 -34.29 23.20 45.32
N GLY C 282 -33.98 21.97 45.74
CA GLY C 282 -33.40 20.98 44.84
C GLY C 282 -34.16 20.70 43.55
N MET C 283 -35.48 20.65 43.63
CA MET C 283 -36.31 20.30 42.47
C MET C 283 -36.18 21.24 41.28
N ALA C 284 -36.18 22.55 41.52
CA ALA C 284 -36.05 23.54 40.44
C ALA C 284 -34.59 23.65 39.98
N LYS C 285 -33.69 23.60 40.94
CA LYS C 285 -32.27 23.70 40.66
C LYS C 285 -31.81 22.62 39.66
N TYR C 286 -32.35 21.41 39.81
CA TYR C 286 -31.90 20.28 38.99
C TYR C 286 -32.99 19.76 38.03
N GLY C 287 -34.08 20.52 37.91
CA GLY C 287 -35.17 20.12 37.00
C GLY C 287 -35.68 18.73 37.31
N ILE C 288 -36.00 18.48 38.57
CA ILE C 288 -36.45 17.18 39.03
C ILE C 288 -37.95 17.01 38.89
N LYS C 289 -38.36 15.91 38.26
CA LYS C 289 -39.73 15.50 38.27
C LYS C 289 -39.83 14.19 39.06
N ASN C 290 -39.34 13.08 38.49
CA ASN C 290 -39.23 11.83 39.27
C ASN C 290 -37.95 11.81 40.09
N PRO C 291 -37.82 10.86 41.06
CA PRO C 291 -36.55 10.79 41.82
C PRO C 291 -35.35 10.49 40.92
N ILE C 292 -34.15 10.79 41.40
CA ILE C 292 -32.94 10.33 40.77
C ILE C 292 -32.07 9.70 41.81
N PHE C 293 -31.22 8.75 41.42
CA PHE C 293 -30.32 8.14 42.39
C PHE C 293 -29.00 7.66 41.82
N LYS C 294 -28.12 7.23 42.72
CA LYS C 294 -26.83 6.72 42.39
C LYS C 294 -26.79 5.26 42.92
N PRO C 295 -26.43 4.30 42.06
CA PRO C 295 -26.43 2.89 42.53
C PRO C 295 -25.34 2.63 43.55
N SER C 296 -25.32 1.44 44.13
CA SER C 296 -24.45 1.13 45.30
C SER C 296 -23.05 0.72 44.84
N PRO C 297 -22.01 1.05 45.64
CA PRO C 297 -20.71 0.49 45.33
C PRO C 297 -20.58 -0.99 45.71
N MET C 298 -21.59 -1.55 46.40
CA MET C 298 -21.54 -2.95 46.83
C MET C 298 -22.73 -3.66 46.24
N THR C 299 -22.53 -4.33 45.10
CA THR C 299 -23.56 -5.15 44.47
C THR C 299 -22.93 -6.47 43.97
N PRO C 300 -23.77 -7.52 43.74
CA PRO C 300 -23.23 -8.81 43.28
C PRO C 300 -22.58 -8.66 41.89
N ASN C 301 -21.35 -9.16 41.75
CA ASN C 301 -20.50 -8.84 40.60
C ASN C 301 -20.72 -9.73 39.36
N TYR C 302 -21.91 -10.32 39.22
CA TYR C 302 -22.16 -11.19 38.08
C TYR C 302 -21.98 -10.48 36.73
N LYS C 303 -21.27 -11.14 35.83
CA LYS C 303 -20.94 -10.60 34.51
C LYS C 303 -21.14 -11.58 33.39
N ASP C 304 -21.12 -12.87 33.71
CA ASP C 304 -21.20 -13.91 32.68
C ASP C 304 -22.67 -14.17 32.32
N TYR C 305 -23.25 -13.21 31.62
CA TYR C 305 -24.63 -13.32 31.18
C TYR C 305 -24.84 -14.18 29.92
N LEU C 306 -26.01 -14.80 29.84
CA LEU C 306 -26.50 -15.35 28.63
C LEU C 306 -27.71 -14.49 28.32
N ILE C 307 -27.73 -13.88 27.16
CA ILE C 307 -28.68 -12.82 26.91
C ILE C 307 -29.72 -13.19 25.84
N PHE C 308 -31.00 -13.02 26.18
CA PHE C 308 -32.14 -13.41 25.33
C PHE C 308 -32.82 -12.19 24.74
N GLU C 309 -33.43 -12.35 23.57
CA GLU C 309 -33.98 -11.22 22.83
C GLU C 309 -35.48 -11.40 22.58
N GLY C 310 -36.17 -10.29 22.43
CA GLY C 310 -37.53 -10.29 21.95
C GLY C 310 -37.86 -9.04 21.14
N ILE C 311 -38.90 -9.15 20.33
CA ILE C 311 -39.38 -8.06 19.47
C ILE C 311 -40.89 -7.89 19.67
N SER C 312 -41.42 -6.77 19.18
CA SER C 312 -42.80 -6.42 19.36
C SER C 312 -43.78 -7.25 18.50
N VAL C 313 -43.66 -8.57 18.56
CA VAL C 313 -44.60 -9.47 17.89
C VAL C 313 -44.98 -10.51 18.93
N ASP C 314 -46.28 -10.58 19.27
CA ASP C 314 -46.73 -11.38 20.42
C ASP C 314 -46.80 -12.88 20.19
N GLU C 315 -47.30 -13.62 21.18
CA GLU C 315 -47.33 -15.09 21.16
C GLU C 315 -48.23 -15.63 20.04
N LYS C 316 -49.18 -14.81 19.61
CA LYS C 316 -50.11 -15.20 18.55
C LYS C 316 -49.58 -14.84 17.15
N GLY C 317 -48.45 -14.12 17.11
CA GLY C 317 -47.85 -13.71 15.85
C GLY C 317 -48.36 -12.36 15.36
N LYS C 318 -49.18 -11.69 16.17
CA LYS C 318 -49.67 -10.34 15.83
C LYS C 318 -48.55 -9.32 15.93
N GLN C 319 -48.64 -8.28 15.09
CA GLN C 319 -47.62 -7.26 14.97
C GLN C 319 -48.03 -6.04 15.77
N HIS C 320 -47.19 -5.63 16.72
CA HIS C 320 -47.45 -4.41 17.48
C HIS C 320 -46.55 -3.30 16.99
N TYR C 321 -46.65 -2.12 17.59
CA TYR C 321 -45.85 -0.99 17.16
C TYR C 321 -45.01 -0.43 18.30
N LEU C 322 -43.68 -0.56 18.14
CA LEU C 322 -42.70 -0.09 19.14
C LEU C 322 -43.16 -0.42 20.57
N ASP C 323 -43.52 -1.67 20.80
CA ASP C 323 -44.08 -2.05 22.09
C ASP C 323 -43.04 -2.82 22.86
N VAL C 324 -42.38 -2.14 23.81
CA VAL C 324 -41.30 -2.75 24.62
C VAL C 324 -41.87 -3.84 25.53
N THR C 325 -43.08 -3.59 26.03
CA THR C 325 -43.74 -4.54 26.92
C THR C 325 -43.88 -5.90 26.22
N VAL C 326 -44.40 -5.92 25.01
CA VAL C 326 -44.51 -7.17 24.27
C VAL C 326 -43.15 -7.77 23.93
N ALA C 327 -42.16 -6.94 23.62
CA ALA C 327 -40.83 -7.44 23.30
C ALA C 327 -40.18 -8.11 24.52
N TYR C 328 -40.36 -7.50 25.70
CA TYR C 328 -39.80 -8.08 26.94
C TYR C 328 -40.42 -9.43 27.25
N ARG C 329 -41.74 -9.55 27.08
CA ARG C 329 -42.44 -10.83 27.30
C ARG C 329 -41.80 -11.91 26.44
N GLN C 330 -41.62 -11.65 25.15
CA GLN C 330 -40.91 -12.58 24.25
C GLN C 330 -39.51 -13.02 24.76
N ALA C 331 -38.73 -12.08 25.25
CA ALA C 331 -37.38 -12.32 25.78
C ALA C 331 -37.46 -13.19 27.02
N CYS C 332 -38.43 -12.89 27.90
CA CYS C 332 -38.61 -13.70 29.10
C CYS C 332 -39.06 -15.11 28.75
N LEU C 333 -40.04 -15.25 27.83
CA LEU C 333 -40.50 -16.58 27.35
C LEU C 333 -39.39 -17.36 26.71
N ASN C 334 -38.57 -16.69 25.88
CA ASN C 334 -37.36 -17.32 25.33
C ASN C 334 -36.40 -17.87 26.39
N ALA C 335 -36.16 -17.09 27.44
CA ALA C 335 -35.33 -17.54 28.56
C ALA C 335 -35.93 -18.73 29.29
N ILE C 336 -37.25 -18.70 29.50
CA ILE C 336 -37.95 -19.81 30.14
C ILE C 336 -37.78 -21.10 29.31
N GLU C 337 -38.05 -21.03 28.00
CA GLU C 337 -37.87 -22.19 27.08
C GLU C 337 -36.49 -22.75 27.13
N TYR C 338 -35.49 -21.87 27.26
CA TYR C 338 -34.09 -22.30 27.35
C TYR C 338 -33.82 -23.06 28.65
N LEU C 339 -34.28 -22.51 29.76
CA LEU C 339 -34.09 -23.15 31.06
C LEU C 339 -34.78 -24.53 31.18
N LYS C 340 -35.99 -24.64 30.62
CA LYS C 340 -36.69 -25.93 30.58
C LYS C 340 -35.90 -27.07 29.96
N LYS C 341 -35.01 -26.77 29.02
CA LYS C 341 -34.16 -27.77 28.36
C LYS C 341 -33.13 -28.35 29.32
N PHE C 342 -32.97 -27.71 30.45
CA PHE C 342 -32.00 -28.15 31.44
C PHE C 342 -32.69 -28.90 32.57
N GLY C 343 -34.03 -28.96 32.49
CA GLY C 343 -34.81 -29.75 33.42
C GLY C 343 -35.64 -28.97 34.41
N TYR C 344 -35.54 -27.65 34.36
CA TYR C 344 -36.40 -26.82 35.19
C TYR C 344 -37.80 -26.88 34.64
N SER C 345 -38.79 -26.82 35.53
CA SER C 345 -40.17 -26.59 35.12
C SER C 345 -40.29 -25.12 34.70
N GLY C 346 -41.40 -24.78 34.05
CA GLY C 346 -41.67 -23.42 33.59
C GLY C 346 -41.88 -22.49 34.76
N ALA C 347 -42.40 -23.07 35.84
CA ALA C 347 -42.71 -22.30 37.05
C ALA C 347 -41.41 -21.94 37.78
N GLN C 348 -40.51 -22.91 37.85
CA GLN C 348 -39.17 -22.69 38.41
C GLN C 348 -38.44 -21.56 37.66
N ALA C 349 -38.52 -21.58 36.33
CA ALA C 349 -37.89 -20.59 35.46
C ALA C 349 -38.48 -19.20 35.61
N TYR C 350 -39.79 -19.14 35.77
CA TYR C 350 -40.53 -17.89 35.90
C TYR C 350 -40.26 -17.25 37.25
N SER C 351 -40.23 -18.07 38.30
CA SER C 351 -39.90 -17.62 39.64
C SER C 351 -38.44 -17.09 39.65
N LEU C 352 -37.55 -17.84 39.01
CA LEU C 352 -36.16 -17.46 38.90
C LEU C 352 -36.00 -16.07 38.27
N LEU C 353 -36.71 -15.79 37.17
CA LEU C 353 -36.61 -14.49 36.52
C LEU C 353 -37.17 -13.35 37.35
N GLY C 354 -38.07 -13.67 38.27
CA GLY C 354 -38.64 -12.67 39.16
C GLY C 354 -37.75 -12.41 40.38
N THR C 355 -36.88 -13.35 40.69
CA THR C 355 -36.12 -13.29 41.92
C THR C 355 -34.62 -13.03 41.76
N ALA C 356 -33.96 -13.82 40.90
CA ALA C 356 -32.53 -13.65 40.61
C ALA C 356 -32.26 -12.30 39.94
N PRO C 357 -31.04 -11.77 40.06
CA PRO C 357 -30.87 -10.40 39.54
C PRO C 357 -30.62 -10.37 38.03
N VAL C 358 -31.65 -10.72 37.27
CA VAL C 358 -31.58 -10.71 35.82
C VAL C 358 -31.70 -9.28 35.35
N GLN C 359 -31.14 -8.94 34.20
CA GLN C 359 -31.27 -7.56 33.66
C GLN C 359 -32.26 -7.54 32.49
N GLY C 360 -33.00 -6.45 32.40
CA GLY C 360 -33.93 -6.28 31.28
C GLY C 360 -33.61 -4.94 30.68
N HIS C 361 -33.13 -4.97 29.44
CA HIS C 361 -32.77 -3.76 28.74
C HIS C 361 -33.74 -3.38 27.63
N ILE C 362 -33.96 -2.09 27.54
CA ILE C 362 -34.61 -1.48 26.41
C ILE C 362 -33.53 -1.24 25.37
N SER C 363 -33.16 -2.29 24.65
CA SER C 363 -31.98 -2.22 23.76
C SER C 363 -32.24 -1.32 22.55
N GLY C 364 -33.44 -1.41 21.97
CA GLY C 364 -33.85 -0.57 20.86
C GLY C 364 -35.32 -0.17 20.90
N VAL C 365 -35.60 1.09 20.62
CA VAL C 365 -36.97 1.56 20.69
C VAL C 365 -37.31 2.50 19.51
N VAL C 366 -36.69 2.23 18.36
CA VAL C 366 -36.82 3.15 17.22
C VAL C 366 -37.02 2.46 15.86
N ASP C 367 -36.58 1.20 15.75
CA ASP C 367 -36.52 0.49 14.49
C ASP C 367 -37.90 0.01 14.04
N VAL C 368 -38.78 0.97 13.74
CA VAL C 368 -40.18 0.69 13.42
C VAL C 368 -40.35 -0.52 12.49
N PRO C 369 -41.28 -1.45 12.82
CA PRO C 369 -42.24 -1.40 13.93
C PRO C 369 -41.78 -2.05 15.23
N ASN C 370 -40.59 -2.67 15.25
CA ASN C 370 -40.19 -3.47 16.41
C ASN C 370 -39.24 -2.80 17.39
N ALA C 371 -39.66 -2.74 18.65
CA ALA C 371 -38.77 -2.50 19.76
C ALA C 371 -37.96 -3.75 19.94
N CYS C 372 -36.75 -3.62 20.47
CA CYS C 372 -35.93 -4.78 20.85
C CYS C 372 -35.63 -4.73 22.34
N ALA C 373 -36.00 -5.79 23.05
CA ALA C 373 -35.76 -5.89 24.48
C ALA C 373 -34.92 -7.11 24.76
N THR C 374 -33.98 -7.00 25.71
CA THR C 374 -33.14 -8.13 26.11
C THR C 374 -33.31 -8.51 27.60
N LEU C 375 -33.13 -9.80 27.87
CA LEU C 375 -33.22 -10.36 29.19
C LEU C 375 -31.86 -11.04 29.42
N TRP C 376 -31.18 -10.66 30.50
CA TRP C 376 -29.79 -11.08 30.79
C TRP C 376 -29.80 -12.02 32.00
N LEU C 377 -29.62 -13.30 31.77
CA LEU C 377 -29.48 -14.31 32.79
C LEU C 377 -28.01 -14.43 33.24
N PRO C 378 -27.71 -14.15 34.53
CA PRO C 378 -26.32 -14.33 34.96
C PRO C 378 -26.10 -15.81 35.19
N THR C 379 -25.11 -16.38 34.50
CA THR C 379 -24.87 -17.82 34.53
C THR C 379 -24.15 -18.29 35.80
N GLU C 380 -23.61 -17.33 36.57
CA GLU C 380 -22.91 -17.63 37.84
C GLU C 380 -23.85 -18.20 38.90
N ILE C 381 -25.15 -17.99 38.74
CA ILE C 381 -26.09 -18.43 39.79
C ILE C 381 -26.40 -19.95 39.77
N PHE C 382 -25.97 -20.64 38.73
CA PHE C 382 -26.19 -22.09 38.62
C PHE C 382 -24.95 -22.88 39.02
N ASP C 383 -25.12 -24.00 39.73
CA ASP C 383 -23.95 -24.79 40.10
C ASP C 383 -23.55 -25.79 39.02
N PHE C 384 -23.93 -25.49 37.79
CA PHE C 384 -23.54 -26.24 36.61
C PHE C 384 -23.54 -25.26 35.45
N ASP C 385 -22.83 -25.61 34.38
CA ASP C 385 -22.67 -24.72 33.24
C ASP C 385 -23.89 -24.77 32.31
N ILE C 386 -24.57 -23.63 32.13
CA ILE C 386 -25.75 -23.57 31.26
C ILE C 386 -25.51 -22.99 29.87
N ASN C 387 -24.25 -22.81 29.51
CA ASN C 387 -23.89 -22.20 28.25
C ASN C 387 -24.07 -23.22 27.14
N PRO C 388 -24.42 -22.74 25.92
CA PRO C 388 -24.60 -23.70 24.84
C PRO C 388 -23.28 -24.32 24.41
N THR C 389 -23.31 -25.61 24.12
CA THR C 389 -22.15 -26.36 23.62
C THR C 389 -22.54 -27.10 22.33
N ALA C 390 -21.56 -27.71 21.68
CA ALA C 390 -21.79 -28.48 20.45
C ALA C 390 -22.75 -29.68 20.59
N GLU C 391 -22.62 -30.50 21.62
CA GLU C 391 -23.49 -31.70 21.71
C GLU C 391 -24.86 -31.49 22.38
N GLY C 392 -25.10 -30.29 22.91
CA GLY C 392 -26.40 -29.96 23.46
C GLY C 392 -26.45 -30.07 24.98
N PRO C 393 -27.57 -29.63 25.57
CA PRO C 393 -27.75 -29.58 27.02
C PRO C 393 -27.89 -30.97 27.67
N GLN C 394 -27.19 -31.19 28.79
CA GLN C 394 -27.49 -32.34 29.66
C GLN C 394 -28.55 -31.94 30.68
N LYS C 395 -29.54 -32.81 30.85
CA LYS C 395 -30.70 -32.54 31.71
C LYS C 395 -30.29 -32.76 33.17
N ILE C 396 -29.60 -31.79 33.74
CA ILE C 396 -29.03 -31.91 35.09
C ILE C 396 -30.10 -31.92 36.20
N ILE C 397 -31.17 -31.15 36.01
CA ILE C 397 -32.22 -31.02 37.03
C ILE C 397 -33.15 -32.24 37.11
N THR C 398 -32.98 -32.99 38.20
CA THR C 398 -33.74 -34.20 38.45
C THR C 398 -34.62 -33.98 39.70
N GLY C 399 -34.92 -35.06 40.42
CA GLY C 399 -35.50 -34.96 41.76
C GLY C 399 -37.01 -35.11 41.82
N GLY C 400 -37.72 -34.09 41.33
CA GLY C 400 -39.17 -34.06 41.40
C GLY C 400 -39.73 -32.90 42.20
N VAL C 401 -38.83 -32.09 42.78
CA VAL C 401 -39.23 -30.85 43.45
C VAL C 401 -39.76 -29.84 42.46
N ASP C 402 -40.77 -29.10 42.89
CA ASP C 402 -41.31 -28.02 42.11
C ASP C 402 -41.96 -27.01 43.05
N LEU C 403 -42.42 -25.90 42.49
CA LEU C 403 -43.16 -24.91 43.27
C LEU C 403 -44.55 -25.46 43.54
N PRO C 404 -45.07 -25.28 44.77
CA PRO C 404 -46.48 -25.44 45.10
C PRO C 404 -47.39 -24.70 44.13
N ILE C 405 -48.53 -25.31 43.83
CA ILE C 405 -49.52 -24.70 42.95
C ILE C 405 -50.90 -24.86 43.59
N ALA C 406 -51.71 -23.83 43.54
CA ALA C 406 -53.03 -23.90 44.12
C ALA C 406 -54.09 -23.72 43.03
N GLN C 407 -55.03 -24.66 42.96
CA GLN C 407 -56.17 -24.56 42.05
C GLN C 407 -57.02 -23.34 42.39
N ASP C 408 -57.71 -22.80 41.39
CA ASP C 408 -58.50 -21.61 41.60
C ASP C 408 -59.68 -21.80 42.57
N LYS C 409 -59.98 -20.71 43.26
CA LYS C 409 -61.21 -20.54 44.02
C LYS C 409 -62.27 -20.10 43.00
N ALA D 2 -5.72 -12.21 9.66
CA ALA D 2 -6.75 -12.95 8.87
C ALA D 2 -7.08 -12.21 7.58
N GLU D 3 -7.58 -12.92 6.58
CA GLU D 3 -7.85 -12.28 5.29
C GLU D 3 -9.24 -11.67 5.22
N THR D 4 -9.31 -10.54 4.54
CA THR D 4 -10.55 -9.83 4.30
C THR D 4 -11.29 -10.45 3.10
N LEU D 5 -12.42 -11.10 3.36
CA LEU D 5 -13.19 -11.80 2.33
C LEU D 5 -14.20 -10.94 1.58
N ILE D 6 -14.53 -9.79 2.15
CA ILE D 6 -15.35 -8.82 1.45
C ILE D 6 -14.72 -7.45 1.63
N LYS D 7 -14.27 -6.87 0.52
CA LYS D 7 -13.63 -5.58 0.55
C LYS D 7 -14.59 -4.50 0.08
N VAL D 8 -14.42 -3.31 0.61
CA VAL D 8 -15.32 -2.22 0.35
C VAL D 8 -14.49 -1.00 -0.01
N ASP D 9 -14.89 -0.36 -1.11
CA ASP D 9 -14.29 0.89 -1.53
C ASP D 9 -15.34 1.95 -1.27
N LEU D 10 -15.10 2.77 -0.26
CA LEU D 10 -16.07 3.81 0.16
C LEU D 10 -16.51 4.75 -0.97
N ASN D 11 -15.63 4.93 -1.96
CA ASN D 11 -15.92 5.81 -3.09
C ASN D 11 -16.65 5.10 -4.24
N GLN D 12 -16.80 3.79 -4.15
CA GLN D 12 -17.61 3.03 -5.06
C GLN D 12 -19.05 2.97 -4.56
N SER D 13 -20.00 3.12 -5.46
CA SER D 13 -21.40 2.97 -5.12
C SER D 13 -21.63 1.54 -4.63
N PRO D 14 -22.36 1.39 -3.51
CA PRO D 14 -22.65 0.08 -2.96
C PRO D 14 -23.36 -0.84 -3.97
N TYR D 15 -24.13 -0.23 -4.88
CA TYR D 15 -24.84 -0.98 -5.91
C TYR D 15 -23.87 -1.69 -6.87
N ASP D 16 -22.66 -1.15 -7.00
CA ASP D 16 -21.61 -1.71 -7.85
C ASP D 16 -20.82 -2.83 -7.17
N ASN D 17 -21.05 -3.03 -5.88
CA ASN D 17 -20.40 -4.11 -5.15
C ASN D 17 -21.36 -5.29 -5.08
N PRO D 18 -20.99 -6.42 -5.70
CA PRO D 18 -21.89 -7.59 -5.77
C PRO D 18 -21.99 -8.39 -4.47
N GLN D 19 -21.14 -8.07 -3.49
CA GLN D 19 -21.08 -8.80 -2.21
C GLN D 19 -21.76 -8.02 -1.09
N VAL D 20 -22.54 -7.02 -1.49
CA VAL D 20 -23.33 -6.18 -0.62
C VAL D 20 -24.81 -6.37 -0.97
N HIS D 21 -25.71 -6.15 -0.01
CA HIS D 21 -27.15 -6.17 -0.27
C HIS D 21 -27.90 -5.34 0.75
N ASN D 22 -29.12 -4.94 0.44
CA ASN D 22 -29.91 -4.09 1.35
C ASN D 22 -31.37 -4.52 1.55
N ARG D 23 -31.66 -5.80 1.31
CA ARG D 23 -32.96 -6.36 1.60
C ARG D 23 -32.72 -7.78 2.07
N TRP D 24 -33.68 -8.35 2.78
CA TRP D 24 -33.60 -9.74 3.22
C TRP D 24 -34.42 -10.59 2.27
N HIS D 25 -33.80 -11.63 1.73
CA HIS D 25 -34.46 -12.55 0.83
C HIS D 25 -33.71 -13.88 0.76
N PRO D 26 -34.45 -15.02 0.80
CA PRO D 26 -33.84 -16.35 0.82
C PRO D 26 -32.97 -16.68 -0.40
N ASP D 27 -33.16 -15.95 -1.49
CA ASP D 27 -32.53 -16.29 -2.77
C ASP D 27 -31.28 -15.48 -3.14
N ILE D 28 -30.94 -14.46 -2.36
CA ILE D 28 -29.67 -13.76 -2.54
C ILE D 28 -28.55 -14.78 -2.40
N PRO D 29 -27.71 -14.94 -3.46
CA PRO D 29 -26.64 -15.93 -3.45
C PRO D 29 -25.50 -15.52 -2.53
N MET D 30 -24.81 -16.52 -1.97
CA MET D 30 -23.71 -16.26 -1.07
C MET D 30 -22.61 -15.42 -1.71
N ALA D 31 -22.20 -14.35 -1.03
CA ALA D 31 -21.07 -13.50 -1.44
C ALA D 31 -19.73 -14.23 -1.37
N VAL D 32 -19.63 -15.23 -0.49
CA VAL D 32 -18.42 -16.03 -0.32
C VAL D 32 -18.79 -17.26 0.50
N TRP D 33 -18.00 -18.31 0.38
CA TRP D 33 -18.21 -19.51 1.17
C TRP D 33 -17.02 -19.74 2.09
N VAL D 34 -17.30 -20.17 3.33
CA VAL D 34 -16.25 -20.51 4.30
C VAL D 34 -16.52 -21.86 4.95
N GLU D 35 -15.47 -22.49 5.48
CA GLU D 35 -15.60 -23.73 6.25
C GLU D 35 -15.89 -23.39 7.72
N PRO D 36 -16.63 -24.27 8.43
CA PRO D 36 -16.80 -24.07 9.85
C PRO D 36 -15.43 -23.98 10.56
N GLY D 37 -15.28 -22.99 11.44
CA GLY D 37 -14.01 -22.76 12.14
C GLY D 37 -13.18 -21.69 11.46
N ALA D 38 -13.68 -21.18 10.34
CA ALA D 38 -12.99 -20.14 9.60
C ALA D 38 -13.01 -18.82 10.37
N GLU D 39 -11.90 -18.11 10.28
CA GLU D 39 -11.74 -16.82 10.86
C GLU D 39 -11.40 -15.87 9.72
N PHE D 40 -12.02 -14.68 9.66
CA PHE D 40 -11.85 -13.76 8.55
C PHE D 40 -12.41 -12.37 8.87
N LYS D 41 -12.14 -11.40 7.99
CA LYS D 41 -12.68 -10.03 8.17
C LYS D 41 -13.66 -9.69 7.06
N LEU D 42 -14.64 -8.84 7.39
CA LEU D 42 -15.54 -8.27 6.41
C LEU D 42 -15.51 -6.75 6.60
N GLU D 43 -15.37 -6.01 5.52
CA GLU D 43 -15.43 -4.55 5.53
C GLU D 43 -16.87 -4.15 5.25
N THR D 44 -17.25 -2.94 5.67
CA THR D 44 -18.64 -2.52 5.61
C THR D 44 -18.77 -1.05 5.19
N TYR D 45 -19.83 -0.73 4.46
CA TYR D 45 -20.22 0.67 4.27
C TYR D 45 -20.92 1.11 5.55
N ASP D 46 -20.94 2.41 5.83
CA ASP D 46 -21.87 2.92 6.80
C ASP D 46 -23.27 2.61 6.25
N TRP D 47 -24.29 2.64 7.10
CA TRP D 47 -25.59 2.11 6.72
C TRP D 47 -26.24 2.78 5.50
N THR D 48 -26.02 4.09 5.35
CA THR D 48 -26.50 4.89 4.25
C THR D 48 -25.62 4.78 2.98
N GLY D 49 -24.40 4.31 3.15
CA GLY D 49 -23.52 4.05 2.00
C GLY D 49 -22.86 5.28 1.46
N GLY D 50 -22.78 6.33 2.27
CA GLY D 50 -22.05 7.54 1.91
C GLY D 50 -22.87 8.82 1.91
N ALA D 51 -24.18 8.70 2.16
CA ALA D 51 -25.11 9.85 2.13
C ALA D 51 -24.80 11.00 3.08
N ILE D 52 -24.22 10.66 4.24
CA ILE D 52 -23.97 11.65 5.29
C ILE D 52 -22.49 12.05 5.33
N LYS D 53 -22.25 13.36 5.44
CA LYS D 53 -20.92 13.92 5.29
C LYS D 53 -20.39 14.48 6.60
N ASN D 54 -19.07 14.63 6.69
CA ASN D 54 -18.44 15.27 7.85
C ASN D 54 -18.37 16.78 7.66
N ASP D 55 -19.44 17.49 8.05
CA ASP D 55 -19.52 18.95 7.93
C ASP D 55 -20.48 19.49 8.99
N ASP D 56 -20.78 20.79 8.92
CA ASP D 56 -21.62 21.41 9.93
C ASP D 56 -23.00 21.80 9.42
N SER D 57 -23.57 20.99 8.55
CA SER D 57 -24.96 21.17 8.13
C SER D 57 -25.75 19.86 8.20
N ALA D 58 -27.03 19.97 8.53
CA ALA D 58 -27.88 18.82 8.77
C ALA D 58 -28.75 18.43 7.56
N GLU D 59 -28.53 19.09 6.42
CA GLU D 59 -29.37 18.87 5.24
C GLU D 59 -29.28 17.46 4.68
N ASP D 60 -28.10 16.87 4.76
CA ASP D 60 -27.93 15.48 4.33
C ASP D 60 -28.79 14.53 5.15
N VAL D 61 -28.88 14.76 6.47
CA VAL D 61 -29.73 13.97 7.35
C VAL D 61 -31.20 14.18 6.99
N ARG D 62 -31.56 15.43 6.75
CA ARG D 62 -32.92 15.77 6.34
C ARG D 62 -33.32 15.04 5.07
N ASP D 63 -32.41 15.03 4.09
CA ASP D 63 -32.75 14.62 2.73
C ASP D 63 -32.41 13.17 2.38
N VAL D 64 -31.75 12.45 3.27
CA VAL D 64 -31.33 11.06 2.98
C VAL D 64 -32.50 10.17 2.51
N ASP D 65 -32.22 9.25 1.59
CA ASP D 65 -33.25 8.36 1.10
C ASP D 65 -33.27 7.06 1.90
N LEU D 66 -34.12 7.04 2.92
CA LEU D 66 -34.14 5.96 3.91
C LEU D 66 -34.59 4.60 3.37
N SER D 67 -35.03 4.57 2.12
CA SER D 67 -35.34 3.29 1.47
C SER D 67 -34.06 2.52 1.10
N THR D 68 -32.95 3.24 1.03
CA THR D 68 -31.65 2.62 0.67
C THR D 68 -31.00 1.78 1.78
N VAL D 69 -31.19 2.18 3.03
CA VAL D 69 -30.58 1.52 4.19
C VAL D 69 -31.13 0.09 4.36
N HIS D 70 -30.34 -0.86 4.84
CA HIS D 70 -28.95 -0.72 5.27
C HIS D 70 -28.12 -1.51 4.27
N PHE D 71 -26.99 -0.97 3.85
CA PHE D 71 -26.09 -1.74 3.00
C PHE D 71 -25.24 -2.71 3.80
N LEU D 72 -25.55 -3.99 3.68
CA LEU D 72 -24.92 -5.05 4.45
C LEU D 72 -23.88 -5.78 3.63
N SER D 73 -22.83 -6.29 4.28
CA SER D 73 -21.85 -7.11 3.64
C SER D 73 -22.22 -8.59 3.88
N GLY D 74 -22.27 -9.35 2.82
CA GLY D 74 -22.67 -10.78 2.88
C GLY D 74 -23.57 -11.08 1.68
N PRO D 75 -24.28 -12.22 1.70
CA PRO D 75 -24.34 -13.23 2.75
C PRO D 75 -23.15 -14.15 2.72
N VAL D 76 -22.65 -14.50 3.90
CA VAL D 76 -21.53 -15.39 4.00
C VAL D 76 -22.09 -16.79 4.14
N GLY D 77 -21.67 -17.68 3.25
CA GLY D 77 -22.10 -19.08 3.32
C GLY D 77 -21.16 -19.92 4.16
N VAL D 78 -21.74 -20.80 4.96
CA VAL D 78 -20.97 -21.67 5.82
C VAL D 78 -21.26 -23.11 5.45
N LYS D 79 -20.24 -23.83 4.98
CA LYS D 79 -20.41 -25.17 4.44
C LYS D 79 -20.93 -26.16 5.48
N GLY D 80 -22.10 -26.74 5.20
CA GLY D 80 -22.69 -27.76 6.06
C GLY D 80 -23.75 -27.23 7.00
N ALA D 81 -23.95 -25.91 6.97
CA ALA D 81 -24.98 -25.26 7.76
C ALA D 81 -26.36 -25.58 7.19
N GLU D 82 -27.24 -26.10 8.03
CA GLU D 82 -28.57 -26.54 7.63
C GLU D 82 -29.64 -25.85 8.48
N PRO D 83 -30.88 -25.68 7.94
CA PRO D 83 -31.96 -25.09 8.72
C PRO D 83 -32.11 -25.79 10.08
N GLY D 84 -32.29 -24.99 11.14
CA GLY D 84 -32.37 -25.51 12.49
C GLY D 84 -31.06 -25.66 13.24
N ASP D 85 -29.94 -25.36 12.57
CA ASP D 85 -28.65 -25.25 13.25
C ASP D 85 -28.57 -23.91 14.00
N LEU D 86 -27.60 -23.79 14.91
CA LEU D 86 -27.19 -22.47 15.39
C LEU D 86 -25.85 -22.15 14.77
N LEU D 87 -25.73 -20.93 14.26
CA LEU D 87 -24.45 -20.42 13.79
C LEU D 87 -23.78 -19.64 14.91
N VAL D 88 -22.65 -20.17 15.38
CA VAL D 88 -21.90 -19.52 16.45
C VAL D 88 -20.92 -18.54 15.84
N VAL D 89 -21.12 -17.24 16.13
CA VAL D 89 -20.23 -16.17 15.66
C VAL D 89 -19.44 -15.52 16.84
N ASP D 90 -18.13 -15.67 16.82
CA ASP D 90 -17.28 -14.90 17.73
C ASP D 90 -16.92 -13.58 17.06
N LEU D 91 -17.31 -12.48 17.67
CA LEU D 91 -16.83 -11.16 17.20
C LEU D 91 -15.46 -10.92 17.82
N LEU D 92 -14.40 -11.11 17.05
CA LEU D 92 -13.04 -11.12 17.61
C LEU D 92 -12.49 -9.68 17.74
N ASP D 93 -12.88 -8.81 16.83
CA ASP D 93 -12.61 -7.36 16.94
C ASP D 93 -13.45 -6.63 15.93
N ILE D 94 -13.61 -5.31 16.13
CA ILE D 94 -14.36 -4.49 15.23
C ILE D 94 -13.76 -3.11 15.29
N GLY D 95 -13.65 -2.43 14.16
CA GLY D 95 -13.10 -1.09 14.16
C GLY D 95 -13.49 -0.22 12.99
N ALA D 96 -13.04 1.03 13.03
CA ALA D 96 -13.17 1.98 11.95
C ALA D 96 -12.07 1.75 10.91
N ARG D 97 -12.34 2.18 9.67
CA ARG D 97 -11.35 2.11 8.59
C ARG D 97 -10.34 3.20 8.82
N ASP D 98 -9.08 2.94 8.43
CA ASP D 98 -8.00 3.88 8.65
C ASP D 98 -8.21 5.20 7.92
N ASP D 99 -8.92 5.17 6.79
CA ASP D 99 -9.19 6.37 5.99
C ASP D 99 -10.49 7.08 6.35
N SER D 100 -11.15 6.65 7.44
CA SER D 100 -12.47 7.17 7.78
C SER D 100 -12.71 7.16 9.31
N LEU D 101 -11.94 7.97 10.02
CA LEU D 101 -11.88 7.96 11.49
C LEU D 101 -12.87 8.95 12.14
N TRP D 102 -14.12 8.91 11.67
CA TRP D 102 -15.17 9.76 12.19
C TRP D 102 -16.49 9.02 11.95
N GLY D 103 -17.52 9.47 12.64
CA GLY D 103 -18.82 8.88 12.47
C GLY D 103 -19.82 9.94 12.76
N PHE D 104 -21.11 9.60 12.58
CA PHE D 104 -22.17 10.60 12.72
C PHE D 104 -23.36 10.06 13.51
N ASN D 105 -23.94 10.97 14.28
CA ASN D 105 -25.23 10.80 14.92
C ASN D 105 -26.16 11.87 14.35
N GLY D 106 -27.44 11.57 14.28
CA GLY D 106 -28.41 12.61 13.91
C GLY D 106 -29.82 12.40 14.43
N PHE D 107 -30.62 13.46 14.36
CA PHE D 107 -32.08 13.29 14.45
C PHE D 107 -32.64 13.48 13.05
N PHE D 108 -33.37 12.48 12.56
CA PHE D 108 -34.18 12.66 11.35
C PHE D 108 -35.28 13.73 11.57
N SER D 109 -35.66 14.43 10.50
CA SER D 109 -36.88 15.24 10.54
C SER D 109 -38.07 14.31 10.77
N LYS D 110 -39.09 14.78 11.48
CA LYS D 110 -40.31 13.99 11.63
C LYS D 110 -40.92 13.62 10.25
N GLN D 111 -40.71 14.51 9.28
CA GLN D 111 -41.19 14.29 7.90
C GLN D 111 -40.44 13.18 7.15
N ASN D 112 -39.24 12.83 7.63
CA ASN D 112 -38.40 11.83 6.96
C ASN D 112 -37.71 10.92 7.99
N GLY D 113 -38.50 10.11 8.68
CA GLY D 113 -37.99 9.07 9.56
C GLY D 113 -38.46 9.16 11.01
N GLY D 114 -38.42 10.36 11.57
CA GLY D 114 -38.79 10.56 12.97
C GLY D 114 -37.79 9.98 13.97
N GLY D 115 -38.30 9.61 15.15
CA GLY D 115 -37.44 9.17 16.26
C GLY D 115 -38.18 9.20 17.59
N PHE D 116 -37.51 8.74 18.64
CA PHE D 116 -38.13 8.56 19.95
C PHE D 116 -38.66 9.85 20.58
N LEU D 117 -37.95 10.95 20.34
CA LEU D 117 -38.36 12.25 20.87
C LEU D 117 -38.71 13.23 19.75
N ASP D 118 -39.22 12.71 18.63
CA ASP D 118 -39.57 13.55 17.47
C ASP D 118 -40.64 14.63 17.70
N GLU D 119 -41.47 14.47 18.73
CA GLU D 119 -42.40 15.52 19.10
C GLU D 119 -41.70 16.70 19.79
N HIS D 120 -40.48 16.48 20.29
CA HIS D 120 -39.70 17.51 20.98
C HIS D 120 -38.59 18.08 20.10
N PHE D 121 -38.13 17.27 19.15
CA PHE D 121 -37.05 17.68 18.23
C PHE D 121 -37.44 17.27 16.80
N PRO D 122 -38.38 18.01 16.20
CA PRO D 122 -38.93 17.56 14.90
C PRO D 122 -38.07 17.88 13.68
N LEU D 123 -37.09 18.78 13.84
CA LEU D 123 -36.19 19.20 12.77
C LEU D 123 -34.90 18.34 12.76
N ALA D 124 -34.42 18.00 11.57
CA ALA D 124 -33.19 17.21 11.40
C ALA D 124 -31.94 17.87 11.96
N GLN D 125 -31.10 17.09 12.64
CA GLN D 125 -29.84 17.60 13.21
C GLN D 125 -28.71 16.59 13.05
N LYS D 126 -27.49 16.99 13.43
CA LYS D 126 -26.34 16.14 13.26
C LYS D 126 -25.25 16.47 14.26
N SER D 127 -24.63 15.43 14.80
CA SER D 127 -23.36 15.56 15.53
C SER D 127 -22.33 14.65 14.90
N ILE D 128 -21.10 15.16 14.79
CA ILE D 128 -20.01 14.42 14.16
C ILE D 128 -19.03 13.99 15.24
N TRP D 129 -18.58 12.74 15.15
CA TRP D 129 -17.71 12.15 16.17
C TRP D 129 -16.38 11.73 15.55
N ASP D 130 -15.27 12.13 16.17
CA ASP D 130 -13.95 11.74 15.76
C ASP D 130 -13.44 10.59 16.62
N PHE D 131 -12.76 9.65 15.99
CA PHE D 131 -12.23 8.50 16.70
C PHE D 131 -10.74 8.68 17.02
N HIS D 132 -10.40 8.59 18.30
CA HIS D 132 -9.03 8.69 18.80
C HIS D 132 -8.64 7.38 19.48
N GLY D 133 -8.18 6.42 18.68
CA GLY D 133 -7.95 5.05 19.16
C GLY D 133 -9.23 4.41 19.66
N MET D 134 -9.30 4.14 20.96
CA MET D 134 -10.49 3.52 21.55
C MET D 134 -11.59 4.53 21.90
N PHE D 135 -11.23 5.83 21.85
CA PHE D 135 -12.05 6.92 22.38
C PHE D 135 -12.70 7.78 21.31
N THR D 136 -13.75 8.50 21.71
CA THR D 136 -14.43 9.36 20.79
C THR D 136 -14.84 10.68 21.46
N LYS D 137 -15.10 11.69 20.65
CA LYS D 137 -15.61 12.99 21.12
C LYS D 137 -16.17 13.75 19.93
N SER D 138 -16.95 14.79 20.20
CA SER D 138 -17.59 15.52 19.15
C SER D 138 -17.37 17.01 19.32
N ARG D 139 -17.06 17.69 18.21
CA ARG D 139 -16.87 19.13 18.20
C ARG D 139 -18.20 19.82 18.52
N HIS D 140 -19.29 19.08 18.43
CA HIS D 140 -20.63 19.60 18.70
C HIS D 140 -21.10 19.47 20.15
N ILE D 141 -20.41 18.67 20.96
CA ILE D 141 -20.79 18.44 22.35
C ILE D 141 -19.55 18.57 23.25
N PRO D 142 -19.31 19.78 23.79
CA PRO D 142 -18.12 20.00 24.63
C PRO D 142 -18.18 19.28 25.97
N GLY D 143 -17.02 18.93 26.50
CA GLY D 143 -16.91 18.37 27.84
C GLY D 143 -17.12 16.86 27.92
N VAL D 144 -17.32 16.20 26.79
CA VAL D 144 -17.62 14.78 26.82
C VAL D 144 -16.58 13.98 26.06
N ASN D 145 -16.12 12.92 26.70
CA ASN D 145 -15.14 11.98 26.14
C ASN D 145 -15.45 10.59 26.64
N PHE D 146 -15.45 9.61 25.77
CA PHE D 146 -15.65 8.23 26.23
C PHE D 146 -15.05 7.16 25.34
N ALA D 147 -14.77 6.01 25.96
CA ALA D 147 -14.36 4.81 25.25
C ALA D 147 -15.58 4.24 24.54
N GLY D 148 -15.42 3.87 23.29
CA GLY D 148 -16.55 3.36 22.53
C GLY D 148 -16.88 1.91 22.81
N LEU D 149 -18.18 1.62 22.80
CA LEU D 149 -18.67 0.23 22.91
C LEU D 149 -19.02 -0.18 21.48
N ILE D 150 -18.00 -0.67 20.80
CA ILE D 150 -18.06 -0.86 19.37
C ILE D 150 -18.81 -2.15 19.02
N HIS D 151 -19.83 -2.02 18.20
CA HIS D 151 -20.76 -3.12 17.92
C HIS D 151 -21.40 -3.03 16.53
N PRO D 152 -21.77 -4.17 15.95
CA PRO D 152 -22.60 -4.11 14.76
C PRO D 152 -24.05 -3.91 15.14
N GLY D 153 -24.68 -2.87 14.59
CA GLY D 153 -26.10 -2.64 14.85
C GLY D 153 -26.99 -3.70 14.22
N LEU D 154 -26.49 -4.30 13.14
CA LEU D 154 -27.24 -5.22 12.34
C LEU D 154 -26.41 -6.41 11.93
N ILE D 155 -26.89 -7.59 12.30
CA ILE D 155 -26.23 -8.83 11.94
C ILE D 155 -27.27 -9.95 12.07
N GLY D 156 -27.21 -10.92 11.15
CA GLY D 156 -28.12 -12.05 11.14
C GLY D 156 -28.11 -12.84 9.84
N CYS D 157 -28.90 -13.92 9.81
CA CYS D 157 -28.91 -14.85 8.69
C CYS D 157 -30.15 -14.69 7.81
N LEU D 158 -30.06 -15.24 6.60
CA LEU D 158 -31.15 -15.16 5.62
C LEU D 158 -32.39 -15.90 6.08
N PRO D 159 -33.58 -15.28 5.90
CA PRO D 159 -34.84 -15.96 6.20
C PRO D 159 -35.16 -17.02 5.15
N ASP D 160 -35.94 -18.03 5.53
CA ASP D 160 -36.54 -18.95 4.56
C ASP D 160 -37.80 -18.32 3.94
N PRO D 161 -38.32 -18.92 2.84
CA PRO D 161 -39.55 -18.42 2.19
C PRO D 161 -40.72 -18.16 3.15
N LYS D 162 -40.99 -19.12 4.03
CA LYS D 162 -42.10 -19.00 5.00
C LYS D 162 -41.95 -17.76 5.85
N MET D 163 -40.77 -17.63 6.49
CA MET D 163 -40.42 -16.50 7.35
C MET D 163 -40.63 -15.17 6.66
N LEU D 164 -40.12 -15.06 5.42
CA LEU D 164 -40.24 -13.81 4.68
C LEU D 164 -41.71 -13.44 4.42
N ALA D 165 -42.51 -14.46 4.08
CA ALA D 165 -43.95 -14.26 3.83
C ALA D 165 -44.67 -13.74 5.09
N SER D 166 -44.37 -14.32 6.25
CA SER D 166 -44.93 -13.85 7.53
C SER D 166 -44.55 -12.39 7.79
N TRP D 167 -43.27 -12.07 7.58
CA TRP D 167 -42.79 -10.71 7.82
C TRP D 167 -43.59 -9.69 7.00
N ASN D 168 -43.64 -9.89 5.69
CA ASN D 168 -44.37 -8.98 4.81
C ASN D 168 -45.86 -8.89 5.18
N GLU D 169 -46.50 -10.04 5.44
CA GLU D 169 -47.91 -10.06 5.79
C GLU D 169 -48.27 -9.25 7.05
N ARG D 170 -47.59 -9.52 8.15
CA ARG D 170 -47.86 -8.83 9.41
C ARG D 170 -47.47 -7.33 9.35
N GLU D 171 -46.41 -7.01 8.61
CA GLU D 171 -45.91 -5.64 8.53
C GLU D 171 -46.71 -4.75 7.58
N THR D 172 -47.08 -5.30 6.42
CA THR D 172 -47.99 -4.57 5.52
C THR D 172 -49.38 -4.45 6.17
N GLY D 173 -49.80 -5.49 6.88
CA GLY D 173 -51.05 -5.48 7.66
C GLY D 173 -51.11 -4.31 8.64
N LEU D 174 -49.98 -4.04 9.29
CA LEU D 174 -49.89 -2.93 10.25
C LEU D 174 -49.88 -1.54 9.59
N ILE D 175 -49.20 -1.42 8.44
CA ILE D 175 -49.26 -0.17 7.66
C ILE D 175 -50.71 0.13 7.25
N ALA D 176 -51.46 -0.93 6.89
CA ALA D 176 -52.87 -0.82 6.49
C ALA D 176 -53.76 -0.14 7.54
N THR D 177 -53.43 -0.31 8.82
CA THR D 177 -54.23 0.26 9.92
C THR D 177 -54.08 1.79 10.07
N ASP D 178 -53.05 2.37 9.45
CA ASP D 178 -52.83 3.83 9.44
C ASP D 178 -51.84 4.21 8.32
N PRO D 179 -52.28 4.12 7.03
CA PRO D 179 -51.35 4.19 5.91
C PRO D 179 -50.78 5.56 5.60
N ASP D 180 -51.44 6.62 6.07
CA ASP D 180 -50.98 7.99 5.80
C ASP D 180 -50.20 8.63 6.95
N ARG D 181 -49.91 7.84 7.98
CA ARG D 181 -49.19 8.32 9.16
C ARG D 181 -47.78 8.81 8.82
N ILE D 182 -47.44 9.99 9.32
CA ILE D 182 -46.09 10.54 9.20
C ILE D 182 -45.47 10.69 10.61
N PRO D 183 -44.44 9.88 10.94
CA PRO D 183 -43.81 8.83 10.12
C PRO D 183 -44.62 7.54 10.08
N GLY D 184 -44.33 6.67 9.11
CA GLY D 184 -45.01 5.39 8.97
C GLY D 184 -44.78 4.42 10.12
N LEU D 185 -45.64 3.41 10.23
CA LEU D 185 -45.57 2.41 11.28
C LEU D 185 -44.59 1.31 10.94
N ALA D 186 -44.40 1.10 9.64
CA ALA D 186 -43.47 0.09 9.10
C ALA D 186 -43.00 0.49 7.71
N ASN D 187 -42.06 -0.25 7.14
CA ASN D 187 -41.59 0.03 5.80
C ASN D 187 -41.81 -1.21 4.92
N PRO D 188 -42.60 -1.06 3.83
CA PRO D 188 -42.91 -2.21 2.99
C PRO D 188 -41.75 -2.58 2.06
N PRO D 189 -41.80 -3.78 1.45
CA PRO D 189 -40.84 -4.08 0.39
C PRO D 189 -40.84 -2.98 -0.70
N ASN D 190 -39.66 -2.71 -1.26
CA ASN D 190 -39.50 -1.62 -2.22
C ASN D 190 -38.36 -1.91 -3.20
N ALA D 191 -38.74 -2.19 -4.45
CA ALA D 191 -37.80 -2.63 -5.49
C ALA D 191 -36.95 -1.52 -6.10
N THR D 192 -37.46 -0.29 -6.06
CA THR D 192 -36.78 0.89 -6.64
C THR D 192 -35.33 1.03 -6.18
N THR D 193 -35.10 0.96 -4.87
CA THR D 193 -33.77 1.20 -4.30
C THR D 193 -33.15 -0.10 -3.77
N ALA D 194 -33.69 -1.24 -4.20
CA ALA D 194 -33.19 -2.53 -3.73
C ALA D 194 -31.90 -2.96 -4.41
N HIS D 195 -30.91 -3.33 -3.59
CA HIS D 195 -29.68 -3.95 -4.06
C HIS D 195 -29.76 -5.42 -3.65
N MET D 196 -29.82 -6.32 -4.63
CA MET D 196 -30.04 -7.74 -4.31
C MET D 196 -28.82 -8.63 -4.46
N GLY D 197 -27.64 -8.05 -4.30
CA GLY D 197 -26.39 -8.82 -4.36
C GLY D 197 -26.05 -9.24 -5.77
N GLN D 198 -25.81 -10.53 -5.95
CA GLN D 198 -25.51 -11.12 -7.27
C GLN D 198 -26.74 -11.58 -8.08
N MET D 199 -27.94 -11.19 -7.64
CA MET D 199 -29.17 -11.65 -8.29
C MET D 199 -29.30 -11.00 -9.65
N GLN D 200 -29.67 -11.79 -10.65
CA GLN D 200 -29.75 -11.25 -12.01
C GLN D 200 -31.12 -11.39 -12.66
N GLY D 201 -31.48 -10.37 -13.43
CA GLY D 201 -32.61 -10.41 -14.35
C GLY D 201 -33.96 -10.48 -13.69
N GLU D 202 -34.84 -11.30 -14.28
CA GLU D 202 -36.21 -11.47 -13.79
C GLU D 202 -36.23 -12.01 -12.35
N ALA D 203 -35.42 -13.03 -12.07
CA ALA D 203 -35.27 -13.58 -10.72
C ALA D 203 -34.95 -12.47 -9.70
N ARG D 204 -33.95 -11.64 -10.00
CA ARG D 204 -33.69 -10.40 -9.23
C ARG D 204 -34.94 -9.51 -9.09
N ASP D 205 -35.65 -9.30 -10.19
CA ASP D 205 -36.84 -8.43 -10.20
C ASP D 205 -37.99 -8.95 -9.30
N LYS D 206 -38.19 -10.27 -9.35
CA LYS D 206 -39.17 -10.98 -8.53
C LYS D 206 -38.87 -10.80 -7.03
N ALA D 207 -37.59 -10.89 -6.70
CA ALA D 207 -37.09 -10.83 -5.33
C ALA D 207 -37.09 -9.42 -4.74
N ALA D 208 -36.71 -8.42 -5.54
CA ALA D 208 -36.66 -7.03 -5.08
C ALA D 208 -38.03 -6.48 -4.71
N ALA D 209 -39.07 -7.02 -5.32
CA ALA D 209 -40.44 -6.58 -5.06
C ALA D 209 -41.01 -7.21 -3.79
N GLU D 210 -40.46 -8.36 -3.40
CA GLU D 210 -40.86 -9.03 -2.16
C GLU D 210 -39.78 -9.07 -1.04
N GLY D 211 -38.65 -8.40 -1.29
CA GLY D 211 -37.53 -8.38 -0.33
C GLY D 211 -37.79 -7.47 0.84
N ALA D 212 -37.67 -8.01 2.05
CA ALA D 212 -37.98 -7.25 3.28
C ALA D 212 -36.98 -6.13 3.56
N ARG D 213 -37.48 -4.97 3.98
CA ARG D 213 -36.60 -3.93 4.51
C ARG D 213 -35.80 -4.46 5.70
N THR D 214 -34.56 -4.00 5.85
CA THR D 214 -33.64 -4.41 6.92
C THR D 214 -33.85 -3.57 8.22
N VAL D 215 -34.79 -2.63 8.15
CA VAL D 215 -35.05 -1.68 9.23
C VAL D 215 -35.36 -2.30 10.62
N PRO D 216 -36.29 -3.27 10.70
CA PRO D 216 -36.60 -3.77 12.05
C PRO D 216 -35.88 -5.06 12.44
N PRO D 217 -35.59 -5.25 13.75
CA PRO D 217 -35.16 -6.55 14.26
C PRO D 217 -36.29 -7.54 14.13
N ARG D 218 -35.96 -8.81 13.95
CA ARG D 218 -36.97 -9.86 13.79
C ARG D 218 -36.41 -11.13 14.37
N GLU D 219 -37.14 -12.24 14.24
CA GLU D 219 -36.74 -13.50 14.87
C GLU D 219 -35.29 -13.94 14.59
N HIS D 220 -34.77 -13.66 13.40
CA HIS D 220 -33.41 -14.07 13.00
C HIS D 220 -32.30 -13.25 13.65
N GLY D 221 -32.66 -12.09 14.19
CA GLY D 221 -31.70 -11.10 14.63
C GLY D 221 -31.92 -9.87 13.78
N GLY D 222 -30.93 -9.54 12.95
CA GLY D 222 -31.10 -8.44 12.05
C GLY D 222 -30.78 -7.15 12.77
N ASN D 223 -31.59 -6.14 12.52
CA ASN D 223 -31.26 -4.83 13.07
C ASN D 223 -31.66 -4.60 14.52
N CYS D 224 -30.99 -5.28 15.45
CA CYS D 224 -31.39 -5.21 16.85
C CYS D 224 -30.89 -3.95 17.56
N ASP D 225 -29.77 -3.40 17.10
CA ASP D 225 -29.15 -2.28 17.76
C ASP D 225 -28.97 -2.48 19.27
N ILE D 226 -28.54 -3.67 19.62
CA ILE D 226 -28.13 -4.04 20.97
C ILE D 226 -26.67 -3.65 21.14
N LYS D 227 -26.43 -2.55 21.86
CA LYS D 227 -25.08 -2.05 22.08
C LYS D 227 -24.19 -3.09 22.73
N ASP D 228 -24.76 -4.05 23.45
CA ASP D 228 -23.95 -5.02 24.21
C ASP D 228 -23.54 -6.24 23.40
N LEU D 229 -24.03 -6.28 22.17
CA LEU D 229 -23.60 -7.26 21.18
C LEU D 229 -22.33 -6.72 20.54
N SER D 230 -21.24 -6.64 21.31
CA SER D 230 -20.10 -5.78 20.94
C SER D 230 -18.86 -6.56 20.66
N ARG D 231 -17.82 -5.88 20.18
CA ARG D 231 -16.57 -6.58 19.97
C ARG D 231 -16.14 -7.34 21.21
N GLY D 232 -15.94 -8.66 21.05
CA GLY D 232 -15.60 -9.56 22.13
C GLY D 232 -16.71 -10.51 22.50
N SER D 233 -17.91 -10.27 21.96
CA SER D 233 -19.07 -11.12 22.18
C SER D 233 -19.07 -12.50 21.43
N ARG D 234 -19.92 -13.39 21.90
CA ARG D 234 -20.24 -14.61 21.15
C ARG D 234 -21.76 -14.72 20.98
N VAL D 235 -22.20 -14.75 19.72
CA VAL D 235 -23.62 -14.82 19.41
CA VAL D 235 -23.62 -14.78 19.34
C VAL D 235 -24.01 -16.14 18.76
N PHE D 236 -25.23 -16.60 19.06
CA PHE D 236 -25.75 -17.85 18.53
C PHE D 236 -26.99 -17.56 17.66
N PHE D 237 -26.86 -17.70 16.35
CA PHE D 237 -27.96 -17.33 15.44
C PHE D 237 -28.73 -18.54 14.93
N PRO D 238 -30.06 -18.43 14.87
CA PRO D 238 -30.87 -19.44 14.20
C PRO D 238 -30.60 -19.45 12.71
N VAL D 239 -30.50 -20.66 12.13
CA VAL D 239 -30.24 -20.87 10.70
C VAL D 239 -31.55 -21.31 10.03
N TYR D 240 -31.88 -20.67 8.92
CA TYR D 240 -33.13 -20.96 8.20
C TYR D 240 -32.96 -21.60 6.81
N VAL D 241 -31.86 -21.29 6.13
CA VAL D 241 -31.54 -21.84 4.81
C VAL D 241 -30.17 -22.52 4.82
N ASP D 242 -29.89 -23.34 3.81
CA ASP D 242 -28.59 -24.00 3.67
C ASP D 242 -27.45 -23.00 3.49
N GLY D 243 -26.35 -23.22 4.21
CA GLY D 243 -25.23 -22.31 4.21
C GLY D 243 -25.40 -21.09 5.11
N ALA D 244 -26.61 -20.91 5.67
CA ALA D 244 -26.93 -19.83 6.62
C ALA D 244 -27.09 -18.44 5.99
N GLY D 245 -26.04 -17.95 5.34
CA GLY D 245 -26.07 -16.63 4.72
C GLY D 245 -26.06 -15.50 5.76
N LEU D 246 -24.94 -15.38 6.46
CA LEU D 246 -24.76 -14.40 7.50
C LEU D 246 -24.35 -13.06 6.90
N SER D 247 -25.09 -12.00 7.22
CA SER D 247 -24.70 -10.67 6.77
C SER D 247 -24.50 -9.72 7.93
N VAL D 248 -23.69 -8.68 7.73
CA VAL D 248 -23.38 -7.77 8.82
C VAL D 248 -23.24 -6.35 8.28
N GLY D 249 -23.67 -5.36 9.04
CA GLY D 249 -23.46 -3.97 8.63
C GLY D 249 -23.84 -3.03 9.74
N ASP D 250 -24.04 -1.76 9.39
CA ASP D 250 -24.55 -0.81 10.35
C ASP D 250 -23.67 -0.68 11.59
N LEU D 251 -22.35 -0.58 11.41
CA LEU D 251 -21.43 -0.59 12.54
C LEU D 251 -21.56 0.68 13.38
N HIS D 252 -21.53 0.50 14.70
CA HIS D 252 -21.59 1.62 15.64
C HIS D 252 -20.30 1.71 16.45
N PHE D 253 -19.78 2.92 16.63
CA PHE D 253 -18.65 3.13 17.49
C PHE D 253 -19.12 3.16 18.92
N SER D 254 -20.35 3.62 19.13
CA SER D 254 -21.01 3.62 20.44
C SER D 254 -22.50 3.85 20.19
N GLN D 255 -23.29 3.66 21.24
CA GLN D 255 -24.76 3.82 21.20
C GLN D 255 -25.27 3.75 22.63
N GLY D 256 -26.35 4.44 22.91
CA GLY D 256 -27.06 4.30 24.15
C GLY D 256 -28.23 3.32 23.98
N ASP D 257 -28.66 2.72 25.09
CA ASP D 257 -29.79 1.81 25.08
C ASP D 257 -31.00 2.53 24.46
N GLY D 258 -31.67 1.85 23.54
CA GLY D 258 -32.87 2.40 22.88
C GLY D 258 -32.53 3.03 21.54
N GLU D 259 -31.27 3.40 21.37
CA GLU D 259 -30.82 4.18 20.21
C GLU D 259 -31.82 5.29 19.90
N ILE D 260 -32.20 6.06 20.93
CA ILE D 260 -33.39 6.91 20.85
C ILE D 260 -33.41 7.91 19.68
N THR D 261 -32.23 8.33 19.22
CA THR D 261 -32.07 9.31 18.14
C THR D 261 -32.38 8.73 16.74
N PHE D 262 -32.49 7.39 16.67
CA PHE D 262 -32.78 6.65 15.44
C PHE D 262 -31.65 6.68 14.40
N CYS D 263 -31.20 7.87 14.02
CA CYS D 263 -30.06 8.02 13.12
C CYS D 263 -28.75 7.80 13.91
N GLY D 264 -28.46 6.54 14.24
CA GLY D 264 -27.41 6.23 15.22
C GLY D 264 -27.89 6.50 16.65
N ALA D 265 -27.03 6.36 17.66
CA ALA D 265 -25.67 5.78 17.60
C ALA D 265 -24.64 6.71 16.97
N ILE D 266 -23.38 6.33 17.12
CA ILE D 266 -22.35 6.89 16.27
C ILE D 266 -22.20 5.94 15.09
N GLU D 267 -22.82 6.31 13.98
CA GLU D 267 -22.76 5.55 12.72
C GLU D 267 -21.42 5.65 12.03
N MET D 268 -20.96 4.52 11.51
CA MET D 268 -19.65 4.47 10.87
C MET D 268 -19.47 3.34 9.85
N ALA D 269 -18.53 3.54 8.94
CA ALA D 269 -18.04 2.45 8.09
C ALA D 269 -16.94 1.77 8.89
N GLY D 270 -16.63 0.51 8.56
CA GLY D 270 -15.59 -0.18 9.25
C GLY D 270 -15.33 -1.62 8.81
N TRP D 271 -15.01 -2.44 9.80
CA TRP D 271 -14.65 -3.84 9.56
C TRP D 271 -14.99 -4.68 10.77
N VAL D 272 -15.20 -5.97 10.53
CA VAL D 272 -15.51 -6.89 11.58
C VAL D 272 -14.63 -8.10 11.36
N HIS D 273 -13.95 -8.52 12.41
CA HIS D 273 -13.10 -9.70 12.37
C HIS D 273 -13.88 -10.73 13.17
N MET D 274 -14.16 -11.87 12.55
CA MET D 274 -15.03 -12.87 13.18
C MET D 274 -14.60 -14.32 12.92
N LYS D 275 -15.02 -15.22 13.80
CA LYS D 275 -14.84 -16.67 13.64
C LYS D 275 -16.24 -17.30 13.65
N VAL D 276 -16.48 -18.32 12.82
CA VAL D 276 -17.80 -18.99 12.76
C VAL D 276 -17.68 -20.49 13.02
N SER D 277 -18.76 -21.06 13.56
CA SER D 277 -18.87 -22.50 13.80
C SER D 277 -20.35 -22.86 13.97
N LEU D 278 -20.60 -24.13 14.27
CA LEU D 278 -21.97 -24.64 14.25
C LEU D 278 -22.32 -25.44 15.50
N ILE D 279 -23.60 -25.40 15.87
CA ILE D 279 -24.19 -26.37 16.79
C ILE D 279 -25.29 -27.10 16.03
N LYS D 280 -25.03 -28.37 15.69
CA LYS D 280 -25.96 -29.14 14.85
C LYS D 280 -27.29 -29.34 15.55
N GLY D 281 -28.36 -28.90 14.91
CA GLY D 281 -29.70 -28.91 15.50
C GLY D 281 -29.84 -28.02 16.73
N GLY D 282 -29.05 -26.95 16.79
CA GLY D 282 -29.02 -26.09 17.96
C GLY D 282 -30.37 -25.52 18.33
N MET D 283 -31.17 -25.16 17.34
CA MET D 283 -32.46 -24.51 17.62
C MET D 283 -33.44 -25.30 18.48
N ALA D 284 -33.58 -26.59 18.20
CA ALA D 284 -34.50 -27.45 18.96
C ALA D 284 -33.85 -27.83 20.26
N LYS D 285 -32.54 -28.09 20.22
CA LYS D 285 -31.81 -28.51 21.40
C LYS D 285 -31.94 -27.51 22.56
N TYR D 286 -31.92 -26.23 22.22
CA TYR D 286 -31.92 -25.13 23.19
C TYR D 286 -33.19 -24.25 23.14
N GLY D 287 -34.18 -24.68 22.38
CA GLY D 287 -35.46 -23.98 22.35
C GLY D 287 -35.28 -22.55 21.89
N ILE D 288 -34.55 -22.37 20.80
CA ILE D 288 -34.19 -21.06 20.30
C ILE D 288 -35.23 -20.51 19.34
N LYS D 289 -35.75 -19.33 19.64
CA LYS D 289 -36.55 -18.56 18.70
C LYS D 289 -35.73 -17.36 18.19
N ASN D 290 -35.51 -16.35 19.04
CA ASN D 290 -34.59 -15.26 18.71
C ASN D 290 -33.13 -15.65 19.03
N PRO D 291 -32.14 -14.91 18.47
CA PRO D 291 -30.75 -15.19 18.87
C PRO D 291 -30.49 -14.99 20.36
N ILE D 292 -29.44 -15.63 20.84
CA ILE D 292 -28.95 -15.41 22.19
C ILE D 292 -27.46 -15.14 22.07
N PHE D 293 -26.91 -14.45 23.06
CA PHE D 293 -25.47 -14.13 23.05
C PHE D 293 -24.86 -13.91 24.43
N LYS D 294 -23.54 -13.87 24.44
CA LYS D 294 -22.75 -13.63 25.60
C LYS D 294 -22.02 -12.29 25.36
N PRO D 295 -22.12 -11.36 26.32
CA PRO D 295 -21.50 -10.05 26.13
C PRO D 295 -19.93 -10.15 26.22
N SER D 296 -19.27 -9.03 25.94
CA SER D 296 -17.80 -9.04 25.75
C SER D 296 -17.05 -8.95 27.09
N PRO D 297 -15.89 -9.60 27.20
CA PRO D 297 -15.08 -9.32 28.39
C PRO D 297 -14.32 -7.96 28.33
N MET D 298 -14.36 -7.30 27.17
CA MET D 298 -13.73 -5.98 27.02
C MET D 298 -14.77 -4.95 26.71
N THR D 299 -15.24 -4.25 27.75
CA THR D 299 -16.18 -3.16 27.57
C THR D 299 -15.81 -1.96 28.48
N PRO D 300 -16.32 -0.76 28.17
CA PRO D 300 -15.99 0.40 29.01
C PRO D 300 -16.54 0.18 30.41
N ASN D 301 -15.67 0.28 31.40
CA ASN D 301 -16.00 -0.03 32.80
C ASN D 301 -16.78 1.06 33.60
N TYR D 302 -17.54 1.94 32.95
CA TYR D 302 -18.27 3.02 33.69
C TYR D 302 -19.29 2.45 34.70
N LYS D 303 -19.26 2.94 35.94
CA LYS D 303 -20.18 2.48 37.00
CA LYS D 303 -20.19 2.49 37.00
C LYS D 303 -20.80 3.62 37.81
N ASP D 304 -20.21 4.83 37.74
CA ASP D 304 -20.73 5.99 38.49
C ASP D 304 -21.90 6.56 37.73
N TYR D 305 -23.01 5.85 37.75
CA TYR D 305 -24.22 6.32 37.07
C TYR D 305 -25.02 7.33 37.87
N LEU D 306 -25.67 8.23 37.15
CA LEU D 306 -26.75 9.01 37.75
C LEU D 306 -27.99 8.50 37.04
N ILE D 307 -28.95 8.00 37.81
CA ILE D 307 -30.05 7.24 37.25
C ILE D 307 -31.39 7.95 37.34
N PHE D 308 -32.11 8.04 36.20
CA PHE D 308 -33.35 8.81 36.08
C PHE D 308 -34.53 7.87 35.90
N GLU D 309 -35.73 8.33 36.25
CA GLU D 309 -36.88 7.43 36.32
C GLU D 309 -38.01 7.95 35.45
N GLY D 310 -38.85 7.02 35.01
CA GLY D 310 -40.10 7.36 34.35
C GLY D 310 -41.17 6.33 34.60
N ILE D 311 -42.43 6.79 34.50
CA ILE D 311 -43.62 5.97 34.65
C ILE D 311 -44.57 6.15 33.45
N SER D 312 -45.55 5.25 33.32
CA SER D 312 -46.44 5.23 32.17
C SER D 312 -47.51 6.35 32.16
N VAL D 313 -47.08 7.58 32.42
CA VAL D 313 -47.89 8.80 32.29
C VAL D 313 -47.15 9.77 31.35
N ASP D 314 -47.77 10.12 30.22
CA ASP D 314 -47.09 10.90 29.17
C ASP D 314 -46.98 12.40 29.48
N GLU D 315 -46.40 13.16 28.54
CA GLU D 315 -46.13 14.58 28.76
C GLU D 315 -47.38 15.43 28.89
N LYS D 316 -48.51 14.90 28.41
CA LYS D 316 -49.81 15.58 28.54
C LYS D 316 -50.50 15.23 29.86
N GLY D 317 -49.95 14.26 30.58
CA GLY D 317 -50.48 13.85 31.88
C GLY D 317 -51.48 12.71 31.75
N LYS D 318 -51.51 12.08 30.58
CA LYS D 318 -52.49 11.05 30.27
C LYS D 318 -51.98 9.70 30.74
N GLN D 319 -52.86 8.93 31.37
CA GLN D 319 -52.51 7.70 32.02
C GLN D 319 -52.55 6.54 31.04
N HIS D 320 -51.44 5.82 30.91
CA HIS D 320 -51.38 4.63 30.07
C HIS D 320 -51.36 3.38 30.93
N TYR D 321 -51.27 2.22 30.31
CA TYR D 321 -51.34 0.98 31.07
C TYR D 321 -50.12 0.12 30.80
N LEU D 322 -49.29 -0.06 31.82
CA LEU D 322 -48.05 -0.84 31.76
C LEU D 322 -47.29 -0.57 30.46
N ASP D 323 -47.08 0.69 30.15
CA ASP D 323 -46.45 1.06 28.90
C ASP D 323 -45.01 1.48 29.18
N VAL D 324 -44.08 0.56 28.97
CA VAL D 324 -42.65 0.83 29.16
C VAL D 324 -42.14 1.88 28.20
N THR D 325 -42.71 1.93 26.99
CA THR D 325 -42.28 2.89 25.99
C THR D 325 -42.51 4.31 26.48
N VAL D 326 -43.69 4.59 27.01
CA VAL D 326 -43.98 5.94 27.55
C VAL D 326 -43.14 6.22 28.81
N ALA D 327 -42.87 5.16 29.58
CA ALA D 327 -42.07 5.33 30.81
C ALA D 327 -40.64 5.72 30.48
N TYR D 328 -40.09 5.11 29.44
CA TYR D 328 -38.70 5.40 29.04
C TYR D 328 -38.58 6.78 28.47
N ARG D 329 -39.61 7.24 27.75
CA ARG D 329 -39.60 8.60 27.22
C ARG D 329 -39.46 9.60 28.35
N GLN D 330 -40.32 9.49 29.36
CA GLN D 330 -40.23 10.35 30.56
C GLN D 330 -38.83 10.32 31.23
N ALA D 331 -38.22 9.13 31.37
CA ALA D 331 -36.87 9.01 31.95
C ALA D 331 -35.82 9.71 31.10
N CYS D 332 -35.89 9.53 29.77
CA CYS D 332 -35.02 10.28 28.87
C CYS D 332 -35.24 11.79 28.97
N LEU D 333 -36.50 12.23 29.02
CA LEU D 333 -36.84 13.68 29.13
C LEU D 333 -36.37 14.30 30.44
N ASN D 334 -36.48 13.54 31.52
CA ASN D 334 -35.92 13.92 32.80
C ASN D 334 -34.40 14.09 32.75
N ALA D 335 -33.72 13.17 32.05
CA ALA D 335 -32.27 13.23 31.88
C ALA D 335 -31.86 14.46 31.09
N ILE D 336 -32.61 14.75 30.04
CA ILE D 336 -32.36 15.91 29.22
C ILE D 336 -32.51 17.18 30.05
N GLU D 337 -33.64 17.33 30.76
CA GLU D 337 -33.87 18.51 31.65
C GLU D 337 -32.73 18.74 32.64
N TYR D 338 -32.20 17.64 33.17
CA TYR D 338 -31.10 17.72 34.13
C TYR D 338 -29.84 18.26 33.48
N LEU D 339 -29.49 17.72 32.30
CA LEU D 339 -28.30 18.13 31.56
C LEU D 339 -28.36 19.61 31.17
N LYS D 340 -29.55 20.09 30.79
CA LYS D 340 -29.74 21.49 30.38
C LYS D 340 -29.34 22.48 31.46
N LYS D 341 -29.45 22.05 32.73
CA LYS D 341 -29.12 22.89 33.86
C LYS D 341 -27.62 23.11 33.96
N PHE D 342 -26.87 22.33 33.18
CA PHE D 342 -25.43 22.45 33.21
C PHE D 342 -24.94 23.25 32.01
N GLY D 343 -25.86 23.63 31.14
CA GLY D 343 -25.50 24.45 29.99
C GLY D 343 -25.63 23.79 28.63
N TYR D 344 -25.88 22.48 28.60
CA TYR D 344 -26.13 21.78 27.35
C TYR D 344 -27.47 22.23 26.76
N SER D 345 -27.50 22.40 25.44
CA SER D 345 -28.78 22.49 24.73
C SER D 345 -29.52 21.15 24.82
N GLY D 346 -30.81 21.17 24.49
CA GLY D 346 -31.63 19.95 24.47
C GLY D 346 -31.13 18.99 23.41
N ALA D 347 -30.64 19.55 22.31
CA ALA D 347 -30.18 18.76 21.17
C ALA D 347 -28.89 18.03 21.50
N GLN D 348 -27.98 18.74 22.16
CA GLN D 348 -26.77 18.14 22.69
C GLN D 348 -27.06 16.95 23.60
N ALA D 349 -28.04 17.14 24.50
CA ALA D 349 -28.43 16.12 25.48
C ALA D 349 -29.05 14.90 24.81
N TYR D 350 -29.92 15.14 23.84
CA TYR D 350 -30.62 14.10 23.09
C TYR D 350 -29.63 13.30 22.25
N SER D 351 -28.70 13.99 21.62
CA SER D 351 -27.63 13.34 20.88
C SER D 351 -26.75 12.50 21.80
N LEU D 352 -26.41 13.10 22.94
CA LEU D 352 -25.69 12.37 23.99
C LEU D 352 -26.37 11.03 24.36
N LEU D 353 -27.68 11.06 24.62
CA LEU D 353 -28.39 9.83 25.02
C LEU D 353 -28.44 8.75 23.93
N GLY D 354 -28.35 9.18 22.68
CA GLY D 354 -28.31 8.27 21.54
C GLY D 354 -26.94 7.69 21.27
N THR D 355 -25.89 8.32 21.81
CA THR D 355 -24.51 7.99 21.45
C THR D 355 -23.69 7.39 22.56
N ALA D 356 -23.67 8.06 23.72
CA ALA D 356 -22.92 7.59 24.89
C ALA D 356 -23.53 6.27 25.40
N PRO D 357 -22.75 5.42 26.06
CA PRO D 357 -23.33 4.12 26.49
C PRO D 357 -24.23 4.19 27.74
N VAL D 358 -25.34 4.94 27.63
CA VAL D 358 -26.34 5.02 28.69
C VAL D 358 -27.15 3.73 28.78
N GLN D 359 -27.69 3.43 29.95
CA GLN D 359 -28.40 2.16 30.11
C GLN D 359 -29.87 2.53 30.24
N GLY D 360 -30.71 1.70 29.67
CA GLY D 360 -32.16 1.85 29.79
C GLY D 360 -32.68 0.54 30.36
N HIS D 361 -33.30 0.59 31.55
CA HIS D 361 -33.75 -0.63 32.20
C HIS D 361 -35.28 -0.65 32.32
N ILE D 362 -35.82 -1.84 32.11
CA ILE D 362 -37.20 -2.15 32.35
C ILE D 362 -37.28 -2.59 33.80
N SER D 363 -37.35 -1.62 34.69
CA SER D 363 -37.11 -1.83 36.12
C SER D 363 -38.30 -2.52 36.73
N GLY D 364 -39.50 -2.08 36.33
CA GLY D 364 -40.74 -2.69 36.78
C GLY D 364 -41.83 -2.70 35.71
N VAL D 365 -42.48 -3.85 35.54
CA VAL D 365 -43.47 -3.96 34.49
C VAL D 365 -44.77 -4.66 35.00
N VAL D 366 -45.08 -4.48 36.29
CA VAL D 366 -46.18 -5.20 36.93
C VAL D 366 -47.05 -4.33 37.83
N ASP D 367 -46.51 -3.20 38.31
CA ASP D 367 -47.22 -2.37 39.29
C ASP D 367 -48.35 -1.53 38.68
N VAL D 368 -49.35 -2.24 38.20
CA VAL D 368 -50.50 -1.63 37.48
C VAL D 368 -50.99 -0.34 38.16
N PRO D 369 -51.17 0.73 37.38
CA PRO D 369 -51.05 0.84 35.92
C PRO D 369 -49.65 1.23 35.38
N ASN D 370 -48.71 1.61 36.25
CA ASN D 370 -47.42 2.12 35.77
C ASN D 370 -46.29 1.12 35.69
N ALA D 371 -45.69 1.04 34.50
CA ALA D 371 -44.34 0.49 34.36
C ALA D 371 -43.34 1.50 34.92
N CYS D 372 -42.19 0.99 35.34
CA CYS D 372 -41.09 1.84 35.75
C CYS D 372 -39.85 1.59 34.88
N ALA D 373 -39.41 2.63 34.20
CA ALA D 373 -38.22 2.56 33.38
C ALA D 373 -37.15 3.50 33.89
N THR D 374 -35.90 3.04 33.83
CA THR D 374 -34.76 3.89 34.26
C THR D 374 -33.73 4.17 33.16
N LEU D 375 -33.18 5.38 33.17
CA LEU D 375 -32.13 5.79 32.25
C LEU D 375 -30.86 6.06 33.06
N TRP D 376 -29.78 5.37 32.76
CA TRP D 376 -28.54 5.46 33.58
C TRP D 376 -27.47 6.20 32.79
N LEU D 377 -27.08 7.38 33.28
CA LEU D 377 -26.14 8.23 32.63
C LEU D 377 -24.79 8.05 33.34
N PRO D 378 -23.78 7.48 32.63
CA PRO D 378 -22.48 7.33 33.29
C PRO D 378 -21.83 8.71 33.43
N THR D 379 -21.56 9.09 34.68
CA THR D 379 -20.99 10.42 34.95
C THR D 379 -19.50 10.53 34.56
N GLU D 380 -18.84 9.40 34.33
CA GLU D 380 -17.40 9.40 33.95
C GLU D 380 -17.11 10.04 32.60
N ILE D 381 -18.13 10.13 31.74
CA ILE D 381 -17.93 10.67 30.41
C ILE D 381 -17.78 12.23 30.37
N PHE D 382 -18.08 12.90 31.47
CA PHE D 382 -17.99 14.38 31.53
C PHE D 382 -16.68 14.80 32.17
N ASP D 383 -16.05 15.88 31.71
CA ASP D 383 -14.79 16.28 32.34
C ASP D 383 -15.01 17.29 33.47
N PHE D 384 -16.22 17.25 34.03
CA PHE D 384 -16.60 17.98 35.22
C PHE D 384 -17.67 17.18 35.95
N ASP D 385 -17.81 17.42 37.24
CA ASP D 385 -18.70 16.62 38.08
C ASP D 385 -20.15 17.07 37.93
N ILE D 386 -21.02 16.16 37.48
CA ILE D 386 -22.44 16.48 37.25
C ILE D 386 -23.38 15.97 38.34
N ASN D 387 -22.81 15.43 39.42
CA ASN D 387 -23.62 14.97 40.53
C ASN D 387 -24.26 16.14 41.29
N PRO D 388 -25.46 15.91 41.89
CA PRO D 388 -26.11 16.95 42.68
C PRO D 388 -25.33 17.29 43.96
N THR D 389 -25.23 18.59 44.25
CA THR D 389 -24.62 19.09 45.50
C THR D 389 -25.60 20.03 46.19
N ALA D 390 -25.27 20.43 47.41
CA ALA D 390 -26.11 21.37 48.17
C ALA D 390 -26.31 22.71 47.47
N GLU D 391 -25.34 23.12 46.66
CA GLU D 391 -25.39 24.46 46.03
C GLU D 391 -26.20 24.52 44.76
N GLY D 392 -26.54 23.36 44.21
CA GLY D 392 -27.19 23.31 42.90
C GLY D 392 -26.16 23.34 41.80
N PRO D 393 -26.60 23.33 40.53
CA PRO D 393 -25.63 23.27 39.44
C PRO D 393 -24.96 24.61 39.14
N GLN D 394 -24.00 24.55 38.21
CA GLN D 394 -23.31 25.72 37.71
C GLN D 394 -23.24 25.55 36.20
N LYS D 395 -23.47 26.64 35.47
CA LYS D 395 -23.52 26.61 34.01
C LYS D 395 -22.09 26.54 33.52
N ILE D 396 -21.57 25.31 33.41
CA ILE D 396 -20.16 25.12 33.10
C ILE D 396 -19.96 25.06 31.57
N ILE D 397 -21.00 24.69 30.82
CA ILE D 397 -20.92 24.67 29.36
C ILE D 397 -21.17 26.06 28.81
N THR D 398 -20.09 26.75 28.47
CA THR D 398 -20.14 28.18 28.15
C THR D 398 -21.01 28.49 26.93
N GLY D 399 -20.95 27.62 25.92
CA GLY D 399 -21.83 27.75 24.77
C GLY D 399 -21.18 28.51 23.62
N GLY D 400 -21.99 28.83 22.63
CA GLY D 400 -21.48 29.18 21.33
C GLY D 400 -21.85 27.98 20.47
N VAL D 401 -21.13 26.86 20.62
CA VAL D 401 -21.29 25.66 19.76
C VAL D 401 -22.54 24.83 20.08
N ASP D 402 -23.15 24.29 19.02
CA ASP D 402 -24.34 23.43 19.10
C ASP D 402 -24.40 22.52 17.87
N LEU D 403 -25.34 21.60 17.87
CA LEU D 403 -25.57 20.73 16.71
C LEU D 403 -26.19 21.55 15.58
N PRO D 404 -25.71 21.34 14.34
CA PRO D 404 -26.39 21.85 13.15
C PRO D 404 -27.88 21.47 13.13
N ILE D 405 -28.70 22.38 12.62
CA ILE D 405 -30.13 22.13 12.48
C ILE D 405 -30.59 22.57 11.09
N ALA D 406 -31.42 21.76 10.45
CA ALA D 406 -31.89 22.07 9.11
C ALA D 406 -33.40 22.23 9.13
N GLN D 407 -33.87 23.38 8.65
CA GLN D 407 -35.31 23.64 8.48
C GLN D 407 -35.93 22.64 7.52
N ASP D 408 -37.23 22.37 7.70
CA ASP D 408 -37.91 21.41 6.85
C ASP D 408 -38.01 21.89 5.38
N LYS D 409 -38.12 20.94 4.45
CA LYS D 409 -38.32 21.30 3.03
C LYS D 409 -39.77 21.72 2.77
N ALA E 2 8.15 11.06 -8.72
CA ALA E 2 7.33 12.31 -8.61
C ALA E 2 5.96 12.01 -8.01
N GLU E 3 5.31 13.03 -7.45
CA GLU E 3 4.01 12.80 -6.81
C GLU E 3 2.84 12.87 -7.78
N THR E 4 1.84 12.02 -7.52
CA THR E 4 0.62 11.96 -8.29
C THR E 4 -0.37 13.02 -7.78
N LEU E 5 -0.57 14.08 -8.56
CA LEU E 5 -1.42 15.19 -8.18
C LEU E 5 -2.90 15.00 -8.47
N ILE E 6 -3.23 14.03 -9.33
CA ILE E 6 -4.63 13.64 -9.53
C ILE E 6 -4.70 12.12 -9.50
N LYS E 7 -5.40 11.60 -8.49
CA LYS E 7 -5.57 10.17 -8.34
C LYS E 7 -6.94 9.73 -8.84
N VAL E 8 -6.99 8.50 -9.32
CA VAL E 8 -8.18 7.97 -9.94
C VAL E 8 -8.42 6.59 -9.37
N ASP E 9 -9.65 6.36 -8.94
CA ASP E 9 -10.09 5.07 -8.48
C ASP E 9 -11.03 4.58 -9.56
N LEU E 10 -10.58 3.57 -10.30
CA LEU E 10 -11.33 3.01 -11.43
C LEU E 10 -12.74 2.53 -11.06
N ASN E 11 -12.94 2.15 -9.80
CA ASN E 11 -14.23 1.68 -9.32
C ASN E 11 -15.14 2.82 -8.83
N GLN E 12 -14.59 4.02 -8.75
CA GLN E 12 -15.39 5.21 -8.45
C GLN E 12 -15.91 5.81 -9.75
N SER E 13 -17.18 6.21 -9.74
CA SER E 13 -17.76 6.92 -10.87
C SER E 13 -16.99 8.20 -11.10
N PRO E 14 -16.62 8.49 -12.37
CA PRO E 14 -15.86 9.69 -12.71
C PRO E 14 -16.57 10.96 -12.26
N TYR E 15 -17.90 10.91 -12.18
CA TYR E 15 -18.70 12.06 -11.78
C TYR E 15 -18.44 12.43 -10.32
N ASP E 16 -18.01 11.43 -9.53
CA ASP E 16 -17.69 11.61 -8.12
C ASP E 16 -16.29 12.17 -7.90
N ASN E 17 -15.47 12.20 -8.95
CA ASN E 17 -14.12 12.77 -8.85
C ASN E 17 -14.14 14.21 -9.30
N PRO E 18 -13.86 15.14 -8.39
CA PRO E 18 -13.95 16.59 -8.71
C PRO E 18 -12.81 17.14 -9.57
N GLN E 19 -11.77 16.33 -9.78
CA GLN E 19 -10.60 16.72 -10.56
C GLN E 19 -10.62 16.15 -11.96
N VAL E 20 -11.81 15.71 -12.37
CA VAL E 20 -12.07 15.15 -13.70
C VAL E 20 -13.12 16.02 -14.37
N HIS E 21 -13.14 16.06 -15.70
CA HIS E 21 -14.20 16.76 -16.45
C HIS E 21 -14.33 16.22 -17.85
N ASN E 22 -15.50 16.41 -18.47
CA ASN E 22 -15.75 15.86 -19.82
C ASN E 22 -16.32 16.84 -20.85
N ARG E 23 -16.09 18.14 -20.63
CA ARG E 23 -16.49 19.15 -21.60
C ARG E 23 -15.43 20.21 -21.52
N TRP E 24 -15.30 21.03 -22.56
CA TRP E 24 -14.37 22.16 -22.57
C TRP E 24 -15.15 23.42 -22.25
N HIS E 25 -14.65 24.17 -21.27
CA HIS E 25 -15.26 25.41 -20.82
C HIS E 25 -14.25 26.28 -20.04
N PRO E 26 -14.18 27.59 -20.35
CA PRO E 26 -13.25 28.51 -19.69
C PRO E 26 -13.39 28.61 -18.17
N ASP E 27 -14.55 28.22 -17.64
CA ASP E 27 -14.86 28.45 -16.23
C ASP E 27 -14.68 27.25 -15.29
N ILE E 28 -14.38 26.07 -15.84
CA ILE E 28 -14.01 24.93 -15.00
C ILE E 28 -12.79 25.34 -14.17
N PRO E 29 -12.91 25.27 -12.83
CA PRO E 29 -11.81 25.68 -11.95
C PRO E 29 -10.66 24.66 -11.95
N MET E 30 -9.45 25.14 -11.72
CA MET E 30 -8.28 24.28 -11.71
C MET E 30 -8.40 23.14 -10.69
N ALA E 31 -8.15 21.91 -11.14
CA ALA E 31 -8.09 20.74 -10.24
C ALA E 31 -6.91 20.76 -9.29
N VAL E 32 -5.86 21.49 -9.66
CA VAL E 32 -4.62 21.63 -8.85
C VAL E 32 -3.77 22.75 -9.46
N TRP E 33 -2.92 23.36 -8.65
CA TRP E 33 -2.01 24.39 -9.13
C TRP E 33 -0.58 23.91 -9.01
N VAL E 34 0.24 24.22 -10.03
CA VAL E 34 1.69 23.91 -10.00
C VAL E 34 2.54 25.12 -10.41
N GLU E 35 3.80 25.12 -9.97
CA GLU E 35 4.83 26.09 -10.37
C GLU E 35 5.41 25.73 -11.73
N PRO E 36 5.77 26.73 -12.56
CA PRO E 36 6.53 26.40 -13.77
C PRO E 36 7.79 25.62 -13.40
N GLY E 37 8.06 24.53 -14.12
CA GLY E 37 9.21 23.66 -13.82
C GLY E 37 8.80 22.45 -13.01
N ALA E 38 7.54 22.40 -12.62
CA ALA E 38 7.01 21.29 -11.82
C ALA E 38 6.96 20.02 -12.65
N GLU E 39 7.32 18.92 -11.98
CA GLU E 39 7.27 17.59 -12.54
C GLU E 39 6.30 16.76 -11.67
N PHE E 40 5.36 16.02 -12.29
CA PHE E 40 4.32 15.32 -11.55
C PHE E 40 3.60 14.27 -12.40
N LYS E 41 2.74 13.47 -11.77
CA LYS E 41 1.96 12.46 -12.47
C LYS E 41 0.48 12.77 -12.37
N LEU E 42 -0.27 12.42 -13.40
CA LEU E 42 -1.72 12.46 -13.40
C LEU E 42 -2.22 11.08 -13.80
N GLU E 43 -3.19 10.54 -13.06
CA GLU E 43 -3.81 9.25 -13.38
C GLU E 43 -5.07 9.55 -14.18
N THR E 44 -5.52 8.59 -14.99
CA THR E 44 -6.64 8.85 -15.90
C THR E 44 -7.60 7.66 -15.94
N TYR E 45 -8.88 7.95 -16.16
CA TYR E 45 -9.84 6.93 -16.56
C TYR E 45 -9.61 6.64 -18.03
N ASP E 46 -9.95 5.43 -18.49
CA ASP E 46 -10.16 5.24 -19.92
C ASP E 46 -11.28 6.21 -20.36
N TRP E 47 -11.35 6.52 -21.65
CA TRP E 47 -12.16 7.64 -22.13
C TRP E 47 -13.67 7.52 -21.78
N THR E 48 -14.18 6.28 -21.77
CA THR E 48 -15.56 5.95 -21.42
C THR E 48 -15.80 5.88 -19.90
N GLY E 49 -14.73 5.73 -19.14
CA GLY E 49 -14.83 5.76 -17.69
C GLY E 49 -15.29 4.46 -17.08
N GLY E 50 -15.17 3.37 -17.82
CA GLY E 50 -15.49 2.04 -17.32
C GLY E 50 -16.55 1.26 -18.09
N ALA E 51 -17.16 1.90 -19.10
CA ALA E 51 -18.23 1.30 -19.90
C ALA E 51 -17.87 0.01 -20.62
N ILE E 52 -16.60 -0.16 -20.99
CA ILE E 52 -16.20 -1.31 -21.82
C ILE E 52 -15.42 -2.32 -20.99
N LYS E 53 -15.77 -3.59 -21.15
CA LYS E 53 -15.26 -4.65 -20.28
C LYS E 53 -14.29 -5.58 -21.01
N ASN E 54 -13.43 -6.26 -20.25
CA ASN E 54 -12.60 -7.31 -20.81
C ASN E 54 -13.35 -8.64 -20.88
N ASP E 55 -14.06 -8.86 -21.99
CA ASP E 55 -14.78 -10.12 -22.24
C ASP E 55 -14.91 -10.37 -23.75
N ASP E 56 -15.71 -11.37 -24.13
CA ASP E 56 -15.84 -11.73 -25.54
C ASP E 56 -17.20 -11.39 -26.13
N SER E 57 -17.77 -10.26 -25.72
CA SER E 57 -18.98 -9.75 -26.37
C SER E 57 -18.86 -8.27 -26.69
N ALA E 58 -19.47 -7.86 -27.78
CA ALA E 58 -19.37 -6.49 -28.29
C ALA E 58 -20.55 -5.58 -27.90
N GLU E 59 -21.45 -6.08 -27.06
CA GLU E 59 -22.66 -5.32 -26.70
C GLU E 59 -22.37 -4.02 -25.93
N ASP E 60 -21.33 -4.03 -25.10
CA ASP E 60 -20.89 -2.79 -24.41
C ASP E 60 -20.45 -1.70 -25.38
N VAL E 61 -19.73 -2.08 -26.44
CA VAL E 61 -19.36 -1.16 -27.52
C VAL E 61 -20.62 -0.67 -28.24
N ARG E 62 -21.51 -1.59 -28.60
CA ARG E 62 -22.79 -1.20 -29.23
C ARG E 62 -23.56 -0.17 -28.41
N ASP E 63 -23.65 -0.40 -27.10
CA ASP E 63 -24.58 0.33 -26.23
C ASP E 63 -23.98 1.51 -25.47
N VAL E 64 -22.67 1.73 -25.57
CA VAL E 64 -22.02 2.81 -24.82
C VAL E 64 -22.67 4.19 -25.08
N ASP E 65 -22.70 5.03 -24.05
CA ASP E 65 -23.28 6.36 -24.18
C ASP E 65 -22.21 7.38 -24.53
N LEU E 66 -22.05 7.60 -25.83
CA LEU E 66 -20.95 8.40 -26.38
C LEU E 66 -21.00 9.88 -26.02
N SER E 67 -22.09 10.31 -25.38
CA SER E 67 -22.17 11.69 -24.86
C SER E 67 -21.30 11.87 -23.60
N THR E 68 -20.95 10.74 -22.98
CA THR E 68 -20.13 10.78 -21.75
C THR E 68 -18.64 11.04 -21.97
N VAL E 69 -18.10 10.57 -23.10
CA VAL E 69 -16.67 10.71 -23.43
C VAL E 69 -16.30 12.18 -23.68
N HIS E 70 -15.08 12.61 -23.36
CA HIS E 70 -14.00 11.84 -22.74
C HIS E 70 -13.80 12.32 -21.31
N PHE E 71 -13.63 11.42 -20.35
CA PHE E 71 -13.30 11.86 -19.00
C PHE E 71 -11.82 12.22 -18.83
N LEU E 72 -11.56 13.51 -18.75
CA LEU E 72 -10.20 14.04 -18.69
C LEU E 72 -9.78 14.37 -17.27
N SER E 73 -8.49 14.22 -16.96
CA SER E 73 -7.92 14.63 -15.68
C SER E 73 -7.36 16.05 -15.82
N GLY E 74 -7.80 16.95 -14.95
CA GLY E 74 -7.41 18.35 -14.95
C GLY E 74 -8.63 19.21 -14.63
N PRO E 75 -8.55 20.51 -14.93
CA PRO E 75 -7.46 21.27 -15.52
C PRO E 75 -6.34 21.56 -14.54
N VAL E 76 -5.11 21.45 -15.01
CA VAL E 76 -3.95 21.74 -14.19
C VAL E 76 -3.60 23.21 -14.38
N GLY E 77 -3.56 23.95 -13.28
CA GLY E 77 -3.21 25.38 -13.30
C GLY E 77 -1.72 25.56 -13.19
N VAL E 78 -1.17 26.47 -14.01
CA VAL E 78 0.25 26.76 -13.97
C VAL E 78 0.45 28.23 -13.61
N LYS E 79 1.09 28.49 -12.48
CA LYS E 79 1.20 29.84 -11.93
C LYS E 79 1.98 30.79 -12.83
N GLY E 80 1.32 31.84 -13.29
CA GLY E 80 1.96 32.86 -14.13
C GLY E 80 1.68 32.71 -15.61
N ALA E 81 0.96 31.63 -15.96
CA ALA E 81 0.59 31.37 -17.33
C ALA E 81 -0.50 32.36 -17.75
N GLU E 82 -0.26 33.08 -18.83
CA GLU E 82 -1.16 34.12 -19.33
C GLU E 82 -1.55 33.85 -20.78
N PRO E 83 -2.74 34.34 -21.23
CA PRO E 83 -3.16 34.14 -22.63
C PRO E 83 -2.08 34.60 -23.60
N GLY E 84 -1.83 33.80 -24.64
CA GLY E 84 -0.77 34.08 -25.59
C GLY E 84 0.59 33.52 -25.24
N ASP E 85 0.71 32.87 -24.09
CA ASP E 85 1.92 32.10 -23.76
C ASP E 85 1.90 30.75 -24.50
N LEU E 86 3.05 30.07 -24.56
CA LEU E 86 3.07 28.65 -24.90
C LEU E 86 3.37 27.86 -23.65
N LEU E 87 2.56 26.84 -23.40
CA LEU E 87 2.83 25.89 -22.32
C LEU E 87 3.65 24.73 -22.86
N VAL E 88 4.88 24.63 -22.39
CA VAL E 88 5.76 23.54 -22.80
C VAL E 88 5.55 22.32 -21.89
N VAL E 89 5.12 21.20 -22.49
CA VAL E 89 4.87 19.98 -21.74
C VAL E 89 5.82 18.87 -22.21
N ASP E 90 6.67 18.40 -21.30
CA ASP E 90 7.49 17.22 -21.56
C ASP E 90 6.71 16.01 -21.10
N LEU E 91 6.42 15.10 -22.02
CA LEU E 91 5.83 13.81 -21.61
C LEU E 91 6.97 12.90 -21.22
N LEU E 92 7.22 12.75 -19.92
CA LEU E 92 8.41 12.07 -19.47
C LEU E 92 8.24 10.52 -19.50
N ASP E 93 7.02 10.05 -19.25
CA ASP E 93 6.66 8.63 -19.42
C ASP E 93 5.16 8.53 -19.34
N ILE E 94 4.61 7.44 -19.87
CA ILE E 94 3.19 7.17 -19.83
C ILE E 94 3.04 5.66 -19.70
N GLY E 95 2.01 5.21 -18.99
CA GLY E 95 1.82 3.76 -18.85
C GLY E 95 0.43 3.34 -18.43
N ALA E 96 0.23 2.02 -18.37
CA ALA E 96 -0.99 1.42 -17.85
C ALA E 96 -0.90 1.33 -16.33
N ARG E 97 -2.05 1.28 -15.68
CA ARG E 97 -2.13 1.08 -14.23
C ARG E 97 -1.81 -0.38 -13.95
N ASP E 98 -1.20 -0.63 -12.78
CA ASP E 98 -0.77 -1.97 -12.43
C ASP E 98 -1.96 -2.93 -12.29
N ASP E 99 -3.11 -2.40 -11.92
CA ASP E 99 -4.31 -3.21 -11.71
C ASP E 99 -5.19 -3.31 -12.96
N SER E 100 -4.69 -2.85 -14.11
CA SER E 100 -5.50 -2.78 -15.31
C SER E 100 -4.65 -2.92 -16.59
N LEU E 101 -4.08 -4.11 -16.77
CA LEU E 101 -3.07 -4.36 -17.79
C LEU E 101 -3.65 -4.90 -19.10
N TRP E 102 -4.70 -4.24 -19.56
CA TRP E 102 -5.38 -4.60 -20.79
C TRP E 102 -6.02 -3.34 -21.32
N GLY E 103 -6.38 -3.36 -22.59
CA GLY E 103 -7.10 -2.26 -23.19
C GLY E 103 -7.98 -2.81 -24.28
N PHE E 104 -8.73 -1.92 -24.91
CA PHE E 104 -9.71 -2.33 -25.91
C PHE E 104 -9.69 -1.51 -27.18
N ASN E 105 -9.92 -2.21 -28.27
CA ASN E 105 -10.23 -1.61 -29.56
C ASN E 105 -11.65 -2.03 -29.95
N GLY E 106 -12.36 -1.17 -30.66
CA GLY E 106 -13.65 -1.59 -31.21
C GLY E 106 -14.09 -0.90 -32.48
N PHE E 107 -15.11 -1.45 -33.14
CA PHE E 107 -15.87 -0.68 -34.14
C PHE E 107 -17.23 -0.39 -33.53
N PHE E 108 -17.60 0.89 -33.48
CA PHE E 108 -18.95 1.27 -33.13
C PHE E 108 -19.92 0.79 -34.20
N SER E 109 -21.17 0.52 -33.80
CA SER E 109 -22.22 0.31 -34.79
C SER E 109 -22.42 1.62 -35.55
N LYS E 110 -22.78 1.55 -36.82
CA LYS E 110 -23.12 2.76 -37.59
C LYS E 110 -24.24 3.57 -36.90
N GLN E 111 -25.12 2.86 -36.20
CA GLN E 111 -26.23 3.48 -35.46
C GLN E 111 -25.79 4.25 -34.21
N ASN E 112 -24.59 3.97 -33.71
CA ASN E 112 -24.09 4.59 -32.49
C ASN E 112 -22.59 4.93 -32.63
N GLY E 113 -22.31 5.89 -33.50
CA GLY E 113 -20.95 6.45 -33.63
C GLY E 113 -20.33 6.33 -35.01
N GLY E 114 -20.41 5.13 -35.61
CA GLY E 114 -19.81 4.89 -36.92
C GLY E 114 -18.29 4.81 -36.89
N GLY E 115 -17.68 5.15 -38.02
CA GLY E 115 -16.23 5.00 -38.21
C GLY E 115 -15.81 5.11 -39.68
N PHE E 116 -14.50 5.07 -39.91
CA PHE E 116 -13.94 5.27 -41.25
C PHE E 116 -14.42 4.26 -42.29
N LEU E 117 -14.56 3.01 -41.90
CA LEU E 117 -15.04 1.96 -42.79
C LEU E 117 -16.41 1.42 -42.37
N ASP E 118 -17.26 2.29 -41.80
CA ASP E 118 -18.60 1.89 -41.30
C ASP E 118 -19.56 1.37 -42.37
N GLU E 119 -19.32 1.70 -43.64
CA GLU E 119 -20.10 1.11 -44.74
C GLU E 119 -19.74 -0.34 -45.00
N HIS E 120 -18.57 -0.76 -44.52
CA HIS E 120 -18.07 -2.14 -44.71
C HIS E 120 -18.20 -3.00 -43.44
N PHE E 121 -18.19 -2.34 -42.28
CA PHE E 121 -18.32 -3.02 -40.99
C PHE E 121 -19.31 -2.27 -40.13
N PRO E 122 -20.62 -2.38 -40.44
CA PRO E 122 -21.63 -1.55 -39.77
C PRO E 122 -22.04 -2.03 -38.36
N LEU E 123 -21.71 -3.28 -38.02
CA LEU E 123 -22.03 -3.86 -36.71
C LEU E 123 -20.88 -3.68 -35.70
N ALA E 124 -21.22 -3.39 -34.44
CA ALA E 124 -20.24 -3.16 -33.38
C ALA E 124 -19.37 -4.40 -33.09
N GLN E 125 -18.07 -4.18 -32.89
CA GLN E 125 -17.14 -5.28 -32.60
C GLN E 125 -16.11 -4.87 -31.56
N LYS E 126 -15.27 -5.81 -31.14
CA LYS E 126 -14.30 -5.53 -30.10
C LYS E 126 -13.12 -6.47 -30.17
N SER E 127 -11.92 -5.91 -29.99
CA SER E 127 -10.72 -6.70 -29.70
C SER E 127 -10.09 -6.22 -28.38
N ILE E 128 -9.59 -7.18 -27.62
CA ILE E 128 -9.06 -6.90 -26.30
C ILE E 128 -7.56 -7.13 -26.35
N TRP E 129 -6.82 -6.19 -25.79
CA TRP E 129 -5.36 -6.23 -25.83
C TRP E 129 -4.76 -6.34 -24.44
N ASP E 130 -3.87 -7.31 -24.23
CA ASP E 130 -3.13 -7.46 -22.97
C ASP E 130 -1.76 -6.80 -23.07
N PHE E 131 -1.31 -6.19 -21.98
CA PHE E 131 -0.03 -5.51 -21.94
C PHE E 131 1.03 -6.38 -21.25
N HIS E 132 2.12 -6.64 -21.98
CA HIS E 132 3.24 -7.42 -21.46
C HIS E 132 4.50 -6.55 -21.46
N GLY E 133 4.65 -5.77 -20.39
CA GLY E 133 5.68 -4.75 -20.34
C GLY E 133 5.48 -3.73 -21.43
N MET E 134 6.43 -3.67 -22.37
CA MET E 134 6.36 -2.67 -23.45
C MET E 134 5.47 -3.13 -24.59
N PHE E 135 5.11 -4.42 -24.58
CA PHE E 135 4.49 -5.11 -25.70
C PHE E 135 3.02 -5.41 -25.50
N THR E 136 2.32 -5.63 -26.59
CA THR E 136 0.90 -5.96 -26.54
C THR E 136 0.55 -7.04 -27.56
N LYS E 137 -0.59 -7.68 -27.35
CA LYS E 137 -1.13 -8.70 -28.27
C LYS E 137 -2.58 -8.93 -27.90
N SER E 138 -3.34 -9.53 -28.81
CA SER E 138 -4.78 -9.76 -28.64
CA SER E 138 -4.75 -9.78 -28.56
C SER E 138 -5.12 -11.23 -28.82
N ARG E 139 -5.93 -11.78 -27.92
CA ARG E 139 -6.47 -13.13 -28.06
C ARG E 139 -7.36 -13.23 -29.31
N HIS E 140 -7.79 -12.06 -29.82
CA HIS E 140 -8.66 -11.96 -30.99
C HIS E 140 -7.94 -11.87 -32.34
N ILE E 141 -6.63 -11.58 -32.33
CA ILE E 141 -5.87 -11.46 -33.56
C ILE E 141 -4.57 -12.27 -33.45
N PRO E 142 -4.58 -13.53 -33.92
CA PRO E 142 -3.38 -14.38 -33.80
C PRO E 142 -2.21 -13.95 -34.69
N GLY E 143 -0.99 -14.26 -34.25
CA GLY E 143 0.20 -14.01 -35.04
C GLY E 143 0.74 -12.58 -34.98
N VAL E 144 0.15 -11.74 -34.15
CA VAL E 144 0.54 -10.33 -34.07
C VAL E 144 1.07 -9.97 -32.69
N ASN E 145 2.25 -9.35 -32.65
CA ASN E 145 2.89 -8.87 -31.43
C ASN E 145 3.63 -7.58 -31.75
N PHE E 146 3.46 -6.55 -30.93
CA PHE E 146 4.20 -5.31 -31.14
C PHE E 146 4.49 -4.48 -29.88
N ALA E 147 5.55 -3.68 -29.94
CA ALA E 147 5.84 -2.68 -28.92
C ALA E 147 4.89 -1.54 -29.10
N GLY E 148 4.33 -1.05 -28.00
CA GLY E 148 3.32 -0.01 -28.08
C GLY E 148 3.93 1.36 -28.26
N LEU E 149 3.24 2.23 -28.99
CA LEU E 149 3.61 3.62 -29.14
C LEU E 149 2.66 4.36 -28.25
N ILE E 150 3.05 4.50 -26.99
CA ILE E 150 2.11 4.86 -25.95
C ILE E 150 1.94 6.39 -25.95
N HIS E 151 0.70 6.86 -26.07
CA HIS E 151 0.45 8.30 -26.24
C HIS E 151 -0.90 8.71 -25.63
N PRO E 152 -1.04 10.00 -25.24
CA PRO E 152 -2.36 10.50 -24.93
C PRO E 152 -3.11 10.86 -26.20
N GLY E 153 -4.29 10.31 -26.40
CA GLY E 153 -5.12 10.70 -27.54
C GLY E 153 -5.61 12.13 -27.44
N LEU E 154 -5.73 12.62 -26.21
CA LEU E 154 -6.35 13.90 -25.96
C LEU E 154 -5.59 14.65 -24.90
N ILE E 155 -5.14 15.84 -25.25
CA ILE E 155 -4.43 16.73 -24.34
C ILE E 155 -4.52 18.16 -24.90
N GLY E 156 -4.69 19.12 -24.00
CA GLY E 156 -4.82 20.53 -24.40
C GLY E 156 -5.32 21.44 -23.26
N CYS E 157 -5.34 22.74 -23.53
CA CYS E 157 -5.66 23.75 -22.55
C CYS E 157 -7.10 24.29 -22.74
N LEU E 158 -7.61 24.91 -21.67
CA LEU E 158 -8.96 25.48 -21.69
C LEU E 158 -9.10 26.62 -22.69
N PRO E 159 -10.22 26.64 -23.44
CA PRO E 159 -10.49 27.72 -24.37
C PRO E 159 -10.94 28.97 -23.62
N ASP E 160 -10.71 30.15 -24.20
CA ASP E 160 -11.35 31.38 -23.71
C ASP E 160 -12.83 31.49 -24.19
N PRO E 161 -13.61 32.42 -23.62
CA PRO E 161 -15.02 32.61 -24.03
C PRO E 161 -15.23 32.75 -25.55
N LYS E 162 -14.41 33.57 -26.21
CA LYS E 162 -14.51 33.78 -27.66
C LYS E 162 -14.34 32.47 -28.44
N MET E 163 -13.26 31.75 -28.15
CA MET E 163 -12.96 30.45 -28.77
C MET E 163 -14.13 29.48 -28.63
N LEU E 164 -14.68 29.36 -27.42
CA LEU E 164 -15.77 28.44 -27.18
C LEU E 164 -17.01 28.79 -28.02
N ALA E 165 -17.29 30.09 -28.10
CA ALA E 165 -18.42 30.59 -28.89
C ALA E 165 -18.29 30.24 -30.38
N SER E 166 -17.08 30.43 -30.92
CA SER E 166 -16.78 30.06 -32.30
C SER E 166 -17.02 28.58 -32.54
N TRP E 167 -16.50 27.74 -31.63
CA TRP E 167 -16.60 26.29 -31.75
C TRP E 167 -18.06 25.86 -31.85
N ASN E 168 -18.86 26.26 -30.86
CA ASN E 168 -20.29 25.94 -30.88
C ASN E 168 -21.01 26.45 -32.13
N GLU E 169 -20.75 27.71 -32.50
CA GLU E 169 -21.39 28.31 -33.68
C GLU E 169 -21.14 27.56 -35.00
N ARG E 170 -19.86 27.30 -35.31
CA ARG E 170 -19.50 26.60 -36.56
C ARG E 170 -19.94 25.13 -36.54
N GLU E 171 -19.87 24.50 -35.36
CA GLU E 171 -20.23 23.07 -35.23
C GLU E 171 -21.73 22.79 -35.22
N THR E 172 -22.50 23.62 -34.52
CA THR E 172 -23.96 23.53 -34.60
C THR E 172 -24.45 23.91 -36.00
N GLY E 173 -23.80 24.91 -36.60
CA GLY E 173 -24.06 25.30 -37.99
C GLY E 173 -23.96 24.15 -38.98
N LEU E 174 -22.93 23.32 -38.78
CA LEU E 174 -22.72 22.14 -39.62
C LEU E 174 -23.74 21.03 -39.38
N ILE E 175 -24.13 20.81 -38.13
CA ILE E 175 -25.20 19.85 -37.82
C ILE E 175 -26.51 20.27 -38.52
N ALA E 176 -26.76 21.59 -38.54
CA ALA E 176 -27.94 22.18 -39.20
C ALA E 176 -28.10 21.80 -40.68
N THR E 177 -26.97 21.60 -41.37
CA THR E 177 -26.99 21.26 -42.80
C THR E 177 -27.44 19.82 -43.11
N ASP E 178 -27.47 18.95 -42.09
CA ASP E 178 -27.96 17.57 -42.22
C ASP E 178 -28.26 16.98 -40.83
N PRO E 179 -29.32 17.46 -40.16
CA PRO E 179 -29.50 17.18 -38.73
C PRO E 179 -29.92 15.74 -38.40
N ASP E 180 -30.50 15.03 -39.36
CA ASP E 180 -30.99 13.67 -39.11
C ASP E 180 -30.01 12.58 -39.56
N ARG E 181 -28.82 12.99 -40.00
CA ARG E 181 -27.81 12.06 -40.50
C ARG E 181 -27.36 11.06 -39.42
N ILE E 182 -27.32 9.78 -39.79
CA ILE E 182 -26.81 8.72 -38.93
C ILE E 182 -25.56 8.11 -39.58
N PRO E 183 -24.37 8.31 -38.99
CA PRO E 183 -24.07 9.09 -37.78
C PRO E 183 -24.04 10.60 -38.04
N GLY E 184 -24.14 11.39 -36.97
CA GLY E 184 -24.10 12.84 -37.08
C GLY E 184 -22.79 13.41 -37.58
N LEU E 185 -22.83 14.67 -38.03
CA LEU E 185 -21.66 15.35 -38.58
C LEU E 185 -20.80 15.94 -37.47
N ALA E 186 -21.43 16.25 -36.34
CA ALA E 186 -20.78 16.82 -35.16
C ALA E 186 -21.58 16.47 -33.92
N ASN E 187 -21.07 16.83 -32.74
CA ASN E 187 -21.78 16.60 -31.49
C ASN E 187 -21.97 17.92 -30.77
N PRO E 188 -23.23 18.30 -30.48
CA PRO E 188 -23.49 19.62 -29.88
C PRO E 188 -23.24 19.59 -28.38
N PRO E 189 -23.17 20.77 -27.72
CA PRO E 189 -23.14 20.78 -26.26
C PRO E 189 -24.32 19.99 -25.66
N ASN E 190 -24.08 19.33 -24.54
CA ASN E 190 -25.08 18.44 -23.94
C ASN E 190 -24.91 18.37 -22.43
N ALA E 191 -25.85 18.96 -21.70
CA ALA E 191 -25.74 19.12 -20.24
C ALA E 191 -26.10 17.86 -19.44
N THR E 192 -26.90 16.97 -20.04
CA THR E 192 -27.37 15.74 -19.40
C THR E 192 -26.24 14.90 -18.80
N THR E 193 -25.23 14.65 -19.61
CA THR E 193 -24.10 13.78 -19.20
C THR E 193 -22.83 14.57 -18.93
N ALA E 194 -22.95 15.88 -18.78
CA ALA E 194 -21.80 16.75 -18.54
C ALA E 194 -21.24 16.67 -17.11
N HIS E 195 -19.94 16.41 -16.99
CA HIS E 195 -19.21 16.49 -15.73
C HIS E 195 -18.37 17.75 -15.82
N MET E 196 -18.67 18.74 -15.00
CA MET E 196 -17.98 20.03 -15.10
C MET E 196 -16.95 20.32 -14.02
N GLY E 197 -16.35 19.26 -13.47
CA GLY E 197 -15.29 19.41 -12.47
C GLY E 197 -15.84 19.87 -11.14
N GLN E 198 -15.27 20.95 -10.62
CA GLN E 198 -15.70 21.55 -9.34
C GLN E 198 -16.78 22.64 -9.47
N MET E 199 -17.44 22.70 -10.63
CA MET E 199 -18.46 23.72 -10.85
C MET E 199 -19.68 23.39 -10.02
N GLN E 200 -20.35 24.41 -9.51
CA GLN E 200 -21.42 24.22 -8.55
C GLN E 200 -22.74 24.92 -8.92
N GLY E 201 -23.81 24.14 -8.95
CA GLY E 201 -25.18 24.65 -8.99
C GLY E 201 -25.51 25.57 -10.15
N GLU E 202 -25.45 26.88 -9.90
CA GLU E 202 -25.90 27.87 -10.86
C GLU E 202 -24.94 28.06 -12.04
N ALA E 203 -23.68 28.31 -11.71
CA ALA E 203 -22.65 28.46 -12.73
C ALA E 203 -22.56 27.18 -13.54
N ARG E 204 -22.55 26.06 -12.83
CA ARG E 204 -22.46 24.72 -13.39
C ARG E 204 -23.53 24.38 -14.45
N ASP E 205 -24.76 24.85 -14.23
CA ASP E 205 -25.84 24.50 -15.15
C ASP E 205 -25.85 25.35 -16.41
N LYS E 206 -25.34 26.59 -16.30
CA LYS E 206 -25.19 27.44 -17.48
C LYS E 206 -24.01 26.97 -18.35
N ALA E 207 -22.93 26.55 -17.69
CA ALA E 207 -21.72 26.05 -18.35
C ALA E 207 -21.93 24.70 -19.03
N ALA E 208 -22.67 23.79 -18.39
CA ALA E 208 -22.91 22.46 -18.94
C ALA E 208 -23.74 22.50 -20.22
N ALA E 209 -24.53 23.56 -20.35
CA ALA E 209 -25.40 23.71 -21.53
C ALA E 209 -24.63 24.32 -22.71
N GLU E 210 -23.52 25.01 -22.42
CA GLU E 210 -22.68 25.58 -23.47
C GLU E 210 -21.26 24.97 -23.57
N GLY E 211 -21.01 23.92 -22.78
CA GLY E 211 -19.70 23.28 -22.74
C GLY E 211 -19.49 22.35 -23.93
N ALA E 212 -18.39 22.56 -24.65
CA ALA E 212 -18.13 21.85 -25.90
C ALA E 212 -17.80 20.38 -25.66
N ARG E 213 -18.29 19.53 -26.54
CA ARG E 213 -17.84 18.14 -26.56
C ARG E 213 -16.31 18.05 -26.80
N THR E 214 -15.67 17.04 -26.19
CA THR E 214 -14.23 16.85 -26.30
C THR E 214 -13.86 15.99 -27.54
N VAL E 215 -14.87 15.62 -28.32
CA VAL E 215 -14.72 14.67 -29.44
C VAL E 215 -13.73 15.15 -30.54
N PRO E 216 -13.84 16.40 -31.00
CA PRO E 216 -12.94 16.75 -32.09
C PRO E 216 -11.68 17.51 -31.67
N PRO E 217 -10.57 17.32 -32.42
CA PRO E 217 -9.42 18.19 -32.27
C PRO E 217 -9.80 19.60 -32.70
N ARG E 218 -9.21 20.60 -32.08
CA ARG E 218 -9.49 22.00 -32.43
C ARG E 218 -8.20 22.80 -32.25
N GLU E 219 -8.26 24.11 -32.44
CA GLU E 219 -7.06 24.95 -32.44
C GLU E 219 -6.12 24.76 -31.24
N HIS E 220 -6.70 24.44 -30.07
CA HIS E 220 -5.96 24.33 -28.82
C HIS E 220 -5.18 23.00 -28.69
N GLY E 221 -5.50 22.04 -29.56
CA GLY E 221 -5.07 20.65 -29.42
C GLY E 221 -6.30 19.82 -29.12
N GLY E 222 -6.35 19.22 -27.93
CA GLY E 222 -7.49 18.47 -27.54
C GLY E 222 -7.41 17.07 -28.13
N ASN E 223 -8.52 16.58 -28.67
CA ASN E 223 -8.50 15.17 -29.11
C ASN E 223 -7.92 14.95 -30.51
N CYS E 224 -6.59 15.03 -30.63
CA CYS E 224 -5.95 14.96 -31.94
C CYS E 224 -5.71 13.52 -32.36
N ASP E 225 -5.55 12.63 -31.40
CA ASP E 225 -5.22 11.25 -31.71
C ASP E 225 -4.01 11.12 -32.68
N ILE E 226 -2.98 11.92 -32.41
CA ILE E 226 -1.72 11.84 -33.10
C ILE E 226 -0.86 10.82 -32.33
N LYS E 227 -0.69 9.64 -32.91
CA LYS E 227 0.06 8.57 -32.27
C LYS E 227 1.51 8.96 -31.94
N ASP E 228 2.04 9.95 -32.68
CA ASP E 228 3.45 10.33 -32.53
C ASP E 228 3.67 11.35 -31.42
N LEU E 229 2.58 11.85 -30.88
CA LEU E 229 2.63 12.70 -29.68
C LEU E 229 2.75 11.74 -28.49
N SER E 230 3.89 11.04 -28.41
CA SER E 230 3.98 9.87 -27.54
C SER E 230 4.90 10.09 -26.36
N ARG E 231 5.00 9.12 -25.46
CA ARG E 231 5.89 9.25 -24.32
C ARG E 231 7.29 9.56 -24.80
N GLY E 232 7.87 10.64 -24.27
CA GLY E 232 9.22 11.07 -24.67
C GLY E 232 9.16 12.36 -25.49
N SER E 233 7.97 12.75 -25.93
CA SER E 233 7.76 13.92 -26.77
C SER E 233 7.75 15.23 -25.96
N ARG E 234 7.91 16.35 -26.67
CA ARG E 234 7.78 17.70 -26.06
C ARG E 234 6.80 18.48 -26.91
N VAL E 235 5.70 18.90 -26.28
CA VAL E 235 4.61 19.60 -26.96
C VAL E 235 4.54 21.08 -26.54
N PHE E 236 4.17 21.94 -27.48
CA PHE E 236 4.04 23.38 -27.17
C PHE E 236 2.59 23.82 -27.38
N PHE E 237 1.87 24.13 -26.30
CA PHE E 237 0.45 24.43 -26.43
C PHE E 237 0.16 25.92 -26.34
N PRO E 238 -0.78 26.43 -27.17
CA PRO E 238 -1.29 27.79 -27.00
C PRO E 238 -2.08 27.91 -25.68
N VAL E 239 -1.89 29.03 -25.00
CA VAL E 239 -2.59 29.31 -23.74
C VAL E 239 -3.66 30.38 -24.01
N TYR E 240 -4.88 30.12 -23.53
CA TYR E 240 -6.00 31.03 -23.78
C TYR E 240 -6.52 31.76 -22.52
N VAL E 241 -6.40 31.10 -21.36
CA VAL E 241 -6.84 31.67 -20.09
C VAL E 241 -5.70 31.68 -19.07
N ASP E 242 -5.86 32.45 -17.99
CA ASP E 242 -4.85 32.51 -16.92
C ASP E 242 -4.68 31.14 -16.23
N GLY E 243 -3.44 30.74 -16.00
CA GLY E 243 -3.11 29.42 -15.45
C GLY E 243 -3.17 28.27 -16.45
N ALA E 244 -3.60 28.55 -17.68
CA ALA E 244 -3.65 27.57 -18.79
C ALA E 244 -4.74 26.53 -18.70
N GLY E 245 -4.73 25.74 -17.62
CA GLY E 245 -5.76 24.72 -17.45
C GLY E 245 -5.56 23.57 -18.42
N LEU E 246 -4.46 22.86 -18.21
CA LEU E 246 -4.07 21.74 -19.03
C LEU E 246 -4.77 20.48 -18.56
N SER E 247 -5.47 19.79 -19.47
CA SER E 247 -6.11 18.51 -19.13
C SER E 247 -5.61 17.42 -20.07
N VAL E 248 -5.72 16.17 -19.61
CA VAL E 248 -5.20 15.04 -20.38
C VAL E 248 -6.08 13.82 -20.16
N GLY E 249 -6.24 12.99 -21.19
CA GLY E 249 -6.95 11.71 -21.00
C GLY E 249 -6.85 10.86 -22.25
N ASP E 250 -7.75 9.87 -22.34
CA ASP E 250 -7.87 9.11 -23.56
C ASP E 250 -6.56 8.41 -23.91
N LEU E 251 -5.90 7.79 -22.94
CA LEU E 251 -4.56 7.24 -23.20
C LEU E 251 -4.64 6.04 -24.12
N HIS E 252 -3.64 5.90 -24.99
CA HIS E 252 -3.61 4.82 -25.94
C HIS E 252 -2.34 4.07 -25.75
N PHE E 253 -2.42 2.75 -25.76
CA PHE E 253 -1.21 1.95 -25.66
C PHE E 253 -0.52 1.92 -27.05
N SER E 254 -1.34 1.98 -28.11
CA SER E 254 -0.89 2.07 -29.50
C SER E 254 -2.07 2.58 -30.31
N GLN E 255 -1.81 2.92 -31.58
CA GLN E 255 -2.83 3.36 -32.53
C GLN E 255 -2.19 3.44 -33.91
N GLY E 256 -2.98 3.26 -34.96
CA GLY E 256 -2.50 3.46 -36.32
C GLY E 256 -2.87 4.88 -36.73
N ASP E 257 -2.17 5.42 -37.73
CA ASP E 257 -2.53 6.73 -38.29
C ASP E 257 -3.98 6.70 -38.76
N GLY E 258 -4.72 7.77 -38.43
CA GLY E 258 -6.13 7.88 -38.80
C GLY E 258 -7.09 7.42 -37.71
N GLU E 259 -6.60 6.53 -36.84
CA GLU E 259 -7.44 5.86 -35.85
C GLU E 259 -8.74 5.39 -36.50
N ILE E 260 -8.61 4.70 -37.62
CA ILE E 260 -9.74 4.47 -38.53
C ILE E 260 -10.95 3.77 -37.86
N THR E 261 -10.69 2.95 -36.83
CA THR E 261 -11.73 2.20 -36.13
C THR E 261 -12.59 3.08 -35.21
N PHE E 262 -12.18 4.35 -35.03
CA PHE E 262 -12.83 5.31 -34.13
C PHE E 262 -12.78 4.97 -32.62
N CYS E 263 -13.19 3.76 -32.24
CA CYS E 263 -13.21 3.32 -30.85
C CYS E 263 -11.81 2.81 -30.50
N GLY E 264 -10.87 3.75 -30.41
CA GLY E 264 -9.46 3.40 -30.37
C GLY E 264 -8.92 3.13 -31.76
N ALA E 265 -7.63 2.83 -31.93
CA ALA E 265 -6.63 2.68 -30.85
C ALA E 265 -6.80 1.49 -29.88
N ILE E 266 -5.77 1.26 -29.09
CA ILE E 266 -5.89 0.42 -27.91
C ILE E 266 -6.15 1.36 -26.76
N GLU E 267 -7.43 1.50 -26.41
CA GLU E 267 -7.88 2.38 -25.32
C GLU E 267 -7.53 1.79 -23.98
N MET E 268 -7.15 2.65 -23.05
CA MET E 268 -6.75 2.22 -21.74
C MET E 268 -6.89 3.30 -20.68
N ALA E 269 -6.93 2.85 -19.42
CA ALA E 269 -6.71 3.74 -18.28
C ALA E 269 -5.22 3.77 -18.00
N GLY E 270 -4.75 4.81 -17.34
CA GLY E 270 -3.34 4.88 -17.02
C GLY E 270 -2.89 6.11 -16.31
N TRP E 271 -1.63 6.50 -16.58
CA TRP E 271 -1.00 7.64 -15.93
C TRP E 271 -0.03 8.32 -16.88
N VAL E 272 0.18 9.62 -16.66
CA VAL E 272 1.12 10.41 -17.45
C VAL E 272 2.04 11.09 -16.46
N HIS E 273 3.34 10.97 -16.68
CA HIS E 273 4.35 11.68 -15.88
C HIS E 273 4.81 12.81 -16.77
N MET E 274 4.72 14.04 -16.31
CA MET E 274 5.04 15.21 -17.14
C MET E 274 5.76 16.33 -16.39
N LYS E 275 6.41 17.22 -17.16
CA LYS E 275 7.06 18.40 -16.65
C LYS E 275 6.45 19.55 -17.45
N VAL E 276 6.27 20.70 -16.81
CA VAL E 276 5.69 21.88 -17.49
C VAL E 276 6.57 23.13 -17.35
N SER E 277 6.49 24.00 -18.35
CA SER E 277 7.21 25.27 -18.33
C SER E 277 6.55 26.20 -19.35
N LEU E 278 7.12 27.40 -19.48
CA LEU E 278 6.46 28.45 -20.26
C LEU E 278 7.40 29.11 -21.26
N ILE E 279 6.82 29.55 -22.38
CA ILE E 279 7.49 30.53 -23.25
C ILE E 279 6.63 31.80 -23.24
N LYS E 280 7.13 32.88 -22.62
CA LYS E 280 6.32 34.09 -22.43
C LYS E 280 6.05 34.73 -23.78
N GLY E 281 4.76 34.89 -24.11
CA GLY E 281 4.32 35.41 -25.40
C GLY E 281 4.69 34.50 -26.56
N GLY E 282 4.80 33.20 -26.29
CA GLY E 282 5.18 32.23 -27.29
C GLY E 282 4.35 32.25 -28.55
N MET E 283 3.04 32.47 -28.45
CA MET E 283 2.17 32.37 -29.61
C MET E 283 2.47 33.35 -30.73
N ALA E 284 2.71 34.61 -30.36
CA ALA E 284 3.00 35.64 -31.35
C ALA E 284 4.45 35.49 -31.82
N LYS E 285 5.33 35.14 -30.89
CA LYS E 285 6.75 35.06 -31.21
C LYS E 285 6.98 34.03 -32.33
N TYR E 286 6.22 32.93 -32.28
CA TYR E 286 6.43 31.80 -33.18
C TYR E 286 5.27 31.61 -34.16
N GLY E 287 4.35 32.56 -34.20
CA GLY E 287 3.20 32.49 -35.10
C GLY E 287 2.40 31.21 -34.92
N ILE E 288 2.06 30.90 -33.68
CA ILE E 288 1.38 29.66 -33.33
C ILE E 288 -0.13 29.80 -33.40
N LYS E 289 -0.76 28.89 -34.14
CA LYS E 289 -2.20 28.76 -34.14
C LYS E 289 -2.56 27.41 -33.49
N ASN E 290 -2.29 26.29 -34.17
CA ASN E 290 -2.39 24.96 -33.54
C ASN E 290 -1.12 24.59 -32.74
N PRO E 291 -1.20 23.58 -31.85
CA PRO E 291 0.03 23.18 -31.15
C PRO E 291 1.12 22.64 -32.07
N ILE E 292 2.36 22.66 -31.59
CA ILE E 292 3.46 22.06 -32.32
C ILE E 292 4.19 21.19 -31.34
N PHE E 293 4.84 20.15 -31.85
CA PHE E 293 5.62 19.29 -30.97
C PHE E 293 6.80 18.63 -31.62
N LYS E 294 7.63 18.01 -30.79
CA LYS E 294 8.77 17.25 -31.20
C LYS E 294 8.52 15.78 -30.80
N PRO E 295 8.70 14.83 -31.71
CA PRO E 295 8.42 13.40 -31.39
C PRO E 295 9.43 12.79 -30.43
N SER E 296 9.20 11.53 -30.01
CA SER E 296 9.98 10.98 -28.92
C SER E 296 11.29 10.35 -29.41
N PRO E 297 12.36 10.44 -28.62
CA PRO E 297 13.54 9.65 -29.01
C PRO E 297 13.38 8.13 -28.75
N MET E 298 12.28 7.73 -28.09
CA MET E 298 12.02 6.30 -27.80
C MET E 298 10.71 5.91 -28.45
N THR E 299 10.79 5.33 -29.64
CA THR E 299 9.61 4.81 -30.32
C THR E 299 9.93 3.41 -30.96
N PRO E 300 8.90 2.63 -31.29
CA PRO E 300 9.18 1.33 -31.91
C PRO E 300 9.87 1.48 -33.29
N ASN E 301 11.01 0.83 -33.46
CA ASN E 301 11.87 1.01 -34.65
C ASN E 301 11.47 0.29 -35.96
N TYR E 302 10.21 -0.08 -36.12
CA TYR E 302 9.76 -0.77 -37.33
C TYR E 302 10.05 0.01 -38.60
N LYS E 303 10.65 -0.67 -39.57
CA LYS E 303 11.09 -0.04 -40.84
C LYS E 303 10.74 -0.87 -42.07
N ASP E 304 10.45 -2.15 -41.86
CA ASP E 304 10.13 -3.07 -42.94
C ASP E 304 8.65 -3.00 -43.35
N TYR E 305 8.26 -1.89 -43.95
CA TYR E 305 6.87 -1.67 -44.33
C TYR E 305 6.48 -2.29 -45.65
N LEU E 306 5.24 -2.73 -45.72
CA LEU E 306 4.61 -3.03 -46.99
C LEU E 306 3.60 -1.90 -47.16
N ILE E 307 3.74 -1.15 -48.25
CA ILE E 307 2.99 0.12 -48.42
C ILE E 307 1.94 0.00 -49.49
N PHE E 308 0.69 0.36 -49.14
CA PHE E 308 -0.48 0.28 -50.03
C PHE E 308 -0.86 1.67 -50.49
N GLU E 309 -1.59 1.75 -51.62
CA GLU E 309 -1.89 3.06 -52.23
C GLU E 309 -3.39 3.21 -52.49
N GLY E 310 -3.81 4.47 -52.56
CA GLY E 310 -5.18 4.77 -52.93
C GLY E 310 -5.28 6.12 -53.58
N ILE E 311 -6.32 6.27 -54.41
CA ILE E 311 -6.58 7.53 -55.13
C ILE E 311 -8.01 7.98 -54.86
N SER E 312 -8.31 9.21 -55.22
CA SER E 312 -9.61 9.81 -54.96
C SER E 312 -10.75 9.29 -55.86
N VAL E 313 -10.83 7.97 -56.01
CA VAL E 313 -11.95 7.32 -56.69
C VAL E 313 -12.54 6.29 -55.73
N ASP E 314 -13.82 6.43 -55.38
CA ASP E 314 -14.41 5.62 -54.31
C ASP E 314 -14.77 4.20 -54.73
N GLU E 315 -15.34 3.45 -53.78
CA GLU E 315 -15.72 2.05 -53.95
C GLU E 315 -16.72 1.82 -55.09
N LYS E 316 -17.50 2.85 -55.41
CA LYS E 316 -18.51 2.76 -56.47
C LYS E 316 -17.95 3.17 -57.83
N GLY E 317 -16.70 3.63 -57.84
CA GLY E 317 -16.03 4.04 -59.07
C GLY E 317 -16.29 5.49 -59.43
N LYS E 318 -16.98 6.21 -58.56
CA LYS E 318 -17.22 7.64 -58.77
C LYS E 318 -15.97 8.48 -58.49
N GLN E 319 -15.74 9.50 -59.32
CA GLN E 319 -14.56 10.34 -59.29
C GLN E 319 -14.72 11.55 -58.37
N HIS E 320 -13.80 11.70 -57.42
CA HIS E 320 -13.80 12.88 -56.56
C HIS E 320 -12.68 13.81 -56.96
N TYR E 321 -12.58 14.96 -56.28
CA TYR E 321 -11.56 15.94 -56.60
C TYR E 321 -10.63 16.15 -55.41
N LEU E 322 -9.35 15.85 -55.60
CA LEU E 322 -8.31 16.02 -54.59
C LEU E 322 -8.82 15.66 -53.18
N ASP E 323 -9.42 14.48 -53.07
CA ASP E 323 -10.00 14.07 -51.80
C ASP E 323 -9.10 13.04 -51.13
N VAL E 324 -8.29 13.50 -50.17
CA VAL E 324 -7.38 12.61 -49.42
C VAL E 324 -8.14 11.56 -48.63
N THR E 325 -9.30 11.97 -48.09
CA THR E 325 -10.12 11.09 -47.28
C THR E 325 -10.53 9.84 -48.08
N VAL E 326 -11.06 10.02 -49.28
CA VAL E 326 -11.43 8.89 -50.13
C VAL E 326 -10.22 8.05 -50.55
N ALA E 327 -9.10 8.72 -50.82
CA ALA E 327 -7.86 8.04 -51.19
C ALA E 327 -7.36 7.12 -50.07
N TYR E 328 -7.38 7.62 -48.83
CA TYR E 328 -6.95 6.81 -47.67
C TYR E 328 -7.86 5.64 -47.45
N ARG E 329 -9.17 5.82 -47.64
CA ARG E 329 -10.10 4.71 -47.53
C ARG E 329 -9.69 3.57 -48.45
N GLN E 330 -9.42 3.89 -49.70
CA GLN E 330 -8.99 2.87 -50.69
C GLN E 330 -7.67 2.19 -50.28
N ALA E 331 -6.69 2.97 -49.81
CA ALA E 331 -5.45 2.38 -49.29
C ALA E 331 -5.70 1.41 -48.13
N CYS E 332 -6.58 1.80 -47.20
CA CYS E 332 -6.94 0.93 -46.10
C CYS E 332 -7.64 -0.34 -46.59
N LEU E 333 -8.62 -0.19 -47.49
CA LEU E 333 -9.32 -1.33 -48.08
C LEU E 333 -8.40 -2.27 -48.85
N ASN E 334 -7.42 -1.69 -49.54
CA ASN E 334 -6.40 -2.50 -50.21
C ASN E 334 -5.57 -3.32 -49.24
N ALA E 335 -5.23 -2.71 -48.11
CA ALA E 335 -4.46 -3.38 -47.07
C ALA E 335 -5.25 -4.54 -46.48
N ILE E 336 -6.54 -4.32 -46.27
CA ILE E 336 -7.43 -5.30 -45.70
C ILE E 336 -7.52 -6.51 -46.64
N GLU E 337 -7.80 -6.25 -47.92
CA GLU E 337 -7.85 -7.31 -48.96
C GLU E 337 -6.60 -8.20 -49.01
N TYR E 338 -5.44 -7.56 -48.84
CA TYR E 338 -4.17 -8.26 -48.79
C TYR E 338 -4.04 -9.15 -47.57
N LEU E 339 -4.41 -8.61 -46.39
CA LEU E 339 -4.34 -9.38 -45.14
C LEU E 339 -5.25 -10.61 -45.17
N LYS E 340 -6.45 -10.44 -45.72
CA LYS E 340 -7.42 -11.55 -45.85
C LYS E 340 -6.87 -12.78 -46.60
N LYS E 341 -5.95 -12.56 -47.53
CA LYS E 341 -5.34 -13.64 -48.29
C LYS E 341 -4.42 -14.47 -47.41
N PHE E 342 -4.13 -13.95 -46.22
CA PHE E 342 -3.29 -14.69 -45.29
C PHE E 342 -4.10 -15.42 -44.24
N GLY E 343 -5.41 -15.23 -44.28
CA GLY E 343 -6.33 -15.95 -43.39
C GLY E 343 -7.03 -15.07 -42.35
N TYR E 344 -6.62 -13.81 -42.26
CA TYR E 344 -7.32 -12.86 -41.38
C TYR E 344 -8.73 -12.58 -41.87
N SER E 345 -9.66 -12.49 -40.94
CA SER E 345 -10.97 -11.94 -41.28
C SER E 345 -10.81 -10.44 -41.57
N GLY E 346 -11.84 -9.83 -42.15
CA GLY E 346 -11.80 -8.41 -42.46
C GLY E 346 -11.78 -7.59 -41.18
N ALA E 347 -12.43 -8.13 -40.15
CA ALA E 347 -12.56 -7.46 -38.87
C ALA E 347 -11.23 -7.42 -38.16
N GLN E 348 -10.53 -8.55 -38.18
CA GLN E 348 -9.19 -8.64 -37.65
C GLN E 348 -8.24 -7.62 -38.33
N ALA E 349 -8.37 -7.50 -39.65
CA ALA E 349 -7.51 -6.61 -40.43
C ALA E 349 -7.82 -5.12 -40.14
N TYR E 350 -9.10 -4.80 -40.04
CA TYR E 350 -9.58 -3.46 -39.72
C TYR E 350 -9.18 -3.05 -38.30
N SER E 351 -9.27 -3.96 -37.34
CA SER E 351 -8.88 -3.69 -35.97
C SER E 351 -7.37 -3.50 -35.90
N LEU E 352 -6.64 -4.37 -36.61
CA LEU E 352 -5.21 -4.20 -36.76
C LEU E 352 -4.79 -2.79 -37.24
N LEU E 353 -5.49 -2.26 -38.24
CA LEU E 353 -5.13 -0.95 -38.83
C LEU E 353 -5.42 0.21 -37.90
N GLY E 354 -6.39 0.01 -37.00
CA GLY E 354 -6.72 0.96 -35.95
C GLY E 354 -5.76 0.92 -34.76
N THR E 355 -5.07 -0.21 -34.56
CA THR E 355 -4.29 -0.45 -33.34
C THR E 355 -2.77 -0.50 -33.51
N ALA E 356 -2.29 -1.29 -34.48
CA ALA E 356 -0.86 -1.32 -34.76
C ALA E 356 -0.36 0.04 -35.29
N PRO E 357 0.95 0.31 -35.13
CA PRO E 357 1.40 1.65 -35.56
C PRO E 357 1.63 1.78 -37.07
N VAL E 358 0.55 1.60 -37.83
CA VAL E 358 0.59 1.79 -39.28
C VAL E 358 0.77 3.28 -39.59
N GLN E 359 1.35 3.62 -40.74
CA GLN E 359 1.50 5.02 -41.13
C GLN E 359 0.53 5.31 -42.26
N GLY E 360 0.02 6.54 -42.28
CA GLY E 360 -0.87 6.96 -43.34
C GLY E 360 -0.29 8.28 -43.82
N HIS E 361 0.13 8.31 -45.09
CA HIS E 361 0.77 9.49 -45.63
C HIS E 361 -0.08 10.17 -46.68
N ILE E 362 -0.02 11.49 -46.65
CA ILE E 362 -0.60 12.32 -47.67
C ILE E 362 0.49 12.48 -48.73
N SER E 363 0.67 11.44 -49.55
CA SER E 363 1.82 11.35 -50.45
C SER E 363 1.79 12.40 -51.53
N GLY E 364 0.59 12.60 -52.12
CA GLY E 364 0.36 13.62 -53.12
C GLY E 364 -1.03 14.26 -53.04
N VAL E 365 -1.06 15.58 -53.17
CA VAL E 365 -2.33 16.27 -53.05
C VAL E 365 -2.49 17.39 -54.13
N VAL E 366 -1.92 17.15 -55.30
CA VAL E 366 -1.88 18.19 -56.35
C VAL E 366 -2.18 17.66 -57.75
N ASP E 367 -2.02 16.36 -57.96
CA ASP E 367 -2.13 15.78 -59.30
C ASP E 367 -3.57 15.61 -59.73
N VAL E 368 -4.25 16.75 -59.86
CA VAL E 368 -5.68 16.80 -60.22
C VAL E 368 -6.06 15.76 -61.27
N PRO E 369 -7.16 15.01 -61.06
CA PRO E 369 -8.09 15.12 -59.93
C PRO E 369 -7.74 14.27 -58.67
N ASN E 370 -6.71 13.42 -58.75
CA ASN E 370 -6.49 12.42 -57.69
C ASN E 370 -5.42 12.77 -56.69
N ALA E 371 -5.81 12.80 -55.41
CA ALA E 371 -4.82 12.77 -54.34
C ALA E 371 -4.27 11.34 -54.26
N CYS E 372 -3.07 11.20 -53.72
CA CYS E 372 -2.50 9.90 -53.47
C CYS E 372 -2.20 9.75 -51.99
N ALA E 373 -2.85 8.79 -51.37
CA ALA E 373 -2.63 8.48 -49.97
C ALA E 373 -2.04 7.07 -49.87
N THR E 374 -1.04 6.91 -48.98
CA THR E 374 -0.46 5.58 -48.69
C THR E 374 -0.67 5.12 -47.22
N LEU E 375 -0.78 3.80 -47.07
CA LEU E 375 -0.94 3.13 -45.80
C LEU E 375 0.26 2.15 -45.66
N TRP E 376 1.06 2.33 -44.61
CA TRP E 376 2.30 1.58 -44.40
C TRP E 376 2.14 0.52 -43.28
N LEU E 377 2.09 -0.74 -43.66
CA LEU E 377 1.95 -1.82 -42.73
C LEU E 377 3.35 -2.33 -42.30
N PRO E 378 3.74 -2.16 -41.02
CA PRO E 378 5.03 -2.66 -40.62
C PRO E 378 4.95 -4.18 -40.56
N THR E 379 5.79 -4.86 -41.33
CA THR E 379 5.74 -6.33 -41.40
C THR E 379 6.35 -7.02 -40.19
N GLU E 380 7.12 -6.28 -39.38
CA GLU E 380 7.77 -6.85 -38.19
C GLU E 380 6.77 -7.29 -37.15
N ILE E 381 5.51 -6.84 -37.26
CA ILE E 381 4.54 -7.18 -36.22
C ILE E 381 3.96 -8.63 -36.36
N PHE E 382 4.22 -9.28 -37.48
CA PHE E 382 3.67 -10.62 -37.73
C PHE E 382 4.72 -11.64 -37.42
N ASP E 383 4.34 -12.79 -36.85
CA ASP E 383 5.35 -13.82 -36.56
C ASP E 383 5.53 -14.79 -37.74
N PHE E 384 5.17 -14.32 -38.92
CA PHE E 384 5.41 -15.00 -40.18
C PHE E 384 5.57 -13.92 -41.26
N ASP E 385 6.22 -14.28 -42.36
CA ASP E 385 6.56 -13.36 -43.43
C ASP E 385 5.34 -13.08 -44.33
N ILE E 386 4.90 -11.82 -44.39
CA ILE E 386 3.74 -11.46 -45.21
C ILE E 386 4.11 -10.78 -46.54
N ASN E 387 5.39 -10.80 -46.89
CA ASN E 387 5.86 -10.18 -48.12
C ASN E 387 5.49 -11.00 -49.34
N PRO E 388 5.26 -10.31 -50.50
CA PRO E 388 4.90 -11.06 -51.72
C PRO E 388 6.05 -11.96 -52.21
N THR E 389 5.75 -13.19 -52.60
CA THR E 389 6.72 -14.11 -53.18
C THR E 389 6.17 -14.64 -54.51
N ALA E 390 7.01 -15.32 -55.28
CA ALA E 390 6.58 -15.92 -56.55
C ALA E 390 5.38 -16.89 -56.44
N GLU E 391 5.24 -17.54 -55.30
CA GLU E 391 4.27 -18.64 -55.18
C GLU E 391 2.87 -18.20 -54.70
N GLY E 392 2.71 -16.93 -54.40
CA GLY E 392 1.49 -16.46 -53.77
C GLY E 392 1.56 -16.79 -52.29
N PRO E 393 0.52 -16.40 -51.53
CA PRO E 393 0.52 -16.54 -50.07
C PRO E 393 -0.02 -17.88 -49.57
N GLN E 394 0.24 -18.20 -48.31
CA GLN E 394 -0.45 -19.31 -47.66
C GLN E 394 -1.37 -18.81 -46.59
N LYS E 395 -2.55 -19.42 -46.48
CA LYS E 395 -3.45 -19.12 -45.38
C LYS E 395 -2.87 -19.69 -44.09
N ILE E 396 -1.93 -18.95 -43.52
CA ILE E 396 -1.26 -19.31 -42.27
C ILE E 396 -2.24 -19.26 -41.10
N ILE E 397 -3.18 -18.31 -41.16
CA ILE E 397 -4.17 -18.14 -40.09
C ILE E 397 -5.42 -19.00 -40.31
N THR E 398 -5.59 -20.00 -39.46
CA THR E 398 -6.78 -20.82 -39.44
C THR E 398 -6.98 -21.39 -38.04
N GLY E 399 -8.21 -21.26 -37.56
CA GLY E 399 -8.56 -21.68 -36.22
C GLY E 399 -9.81 -20.97 -35.74
N GLY E 400 -10.40 -20.18 -36.64
CA GLY E 400 -11.71 -19.58 -36.43
C GLY E 400 -11.86 -18.65 -35.24
N VAL E 401 -10.75 -18.28 -34.57
CA VAL E 401 -10.80 -17.21 -33.55
C VAL E 401 -11.07 -15.92 -34.29
N ASP E 402 -11.96 -15.09 -33.75
CA ASP E 402 -12.31 -13.82 -34.42
C ASP E 402 -12.75 -12.80 -33.38
N LEU E 403 -12.96 -11.56 -33.83
CA LEU E 403 -13.53 -10.50 -32.99
C LEU E 403 -15.01 -10.77 -32.72
N PRO E 404 -15.45 -10.61 -31.45
CA PRO E 404 -16.84 -10.56 -31.10
C PRO E 404 -17.59 -9.57 -31.99
N ILE E 405 -18.84 -9.89 -32.31
CA ILE E 405 -19.68 -9.02 -33.10
C ILE E 405 -21.06 -8.98 -32.45
N ALA E 406 -21.68 -7.81 -32.38
CA ALA E 406 -23.00 -7.66 -31.78
C ALA E 406 -24.00 -7.14 -32.80
N GLN E 407 -25.11 -7.88 -32.95
CA GLN E 407 -26.21 -7.47 -33.82
C GLN E 407 -26.80 -6.15 -33.34
N ASP E 408 -27.36 -5.38 -34.27
CA ASP E 408 -27.93 -4.09 -33.92
C ASP E 408 -29.10 -4.22 -32.94
N LYS E 409 -29.22 -3.22 -32.08
CA LYS E 409 -30.12 -3.32 -30.93
C LYS E 409 -31.58 -3.19 -31.37
N ALA F 2 1.66 -8.77 -14.27
CA ALA F 2 2.26 -10.08 -13.90
C ALA F 2 2.77 -10.05 -12.44
N GLU F 3 2.92 -11.22 -11.83
CA GLU F 3 3.27 -11.25 -10.41
C GLU F 3 4.78 -11.22 -10.20
N THR F 4 5.17 -10.56 -9.12
CA THR F 4 6.56 -10.46 -8.73
C THR F 4 6.96 -11.71 -7.91
N LEU F 5 7.80 -12.56 -8.48
CA LEU F 5 8.18 -13.82 -7.84
C LEU F 5 9.37 -13.73 -6.87
N ILE F 6 10.15 -12.64 -6.97
CA ILE F 6 11.21 -12.37 -6.01
C ILE F 6 11.07 -10.91 -5.61
N LYS F 7 10.79 -10.67 -4.34
CA LYS F 7 10.61 -9.32 -3.82
C LYS F 7 11.85 -8.91 -3.03
N VAL F 8 12.13 -7.61 -3.04
CA VAL F 8 13.32 -7.09 -2.45
C VAL F 8 12.93 -5.91 -1.61
N ASP F 9 13.40 -5.92 -0.37
CA ASP F 9 13.26 -4.80 0.54
C ASP F 9 14.64 -4.15 0.63
N LEU F 10 14.77 -2.96 0.04
CA LEU F 10 16.05 -2.25 -0.01
C LEU F 10 16.69 -2.00 1.36
N ASN F 11 15.86 -1.94 2.41
CA ASN F 11 16.32 -1.73 3.77
C ASN F 11 16.69 -3.05 4.51
N GLN F 12 16.38 -4.18 3.88
CA GLN F 12 16.81 -5.47 4.41
C GLN F 12 18.17 -5.80 3.84
N SER F 13 19.05 -6.35 4.68
CA SER F 13 20.35 -6.80 4.21
C SER F 13 20.12 -7.93 3.20
N PRO F 14 20.84 -7.90 2.07
CA PRO F 14 20.70 -8.92 1.04
C PRO F 14 20.95 -10.31 1.59
N TYR F 15 21.81 -10.42 2.59
CA TYR F 15 22.16 -11.70 3.20
C TYR F 15 20.94 -12.34 3.88
N ASP F 16 19.97 -11.50 4.26
CA ASP F 16 18.73 -11.95 4.90
C ASP F 16 17.67 -12.39 3.90
N ASN F 17 17.90 -12.13 2.61
CA ASN F 17 17.00 -12.57 1.56
C ASN F 17 17.50 -13.89 0.98
N PRO F 18 16.73 -14.97 1.17
CA PRO F 18 17.16 -16.31 0.71
C PRO F 18 17.09 -16.53 -0.81
N GLN F 19 16.45 -15.60 -1.53
CA GLN F 19 16.26 -15.70 -2.99
C GLN F 19 17.27 -14.85 -3.77
N VAL F 20 18.33 -14.45 -3.06
CA VAL F 20 19.39 -13.62 -3.58
C VAL F 20 20.68 -14.44 -3.43
N HIS F 21 21.66 -14.22 -4.31
CA HIS F 21 23.00 -14.82 -4.17
C HIS F 21 24.07 -13.96 -4.82
N ASN F 22 25.33 -14.16 -4.45
CA ASN F 22 26.42 -13.34 -5.00
C ASN F 22 27.66 -14.12 -5.45
N ARG F 23 27.47 -15.39 -5.75
CA ARG F 23 28.53 -16.21 -6.31
C ARG F 23 27.84 -17.17 -7.27
N TRP F 24 28.61 -17.70 -8.23
CA TRP F 24 28.12 -18.71 -9.14
C TRP F 24 28.54 -20.08 -8.64
N HIS F 25 27.56 -20.96 -8.53
CA HIS F 25 27.77 -22.33 -8.08
C HIS F 25 26.61 -23.23 -8.51
N PRO F 26 26.91 -24.44 -9.02
CA PRO F 26 25.89 -25.37 -9.50
C PRO F 26 24.88 -25.82 -8.44
N ASP F 27 25.23 -25.66 -7.16
CA ASP F 27 24.42 -26.24 -6.09
C ASP F 27 23.49 -25.28 -5.37
N ILE F 28 23.58 -23.99 -5.70
CA ILE F 28 22.61 -23.02 -5.17
C ILE F 28 21.22 -23.48 -5.60
N PRO F 29 20.31 -23.69 -4.63
CA PRO F 29 18.97 -24.19 -4.97
C PRO F 29 18.12 -23.09 -5.58
N MET F 30 17.16 -23.48 -6.42
CA MET F 30 16.29 -22.54 -7.10
C MET F 30 15.50 -21.70 -6.10
N ALA F 31 15.52 -20.38 -6.31
CA ALA F 31 14.72 -19.43 -5.52
C ALA F 31 13.21 -19.54 -5.79
N VAL F 32 12.85 -20.06 -6.96
CA VAL F 32 11.45 -20.26 -7.36
C VAL F 32 11.45 -21.12 -8.63
N TRP F 33 10.35 -21.80 -8.89
CA TRP F 33 10.18 -22.61 -10.07
C TRP F 33 9.07 -22.06 -10.94
N VAL F 34 9.30 -22.04 -12.25
CA VAL F 34 8.27 -21.59 -13.21
C VAL F 34 8.10 -22.60 -14.35
N GLU F 35 6.95 -22.56 -15.00
CA GLU F 35 6.69 -23.37 -16.20
C GLU F 35 7.21 -22.64 -17.44
N PRO F 36 7.69 -23.37 -18.46
CA PRO F 36 8.02 -22.70 -19.72
C PRO F 36 6.82 -21.91 -20.26
N GLY F 37 7.07 -20.67 -20.68
CA GLY F 37 5.98 -19.78 -21.13
C GLY F 37 5.55 -18.82 -20.04
N ALA F 38 6.10 -18.99 -18.85
CA ALA F 38 5.78 -18.13 -17.72
C ALA F 38 6.29 -16.71 -17.94
N GLU F 39 5.48 -15.74 -17.53
CA GLU F 39 5.93 -14.37 -17.50
C GLU F 39 5.74 -13.82 -16.09
N PHE F 40 6.73 -13.05 -15.62
CA PHE F 40 6.80 -12.63 -14.23
C PHE F 40 7.82 -11.50 -14.02
N LYS F 41 7.81 -10.91 -12.84
CA LYS F 41 8.77 -9.89 -12.49
C LYS F 41 9.74 -10.34 -11.39
N LEU F 42 10.96 -9.82 -11.44
CA LEU F 42 11.95 -10.04 -10.38
C LEU F 42 12.45 -8.67 -9.95
N GLU F 43 12.50 -8.41 -8.66
CA GLU F 43 13.03 -7.17 -8.13
C GLU F 43 14.49 -7.39 -7.80
N THR F 44 15.27 -6.32 -7.78
CA THR F 44 16.72 -6.48 -7.61
C THR F 44 17.28 -5.42 -6.70
N TYR F 45 18.37 -5.77 -5.98
CA TYR F 45 19.19 -4.80 -5.25
C TYR F 45 20.12 -4.20 -6.28
N ASP F 46 20.56 -2.96 -6.06
CA ASP F 46 21.68 -2.45 -6.81
C ASP F 46 22.85 -3.41 -6.51
N TRP F 47 23.86 -3.45 -7.37
CA TRP F 47 24.89 -4.49 -7.30
C TRP F 47 25.66 -4.60 -5.95
N THR F 48 25.83 -3.46 -5.28
CA THR F 48 26.49 -3.34 -3.98
C THR F 48 25.54 -3.61 -2.82
N GLY F 49 24.24 -3.55 -3.06
CA GLY F 49 23.27 -3.91 -2.05
C GLY F 49 23.00 -2.82 -1.04
N GLY F 50 23.38 -1.58 -1.37
CA GLY F 50 23.06 -0.42 -0.54
C GLY F 50 24.27 0.39 -0.11
N ALA F 51 25.47 -0.07 -0.46
CA ALA F 51 26.72 0.57 -0.04
C ALA F 51 26.89 2.03 -0.48
N ILE F 52 26.32 2.39 -1.62
CA ILE F 52 26.51 3.72 -2.19
C ILE F 52 25.29 4.60 -1.99
N LYS F 53 25.52 5.85 -1.60
CA LYS F 53 24.44 6.72 -1.16
C LYS F 53 24.23 7.90 -2.09
N ASN F 54 23.03 8.49 -2.05
CA ASN F 54 22.77 9.70 -2.81
C ASN F 54 23.21 10.94 -2.03
N ASP F 55 24.47 11.32 -2.20
CA ASP F 55 25.02 12.52 -1.53
C ASP F 55 26.17 13.08 -2.36
N ASP F 56 26.90 14.05 -1.81
CA ASP F 56 27.97 14.69 -2.56
C ASP F 56 29.37 14.37 -2.05
N SER F 57 29.57 13.12 -1.59
CA SER F 57 30.89 12.64 -1.20
C SER F 57 31.19 11.28 -1.81
N ALA F 58 32.46 11.06 -2.14
CA ALA F 58 32.89 9.87 -2.86
C ALA F 58 33.49 8.78 -1.97
N GLU F 59 33.41 9.00 -0.66
CA GLU F 59 34.04 8.08 0.30
C GLU F 59 33.42 6.67 0.28
N ASP F 60 32.10 6.59 0.08
CA ASP F 60 31.43 5.29 -0.08
C ASP F 60 31.98 4.47 -1.27
N VAL F 61 32.25 5.16 -2.37
CA VAL F 61 32.87 4.52 -3.55
C VAL F 61 34.30 4.07 -3.24
N ARG F 62 35.06 4.94 -2.61
CA ARG F 62 36.41 4.60 -2.16
C ARG F 62 36.43 3.36 -1.26
N ASP F 63 35.49 3.28 -0.33
CA ASP F 63 35.56 2.28 0.75
C ASP F 63 34.73 1.01 0.54
N VAL F 64 33.92 0.97 -0.52
CA VAL F 64 33.02 -0.17 -0.75
C VAL F 64 33.79 -1.50 -0.72
N ASP F 65 33.15 -2.56 -0.21
CA ASP F 65 33.78 -3.88 -0.18
C ASP F 65 33.41 -4.69 -1.43
N LEU F 66 34.28 -4.59 -2.44
CA LEU F 66 34.00 -5.16 -3.77
C LEU F 66 33.92 -6.68 -3.81
N SER F 67 34.23 -7.34 -2.70
CA SER F 67 34.05 -8.81 -2.60
C SER F 67 32.56 -9.17 -2.48
N THR F 68 31.75 -8.21 -2.05
CA THR F 68 30.30 -8.44 -1.88
C THR F 68 29.50 -8.48 -3.18
N VAL F 69 29.92 -7.72 -4.21
CA VAL F 69 29.20 -7.62 -5.51
C VAL F 69 29.26 -8.98 -6.26
N HIS F 70 28.23 -9.35 -7.03
CA HIS F 70 26.98 -8.63 -7.27
C HIS F 70 25.85 -9.40 -6.62
N PHE F 71 24.94 -8.69 -5.95
CA PHE F 71 23.77 -9.37 -5.39
C PHE F 71 22.71 -9.61 -6.43
N LEU F 72 22.59 -10.87 -6.84
CA LEU F 72 21.69 -11.27 -7.91
C LEU F 72 20.38 -11.86 -7.37
N SER F 73 19.29 -11.63 -8.09
CA SER F 73 18.00 -12.26 -7.78
C SER F 73 17.84 -13.55 -8.60
N GLY F 74 17.65 -14.67 -7.89
CA GLY F 74 17.54 -15.99 -8.53
C GLY F 74 18.17 -17.01 -7.61
N PRO F 75 18.42 -18.22 -8.10
CA PRO F 75 18.22 -18.72 -9.47
C PRO F 75 16.79 -19.11 -9.74
N VAL F 76 16.31 -18.78 -10.93
CA VAL F 76 14.95 -19.11 -11.30
C VAL F 76 14.98 -20.46 -12.00
N GLY F 77 14.20 -21.41 -11.48
CA GLY F 77 14.09 -22.74 -12.04
C GLY F 77 13.04 -22.82 -13.13
N VAL F 78 13.38 -23.45 -14.26
CA VAL F 78 12.43 -23.61 -15.36
C VAL F 78 12.18 -25.10 -15.58
N LYS F 79 10.94 -25.53 -15.37
CA LYS F 79 10.60 -26.96 -15.40
C LYS F 79 10.84 -27.60 -16.77
N GLY F 80 11.71 -28.60 -16.81
CA GLY F 80 11.99 -29.34 -18.04
C GLY F 80 13.25 -28.89 -18.76
N ALA F 81 13.87 -27.83 -18.24
CA ALA F 81 15.13 -27.33 -18.78
C ALA F 81 16.24 -28.31 -18.46
N GLU F 82 16.98 -28.72 -19.50
CA GLU F 82 18.04 -29.72 -19.38
C GLU F 82 19.35 -29.19 -19.97
N PRO F 83 20.50 -29.67 -19.48
CA PRO F 83 21.79 -29.23 -20.04
C PRO F 83 21.79 -29.35 -21.57
N GLY F 84 22.31 -28.32 -22.25
CA GLY F 84 22.33 -28.28 -23.70
C GLY F 84 21.11 -27.67 -24.36
N ASP F 85 20.12 -27.27 -23.56
CA ASP F 85 18.99 -26.49 -24.08
C ASP F 85 19.43 -25.02 -24.24
N LEU F 86 18.62 -24.23 -24.94
CA LEU F 86 18.73 -22.77 -24.87
C LEU F 86 17.54 -22.25 -24.11
N LEU F 87 17.79 -21.38 -23.14
CA LEU F 87 16.74 -20.70 -22.41
C LEU F 87 16.46 -19.36 -23.09
N VAL F 88 15.27 -19.22 -23.66
CA VAL F 88 14.87 -18.01 -24.36
C VAL F 88 14.24 -17.05 -23.38
N VAL F 89 14.87 -15.90 -23.20
CA VAL F 89 14.37 -14.87 -22.27
C VAL F 89 13.94 -13.60 -23.02
N ASP F 90 12.66 -13.29 -22.98
CA ASP F 90 12.18 -11.99 -23.45
C ASP F 90 12.24 -10.98 -22.31
N LEU F 91 13.02 -9.92 -22.49
CA LEU F 91 13.02 -8.84 -21.52
C LEU F 91 11.86 -7.93 -21.90
N LEU F 92 10.72 -8.07 -21.23
CA LEU F 92 9.51 -7.35 -21.65
C LEU F 92 9.51 -5.88 -21.19
N ASP F 93 10.12 -5.62 -20.03
CA ASP F 93 10.32 -4.22 -19.53
C ASP F 93 11.27 -4.28 -18.35
N ILE F 94 11.94 -3.17 -18.09
CA ILE F 94 12.84 -3.02 -16.97
C ILE F 94 12.69 -1.60 -16.45
N GLY F 95 12.75 -1.43 -15.13
CA GLY F 95 12.70 -0.07 -14.60
C GLY F 95 13.27 0.07 -13.20
N ALA F 96 13.26 1.32 -12.72
CA ALA F 96 13.63 1.68 -11.36
C ALA F 96 12.42 1.48 -10.43
N ARG F 97 12.72 1.26 -9.14
CA ARG F 97 11.70 1.13 -8.11
C ARG F 97 11.14 2.50 -7.84
N ASP F 98 9.87 2.55 -7.48
CA ASP F 98 9.18 3.82 -7.26
C ASP F 98 9.76 4.60 -6.09
N ASP F 99 10.33 3.90 -5.11
CA ASP F 99 10.92 4.53 -3.94
C ASP F 99 12.42 4.82 -4.10
N SER F 100 12.96 4.68 -5.31
CA SER F 100 14.41 4.79 -5.51
C SER F 100 14.75 5.28 -6.92
N LEU F 101 14.38 6.53 -7.19
CA LEU F 101 14.43 7.08 -8.54
C LEU F 101 15.73 7.82 -8.82
N TRP F 102 16.84 7.18 -8.48
CA TRP F 102 18.16 7.75 -8.71
C TRP F 102 19.12 6.59 -8.87
N GLY F 103 20.29 6.87 -9.42
CA GLY F 103 21.31 5.88 -9.51
C GLY F 103 22.64 6.55 -9.45
N PHE F 104 23.70 5.76 -9.53
CA PHE F 104 25.04 6.30 -9.36
C PHE F 104 26.04 5.74 -10.35
N ASN F 105 26.95 6.63 -10.73
CA ASN F 105 28.16 6.27 -11.45
C ASN F 105 29.36 6.65 -10.57
N GLY F 106 30.45 5.91 -10.71
CA GLY F 106 31.67 6.33 -10.06
C GLY F 106 32.96 5.89 -10.69
N PHE F 107 34.09 6.48 -10.26
CA PHE F 107 35.39 5.86 -10.51
C PHE F 107 35.87 5.30 -9.18
N PHE F 108 36.21 4.02 -9.17
CA PHE F 108 36.91 3.44 -8.02
C PHE F 108 38.30 4.06 -7.87
N SER F 109 38.82 4.11 -6.65
CA SER F 109 40.24 4.39 -6.45
C SER F 109 41.06 3.26 -7.09
N LYS F 110 42.24 3.60 -7.62
CA LYS F 110 43.13 2.56 -8.14
C LYS F 110 43.46 1.51 -7.04
N GLN F 111 43.48 1.97 -5.79
CA GLN F 111 43.74 1.10 -4.65
C GLN F 111 42.61 0.10 -4.34
N ASN F 112 41.41 0.39 -4.83
CA ASN F 112 40.24 -0.44 -4.56
C ASN F 112 39.35 -0.57 -5.82
N GLY F 113 39.87 -1.32 -6.80
CA GLY F 113 39.10 -1.67 -8.01
C GLY F 113 39.69 -1.21 -9.33
N GLY F 114 40.06 0.07 -9.40
CA GLY F 114 40.62 0.63 -10.62
C GLY F 114 39.56 0.90 -11.68
N GLY F 115 40.01 0.88 -12.94
CA GLY F 115 39.16 1.23 -14.08
C GLY F 115 39.96 1.46 -15.35
N PHE F 116 39.25 1.70 -16.45
CA PHE F 116 39.87 1.85 -17.77
C PHE F 116 40.87 3.01 -17.88
N LEU F 117 40.57 4.10 -17.21
CA LEU F 117 41.43 5.26 -17.22
C LEU F 117 42.00 5.54 -15.83
N ASP F 118 42.19 4.49 -15.03
CA ASP F 118 42.72 4.66 -13.65
C ASP F 118 44.10 5.33 -13.52
N GLU F 119 44.89 5.32 -14.58
CA GLU F 119 46.18 6.03 -14.59
C GLU F 119 45.98 7.54 -14.71
N HIS F 120 44.80 7.95 -15.18
CA HIS F 120 44.47 9.38 -15.35
C HIS F 120 43.57 9.92 -14.26
N PHE F 121 42.78 9.02 -13.66
CA PHE F 121 41.83 9.39 -12.59
C PHE F 121 41.94 8.37 -11.45
N PRO F 122 43.04 8.43 -10.67
CA PRO F 122 43.30 7.37 -9.70
C PRO F 122 42.50 7.49 -8.39
N LEU F 123 41.92 8.66 -8.13
CA LEU F 123 41.10 8.90 -6.93
C LEU F 123 39.61 8.61 -7.16
N ALA F 124 38.95 8.03 -6.15
CA ALA F 124 37.53 7.67 -6.22
C ALA F 124 36.63 8.88 -6.42
N GLN F 125 35.61 8.75 -7.29
CA GLN F 125 34.68 9.86 -7.56
C GLN F 125 33.26 9.34 -7.73
N LYS F 126 32.28 10.24 -7.87
CA LYS F 126 30.89 9.83 -7.96
C LYS F 126 30.05 10.87 -8.66
N SER F 127 29.15 10.40 -9.53
CA SER F 127 28.07 11.23 -10.08
C SER F 127 26.76 10.55 -9.78
N ILE F 128 25.78 11.36 -9.42
CA ILE F 128 24.45 10.86 -9.05
C ILE F 128 23.47 11.23 -10.15
N TRP F 129 22.62 10.28 -10.51
CA TRP F 129 21.67 10.47 -11.59
C TRP F 129 20.24 10.33 -11.10
N ASP F 130 19.41 11.29 -11.44
CA ASP F 130 17.97 11.23 -11.14
C ASP F 130 17.19 10.76 -12.35
N PHE F 131 16.14 9.99 -12.09
CA PHE F 131 15.32 9.45 -13.17
C PHE F 131 14.03 10.24 -13.30
N HIS F 132 13.76 10.74 -14.50
CA HIS F 132 12.56 11.49 -14.83
C HIS F 132 11.80 10.77 -15.95
N GLY F 133 11.01 9.77 -15.57
CA GLY F 133 10.35 8.88 -16.52
C GLY F 133 11.38 8.08 -17.29
N MET F 134 11.47 8.35 -18.59
CA MET F 134 12.40 7.62 -19.46
C MET F 134 13.79 8.23 -19.45
N PHE F 135 13.88 9.44 -18.88
CA PHE F 135 15.06 10.28 -18.99
C PHE F 135 15.89 10.37 -17.72
N THR F 136 17.12 10.84 -17.85
CA THR F 136 17.99 10.97 -16.72
C THR F 136 18.89 12.20 -16.88
N LYS F 137 19.44 12.67 -15.77
CA LYS F 137 20.38 13.81 -15.73
C LYS F 137 21.06 13.83 -14.36
N SER F 138 22.21 14.47 -14.29
CA SER F 138 23.06 14.50 -13.10
C SER F 138 23.25 15.96 -12.64
N ARG F 139 23.08 16.22 -11.34
CA ARG F 139 23.43 17.52 -10.72
C ARG F 139 24.92 17.79 -10.85
N HIS F 140 25.70 16.75 -11.10
CA HIS F 140 27.14 16.84 -11.25
C HIS F 140 27.64 17.11 -12.68
N ILE F 141 26.78 16.93 -13.68
CA ILE F 141 27.16 17.16 -15.08
C ILE F 141 26.13 18.06 -15.76
N PRO F 142 26.38 19.38 -15.78
CA PRO F 142 25.40 20.30 -16.40
C PRO F 142 25.31 20.18 -17.92
N GLY F 143 24.13 20.52 -18.47
CA GLY F 143 23.90 20.57 -19.91
C GLY F 143 23.62 19.24 -20.59
N VAL F 144 23.55 18.16 -19.80
CA VAL F 144 23.36 16.81 -20.34
C VAL F 144 22.01 16.21 -19.92
N ASN F 145 21.25 15.72 -20.91
CA ASN F 145 19.96 15.05 -20.71
C ASN F 145 19.82 13.95 -21.74
N PHE F 146 19.46 12.73 -21.29
CA PHE F 146 19.22 11.67 -22.26
C PHE F 146 18.19 10.62 -21.83
N ALA F 147 17.65 9.92 -22.83
CA ALA F 147 16.78 8.78 -22.58
C ALA F 147 17.66 7.62 -22.23
N GLY F 148 17.26 6.88 -21.22
CA GLY F 148 18.08 5.75 -20.77
C GLY F 148 17.93 4.50 -21.62
N LEU F 149 19.03 3.77 -21.75
CA LEU F 149 19.04 2.50 -22.46
C LEU F 149 19.11 1.51 -21.32
N ILE F 150 17.94 1.09 -20.85
CA ILE F 150 17.84 0.45 -19.60
C ILE F 150 18.12 -1.07 -19.83
N HIS F 151 19.09 -1.60 -19.11
CA HIS F 151 19.50 -3.01 -19.32
C HIS F 151 20.01 -3.65 -18.03
N PRO F 152 19.95 -5.01 -17.95
CA PRO F 152 20.65 -5.70 -16.88
C PRO F 152 22.11 -5.88 -17.25
N GLY F 153 23.00 -5.44 -16.38
CA GLY F 153 24.42 -5.60 -16.64
C GLY F 153 24.82 -7.05 -16.51
N LEU F 154 24.05 -7.81 -15.74
CA LEU F 154 24.40 -9.17 -15.41
C LEU F 154 23.20 -10.05 -15.42
N ILE F 155 23.28 -11.11 -16.23
CA ILE F 155 22.22 -12.08 -16.35
C ILE F 155 22.82 -13.35 -16.95
N GLY F 156 22.36 -14.50 -16.48
CA GLY F 156 22.82 -15.79 -16.98
C GLY F 156 22.44 -16.95 -16.09
N CYS F 157 22.80 -18.15 -16.53
CA CYS F 157 22.40 -19.40 -15.88
C CYS F 157 23.56 -20.04 -15.08
N LEU F 158 23.19 -20.93 -14.15
CA LEU F 158 24.16 -21.59 -13.29
C LEU F 158 25.10 -22.49 -14.09
N PRO F 159 26.41 -22.44 -13.76
CA PRO F 159 27.39 -23.34 -14.38
C PRO F 159 27.24 -24.75 -13.84
N ASP F 160 27.67 -25.75 -14.62
CA ASP F 160 27.84 -27.11 -14.12
C ASP F 160 29.18 -27.24 -13.38
N PRO F 161 29.37 -28.36 -12.62
CA PRO F 161 30.64 -28.60 -11.91
C PRO F 161 31.91 -28.41 -12.79
N LYS F 162 31.92 -29.00 -13.97
CA LYS F 162 33.07 -28.89 -14.89
C LYS F 162 33.43 -27.45 -15.22
N MET F 163 32.41 -26.70 -15.68
CA MET F 163 32.55 -25.28 -16.00
C MET F 163 33.15 -24.47 -14.84
N LEU F 164 32.61 -24.66 -13.64
CA LEU F 164 33.07 -23.91 -12.48
C LEU F 164 34.53 -24.20 -12.19
N ALA F 165 34.92 -25.47 -12.34
CA ALA F 165 36.32 -25.90 -12.13
C ALA F 165 37.28 -25.22 -13.10
N SER F 166 36.87 -25.16 -14.37
CA SER F 166 37.65 -24.46 -15.41
C SER F 166 37.83 -23.00 -15.06
N TRP F 167 36.72 -22.35 -14.67
CA TRP F 167 36.76 -20.93 -14.34
C TRP F 167 37.77 -20.63 -13.24
N ASN F 168 37.65 -21.31 -12.12
CA ASN F 168 38.58 -21.13 -11.00
C ASN F 168 40.03 -21.42 -11.39
N GLU F 169 40.23 -22.50 -12.16
CA GLU F 169 41.59 -22.91 -12.56
C GLU F 169 42.31 -21.86 -13.39
N ARG F 170 41.67 -21.42 -14.47
CA ARG F 170 42.29 -20.44 -15.37
C ARG F 170 42.42 -19.06 -14.71
N GLU F 171 41.47 -18.71 -13.86
CA GLU F 171 41.45 -17.39 -13.22
C GLU F 171 42.44 -17.26 -12.05
N THR F 172 42.54 -18.31 -11.24
CA THR F 172 43.54 -18.34 -10.17
C THR F 172 44.93 -18.44 -10.80
N GLY F 173 45.04 -19.23 -11.87
CA GLY F 173 46.26 -19.33 -12.67
C GLY F 173 46.78 -17.97 -13.12
N LEU F 174 45.88 -17.10 -13.55
CA LEU F 174 46.24 -15.76 -14.02
C LEU F 174 46.64 -14.81 -12.88
N ILE F 175 45.96 -14.91 -11.74
CA ILE F 175 46.38 -14.16 -10.54
C ILE F 175 47.81 -14.57 -10.14
N ALA F 176 48.13 -15.87 -10.27
CA ALA F 176 49.45 -16.42 -9.93
C ALA F 176 50.61 -15.73 -10.68
N THR F 177 50.33 -15.27 -11.90
CA THR F 177 51.36 -14.64 -12.74
C THR F 177 51.75 -13.21 -12.29
N ASP F 178 50.94 -12.60 -11.43
CA ASP F 178 51.25 -11.27 -10.84
C ASP F 178 50.36 -11.04 -9.60
N PRO F 179 50.61 -11.77 -8.50
CA PRO F 179 49.67 -11.81 -7.37
C PRO F 179 49.59 -10.54 -6.52
N ASP F 180 50.61 -9.69 -6.59
CA ASP F 180 50.63 -8.47 -5.78
C ASP F 180 50.20 -7.21 -6.54
N ARG F 181 49.76 -7.39 -7.78
CA ARG F 181 49.35 -6.28 -8.64
C ARG F 181 48.14 -5.52 -8.06
N ILE F 182 48.26 -4.20 -8.03
CA ILE F 182 47.17 -3.31 -7.61
C ILE F 182 46.76 -2.43 -8.82
N PRO F 183 45.54 -2.64 -9.36
CA PRO F 183 44.52 -3.64 -8.99
C PRO F 183 44.85 -5.04 -9.51
N GLY F 184 44.21 -6.05 -8.92
CA GLY F 184 44.41 -7.44 -9.32
C GLY F 184 43.93 -7.77 -10.73
N LEU F 185 44.42 -8.89 -11.26
CA LEU F 185 44.11 -9.31 -12.62
C LEU F 185 42.77 -10.04 -12.67
N ALA F 186 42.41 -10.66 -11.54
CA ALA F 186 41.16 -11.40 -11.38
C ALA F 186 40.75 -11.40 -9.90
N ASN F 187 39.59 -11.96 -9.60
CA ASN F 187 39.13 -12.07 -8.24
C ASN F 187 38.86 -13.54 -7.94
N PRO F 188 39.54 -14.11 -6.92
CA PRO F 188 39.39 -15.53 -6.62
C PRO F 188 38.11 -15.80 -5.84
N PRO F 189 37.70 -17.09 -5.73
CA PRO F 189 36.62 -17.42 -4.81
C PRO F 189 36.89 -16.90 -3.39
N ASN F 190 35.84 -16.49 -2.69
CA ASN F 190 35.97 -15.86 -1.37
C ASN F 190 34.74 -16.11 -0.50
N ALA F 191 34.90 -16.95 0.51
CA ALA F 191 33.79 -17.40 1.34
C ALA F 191 33.32 -16.38 2.39
N THR F 192 34.22 -15.47 2.79
CA THR F 192 33.94 -14.45 3.82
C THR F 192 32.66 -13.66 3.58
N THR F 193 32.52 -13.14 2.35
CA THR F 193 31.40 -12.28 1.99
C THR F 193 30.40 -12.97 1.05
N ALA F 194 30.50 -14.29 0.96
CA ALA F 194 29.63 -15.05 0.06
C ALA F 194 28.21 -15.23 0.60
N HIS F 195 27.24 -14.87 -0.23
CA HIS F 195 25.82 -15.18 0.02
C HIS F 195 25.42 -16.31 -0.94
N MET F 196 25.11 -17.48 -0.39
CA MET F 196 24.87 -18.66 -1.22
C MET F 196 23.40 -19.08 -1.36
N GLY F 197 22.49 -18.11 -1.21
CA GLY F 197 21.07 -18.34 -1.38
C GLY F 197 20.50 -19.14 -0.22
N GLN F 198 19.83 -20.25 -0.54
CA GLN F 198 19.25 -21.13 0.48
C GLN F 198 20.18 -22.26 0.92
N MET F 199 21.44 -22.21 0.52
CA MET F 199 22.41 -23.25 0.87
C MET F 199 22.68 -23.22 2.37
N GLN F 200 22.70 -24.39 3.01
CA GLN F 200 22.73 -24.48 4.47
C GLN F 200 23.98 -25.15 5.02
N GLY F 201 24.56 -24.50 6.03
CA GLY F 201 25.61 -25.06 6.89
C GLY F 201 26.87 -25.64 6.28
N GLU F 202 26.96 -26.98 6.31
CA GLU F 202 28.09 -27.71 5.81
C GLU F 202 28.28 -27.47 4.29
N ALA F 203 27.29 -27.88 3.49
CA ALA F 203 27.36 -27.77 2.04
C ALA F 203 27.59 -26.31 1.60
N ARG F 204 26.88 -25.37 2.24
CA ARG F 204 27.09 -23.93 2.06
C ARG F 204 28.55 -23.52 2.24
N ASP F 205 29.21 -24.08 3.25
CA ASP F 205 30.59 -23.67 3.54
C ASP F 205 31.62 -24.20 2.53
N LYS F 206 31.36 -25.38 1.96
CA LYS F 206 32.22 -25.92 0.90
C LYS F 206 32.03 -25.15 -0.41
N ALA F 207 30.76 -24.90 -0.73
CA ALA F 207 30.37 -24.13 -1.93
C ALA F 207 30.89 -22.69 -1.92
N ALA F 208 30.82 -22.02 -0.77
CA ALA F 208 31.26 -20.62 -0.64
C ALA F 208 32.76 -20.47 -0.85
N ALA F 209 33.50 -21.53 -0.60
CA ALA F 209 34.95 -21.51 -0.75
C ALA F 209 35.35 -21.75 -2.20
N GLU F 210 34.47 -22.41 -2.97
CA GLU F 210 34.72 -22.66 -4.39
C GLU F 210 33.78 -21.89 -5.36
N GLY F 211 32.92 -21.03 -4.81
CA GLY F 211 31.97 -20.26 -5.61
C GLY F 211 32.60 -19.09 -6.34
N ALA F 212 32.38 -19.01 -7.65
CA ALA F 212 33.05 -18.03 -8.50
C ALA F 212 32.50 -16.62 -8.29
N ARG F 213 33.40 -15.65 -8.26
CA ARG F 213 32.96 -14.26 -8.29
C ARG F 213 32.15 -13.94 -9.54
N THR F 214 31.18 -13.06 -9.40
CA THR F 214 30.28 -12.73 -10.49
C THR F 214 30.83 -11.58 -11.37
N VAL F 215 32.03 -11.12 -11.02
CA VAL F 215 32.68 -9.96 -11.67
C VAL F 215 32.87 -10.09 -13.20
N PRO F 216 33.40 -11.23 -13.70
CA PRO F 216 33.65 -11.23 -15.15
C PRO F 216 32.56 -11.94 -15.98
N PRO F 217 32.30 -11.45 -17.21
CA PRO F 217 31.51 -12.22 -18.18
C PRO F 217 32.22 -13.53 -18.49
N ARG F 218 31.45 -14.58 -18.75
CA ARG F 218 32.00 -15.91 -19.08
C ARG F 218 31.13 -16.59 -20.10
N GLU F 219 31.44 -17.84 -20.43
CA GLU F 219 30.72 -18.55 -21.48
C GLU F 219 29.20 -18.55 -21.34
N HIS F 220 28.71 -18.55 -20.10
CA HIS F 220 27.27 -18.64 -19.81
C HIS F 220 26.53 -17.33 -20.00
N GLY F 221 27.30 -16.24 -20.13
CA GLY F 221 26.78 -14.86 -20.07
C GLY F 221 27.32 -14.22 -18.82
N GLY F 222 26.43 -13.88 -17.91
CA GLY F 222 26.80 -13.38 -16.60
C GLY F 222 27.01 -11.88 -16.72
N ASN F 223 28.11 -11.41 -16.15
CA ASN F 223 28.32 -9.96 -16.12
C ASN F 223 28.89 -9.40 -17.42
N CYS F 224 28.07 -9.32 -18.46
CA CYS F 224 28.58 -8.90 -19.78
C CYS F 224 28.65 -7.38 -19.93
N ASP F 225 27.73 -6.70 -19.25
CA ASP F 225 27.62 -5.25 -19.36
C ASP F 225 27.48 -4.75 -20.82
N ILE F 226 26.65 -5.48 -21.56
CA ILE F 226 26.32 -5.16 -22.94
C ILE F 226 25.11 -4.26 -22.85
N LYS F 227 25.31 -2.97 -23.08
CA LYS F 227 24.21 -1.99 -23.00
C LYS F 227 23.03 -2.35 -23.89
N ASP F 228 23.31 -3.02 -25.01
CA ASP F 228 22.31 -3.29 -26.02
C ASP F 228 21.46 -4.51 -25.71
N LEU F 229 21.81 -5.20 -24.63
CA LEU F 229 20.99 -6.29 -24.14
C LEU F 229 19.95 -5.68 -23.24
N SER F 230 19.06 -4.88 -23.83
CA SER F 230 18.24 -3.90 -23.07
C SER F 230 16.78 -4.27 -23.03
N ARG F 231 15.98 -3.53 -22.28
CA ARG F 231 14.54 -3.80 -22.28
C ARG F 231 13.97 -3.84 -23.70
N GLY F 232 13.38 -4.99 -24.05
CA GLY F 232 12.76 -5.21 -25.36
C GLY F 232 13.50 -6.30 -26.16
N SER F 233 14.63 -6.73 -25.63
CA SER F 233 15.50 -7.69 -26.27
C SER F 233 15.02 -9.12 -26.05
N ARG F 234 15.53 -10.04 -26.88
CA ARG F 234 15.35 -11.48 -26.70
C ARG F 234 16.73 -12.16 -26.68
N VAL F 235 17.05 -12.81 -25.56
CA VAL F 235 18.36 -13.43 -25.37
C VAL F 235 18.23 -14.98 -25.33
N PHE F 236 19.23 -15.66 -25.85
CA PHE F 236 19.21 -17.14 -25.90
C PHE F 236 20.39 -17.65 -25.07
N PHE F 237 20.10 -18.24 -23.91
CA PHE F 237 21.18 -18.63 -22.99
C PHE F 237 21.48 -20.13 -23.04
N PRO F 238 22.76 -20.49 -23.02
CA PRO F 238 23.12 -21.90 -22.83
C PRO F 238 22.72 -22.39 -21.42
N VAL F 239 22.23 -23.62 -21.35
CA VAL F 239 21.77 -24.23 -20.09
C VAL F 239 22.77 -25.32 -19.73
N TYR F 240 23.23 -25.31 -18.48
CA TYR F 240 24.25 -26.25 -18.02
C TYR F 240 23.74 -27.28 -17.00
N VAL F 241 22.75 -26.89 -16.20
CA VAL F 241 22.18 -27.76 -15.16
C VAL F 241 20.67 -27.87 -15.35
N ASP F 242 20.05 -28.87 -14.71
CA ASP F 242 18.59 -29.06 -14.78
C ASP F 242 17.85 -27.87 -14.16
N GLY F 243 16.77 -27.46 -14.80
CA GLY F 243 16.07 -26.25 -14.37
C GLY F 243 16.72 -24.91 -14.75
N ALA F 244 17.94 -24.96 -15.28
CA ALA F 244 18.67 -23.77 -15.77
C ALA F 244 19.24 -22.90 -14.66
N GLY F 245 18.35 -22.32 -13.85
CA GLY F 245 18.81 -21.49 -12.74
C GLY F 245 19.28 -20.14 -13.23
N LEU F 246 18.31 -19.36 -13.73
CA LEU F 246 18.56 -18.07 -14.33
C LEU F 246 18.58 -17.01 -13.25
N SER F 247 19.65 -16.22 -13.19
CA SER F 247 19.74 -15.11 -12.24
C SER F 247 19.96 -13.77 -12.94
N VAL F 248 19.60 -12.67 -12.27
CA VAL F 248 19.66 -11.35 -12.89
C VAL F 248 19.95 -10.28 -11.83
N GLY F 249 20.77 -9.30 -12.16
CA GLY F 249 20.92 -8.15 -11.29
C GLY F 249 21.76 -7.11 -11.96
N ASP F 250 22.33 -6.21 -11.17
CA ASP F 250 23.25 -5.20 -11.70
C ASP F 250 22.57 -4.35 -12.76
N LEU F 251 21.36 -3.86 -12.48
CA LEU F 251 20.57 -3.10 -13.47
C LEU F 251 21.15 -1.73 -13.71
N HIS F 252 21.11 -1.35 -14.99
CA HIS F 252 21.66 -0.10 -15.40
C HIS F 252 20.58 0.74 -16.02
N PHE F 253 20.54 2.04 -15.70
CA PHE F 253 19.60 2.89 -16.38
C PHE F 253 20.18 3.31 -17.75
N SER F 254 21.50 3.37 -17.83
CA SER F 254 22.20 3.64 -19.06
C SER F 254 23.65 3.22 -18.85
N GLN F 255 24.41 3.18 -19.94
CA GLN F 255 25.84 2.86 -19.90
C GLN F 255 26.44 3.18 -21.26
N GLY F 256 27.74 3.50 -21.29
CA GLY F 256 28.47 3.63 -22.55
C GLY F 256 29.13 2.29 -22.87
N ASP F 257 29.49 2.10 -24.15
CA ASP F 257 30.20 0.91 -24.55
C ASP F 257 31.54 0.87 -23.80
N GLY F 258 31.87 -0.31 -23.27
CA GLY F 258 33.10 -0.50 -22.52
C GLY F 258 32.87 -0.39 -21.01
N GLU F 259 31.79 0.29 -20.60
CA GLU F 259 31.60 0.68 -19.21
C GLU F 259 32.91 1.19 -18.57
N ILE F 260 33.56 2.13 -19.25
CA ILE F 260 34.97 2.44 -18.93
C ILE F 260 35.23 2.85 -17.45
N THR F 261 34.23 3.47 -16.83
CA THR F 261 34.31 3.89 -15.43
C THR F 261 34.29 2.76 -14.39
N PHE F 262 34.02 1.54 -14.85
CA PHE F 262 33.91 0.33 -14.01
C PHE F 262 32.76 0.32 -12.99
N CYS F 263 32.63 1.37 -12.18
CA CYS F 263 31.57 1.51 -11.19
C CYS F 263 30.31 2.06 -11.88
N GLY F 264 29.69 1.21 -12.69
CA GLY F 264 28.68 1.71 -13.64
C GLY F 264 29.33 2.33 -14.86
N ALA F 265 28.56 2.83 -15.83
CA ALA F 265 27.11 2.80 -15.89
C ALA F 265 26.40 3.71 -14.89
N ILE F 266 25.10 3.84 -15.06
CA ILE F 266 24.24 4.38 -14.02
C ILE F 266 23.62 3.20 -13.30
N GLU F 267 24.23 2.83 -12.17
CA GLU F 267 23.83 1.71 -11.35
C GLU F 267 22.57 2.02 -10.57
N MET F 268 21.72 1.01 -10.45
CA MET F 268 20.44 1.20 -9.81
C MET F 268 19.85 -0.08 -9.26
N ALA F 269 18.94 0.08 -8.30
CA ALA F 269 18.04 -1.02 -7.92
C ALA F 269 16.85 -0.97 -8.86
N GLY F 270 16.15 -2.08 -9.03
CA GLY F 270 14.95 -2.05 -9.84
C GLY F 270 14.23 -3.37 -9.98
N TRP F 271 13.65 -3.58 -11.16
CA TRP F 271 12.82 -4.74 -11.48
C TRP F 271 12.95 -5.08 -12.95
N VAL F 272 12.76 -6.36 -13.27
CA VAL F 272 12.78 -6.85 -14.63
C VAL F 272 11.51 -7.67 -14.82
N HIS F 273 10.82 -7.42 -15.91
CA HIS F 273 9.61 -8.16 -16.28
C HIS F 273 10.06 -9.01 -17.47
N MET F 274 9.88 -10.33 -17.36
CA MET F 274 10.41 -11.25 -18.37
C MET F 274 9.49 -12.44 -18.66
N LYS F 275 9.69 -13.04 -19.84
CA LYS F 275 9.01 -14.25 -20.23
C LYS F 275 10.09 -15.27 -20.56
N VAL F 276 9.88 -16.56 -20.22
CA VAL F 276 10.87 -17.61 -20.50
C VAL F 276 10.30 -18.76 -21.32
N SER F 277 11.16 -19.42 -22.08
CA SER F 277 10.79 -20.57 -22.91
C SER F 277 12.06 -21.30 -23.29
N LEU F 278 11.89 -22.40 -24.03
CA LEU F 278 13.01 -23.31 -24.31
C LEU F 278 13.17 -23.64 -25.78
N ILE F 279 14.42 -23.89 -26.17
CA ILE F 279 14.73 -24.57 -27.44
C ILE F 279 15.43 -25.87 -27.07
N LYS F 280 14.72 -26.98 -27.26
CA LYS F 280 15.26 -28.29 -26.85
C LYS F 280 16.49 -28.65 -27.65
N GLY F 281 17.59 -28.88 -26.94
CA GLY F 281 18.89 -29.13 -27.57
C GLY F 281 19.39 -27.96 -28.41
N GLY F 282 19.05 -26.75 -28.01
CA GLY F 282 19.43 -25.55 -28.77
C GLY F 282 20.92 -25.37 -28.98
N MET F 283 21.73 -25.75 -27.98
CA MET F 283 23.16 -25.48 -28.03
C MET F 283 23.88 -26.16 -29.20
N ALA F 284 23.57 -27.43 -29.41
CA ALA F 284 24.19 -28.18 -30.51
C ALA F 284 23.54 -27.81 -31.83
N LYS F 285 22.22 -27.61 -31.81
CA LYS F 285 21.48 -27.28 -33.04
C LYS F 285 22.04 -26.02 -33.70
N TYR F 286 22.38 -25.02 -32.89
CA TYR F 286 22.83 -23.71 -33.38
C TYR F 286 24.32 -23.45 -33.13
N GLY F 287 25.07 -24.46 -32.69
CA GLY F 287 26.50 -24.28 -32.40
C GLY F 287 26.78 -23.14 -31.41
N ILE F 288 26.06 -23.15 -30.30
CA ILE F 288 26.15 -22.09 -29.28
C ILE F 288 27.25 -22.37 -28.25
N LYS F 289 28.16 -21.41 -28.11
CA LYS F 289 29.10 -21.40 -27.00
C LYS F 289 28.72 -20.26 -26.01
N ASN F 290 28.90 -19.00 -26.39
CA ASN F 290 28.37 -17.85 -25.61
C ASN F 290 26.89 -17.53 -25.94
N PRO F 291 26.19 -16.82 -25.04
CA PRO F 291 24.82 -16.42 -25.44
C PRO F 291 24.73 -15.64 -26.76
N ILE F 292 23.56 -15.61 -27.34
CA ILE F 292 23.27 -14.74 -28.50
C ILE F 292 21.97 -14.05 -28.22
N PHE F 293 21.79 -12.86 -28.78
CA PHE F 293 20.57 -12.12 -28.56
C PHE F 293 20.18 -11.19 -29.71
N LYS F 294 18.93 -10.73 -29.66
CA LYS F 294 18.40 -9.79 -30.56
C LYS F 294 18.16 -8.47 -29.77
N PRO F 295 18.69 -7.35 -30.27
CA PRO F 295 18.46 -6.04 -29.57
C PRO F 295 16.99 -5.60 -29.57
N SER F 296 16.69 -4.47 -28.92
CA SER F 296 15.32 -4.07 -28.65
C SER F 296 14.75 -3.22 -29.79
N PRO F 297 13.43 -3.35 -30.06
CA PRO F 297 12.82 -2.40 -31.00
C PRO F 297 12.56 -1.02 -30.36
N MET F 298 12.77 -0.88 -29.05
CA MET F 298 12.62 0.43 -28.36
C MET F 298 13.93 0.86 -27.72
N THR F 299 14.70 1.68 -28.43
CA THR F 299 15.97 2.19 -27.92
C THR F 299 16.10 3.69 -28.27
N PRO F 300 17.01 4.39 -27.59
CA PRO F 300 17.12 5.85 -27.88
C PRO F 300 17.66 6.10 -29.29
N ASN F 301 16.90 6.82 -30.10
CA ASN F 301 17.23 7.02 -31.52
C ASN F 301 18.40 7.98 -31.86
N TYR F 302 19.32 8.23 -30.95
CA TYR F 302 20.44 9.12 -31.27
C TYR F 302 21.29 8.68 -32.49
N LYS F 303 21.54 9.62 -33.39
CA LYS F 303 22.27 9.34 -34.62
C LYS F 303 23.33 10.39 -34.97
N ASP F 304 23.20 11.57 -34.37
CA ASP F 304 24.12 12.69 -34.64
CA ASP F 304 24.11 12.68 -34.66
C ASP F 304 25.41 12.52 -33.86
N TYR F 305 26.17 11.47 -34.17
CA TYR F 305 27.43 11.23 -33.47
C TYR F 305 28.58 12.14 -33.90
N LEU F 306 29.45 12.42 -32.94
CA LEU F 306 30.78 12.92 -33.25
C LEU F 306 31.70 11.77 -32.89
N ILE F 307 32.50 11.34 -33.86
CA ILE F 307 33.25 10.08 -33.70
C ILE F 307 34.75 10.30 -33.57
N PHE F 308 35.33 9.72 -32.51
CA PHE F 308 36.75 9.85 -32.17
C PHE F 308 37.51 8.58 -32.49
N GLU F 309 38.81 8.69 -32.73
CA GLU F 309 39.59 7.54 -33.20
C GLU F 309 40.77 7.32 -32.31
N GLY F 310 41.23 6.07 -32.27
CA GLY F 310 42.48 5.74 -31.63
C GLY F 310 43.15 4.54 -32.28
N ILE F 311 44.48 4.47 -32.12
CA ILE F 311 45.34 3.39 -32.63
C ILE F 311 46.16 2.77 -31.51
N SER F 312 46.74 1.59 -31.78
CA SER F 312 47.51 0.83 -30.79
C SER F 312 48.88 1.43 -30.43
N VAL F 313 48.92 2.74 -30.17
CA VAL F 313 50.08 3.43 -29.65
C VAL F 313 49.66 4.15 -28.36
N ASP F 314 50.30 3.82 -27.23
CA ASP F 314 49.82 4.30 -25.91
C ASP F 314 50.21 5.75 -25.59
N GLU F 315 49.88 6.20 -24.38
CA GLU F 315 50.10 7.59 -23.93
C GLU F 315 51.58 7.97 -23.89
N LYS F 316 52.43 6.95 -23.75
CA LYS F 316 53.89 7.15 -23.66
C LYS F 316 54.54 7.14 -25.05
N GLY F 317 53.76 6.77 -26.07
CA GLY F 317 54.24 6.74 -27.44
C GLY F 317 54.75 5.38 -27.86
N LYS F 318 54.51 4.38 -27.02
CA LYS F 318 55.06 3.05 -27.27
C LYS F 318 54.15 2.30 -28.22
N GLN F 319 54.76 1.47 -29.06
CA GLN F 319 54.03 0.79 -30.12
C GLN F 319 53.58 -0.57 -29.67
N HIS F 320 52.27 -0.84 -29.76
CA HIS F 320 51.76 -2.16 -29.44
C HIS F 320 51.41 -2.91 -30.72
N TYR F 321 50.92 -4.13 -30.57
CA TYR F 321 50.58 -4.93 -31.72
C TYR F 321 49.10 -5.36 -31.73
N LEU F 322 48.35 -4.84 -32.72
CA LEU F 322 46.92 -5.11 -32.89
C LEU F 322 46.22 -5.13 -31.53
N ASP F 323 46.41 -4.06 -30.76
CA ASP F 323 45.82 -3.99 -29.43
C ASP F 323 44.63 -3.05 -29.40
N VAL F 324 43.43 -3.62 -29.49
CA VAL F 324 42.19 -2.85 -29.46
C VAL F 324 42.02 -2.10 -28.15
N THR F 325 42.44 -2.76 -27.06
CA THR F 325 42.33 -2.15 -25.74
C THR F 325 43.07 -0.79 -25.68
N VAL F 326 44.33 -0.74 -26.11
CA VAL F 326 45.09 0.52 -26.14
C VAL F 326 44.52 1.52 -27.13
N ALA F 327 44.06 1.03 -28.28
CA ALA F 327 43.36 1.90 -29.25
C ALA F 327 42.11 2.59 -28.68
N TYR F 328 41.25 1.81 -28.02
CA TYR F 328 40.03 2.39 -27.40
C TYR F 328 40.37 3.44 -26.34
N ARG F 329 41.43 3.20 -25.56
CA ARG F 329 41.88 4.16 -24.55
C ARG F 329 42.20 5.51 -25.17
N GLN F 330 42.96 5.49 -26.26
CA GLN F 330 43.26 6.74 -27.00
C GLN F 330 42.01 7.43 -27.55
N ALA F 331 41.07 6.65 -28.10
CA ALA F 331 39.80 7.20 -28.56
C ALA F 331 39.05 7.88 -27.42
N CYS F 332 38.98 7.21 -26.28
CA CYS F 332 38.30 7.82 -25.13
C CYS F 332 38.99 9.09 -24.65
N LEU F 333 40.32 9.05 -24.52
CA LEU F 333 41.14 10.19 -24.13
C LEU F 333 40.99 11.36 -25.07
N ASN F 334 40.94 11.07 -26.38
CA ASN F 334 40.66 12.09 -27.38
C ASN F 334 39.29 12.76 -27.16
N ALA F 335 38.27 11.94 -26.87
CA ALA F 335 36.92 12.47 -26.59
C ALA F 335 36.91 13.35 -25.35
N ILE F 336 37.64 12.94 -24.33
CA ILE F 336 37.70 13.70 -23.09
C ILE F 336 38.34 15.08 -23.37
N GLU F 337 39.52 15.08 -24.01
CA GLU F 337 40.22 16.32 -24.40
C GLU F 337 39.30 17.28 -25.14
N TYR F 338 38.49 16.73 -26.05
CA TYR F 338 37.50 17.52 -26.80
C TYR F 338 36.44 18.14 -25.92
N LEU F 339 35.86 17.33 -25.04
CA LEU F 339 34.83 17.83 -24.14
C LEU F 339 35.35 18.93 -23.20
N LYS F 340 36.58 18.78 -22.72
CA LYS F 340 37.22 19.79 -21.84
C LYS F 340 37.27 21.19 -22.44
N LYS F 341 37.35 21.28 -23.77
CA LYS F 341 37.40 22.57 -24.48
C LYS F 341 36.07 23.28 -24.40
N PHE F 342 35.05 22.56 -23.92
CA PHE F 342 33.73 23.14 -23.82
C PHE F 342 33.43 23.54 -22.37
N GLY F 343 34.37 23.21 -21.48
CA GLY F 343 34.26 23.60 -20.09
C GLY F 343 34.04 22.50 -19.09
N TYR F 344 33.84 21.28 -19.58
CA TYR F 344 33.74 20.11 -18.73
C TYR F 344 35.10 19.80 -18.11
N SER F 345 35.07 19.41 -16.83
CA SER F 345 36.23 18.84 -16.22
C SER F 345 36.45 17.47 -16.87
N GLY F 346 37.61 16.89 -16.60
CA GLY F 346 37.95 15.59 -17.16
C GLY F 346 37.12 14.51 -16.50
N ALA F 347 36.74 14.76 -15.25
CA ALA F 347 35.97 13.82 -14.45
C ALA F 347 34.54 13.77 -14.96
N GLN F 348 34.00 14.93 -15.29
CA GLN F 348 32.69 15.02 -15.90
C GLN F 348 32.63 14.27 -17.23
N ALA F 349 33.68 14.44 -18.05
CA ALA F 349 33.80 13.81 -19.35
C ALA F 349 33.91 12.28 -19.24
N TYR F 350 34.74 11.83 -18.30
CA TYR F 350 34.99 10.39 -18.05
C TYR F 350 33.75 9.71 -17.53
N SER F 351 33.04 10.36 -16.61
CA SER F 351 31.78 9.89 -16.11
C SER F 351 30.73 9.79 -17.22
N LEU F 352 30.61 10.85 -18.01
CA LEU F 352 29.78 10.88 -19.20
C LEU F 352 30.01 9.69 -20.14
N LEU F 353 31.26 9.35 -20.42
CA LEU F 353 31.55 8.24 -21.33
C LEU F 353 31.19 6.87 -20.73
N GLY F 354 31.15 6.80 -19.40
CA GLY F 354 30.76 5.60 -18.67
C GLY F 354 29.24 5.41 -18.61
N THR F 355 28.50 6.49 -18.81
CA THR F 355 27.06 6.51 -18.51
C THR F 355 26.20 6.75 -19.74
N ALA F 356 26.50 7.80 -20.51
CA ALA F 356 25.73 8.10 -21.74
C ALA F 356 25.91 6.97 -22.79
N PRO F 357 24.91 6.79 -23.68
CA PRO F 357 25.03 5.63 -24.58
C PRO F 357 26.02 5.84 -25.75
N VAL F 358 27.30 6.04 -25.41
CA VAL F 358 28.34 6.17 -26.43
C VAL F 358 28.62 4.79 -27.06
N GLN F 359 29.14 4.79 -28.30
CA GLN F 359 29.41 3.55 -29.01
C GLN F 359 30.91 3.41 -29.10
N GLY F 360 31.38 2.18 -28.96
CA GLY F 360 32.82 1.91 -29.08
C GLY F 360 32.90 0.81 -30.11
N HIS F 361 33.54 1.10 -31.25
CA HIS F 361 33.64 0.12 -32.34
C HIS F 361 35.03 -0.39 -32.54
N ILE F 362 35.11 -1.66 -32.89
CA ILE F 362 36.35 -2.30 -33.25
C ILE F 362 36.37 -2.15 -34.77
N SER F 363 36.75 -0.95 -35.21
CA SER F 363 36.63 -0.55 -36.62
C SER F 363 37.58 -1.29 -37.51
N GLY F 364 38.83 -1.41 -37.07
CA GLY F 364 39.86 -2.21 -37.75
C GLY F 364 40.77 -3.00 -36.82
N VAL F 365 41.05 -4.25 -37.17
CA VAL F 365 41.84 -5.13 -36.31
C VAL F 365 42.82 -5.99 -37.16
N VAL F 366 43.29 -5.43 -38.28
CA VAL F 366 44.12 -6.19 -39.23
C VAL F 366 45.30 -5.41 -39.78
N ASP F 367 45.21 -4.07 -39.75
CA ASP F 367 46.22 -3.23 -40.37
C ASP F 367 47.52 -3.15 -39.55
N VAL F 368 48.20 -4.30 -39.44
CA VAL F 368 49.40 -4.41 -38.63
C VAL F 368 50.35 -3.21 -38.78
N PRO F 369 50.79 -2.62 -37.65
CA PRO F 369 50.60 -3.07 -36.26
C PRO F 369 49.37 -2.49 -35.52
N ASN F 370 48.68 -1.53 -36.14
CA ASN F 370 47.64 -0.79 -35.42
C ASN F 370 46.22 -1.26 -35.65
N ALA F 371 45.53 -1.58 -34.55
CA ALA F 371 44.07 -1.71 -34.57
C ALA F 371 43.51 -0.32 -34.61
N CYS F 372 42.28 -0.19 -35.12
CA CYS F 372 41.58 1.08 -35.11
C CYS F 372 40.26 1.00 -34.31
N ALA F 373 40.19 1.73 -33.22
CA ALA F 373 38.99 1.77 -32.41
C ALA F 373 38.36 3.15 -32.51
N THR F 374 37.02 3.19 -32.57
CA THR F 374 36.29 4.49 -32.53
C THR F 374 35.32 4.58 -31.34
N LEU F 375 35.13 5.81 -30.84
CA LEU F 375 34.24 6.17 -29.78
C LEU F 375 33.25 7.20 -30.35
N TRP F 376 31.96 6.87 -30.30
CA TRP F 376 30.93 7.66 -30.91
C TRP F 376 30.15 8.33 -29.78
N LEU F 377 30.18 9.65 -29.74
CA LEU F 377 29.51 10.49 -28.76
C LEU F 377 28.27 11.05 -29.43
N PRO F 378 27.07 10.72 -28.91
CA PRO F 378 25.87 11.24 -29.50
C PRO F 378 25.72 12.71 -29.08
N THR F 379 25.68 13.62 -30.04
CA THR F 379 25.61 15.07 -29.74
C THR F 379 24.22 15.53 -29.26
N GLU F 380 23.22 14.67 -29.41
CA GLU F 380 21.84 14.99 -29.01
C GLU F 380 21.69 15.14 -27.49
N ILE F 381 22.66 14.59 -26.74
CA ILE F 381 22.55 14.59 -25.30
C ILE F 381 22.93 15.97 -24.66
N PHE F 382 23.50 16.88 -25.44
CA PHE F 382 23.90 18.19 -24.92
C PHE F 382 22.84 19.22 -25.25
N ASP F 383 22.56 20.15 -24.34
CA ASP F 383 21.60 21.21 -24.69
C ASP F 383 22.24 22.42 -25.39
N PHE F 384 23.38 22.19 -26.02
CA PHE F 384 24.08 23.17 -26.83
C PHE F 384 24.86 22.39 -27.88
N ASP F 385 25.18 23.04 -28.99
CA ASP F 385 25.84 22.39 -30.11
C ASP F 385 27.34 22.18 -29.85
N ILE F 386 27.80 20.93 -29.87
CA ILE F 386 29.24 20.62 -29.64
C ILE F 386 30.02 20.28 -30.90
N ASN F 387 29.39 20.43 -32.05
CA ASN F 387 30.05 20.21 -33.32
C ASN F 387 31.14 21.26 -33.61
N PRO F 388 32.20 20.87 -34.35
CA PRO F 388 33.25 21.83 -34.71
C PRO F 388 32.75 22.90 -35.69
N THR F 389 33.16 24.15 -35.46
CA THR F 389 32.82 25.27 -36.36
C THR F 389 34.11 26.01 -36.70
N ALA F 390 34.04 26.93 -37.65
CA ALA F 390 35.20 27.73 -38.06
C ALA F 390 35.74 28.53 -36.91
N GLU F 391 34.84 28.96 -36.04
CA GLU F 391 35.12 29.86 -34.93
C GLU F 391 35.79 29.18 -33.74
N GLY F 392 35.83 27.85 -33.74
CA GLY F 392 36.34 27.12 -32.58
C GLY F 392 35.28 27.08 -31.49
N PRO F 393 35.57 26.41 -30.36
CA PRO F 393 34.54 26.16 -29.34
C PRO F 393 34.29 27.32 -28.40
N GLN F 394 33.10 27.36 -27.82
CA GLN F 394 32.83 28.26 -26.72
C GLN F 394 32.85 27.52 -25.38
N LYS F 395 33.57 28.09 -24.42
CA LYS F 395 33.59 27.59 -23.05
C LYS F 395 32.22 27.92 -22.43
N ILE F 396 31.31 26.95 -22.56
CA ILE F 396 29.89 27.07 -22.23
C ILE F 396 29.60 26.61 -20.80
N ILE F 397 30.34 25.60 -20.36
CA ILE F 397 30.19 25.07 -19.03
C ILE F 397 31.07 25.91 -18.14
N THR F 398 30.44 26.73 -17.31
CA THR F 398 31.17 27.74 -16.51
C THR F 398 31.26 27.42 -15.01
N GLY F 399 32.45 26.99 -14.59
CA GLY F 399 32.80 26.74 -13.17
C GLY F 399 31.80 25.94 -12.35
N GLY F 400 31.80 26.17 -11.04
CA GLY F 400 30.78 25.60 -10.15
C GLY F 400 30.88 24.10 -9.94
N VAL F 401 29.74 23.41 -9.98
CA VAL F 401 29.62 21.96 -9.67
C VAL F 401 30.56 21.07 -10.48
N ASP F 402 31.09 20.07 -9.80
CA ASP F 402 31.94 19.03 -10.38
C ASP F 402 31.60 17.75 -9.60
N LEU F 403 32.21 16.63 -9.98
CA LEU F 403 32.02 15.36 -9.28
C LEU F 403 32.78 15.42 -7.95
N PRO F 404 32.15 14.95 -6.86
CA PRO F 404 32.84 14.67 -5.61
C PRO F 404 34.09 13.84 -5.84
N ILE F 405 35.14 14.09 -5.06
CA ILE F 405 36.38 13.34 -5.15
C ILE F 405 36.85 13.02 -3.74
N ALA F 406 37.35 11.81 -3.53
CA ALA F 406 37.79 11.40 -2.21
C ALA F 406 39.26 11.01 -2.25
N GLN F 407 40.04 11.65 -1.35
CA GLN F 407 41.47 11.34 -1.18
C GLN F 407 41.63 9.89 -0.73
N ASP F 408 42.76 9.29 -1.08
CA ASP F 408 43.01 7.91 -0.73
C ASP F 408 43.13 7.71 0.78
N LYS F 409 42.79 6.50 1.24
CA LYS F 409 42.87 6.15 2.67
C LYS F 409 44.29 5.63 2.99
N ALA G 2 25.52 -1.89 -66.13
CA ALA G 2 24.40 -2.41 -66.97
C ALA G 2 24.19 -1.49 -68.18
N GLU G 3 23.58 -2.02 -69.23
CA GLU G 3 23.43 -1.24 -70.46
C GLU G 3 22.19 -0.36 -70.44
N THR G 4 22.36 0.85 -70.98
CA THR G 4 21.26 1.80 -71.14
C THR G 4 20.40 1.46 -72.37
N LEU G 5 19.19 0.95 -72.13
CA LEU G 5 18.28 0.56 -73.21
C LEU G 5 17.48 1.67 -73.86
N ILE G 6 17.37 2.81 -73.18
CA ILE G 6 16.74 3.99 -73.75
C ILE G 6 17.63 5.20 -73.45
N LYS G 7 18.17 5.78 -74.51
CA LYS G 7 19.07 6.92 -74.36
C LYS G 7 18.33 8.21 -74.68
N VAL G 8 18.76 9.28 -74.04
CA VAL G 8 18.06 10.56 -74.15
C VAL G 8 19.12 11.61 -74.40
N ASP G 9 18.85 12.45 -75.40
CA ASP G 9 19.69 13.58 -75.73
C ASP G 9 18.87 14.78 -75.34
N LEU G 10 19.31 15.46 -74.28
CA LEU G 10 18.57 16.61 -73.72
C LEU G 10 18.29 17.74 -74.72
N ASN G 11 19.16 17.83 -75.74
CA ASN G 11 19.05 18.86 -76.76
C ASN G 11 18.21 18.45 -77.96
N GLN G 12 17.82 17.17 -78.00
CA GLN G 12 16.85 16.70 -78.97
C GLN G 12 15.44 16.86 -78.42
N SER G 13 14.51 17.28 -79.27
CA SER G 13 13.13 17.39 -78.90
C SER G 13 12.62 15.98 -78.56
N PRO G 14 11.88 15.85 -77.46
CA PRO G 14 11.33 14.57 -77.05
C PRO G 14 10.46 13.93 -78.11
N TYR G 15 9.83 14.77 -78.94
CA TYR G 15 8.95 14.28 -80.02
C TYR G 15 9.74 13.51 -81.08
N ASP G 16 11.04 13.83 -81.19
CA ASP G 16 11.96 13.15 -82.11
C ASP G 16 12.49 11.81 -81.58
N ASN G 17 12.26 11.54 -80.28
CA ASN G 17 12.68 10.27 -79.69
C ASN G 17 11.51 9.30 -79.72
N PRO G 18 11.64 8.21 -80.50
CA PRO G 18 10.52 7.25 -80.64
C PRO G 18 10.28 6.34 -79.43
N GLN G 19 11.17 6.40 -78.44
CA GLN G 19 11.11 5.53 -77.25
C GLN G 19 10.61 6.31 -76.04
N VAL G 20 10.06 7.49 -76.33
CA VAL G 20 9.44 8.37 -75.35
C VAL G 20 7.94 8.48 -75.66
N HIS G 21 7.12 8.76 -74.65
CA HIS G 21 5.68 9.05 -74.87
C HIS G 21 5.12 9.90 -73.74
N ASN G 22 3.97 10.55 -73.99
CA ASN G 22 3.40 11.45 -72.97
C ASN G 22 1.89 11.31 -72.77
N ARG G 23 1.35 10.15 -73.12
CA ARG G 23 -0.05 9.83 -72.88
C ARG G 23 -0.09 8.36 -72.55
N TRP G 24 -1.14 7.91 -71.88
CA TRP G 24 -1.33 6.49 -71.60
C TRP G 24 -2.32 5.93 -72.61
N HIS G 25 -1.93 4.82 -73.24
CA HIS G 25 -2.77 4.17 -74.25
C HIS G 25 -2.28 2.75 -74.48
N PRO G 26 -3.20 1.78 -74.52
CA PRO G 26 -2.87 0.34 -74.66
C PRO G 26 -2.09 -0.02 -75.93
N ASP G 27 -2.10 0.87 -76.92
CA ASP G 27 -1.60 0.55 -78.25
C ASP G 27 -0.23 1.12 -78.57
N ILE G 28 0.32 1.95 -77.68
CA ILE G 28 1.70 2.41 -77.84
C ILE G 28 2.59 1.15 -77.85
N PRO G 29 3.39 0.98 -78.92
CA PRO G 29 4.24 -0.21 -79.03
C PRO G 29 5.46 -0.11 -78.10
N MET G 30 5.94 -1.27 -77.66
CA MET G 30 7.10 -1.34 -76.77
C MET G 30 8.33 -0.67 -77.37
N ALA G 31 8.93 0.23 -76.58
CA ALA G 31 10.20 0.88 -76.96
C ALA G 31 11.39 -0.09 -76.98
N VAL G 32 11.29 -1.19 -76.22
CA VAL G 32 12.32 -2.25 -76.15
C VAL G 32 11.73 -3.45 -75.45
N TRP G 33 12.26 -4.63 -75.72
CA TRP G 33 11.81 -5.85 -75.06
C TRP G 33 12.94 -6.42 -74.19
N VAL G 34 12.58 -6.88 -72.98
CA VAL G 34 13.56 -7.52 -72.08
C VAL G 34 13.03 -8.86 -71.58
N GLU G 35 13.94 -9.72 -71.13
CA GLU G 35 13.58 -10.98 -70.48
C GLU G 35 13.35 -10.75 -68.99
N PRO G 36 12.44 -11.52 -68.37
CA PRO G 36 12.33 -11.45 -66.91
C PRO G 36 13.68 -11.73 -66.23
N GLY G 37 14.07 -10.89 -65.28
CA GLY G 37 15.39 -11.02 -64.63
C GLY G 37 16.38 -10.02 -65.17
N ALA G 38 15.98 -9.30 -66.21
CA ALA G 38 16.86 -8.36 -66.87
C ALA G 38 17.07 -7.15 -65.98
N GLU G 39 18.30 -6.64 -66.02
CA GLU G 39 18.57 -5.40 -65.37
C GLU G 39 19.24 -4.46 -66.35
N PHE G 40 18.90 -3.17 -66.24
CA PHE G 40 19.23 -2.19 -67.25
C PHE G 40 18.97 -0.77 -66.77
N LYS G 41 19.43 0.19 -67.55
CA LYS G 41 19.17 1.60 -67.23
C LYS G 41 18.27 2.22 -68.29
N LEU G 42 17.49 3.23 -67.89
CA LEU G 42 16.71 4.04 -68.79
C LEU G 42 17.05 5.47 -68.45
N GLU G 43 17.31 6.30 -69.46
CA GLU G 43 17.54 7.73 -69.25
C GLU G 43 16.22 8.45 -69.46
N THR G 44 16.08 9.68 -68.93
CA THR G 44 14.79 10.37 -68.91
C THR G 44 14.96 11.88 -69.11
N TYR G 45 13.99 12.48 -69.78
CA TYR G 45 13.88 13.93 -69.82
C TYR G 45 13.26 14.36 -68.49
N ASP G 46 13.53 15.59 -68.07
CA ASP G 46 12.69 16.21 -67.06
C ASP G 46 11.25 16.24 -67.61
N TRP G 47 10.26 16.31 -66.72
CA TRP G 47 8.89 16.07 -67.13
C TRP G 47 8.36 16.99 -68.26
N THR G 48 8.86 18.23 -68.28
CA THR G 48 8.52 19.25 -69.28
C THR G 48 9.32 19.08 -70.57
N GLY G 49 10.47 18.39 -70.50
CA GLY G 49 11.24 18.10 -71.69
C GLY G 49 12.15 19.22 -72.11
N GLY G 50 12.41 20.16 -71.21
CA GLY G 50 13.38 21.22 -71.45
C GLY G 50 12.84 22.63 -71.26
N ALA G 51 11.52 22.75 -71.01
CA ALA G 51 10.84 24.04 -70.93
C ALA G 51 11.38 24.99 -69.86
N ILE G 52 11.88 24.44 -68.75
CA ILE G 52 12.33 25.26 -67.62
C ILE G 52 13.85 25.33 -67.57
N LYS G 53 14.37 26.55 -67.34
CA LYS G 53 15.79 26.83 -67.44
C LYS G 53 16.43 27.15 -66.10
N ASN G 54 17.74 27.01 -66.02
CA ASN G 54 18.48 27.41 -64.83
C ASN G 54 18.85 28.90 -64.87
N ASP G 55 17.95 29.74 -64.38
CA ASP G 55 18.16 31.19 -64.33
C ASP G 55 17.34 31.81 -63.20
N ASP G 56 17.30 33.14 -63.13
CA ASP G 56 16.60 33.82 -62.05
C ASP G 56 15.31 34.54 -62.49
N SER G 57 14.58 33.94 -63.43
CA SER G 57 13.24 34.44 -63.78
C SER G 57 12.22 33.31 -63.82
N ALA G 58 10.99 33.62 -63.45
CA ALA G 58 9.94 32.62 -63.32
C ALA G 58 9.00 32.52 -64.51
N GLU G 59 9.32 33.26 -65.59
CA GLU G 59 8.44 33.35 -66.77
C GLU G 59 8.27 32.01 -67.48
N ASP G 60 9.33 31.21 -67.52
CA ASP G 60 9.21 29.84 -68.08
C ASP G 60 8.18 28.97 -67.32
N VAL G 61 8.14 29.11 -66.00
CA VAL G 61 7.15 28.40 -65.18
C VAL G 61 5.77 28.94 -65.46
N ARG G 62 5.65 30.28 -65.49
CA ARG G 62 4.37 30.91 -65.88
C ARG G 62 3.83 30.42 -67.22
N ASP G 63 4.70 30.34 -68.22
CA ASP G 63 4.27 30.14 -69.63
C ASP G 63 4.33 28.70 -70.14
N VAL G 64 4.83 27.76 -69.33
CA VAL G 64 4.98 26.36 -69.78
C VAL G 64 3.67 25.77 -70.29
N ASP G 65 3.74 24.90 -71.31
CA ASP G 65 2.54 24.31 -71.86
C ASP G 65 2.29 22.96 -71.20
N LEU G 66 1.48 22.99 -70.14
CA LEU G 66 1.27 21.83 -69.29
C LEU G 66 0.56 20.66 -69.95
N SER G 67 0.10 20.83 -71.20
CA SER G 67 -0.48 19.71 -71.96
C SER G 67 0.62 18.76 -72.45
N THR G 68 1.86 19.24 -72.45
CA THR G 68 2.99 18.43 -72.92
C THR G 68 3.47 17.36 -71.91
N VAL G 69 3.39 17.68 -70.61
CA VAL G 69 3.87 16.79 -69.54
C VAL G 69 3.01 15.50 -69.49
N HIS G 70 3.58 14.33 -69.12
CA HIS G 70 5.00 14.14 -68.77
C HIS G 70 5.67 13.32 -69.85
N PHE G 71 6.90 13.66 -70.23
CA PHE G 71 7.64 12.84 -71.19
C PHE G 71 8.29 11.62 -70.55
N LEU G 72 7.68 10.46 -70.77
CA LEU G 72 8.10 9.23 -70.12
C LEU G 72 8.98 8.40 -71.04
N SER G 73 9.92 7.65 -70.45
CA SER G 73 10.72 6.69 -71.20
C SER G 73 10.07 5.32 -71.12
N GLY G 74 9.83 4.70 -72.26
CA GLY G 74 9.15 3.41 -72.33
C GLY G 74 8.21 3.41 -73.51
N PRO G 75 7.30 2.44 -73.58
CA PRO G 75 7.05 1.33 -72.67
C PRO G 75 8.06 0.20 -72.82
N VAL G 76 8.51 -0.34 -71.68
CA VAL G 76 9.41 -1.46 -71.69
C VAL G 76 8.59 -2.74 -71.69
N GLY G 77 8.81 -3.57 -72.69
CA GLY G 77 8.13 -4.85 -72.75
C GLY G 77 8.87 -5.95 -72.01
N VAL G 78 8.12 -6.80 -71.33
CA VAL G 78 8.71 -7.89 -70.57
C VAL G 78 8.13 -9.21 -71.10
N LYS G 79 9.00 -10.05 -71.66
CA LYS G 79 8.56 -11.28 -72.32
C LYS G 79 7.85 -12.24 -71.38
N GLY G 80 6.59 -12.55 -71.69
CA GLY G 80 5.81 -13.51 -70.94
C GLY G 80 4.88 -12.89 -69.93
N ALA G 81 4.99 -11.55 -69.78
CA ALA G 81 4.09 -10.80 -68.90
C ALA G 81 2.67 -10.81 -69.48
N GLU G 82 1.72 -11.24 -68.66
CA GLU G 82 0.31 -11.36 -69.07
C GLU G 82 -0.59 -10.57 -68.12
N PRO G 83 -1.78 -10.13 -68.61
CA PRO G 83 -2.71 -9.39 -67.74
C PRO G 83 -2.99 -10.19 -66.47
N GLY G 84 -3.00 -9.49 -65.33
CA GLY G 84 -3.20 -10.15 -64.03
C GLY G 84 -1.92 -10.61 -63.33
N ASP G 85 -0.78 -10.44 -63.99
CA ASP G 85 0.52 -10.67 -63.34
C ASP G 85 0.88 -9.47 -62.45
N LEU G 86 1.86 -9.64 -61.57
CA LEU G 86 2.51 -8.48 -60.97
C LEU G 86 3.89 -8.38 -61.57
N LEU G 87 4.25 -7.15 -61.96
CA LEU G 87 5.58 -6.84 -62.42
C LEU G 87 6.41 -6.32 -61.26
N VAL G 88 7.39 -7.11 -60.83
CA VAL G 88 8.28 -6.72 -59.72
C VAL G 88 9.42 -5.88 -60.25
N VAL G 89 9.50 -4.63 -59.80
CA VAL G 89 10.56 -3.72 -60.19
C VAL G 89 11.47 -3.37 -59.00
N ASP G 90 12.74 -3.77 -59.06
CA ASP G 90 13.74 -3.27 -58.12
C ASP G 90 14.34 -1.98 -58.66
N LEU G 91 14.24 -0.90 -57.91
CA LEU G 91 14.91 0.34 -58.29
C LEU G 91 16.29 0.28 -57.68
N LEU G 92 17.30 -0.05 -58.49
CA LEU G 92 18.61 -0.37 -57.97
C LEU G 92 19.43 0.86 -57.68
N ASP G 93 19.21 1.93 -58.48
CA ASP G 93 19.78 3.23 -58.24
C ASP G 93 19.07 4.23 -59.15
N ILE G 94 19.22 5.52 -58.83
CA ILE G 94 18.61 6.60 -59.64
C ILE G 94 19.48 7.82 -59.44
N GLY G 95 19.71 8.58 -60.50
CA GLY G 95 20.50 9.79 -60.34
C GLY G 95 20.29 10.81 -61.41
N ALA G 96 21.00 11.93 -61.27
CA ALA G 96 21.04 12.99 -62.25
C ALA G 96 22.07 12.65 -63.33
N ARG G 97 21.90 13.25 -64.51
CA ARG G 97 22.84 13.12 -65.63
C ARG G 97 24.05 13.95 -65.31
N ASP G 98 25.22 13.51 -65.79
CA ASP G 98 26.47 14.19 -65.48
C ASP G 98 26.53 15.60 -66.05
N ASP G 99 25.80 15.83 -67.14
CA ASP G 99 25.80 17.13 -67.82
C ASP G 99 24.67 18.04 -67.35
N SER G 100 23.96 17.63 -66.28
CA SER G 100 22.76 18.34 -65.87
C SER G 100 22.51 18.23 -64.35
N LEU G 101 23.42 18.80 -63.58
CA LEU G 101 23.48 18.61 -62.13
C LEU G 101 22.72 19.70 -61.37
N TRP G 102 21.48 19.96 -61.80
CA TRP G 102 20.63 20.94 -61.17
C TRP G 102 19.20 20.51 -61.45
N GLY G 103 18.28 21.04 -60.65
CA GLY G 103 16.88 20.78 -60.87
C GLY G 103 16.08 21.99 -60.44
N PHE G 104 14.76 21.90 -60.63
CA PHE G 104 13.93 23.07 -60.35
C PHE G 104 12.68 22.69 -59.58
N ASN G 105 12.28 23.62 -58.72
CA ASN G 105 10.98 23.64 -58.09
C ASN G 105 10.30 24.93 -58.51
N GLY G 106 8.97 24.92 -58.61
CA GLY G 106 8.24 26.16 -58.82
C GLY G 106 6.81 26.17 -58.29
N PHE G 107 6.21 27.37 -58.23
CA PHE G 107 4.75 27.47 -58.12
C PHE G 107 4.22 27.92 -59.48
N PHE G 108 3.33 27.14 -60.07
CA PHE G 108 2.57 27.60 -61.22
C PHE G 108 1.71 28.82 -60.85
N SER G 109 1.44 29.68 -61.84
CA SER G 109 0.41 30.71 -61.68
C SER G 109 -0.94 30.02 -61.51
N LYS G 110 -1.84 30.61 -60.73
CA LYS G 110 -3.19 30.05 -60.65
C LYS G 110 -3.86 29.96 -62.03
N GLN G 111 -3.47 30.87 -62.94
CA GLN G 111 -4.01 30.91 -64.30
C GLN G 111 -3.51 29.75 -65.19
N ASN G 112 -2.41 29.14 -64.79
CA ASN G 112 -1.79 28.07 -65.57
C ASN G 112 -1.28 26.94 -64.66
N GLY G 113 -2.23 26.21 -64.08
CA GLY G 113 -1.92 25.01 -63.28
C GLY G 113 -2.35 25.05 -61.81
N GLY G 114 -2.01 26.13 -61.12
CA GLY G 114 -2.34 26.28 -59.70
C GLY G 114 -1.48 25.40 -58.78
N GLY G 115 -2.05 25.01 -57.64
CA GLY G 115 -1.32 24.28 -56.61
C GLY G 115 -2.04 24.29 -55.28
N PHE G 116 -1.43 23.62 -54.30
CA PHE G 116 -2.07 23.44 -52.99
C PHE G 116 -2.35 24.75 -52.22
N LEU G 117 -1.43 25.70 -52.32
CA LEU G 117 -1.57 26.98 -51.67
C LEU G 117 -1.75 28.12 -52.68
N ASP G 118 -2.35 27.84 -53.83
CA ASP G 118 -2.51 28.85 -54.90
C ASP G 118 -3.35 30.10 -54.53
N GLU G 119 -4.19 29.98 -53.50
CA GLU G 119 -4.90 31.16 -52.98
C GLU G 119 -3.97 32.10 -52.22
N HIS G 120 -2.83 31.58 -51.77
CA HIS G 120 -1.85 32.37 -51.00
C HIS G 120 -0.67 32.82 -51.83
N PHE G 121 -0.36 32.04 -52.87
CA PHE G 121 0.76 32.32 -53.79
C PHE G 121 0.30 32.15 -55.24
N PRO G 122 -0.48 33.12 -55.75
CA PRO G 122 -1.12 32.93 -57.06
C PRO G 122 -0.21 33.22 -58.28
N LEU G 123 0.93 33.86 -58.03
CA LEU G 123 1.90 34.21 -59.08
C LEU G 123 3.00 33.14 -59.19
N ALA G 124 3.37 32.82 -60.43
CA ALA G 124 4.41 31.82 -60.73
C ALA G 124 5.78 32.17 -60.15
N GLN G 125 6.45 31.18 -59.56
CA GLN G 125 7.77 31.38 -58.97
C GLN G 125 8.71 30.19 -59.26
N LYS G 126 9.97 30.30 -58.88
CA LYS G 126 10.93 29.24 -59.14
C LYS G 126 12.07 29.27 -58.15
N SER G 127 12.48 28.07 -57.72
CA SER G 127 13.77 27.88 -57.03
C SER G 127 14.57 26.82 -57.79
N ILE G 128 15.86 27.07 -57.86
CA ILE G 128 16.78 26.21 -58.59
C ILE G 128 17.65 25.50 -57.58
N TRP G 129 17.86 24.21 -57.82
CA TRP G 129 18.64 23.38 -56.91
C TRP G 129 19.83 22.77 -57.61
N ASP G 130 20.99 22.87 -56.98
CA ASP G 130 22.24 22.27 -57.47
C ASP G 130 22.51 20.96 -56.74
N PHE G 131 22.98 19.96 -57.48
CA PHE G 131 23.28 18.66 -56.87
C PHE G 131 24.76 18.54 -56.56
N HIS G 132 25.10 18.24 -55.29
CA HIS G 132 26.49 18.03 -54.82
C HIS G 132 26.64 16.58 -54.28
N GLY G 133 26.88 15.66 -55.20
CA GLY G 133 26.82 14.21 -54.89
C GLY G 133 25.44 13.81 -54.42
N MET G 134 25.32 13.48 -53.14
CA MET G 134 24.02 13.00 -52.59
C MET G 134 23.16 14.14 -52.11
N PHE G 135 23.77 15.32 -52.03
CA PHE G 135 23.19 16.48 -51.38
C PHE G 135 22.70 17.55 -52.35
N THR G 136 21.84 18.44 -51.86
CA THR G 136 21.31 19.51 -52.69
C THR G 136 21.18 20.80 -51.85
N LYS G 137 21.06 21.94 -52.56
CA LYS G 137 20.86 23.24 -51.92
C LYS G 137 20.48 24.22 -53.01
N SER G 138 19.88 25.35 -52.61
CA SER G 138 19.39 26.30 -53.59
C SER G 138 19.93 27.70 -53.27
N ARG G 139 20.37 28.41 -54.32
CA ARG G 139 20.84 29.80 -54.18
C ARG G 139 19.69 30.67 -53.73
N HIS G 140 18.47 30.17 -53.90
CA HIS G 140 17.24 30.91 -53.55
C HIS G 140 16.72 30.73 -52.12
N ILE G 141 17.26 29.73 -51.41
CA ILE G 141 16.86 29.45 -50.02
C ILE G 141 18.10 29.24 -49.15
N PRO G 142 18.59 30.31 -48.50
CA PRO G 142 19.81 30.20 -47.70
C PRO G 142 19.62 29.37 -46.43
N GLY G 143 20.72 28.77 -45.94
CA GLY G 143 20.71 28.04 -44.68
C GLY G 143 20.19 26.61 -44.75
N VAL G 144 19.88 26.13 -45.95
CA VAL G 144 19.25 24.83 -46.10
C VAL G 144 20.12 23.91 -46.92
N ASN G 145 20.38 22.70 -46.40
CA ASN G 145 21.17 21.66 -47.07
C ASN G 145 20.59 20.30 -46.70
N PHE G 146 20.35 19.44 -47.68
CA PHE G 146 19.91 18.11 -47.34
C PHE G 146 20.30 17.02 -48.33
N ALA G 147 20.34 15.76 -47.85
CA ALA G 147 20.47 14.58 -48.71
C ALA G 147 19.17 14.35 -49.42
N GLY G 148 19.24 14.06 -50.72
CA GLY G 148 18.05 13.88 -51.49
C GLY G 148 17.46 12.51 -51.29
N LEU G 149 16.13 12.45 -51.36
CA LEU G 149 15.40 11.19 -51.38
C LEU G 149 14.94 11.00 -52.82
N ILE G 150 15.82 10.39 -53.61
CA ILE G 150 15.74 10.36 -55.06
C ILE G 150 14.74 9.33 -55.51
N HIS G 151 13.77 9.78 -56.28
CA HIS G 151 12.63 8.91 -56.63
C HIS G 151 12.03 9.26 -58.00
N PRO G 152 11.44 8.29 -58.69
CA PRO G 152 10.62 8.63 -59.85
C PRO G 152 9.25 9.08 -59.40
N GLY G 153 8.82 10.27 -59.82
CA GLY G 153 7.49 10.75 -59.52
C GLY G 153 6.44 9.94 -60.22
N LEU G 154 6.81 9.35 -61.36
CA LEU G 154 5.86 8.68 -62.23
C LEU G 154 6.42 7.40 -62.76
N ILE G 155 5.68 6.32 -62.54
CA ILE G 155 6.10 4.99 -63.04
C ILE G 155 4.91 4.09 -63.00
N GLY G 156 4.77 3.23 -64.01
CA GLY G 156 3.60 2.36 -64.12
C GLY G 156 3.43 1.70 -65.49
N CYS G 157 2.46 0.79 -65.60
CA CYS G 157 2.28 0.00 -66.79
C CYS G 157 1.11 0.50 -67.63
N LEU G 158 1.07 0.07 -68.88
CA LEU G 158 0.03 0.48 -69.83
C LEU G 158 -1.34 -0.07 -69.42
N PRO G 159 -2.38 0.79 -69.51
CA PRO G 159 -3.76 0.34 -69.26
C PRO G 159 -4.29 -0.50 -70.39
N ASP G 160 -5.22 -1.40 -70.09
CA ASP G 160 -6.00 -2.06 -71.13
C ASP G 160 -7.11 -1.13 -71.68
N PRO G 161 -7.76 -1.51 -72.80
CA PRO G 161 -8.86 -0.71 -73.36
C PRO G 161 -9.95 -0.33 -72.36
N LYS G 162 -10.41 -1.29 -71.57
CA LYS G 162 -11.45 -1.06 -70.54
C LYS G 162 -11.06 0.02 -69.55
N MET G 163 -9.90 -0.17 -68.93
CA MET G 163 -9.32 0.79 -67.99
C MET G 163 -9.27 2.21 -68.55
N LEU G 164 -8.77 2.35 -69.78
CA LEU G 164 -8.63 3.68 -70.39
C LEU G 164 -10.00 4.34 -70.56
N ALA G 165 -10.98 3.53 -70.99
CA ALA G 165 -12.35 4.01 -71.18
C ALA G 165 -12.97 4.55 -69.88
N SER G 166 -12.80 3.79 -68.78
CA SER G 166 -13.21 4.24 -67.45
C SER G 166 -12.56 5.56 -67.07
N TRP G 167 -11.24 5.65 -67.28
CA TRP G 167 -10.50 6.86 -66.90
C TRP G 167 -11.06 8.10 -67.58
N ASN G 168 -11.14 8.04 -68.90
CA ASN G 168 -11.70 9.15 -69.67
C ASN G 168 -13.13 9.49 -69.27
N GLU G 169 -13.97 8.46 -69.11
CA GLU G 169 -15.37 8.66 -68.73
C GLU G 169 -15.55 9.41 -67.40
N ARG G 170 -14.95 8.89 -66.32
CA ARG G 170 -15.08 9.51 -65.00
C ARG G 170 -14.40 10.88 -64.93
N GLU G 171 -13.29 11.04 -65.64
CA GLU G 171 -12.55 12.30 -65.61
C GLU G 171 -13.14 13.44 -66.45
N THR G 172 -13.63 13.12 -67.65
CA THR G 172 -14.38 14.10 -68.43
C THR G 172 -15.70 14.43 -67.74
N GLY G 173 -16.33 13.42 -67.15
CA GLY G 173 -17.54 13.60 -66.32
C GLY G 173 -17.38 14.65 -65.23
N LEU G 174 -16.22 14.63 -64.59
CA LEU G 174 -15.91 15.57 -63.51
C LEU G 174 -15.62 16.98 -64.02
N ILE G 175 -14.95 17.09 -65.17
CA ILE G 175 -14.77 18.39 -65.82
C ILE G 175 -16.13 19.02 -66.15
N ALA G 176 -17.07 18.19 -66.59
CA ALA G 176 -18.42 18.61 -66.95
C ALA G 176 -19.17 19.33 -65.82
N THR G 177 -18.87 18.97 -64.58
CA THR G 177 -19.53 19.57 -63.41
C THR G 177 -19.07 21.01 -63.07
N ASP G 178 -17.96 21.45 -63.68
CA ASP G 178 -17.48 22.84 -63.54
C ASP G 178 -16.42 23.14 -64.64
N PRO G 179 -16.87 23.24 -65.90
CA PRO G 179 -15.94 23.25 -67.04
C PRO G 179 -15.09 24.52 -67.18
N ASP G 180 -15.55 25.62 -66.61
CA ASP G 180 -14.85 26.90 -66.76
C ASP G 180 -13.96 27.25 -65.58
N ARG G 181 -13.83 26.31 -64.65
CA ARG G 181 -13.04 26.53 -63.43
C ARG G 181 -11.56 26.76 -63.75
N ILE G 182 -10.98 27.79 -63.15
CA ILE G 182 -9.55 28.07 -63.26
C ILE G 182 -8.89 27.95 -61.87
N PRO G 183 -8.04 26.92 -61.66
CA PRO G 183 -7.63 25.86 -62.58
C PRO G 183 -8.68 24.77 -62.73
N GLY G 184 -8.57 23.97 -63.79
CA GLY G 184 -9.50 22.88 -64.04
C GLY G 184 -9.44 21.76 -63.01
N LEU G 185 -10.49 20.94 -63.00
CA LEU G 185 -10.63 19.84 -62.06
C LEU G 185 -9.88 18.59 -62.52
N ALA G 186 -9.76 18.46 -63.85
CA ALA G 186 -9.04 17.38 -64.50
C ALA G 186 -8.48 17.85 -65.86
N ASN G 187 -7.73 16.98 -66.54
CA ASN G 187 -7.22 17.32 -67.86
C ASN G 187 -7.67 16.24 -68.82
N PRO G 188 -8.40 16.66 -69.88
CA PRO G 188 -8.96 15.68 -70.83
C PRO G 188 -7.89 15.19 -71.81
N PRO G 189 -8.18 14.09 -72.54
CA PRO G 189 -7.31 13.72 -73.66
C PRO G 189 -7.09 14.91 -74.61
N ASN G 190 -5.89 15.00 -75.18
CA ASN G 190 -5.52 16.14 -76.03
C ASN G 190 -4.48 15.75 -77.07
N ALA G 191 -4.91 15.67 -78.33
CA ALA G 191 -4.07 15.16 -79.43
C ALA G 191 -3.02 16.14 -79.95
N THR G 192 -3.26 17.44 -79.75
CA THR G 192 -2.38 18.52 -80.25
C THR G 192 -0.93 18.34 -79.83
N THR G 193 -0.71 18.07 -78.53
CA THR G 193 0.63 17.98 -77.96
C THR G 193 1.01 16.54 -77.60
N ALA G 194 0.25 15.57 -78.10
CA ALA G 194 0.48 14.18 -77.80
C ALA G 194 1.67 13.57 -78.55
N HIS G 195 2.57 12.95 -77.80
CA HIS G 195 3.64 12.14 -78.36
C HIS G 195 3.27 10.68 -78.10
N MET G 196 3.03 9.91 -79.15
CA MET G 196 2.52 8.55 -78.98
C MET G 196 3.54 7.45 -79.26
N GLY G 197 4.82 7.76 -79.06
CA GLY G 197 5.89 6.77 -79.22
C GLY G 197 6.15 6.45 -80.68
N GLN G 198 6.15 5.16 -81.00
CA GLN G 198 6.34 4.69 -82.39
C GLN G 198 5.04 4.59 -83.18
N MET G 199 4.01 5.33 -82.74
CA MET G 199 2.71 5.28 -83.40
C MET G 199 2.73 6.07 -84.72
N GLN G 200 2.29 5.40 -85.78
CA GLN G 200 2.36 5.94 -87.14
C GLN G 200 1.01 5.89 -87.85
N GLY G 201 0.68 6.97 -88.58
CA GLY G 201 -0.48 6.98 -89.47
C GLY G 201 -1.82 7.14 -88.79
N GLU G 202 -2.81 6.35 -89.22
CA GLU G 202 -4.18 6.45 -88.71
C GLU G 202 -4.25 6.03 -87.25
N ALA G 203 -3.39 5.07 -86.90
CA ALA G 203 -3.31 4.56 -85.53
C ALA G 203 -2.92 5.66 -84.55
N ARG G 204 -2.08 6.59 -85.00
CA ARG G 204 -1.53 7.66 -84.17
C ARG G 204 -2.50 8.83 -83.98
N ASP G 205 -3.57 8.84 -84.76
CA ASP G 205 -4.54 9.93 -84.71
C ASP G 205 -5.65 9.59 -83.72
N LYS G 206 -6.25 8.41 -83.91
CA LYS G 206 -7.33 7.89 -83.06
C LYS G 206 -6.85 7.65 -81.62
N ALA G 207 -5.60 7.22 -81.47
CA ALA G 207 -5.02 7.00 -80.13
C ALA G 207 -4.69 8.31 -79.42
N ALA G 208 -4.14 9.28 -80.14
CA ALA G 208 -3.81 10.58 -79.55
C ALA G 208 -5.04 11.36 -79.06
N ALA G 209 -6.18 11.07 -79.67
CA ALA G 209 -7.43 11.76 -79.35
C ALA G 209 -8.10 11.11 -78.14
N GLU G 210 -7.80 9.84 -77.90
CA GLU G 210 -8.32 9.16 -76.72
C GLU G 210 -7.27 8.80 -75.64
N GLY G 211 -6.03 9.25 -75.83
CA GLY G 211 -4.93 8.94 -74.91
C GLY G 211 -4.98 9.77 -73.64
N ALA G 212 -4.97 9.07 -72.49
CA ALA G 212 -5.11 9.76 -71.21
C ALA G 212 -3.90 10.60 -70.84
N ARG G 213 -4.16 11.77 -70.24
CA ARG G 213 -3.09 12.56 -69.64
C ARG G 213 -2.38 11.78 -68.52
N THR G 214 -1.10 12.06 -68.34
CA THR G 214 -0.27 11.31 -67.37
C THR G 214 -0.31 11.97 -66.00
N VAL G 215 -1.04 13.09 -65.92
CA VAL G 215 -1.09 13.96 -64.75
C VAL G 215 -1.51 13.27 -63.45
N PRO G 216 -2.61 12.48 -63.45
CA PRO G 216 -3.02 11.97 -62.14
C PRO G 216 -2.62 10.52 -61.89
N PRO G 217 -2.38 10.16 -60.61
CA PRO G 217 -2.19 8.76 -60.25
C PRO G 217 -3.46 8.01 -60.49
N ARG G 218 -3.37 6.74 -60.85
CA ARG G 218 -4.57 5.94 -61.07
C ARG G 218 -4.29 4.52 -60.60
N GLU G 219 -5.21 3.59 -60.84
CA GLU G 219 -5.09 2.23 -60.33
C GLU G 219 -3.77 1.52 -60.68
N HIS G 220 -3.19 1.87 -61.84
CA HIS G 220 -1.98 1.21 -62.35
C HIS G 220 -0.71 1.72 -61.67
N GLY G 221 -0.82 2.89 -61.00
CA GLY G 221 0.30 3.59 -60.46
C GLY G 221 0.36 4.91 -61.20
N GLY G 222 1.43 5.14 -61.95
CA GLY G 222 1.51 6.32 -62.77
C GLY G 222 2.06 7.43 -61.92
N ASN G 223 1.43 8.58 -61.98
CA ASN G 223 2.00 9.76 -61.36
C ASN G 223 1.64 9.93 -59.88
N CYS G 224 2.17 9.07 -59.03
CA CYS G 224 1.79 9.05 -57.63
C CYS G 224 2.58 10.06 -56.81
N ASP G 225 3.76 10.42 -57.26
CA ASP G 225 4.58 11.35 -56.51
C ASP G 225 4.74 10.97 -55.03
N ILE G 226 4.87 9.66 -54.81
CA ILE G 226 5.25 9.10 -53.52
C ILE G 226 6.78 9.19 -53.36
N LYS G 227 7.21 10.16 -52.57
CA LYS G 227 8.65 10.34 -52.30
C LYS G 227 9.36 9.07 -51.80
N ASP G 228 8.63 8.17 -51.17
CA ASP G 228 9.20 6.98 -50.53
C ASP G 228 9.35 5.80 -51.47
N LEU G 229 8.82 5.94 -52.67
CA LEU G 229 9.07 5.02 -53.75
C LEU G 229 10.41 5.37 -54.37
N SER G 230 11.49 5.19 -53.62
CA SER G 230 12.76 5.83 -53.95
C SER G 230 13.83 4.83 -54.37
N ARG G 231 14.99 5.32 -54.79
CA ARG G 231 16.08 4.42 -55.09
C ARG G 231 16.35 3.45 -53.93
N GLY G 232 16.30 2.15 -54.23
CA GLY G 232 16.46 1.12 -53.25
C GLY G 232 15.16 0.36 -53.03
N SER G 233 14.04 0.90 -53.48
CA SER G 233 12.73 0.28 -53.28
C SER G 233 12.43 -0.92 -54.18
N ARG G 234 11.44 -1.72 -53.79
CA ARG G 234 10.92 -2.75 -54.63
C ARG G 234 9.43 -2.53 -54.72
N VAL G 235 8.93 -2.40 -55.95
CA VAL G 235 7.52 -2.10 -56.20
C VAL G 235 6.87 -3.21 -57.01
N PHE G 236 5.60 -3.48 -56.74
CA PHE G 236 4.87 -4.55 -57.41
C PHE G 236 3.69 -3.95 -58.19
N PHE G 237 3.75 -3.98 -59.52
CA PHE G 237 2.75 -3.29 -60.36
C PHE G 237 1.76 -4.26 -60.94
N PRO G 238 0.48 -3.88 -60.98
CA PRO G 238 -0.50 -4.65 -61.74
C PRO G 238 -0.19 -4.59 -63.25
N VAL G 239 -0.40 -5.70 -63.95
CA VAL G 239 -0.18 -5.80 -65.40
C VAL G 239 -1.53 -5.93 -66.09
N TYR G 240 -1.75 -5.11 -67.11
CA TYR G 240 -3.04 -5.07 -67.80
C TYR G 240 -3.01 -5.61 -69.24
N VAL G 241 -1.87 -5.45 -69.90
CA VAL G 241 -1.67 -5.89 -71.29
C VAL G 241 -0.47 -6.83 -71.39
N ASP G 242 -0.37 -7.58 -72.50
CA ASP G 242 0.77 -8.48 -72.74
C ASP G 242 2.07 -7.71 -72.81
N GLY G 243 3.11 -8.21 -72.15
CA GLY G 243 4.41 -7.51 -72.09
C GLY G 243 4.49 -6.35 -71.11
N ALA G 244 3.35 -6.02 -70.50
CA ALA G 244 3.24 -5.02 -69.41
C ALA G 244 3.34 -3.57 -69.88
N GLY G 245 4.48 -3.23 -70.48
CA GLY G 245 4.70 -1.88 -70.97
C GLY G 245 4.92 -0.90 -69.85
N LEU G 246 6.10 -1.00 -69.22
CA LEU G 246 6.46 -0.22 -68.07
C LEU G 246 7.13 1.06 -68.52
N SER G 247 6.67 2.19 -68.01
CA SER G 247 7.28 3.46 -68.36
C SER G 247 7.60 4.24 -67.11
N VAL G 248 8.51 5.18 -67.22
CA VAL G 248 9.06 5.87 -66.07
C VAL G 248 9.50 7.25 -66.48
N GLY G 249 9.34 8.21 -65.58
CA GLY G 249 9.81 9.55 -65.87
C GLY G 249 9.58 10.43 -64.66
N ASP G 250 9.71 11.73 -64.84
CA ASP G 250 9.36 12.64 -63.77
C ASP G 250 10.26 12.41 -62.55
N LEU G 251 11.58 12.31 -62.79
CA LEU G 251 12.50 12.06 -61.68
C LEU G 251 12.61 13.25 -60.75
N HIS G 252 12.57 12.94 -59.44
CA HIS G 252 12.76 13.93 -58.40
C HIS G 252 14.04 13.64 -57.62
N PHE G 253 14.78 14.69 -57.31
CA PHE G 253 15.96 14.54 -56.51
C PHE G 253 15.50 14.53 -55.04
N SER G 254 14.32 15.09 -54.79
CA SER G 254 13.70 15.19 -53.46
C SER G 254 12.29 15.72 -53.61
N GLN G 255 11.46 15.53 -52.58
CA GLN G 255 10.07 16.01 -52.57
C GLN G 255 9.52 15.92 -51.18
N GLY G 256 8.59 16.80 -50.85
CA GLY G 256 7.90 16.79 -49.57
C GLY G 256 6.61 16.07 -49.79
N ASP G 257 6.05 15.49 -48.73
CA ASP G 257 4.78 14.76 -48.82
C ASP G 257 3.72 15.73 -49.30
N GLY G 258 2.88 15.27 -50.22
CA GLY G 258 1.85 16.12 -50.81
C GLY G 258 2.29 16.80 -52.11
N GLU G 259 3.61 16.95 -52.27
CA GLU G 259 4.21 17.71 -53.36
C GLU G 259 3.46 19.04 -53.55
N ILE G 260 3.30 19.79 -52.46
CA ILE G 260 2.25 20.85 -52.39
C ILE G 260 2.43 21.94 -53.47
N THR G 261 3.68 22.21 -53.84
CA THR G 261 4.03 23.21 -54.85
C THR G 261 3.58 22.85 -56.29
N PHE G 262 3.24 21.57 -56.51
CA PHE G 262 2.77 21.03 -57.81
C PHE G 262 3.90 20.93 -58.86
N CYS G 263 4.61 22.02 -59.09
CA CYS G 263 5.73 22.05 -60.01
C CYS G 263 6.99 21.51 -59.30
N GLY G 264 7.00 20.20 -59.09
CA GLY G 264 8.00 19.61 -58.20
C GLY G 264 7.57 19.78 -56.75
N ALA G 265 8.35 19.36 -55.77
CA ALA G 265 9.56 18.55 -55.94
C ALA G 265 10.74 19.31 -56.52
N ILE G 266 11.92 18.70 -56.44
CA ILE G 266 13.06 19.14 -57.24
C ILE G 266 13.04 18.32 -58.50
N GLU G 267 12.51 18.93 -59.56
CA GLU G 267 12.37 18.28 -60.86
C GLU G 267 13.71 18.19 -61.55
N MET G 268 13.97 17.06 -62.20
CA MET G 268 15.23 16.87 -62.90
C MET G 268 15.13 15.88 -64.06
N ALA G 269 16.12 15.93 -64.95
CA ALA G 269 16.39 14.86 -65.91
C ALA G 269 17.30 13.84 -65.23
N GLY G 270 17.35 12.61 -65.72
CA GLY G 270 18.27 11.66 -65.13
C GLY G 270 18.19 10.27 -65.71
N TRP G 271 18.43 9.28 -64.87
CA TRP G 271 18.47 7.86 -65.25
C TRP G 271 18.01 7.00 -64.11
N VAL G 272 17.52 5.81 -64.43
CA VAL G 272 17.00 4.86 -63.46
C VAL G 272 17.64 3.52 -63.83
N HIS G 273 18.27 2.85 -62.85
CA HIS G 273 18.83 1.53 -63.03
C HIS G 273 17.88 0.58 -62.35
N MET G 274 17.40 -0.45 -63.04
CA MET G 274 16.30 -1.29 -62.51
C MET G 274 16.43 -2.74 -62.92
N LYS G 275 15.78 -3.60 -62.17
CA LYS G 275 15.73 -5.03 -62.47
C LYS G 275 14.25 -5.36 -62.49
N VAL G 276 13.82 -6.27 -63.39
CA VAL G 276 12.40 -6.62 -63.48
C VAL G 276 12.18 -8.14 -63.38
N SER G 277 11.01 -8.54 -62.92
CA SER G 277 10.63 -9.95 -62.77
C SER G 277 9.11 -10.02 -62.62
N LEU G 278 8.59 -11.23 -62.43
CA LEU G 278 7.16 -11.45 -62.47
C LEU G 278 6.66 -12.28 -61.31
N ILE G 279 5.42 -12.06 -60.92
CA ILE G 279 4.69 -12.98 -60.08
C ILE G 279 3.47 -13.40 -60.89
N LYS G 280 3.45 -14.67 -61.30
CA LYS G 280 2.41 -15.15 -62.19
C LYS G 280 1.08 -15.12 -61.46
N GLY G 281 0.11 -14.41 -62.06
CA GLY G 281 -1.22 -14.26 -61.50
C GLY G 281 -1.17 -13.54 -60.17
N GLY G 282 -0.17 -12.67 -60.02
CA GLY G 282 0.01 -11.94 -58.77
C GLY G 282 -1.18 -11.13 -58.29
N MET G 283 -1.92 -10.53 -59.22
CA MET G 283 -3.04 -9.65 -58.84
C MET G 283 -4.14 -10.36 -58.03
N ALA G 284 -4.53 -11.56 -58.45
CA ALA G 284 -5.60 -12.28 -57.79
C ALA G 284 -5.09 -12.93 -56.52
N LYS G 285 -3.85 -13.44 -56.60
CA LYS G 285 -3.22 -14.12 -55.47
C LYS G 285 -3.15 -13.21 -54.24
N TYR G 286 -2.85 -11.92 -54.45
CA TYR G 286 -2.61 -10.97 -53.36
C TYR G 286 -3.67 -9.88 -53.28
N GLY G 287 -4.75 -10.04 -54.05
CA GLY G 287 -5.85 -9.09 -54.02
C GLY G 287 -5.39 -7.68 -54.33
N ILE G 288 -4.64 -7.53 -55.39
CA ILE G 288 -4.07 -6.26 -55.76
C ILE G 288 -5.02 -5.42 -56.61
N LYS G 289 -5.21 -4.17 -56.22
CA LYS G 289 -5.88 -3.20 -57.04
C LYS G 289 -4.88 -2.10 -57.44
N ASN G 290 -4.45 -1.25 -56.51
CA ASN G 290 -3.33 -0.32 -56.75
C ASN G 290 -1.98 -1.00 -56.51
N PRO G 291 -0.86 -0.43 -57.01
CA PRO G 291 0.45 -1.02 -56.69
C PRO G 291 0.71 -1.10 -55.18
N ILE G 292 1.66 -1.96 -54.81
CA ILE G 292 2.18 -1.98 -53.46
C ILE G 292 3.68 -1.94 -53.60
N PHE G 293 4.37 -1.52 -52.53
CA PHE G 293 5.83 -1.51 -52.54
C PHE G 293 6.48 -1.58 -51.16
N LYS G 294 7.80 -1.74 -51.19
CA LYS G 294 8.62 -1.77 -50.01
C LYS G 294 9.59 -0.61 -50.15
N PRO G 295 9.72 0.22 -49.10
CA PRO G 295 10.59 1.40 -49.17
C PRO G 295 12.05 0.98 -49.13
N SER G 296 12.95 1.94 -49.32
CA SER G 296 14.37 1.67 -49.56
C SER G 296 15.15 1.55 -48.25
N PRO G 297 16.15 0.64 -48.20
CA PRO G 297 16.99 0.64 -47.01
C PRO G 297 17.95 1.84 -46.95
N MET G 298 18.08 2.60 -48.02
CA MET G 298 18.98 3.75 -48.02
C MET G 298 18.17 4.99 -48.22
N THR G 299 17.87 5.68 -47.13
CA THR G 299 17.14 6.95 -47.17
C THR G 299 17.71 7.92 -46.14
N PRO G 300 17.49 9.25 -46.34
CA PRO G 300 18.07 10.22 -45.39
C PRO G 300 17.50 10.01 -43.99
N ASN G 301 18.37 9.94 -42.98
CA ASN G 301 17.98 9.47 -41.64
C ASN G 301 17.44 10.57 -40.73
N TYR G 302 16.84 11.64 -41.28
CA TYR G 302 16.36 12.74 -40.42
C TYR G 302 15.29 12.24 -39.45
N LYS G 303 15.42 12.60 -38.17
CA LYS G 303 14.45 12.16 -37.15
C LYS G 303 14.03 13.31 -36.23
N ASP G 304 14.81 14.37 -36.20
CA ASP G 304 14.50 15.47 -35.28
C ASP G 304 13.51 16.44 -35.92
N TYR G 305 12.27 15.98 -35.96
CA TYR G 305 11.21 16.76 -36.54
C TYR G 305 10.63 17.86 -35.61
N LEU G 306 10.12 18.93 -36.22
CA LEU G 306 9.24 19.84 -35.53
C LEU G 306 7.91 19.68 -36.24
N ILE G 307 6.88 19.29 -35.49
CA ILE G 307 5.66 18.82 -36.11
C ILE G 307 4.48 19.80 -35.92
N PHE G 308 3.79 20.09 -37.02
CA PHE G 308 2.72 21.10 -37.08
C PHE G 308 1.40 20.44 -37.34
N GLU G 309 0.33 21.05 -36.84
CA GLU G 309 -1.00 20.42 -36.87
C GLU G 309 -2.01 21.24 -37.65
N GLY G 310 -3.02 20.55 -38.18
CA GLY G 310 -4.16 21.19 -38.78
C GLY G 310 -5.43 20.41 -38.56
N ILE G 311 -6.56 21.11 -38.60
CA ILE G 311 -7.91 20.51 -38.52
C ILE G 311 -8.78 21.00 -39.67
N SER G 312 -9.92 20.34 -39.87
CA SER G 312 -10.81 20.58 -40.99
C SER G 312 -11.63 21.88 -40.87
N VAL G 313 -10.97 22.97 -40.51
CA VAL G 313 -11.56 24.30 -40.45
C VAL G 313 -10.66 25.24 -41.27
N ASP G 314 -11.20 25.77 -42.38
CA ASP G 314 -10.38 26.51 -43.35
C ASP G 314 -9.95 27.93 -42.90
N GLU G 315 -9.28 28.65 -43.78
CA GLU G 315 -8.70 29.98 -43.50
C GLU G 315 -9.77 31.04 -43.23
N LYS G 316 -10.97 30.79 -43.73
CA LYS G 316 -12.11 31.67 -43.48
C LYS G 316 -12.85 31.33 -42.18
N GLY G 317 -12.50 30.20 -41.56
CA GLY G 317 -13.10 29.76 -40.30
C GLY G 317 -14.30 28.88 -40.50
N LYS G 318 -14.53 28.46 -41.73
CA LYS G 318 -15.66 27.61 -42.07
C LYS G 318 -15.37 26.17 -41.73
N GLN G 319 -16.40 25.48 -41.28
CA GLN G 319 -16.29 24.14 -40.74
C GLN G 319 -16.55 23.12 -41.81
N HIS G 320 -15.58 22.23 -42.04
CA HIS G 320 -15.77 21.14 -43.00
C HIS G 320 -16.01 19.84 -42.25
N TYR G 321 -16.16 18.76 -42.99
CA TYR G 321 -16.46 17.48 -42.38
C TYR G 321 -15.43 16.44 -42.77
N LEU G 322 -14.66 16.01 -41.78
CA LEU G 322 -13.60 14.99 -41.94
C LEU G 322 -12.80 15.23 -43.23
N ASP G 323 -12.38 16.48 -43.42
CA ASP G 323 -11.66 16.86 -44.63
C ASP G 323 -10.18 16.94 -44.35
N VAL G 324 -9.45 15.89 -44.73
CA VAL G 324 -8.01 15.83 -44.56
C VAL G 324 -7.29 16.86 -45.39
N THR G 325 -7.82 17.14 -46.57
CA THR G 325 -7.22 18.12 -47.49
C THR G 325 -7.15 19.49 -46.82
N VAL G 326 -8.26 19.93 -46.23
CA VAL G 326 -8.31 21.23 -45.56
C VAL G 326 -7.42 21.24 -44.31
N ALA G 327 -7.29 20.08 -43.67
CA ALA G 327 -6.51 20.00 -42.43
C ALA G 327 -5.04 20.10 -42.73
N TYR G 328 -4.60 19.42 -43.80
CA TYR G 328 -3.19 19.53 -44.24
C TYR G 328 -2.84 20.96 -44.67
N ARG G 329 -3.75 21.63 -45.37
CA ARG G 329 -3.50 23.04 -45.75
C ARG G 329 -3.18 23.86 -44.51
N GLN G 330 -4.03 23.74 -43.48
CA GLN G 330 -3.77 24.37 -42.17
C GLN G 330 -2.41 24.05 -41.60
N ALA G 331 -2.03 22.77 -41.60
CA ALA G 331 -0.72 22.39 -41.05
C ALA G 331 0.40 23.03 -41.85
N CYS G 332 0.28 23.00 -43.17
CA CYS G 332 1.31 23.60 -44.02
C CYS G 332 1.40 25.12 -43.76
N LEU G 333 0.26 25.80 -43.71
CA LEU G 333 0.23 27.25 -43.45
C LEU G 333 0.84 27.58 -42.10
N ASN G 334 0.57 26.73 -41.09
CA ASN G 334 1.18 26.86 -39.76
C ASN G 334 2.70 26.77 -39.81
N ALA G 335 3.20 25.82 -40.60
CA ALA G 335 4.65 25.62 -40.76
C ALA G 335 5.28 26.84 -41.45
N ILE G 336 4.58 27.36 -42.45
CA ILE G 336 5.04 28.54 -43.16
C ILE G 336 5.17 29.71 -42.18
N GLU G 337 4.11 30.00 -41.43
CA GLU G 337 4.11 31.10 -40.44
C GLU G 337 5.25 31.01 -39.49
N TYR G 338 5.58 29.78 -39.10
CA TYR G 338 6.68 29.50 -38.19
C TYR G 338 8.04 29.86 -38.83
N LEU G 339 8.23 29.41 -40.07
CA LEU G 339 9.50 29.66 -40.75
C LEU G 339 9.74 31.18 -41.01
N LYS G 340 8.68 31.89 -41.34
CA LYS G 340 8.74 33.34 -41.56
C LYS G 340 9.34 34.11 -40.38
N LYS G 341 9.13 33.61 -39.15
CA LYS G 341 9.65 34.22 -37.93
C LYS G 341 11.15 34.10 -37.84
N PHE G 342 11.73 33.25 -38.69
CA PHE G 342 13.17 33.08 -38.71
C PHE G 342 13.81 33.86 -39.84
N GLY G 343 12.97 34.46 -40.70
CA GLY G 343 13.48 35.39 -41.73
C GLY G 343 13.20 34.93 -43.14
N TYR G 344 12.64 33.73 -43.27
CA TYR G 344 12.29 33.23 -44.58
C TYR G 344 11.08 33.97 -45.10
N SER G 345 11.03 34.15 -46.41
CA SER G 345 9.83 34.65 -47.04
C SER G 345 8.84 33.50 -47.08
N GLY G 346 7.59 33.82 -47.35
CA GLY G 346 6.56 32.82 -47.48
C GLY G 346 6.82 31.90 -48.68
N ALA G 347 7.40 32.48 -49.72
CA ALA G 347 7.71 31.73 -50.94
C ALA G 347 8.83 30.72 -50.67
N GLN G 348 9.85 31.16 -49.93
CA GLN G 348 10.95 30.30 -49.51
C GLN G 348 10.42 29.11 -48.73
N ALA G 349 9.51 29.38 -47.79
CA ALA G 349 8.94 28.34 -46.95
C ALA G 349 8.08 27.34 -47.72
N TYR G 350 7.26 27.86 -48.63
CA TYR G 350 6.38 27.05 -49.48
C TYR G 350 7.19 26.13 -50.40
N SER G 351 8.24 26.68 -51.00
CA SER G 351 9.14 25.91 -51.86
C SER G 351 9.84 24.80 -51.02
N LEU G 352 10.30 25.17 -49.84
CA LEU G 352 10.90 24.24 -48.91
C LEU G 352 9.99 23.05 -48.60
N LEU G 353 8.71 23.30 -48.32
CA LEU G 353 7.79 22.22 -48.02
C LEU G 353 7.51 21.32 -49.22
N GLY G 354 7.69 21.88 -50.42
CA GLY G 354 7.52 21.12 -51.67
C GLY G 354 8.73 20.29 -52.03
N THR G 355 9.88 20.62 -51.46
CA THR G 355 11.17 20.05 -51.89
C THR G 355 11.89 19.22 -50.85
N ALA G 356 11.97 19.73 -49.62
CA ALA G 356 12.61 18.97 -48.54
C ALA G 356 11.76 17.77 -48.15
N PRO G 357 12.40 16.71 -47.60
CA PRO G 357 11.59 15.51 -47.32
C PRO G 357 10.72 15.62 -46.04
N VAL G 358 9.77 16.58 -46.05
CA VAL G 358 8.81 16.75 -44.98
C VAL G 358 7.80 15.63 -45.02
N GLN G 359 7.26 15.26 -43.87
CA GLN G 359 6.23 14.22 -43.79
C GLN G 359 4.89 14.86 -43.57
N GLY G 360 3.89 14.32 -44.24
CA GLY G 360 2.50 14.69 -44.00
C GLY G 360 1.76 13.47 -43.56
N HIS G 361 1.22 13.50 -42.34
CA HIS G 361 0.48 12.37 -41.84
C HIS G 361 -1.01 12.59 -41.72
N ILE G 362 -1.75 11.52 -41.99
CA ILE G 362 -3.18 11.48 -41.76
C ILE G 362 -3.32 10.95 -40.36
N SER G 363 -3.12 11.84 -39.38
CA SER G 363 -3.05 11.46 -37.97
C SER G 363 -4.36 10.95 -37.41
N GLY G 364 -5.44 11.68 -37.68
CA GLY G 364 -6.80 11.24 -37.32
C GLY G 364 -7.84 11.55 -38.38
N VAL G 365 -8.75 10.63 -38.62
CA VAL G 365 -9.75 10.83 -39.66
C VAL G 365 -11.14 10.30 -39.21
N VAL G 366 -11.41 10.38 -37.90
CA VAL G 366 -12.63 9.85 -37.32
C VAL G 366 -13.31 10.77 -36.30
N ASP G 367 -12.55 11.70 -35.72
CA ASP G 367 -13.04 12.54 -34.63
C ASP G 367 -13.99 13.64 -35.12
N VAL G 368 -15.16 13.22 -35.62
CA VAL G 368 -16.11 14.13 -36.27
C VAL G 368 -16.30 15.41 -35.46
N PRO G 369 -16.28 16.58 -36.12
CA PRO G 369 -16.19 16.79 -37.56
C PRO G 369 -14.77 16.96 -38.10
N ASN G 370 -13.77 17.01 -37.23
CA ASN G 370 -12.39 17.31 -37.67
C ASN G 370 -11.45 16.13 -37.91
N ALA G 371 -10.91 16.07 -39.13
CA ALA G 371 -9.70 15.29 -39.39
C ALA G 371 -8.53 16.01 -38.74
N CYS G 372 -7.50 15.25 -38.39
CA CYS G 372 -6.25 15.85 -37.93
C CYS G 372 -5.08 15.44 -38.85
N ALA G 373 -4.43 16.44 -39.42
CA ALA G 373 -3.28 16.21 -40.24
C ALA G 373 -2.07 16.85 -39.65
N THR G 374 -0.91 16.19 -39.80
CA THR G 374 0.36 16.73 -39.33
C THR G 374 1.39 16.93 -40.45
N LEU G 375 2.24 17.94 -40.28
CA LEU G 375 3.33 18.27 -41.20
C LEU G 375 4.59 18.25 -40.39
N TRP G 376 5.54 17.40 -40.77
CA TRP G 376 6.73 17.16 -39.98
C TRP G 376 7.91 17.75 -40.72
N LEU G 377 8.50 18.77 -40.10
CA LEU G 377 9.67 19.43 -40.61
C LEU G 377 10.97 18.91 -39.99
N PRO G 378 11.87 18.29 -40.81
CA PRO G 378 13.12 17.85 -40.24
C PRO G 378 14.03 19.03 -39.98
N THR G 379 14.44 19.17 -38.73
CA THR G 379 15.20 20.35 -38.32
C THR G 379 16.68 20.23 -38.70
N GLU G 380 17.11 19.03 -39.11
CA GLU G 380 18.51 18.75 -39.47
C GLU G 380 18.89 19.48 -40.75
N ILE G 381 17.88 19.86 -41.56
CA ILE G 381 18.18 20.49 -42.85
C ILE G 381 18.65 21.97 -42.77
N PHE G 382 18.55 22.58 -41.57
CA PHE G 382 18.89 24.01 -41.38
C PHE G 382 20.24 24.11 -40.71
N ASP G 383 21.08 25.06 -41.12
CA ASP G 383 22.40 25.16 -40.48
C ASP G 383 22.38 26.04 -39.24
N PHE G 384 21.18 26.21 -38.68
CA PHE G 384 20.98 26.86 -37.39
C PHE G 384 19.79 26.17 -36.71
N ASP G 385 19.69 26.31 -35.39
CA ASP G 385 18.66 25.65 -34.62
C ASP G 385 17.31 26.36 -34.69
N ILE G 386 16.31 25.70 -35.25
CA ILE G 386 14.96 26.28 -35.39
C ILE G 386 13.95 25.86 -34.32
N ASN G 387 14.45 25.22 -33.28
CA ASN G 387 13.55 24.77 -32.21
C ASN G 387 13.14 25.96 -31.34
N PRO G 388 11.93 25.90 -30.72
CA PRO G 388 11.55 27.01 -29.88
C PRO G 388 12.34 27.02 -28.58
N THR G 389 12.64 28.23 -28.11
CA THR G 389 13.35 28.44 -26.86
C THR G 389 12.59 29.49 -26.06
N ALA G 390 12.99 29.68 -24.81
CA ALA G 390 12.39 30.66 -23.92
C ALA G 390 12.48 32.11 -24.45
N GLU G 391 13.64 32.45 -25.03
CA GLU G 391 13.96 33.82 -25.49
C GLU G 391 13.27 34.20 -26.80
N GLY G 392 12.82 33.21 -27.57
CA GLY G 392 12.14 33.48 -28.83
C GLY G 392 13.08 33.49 -30.02
N PRO G 393 12.52 33.51 -31.24
CA PRO G 393 13.26 33.21 -32.47
C PRO G 393 14.26 34.28 -32.89
N GLN G 394 15.55 33.96 -32.83
CA GLN G 394 16.58 34.80 -33.44
C GLN G 394 16.32 34.83 -34.96
N LYS G 395 15.79 35.96 -35.47
CA LYS G 395 15.38 36.07 -36.89
C LYS G 395 16.62 36.26 -37.79
N ILE G 396 17.19 35.12 -38.15
CA ILE G 396 18.61 35.01 -38.53
C ILE G 396 18.87 35.04 -40.04
N ILE G 397 17.83 34.79 -40.84
CA ILE G 397 17.98 34.78 -42.30
C ILE G 397 18.17 36.18 -42.89
N THR G 398 19.44 36.52 -43.12
CA THR G 398 19.83 37.84 -43.61
C THR G 398 19.82 37.90 -45.17
N GLY G 399 20.53 38.88 -45.75
CA GLY G 399 20.60 39.05 -47.22
C GLY G 399 19.28 39.45 -47.90
N GLY G 400 19.32 39.59 -49.22
CA GLY G 400 18.13 40.01 -49.97
C GLY G 400 17.57 38.97 -50.92
N VAL G 401 18.23 37.81 -51.02
CA VAL G 401 17.85 36.75 -51.97
C VAL G 401 16.47 36.16 -51.68
N ASP G 402 15.71 35.94 -52.74
CA ASP G 402 14.38 35.35 -52.66
C ASP G 402 14.15 34.58 -53.95
N LEU G 403 13.01 33.90 -54.04
CA LEU G 403 12.61 33.23 -55.27
C LEU G 403 12.16 34.27 -56.30
N PRO G 404 12.58 34.10 -57.57
CA PRO G 404 12.01 34.82 -58.70
C PRO G 404 10.49 34.75 -58.73
N ILE G 405 9.86 35.86 -59.14
CA ILE G 405 8.42 35.91 -59.25
C ILE G 405 8.08 36.56 -60.57
N ALA G 406 7.08 36.00 -61.26
CA ALA G 406 6.63 36.53 -62.54
C ALA G 406 5.18 36.99 -62.48
N GLN G 407 4.95 38.25 -62.86
CA GLN G 407 3.61 38.82 -62.93
C GLN G 407 2.80 38.06 -63.96
N ASP G 408 1.48 38.05 -63.77
CA ASP G 408 0.61 37.32 -64.68
C ASP G 408 0.61 37.91 -66.09
N LYS G 409 0.26 37.07 -67.06
CA LYS G 409 0.18 37.48 -68.46
C LYS G 409 -1.30 37.66 -68.81
N ALA H 2 30.72 18.04 -61.12
CA ALA H 2 32.08 18.59 -60.78
C ALA H 2 33.15 17.94 -61.64
N GLU H 3 34.29 18.62 -61.77
CA GLU H 3 35.36 18.09 -62.64
C GLU H 3 36.25 17.11 -61.89
N THR H 4 36.72 16.10 -62.62
CA THR H 4 37.64 15.09 -62.12
C THR H 4 39.08 15.62 -62.21
N LEU H 5 39.68 15.92 -61.08
CA LEU H 5 41.04 16.47 -61.03
C LEU H 5 42.18 15.43 -61.09
N ILE H 6 41.86 14.17 -60.82
CA ILE H 6 42.84 13.08 -60.98
C ILE H 6 42.12 11.96 -61.67
N LYS H 7 42.56 11.69 -62.90
CA LYS H 7 41.96 10.62 -63.69
C LYS H 7 42.84 9.38 -63.65
N VAL H 8 42.22 8.22 -63.82
CA VAL H 8 42.87 6.96 -63.66
C VAL H 8 42.46 6.09 -64.82
N ASP H 9 43.45 5.51 -65.48
CA ASP H 9 43.24 4.53 -66.52
C ASP H 9 43.64 3.19 -65.93
N LEU H 10 42.63 2.34 -65.69
CA LEU H 10 42.85 1.04 -65.04
C LEU H 10 43.86 0.14 -65.75
N ASN H 11 44.01 0.35 -67.06
CA ASN H 11 44.94 -0.42 -67.86
C ASN H 11 46.33 0.16 -67.91
N GLN H 12 46.51 1.36 -67.36
CA GLN H 12 47.84 1.94 -67.20
C GLN H 12 48.41 1.52 -65.85
N SER H 13 49.70 1.23 -65.83
CA SER H 13 50.38 0.92 -64.60
C SER H 13 50.34 2.14 -63.70
N PRO H 14 50.01 1.95 -62.41
CA PRO H 14 49.95 3.06 -61.46
C PRO H 14 51.26 3.84 -61.37
N TYR H 15 52.38 3.16 -61.62
CA TYR H 15 53.71 3.79 -61.59
C TYR H 15 53.85 4.84 -62.69
N ASP H 16 53.11 4.66 -63.78
CA ASP H 16 53.09 5.61 -64.90
C ASP H 16 52.20 6.84 -64.66
N ASN H 17 51.37 6.81 -63.60
CA ASN H 17 50.53 7.94 -63.24
C ASN H 17 51.24 8.79 -62.18
N PRO H 18 51.60 10.03 -62.54
CA PRO H 18 52.36 10.91 -61.61
C PRO H 18 51.54 11.50 -60.44
N GLN H 19 50.22 11.32 -60.48
CA GLN H 19 49.32 11.86 -59.45
C GLN H 19 48.87 10.79 -58.47
N VAL H 20 49.59 9.67 -58.47
CA VAL H 20 49.35 8.52 -57.61
C VAL H 20 50.62 8.31 -56.77
N HIS H 21 50.48 7.75 -55.56
CA HIS H 21 51.65 7.40 -54.74
C HIS H 21 51.27 6.26 -53.81
N ASN H 22 52.27 5.58 -53.27
CA ASN H 22 52.03 4.42 -52.38
C ASN H 22 52.89 4.36 -51.09
N ARG H 23 53.41 5.52 -50.67
CA ARG H 23 54.13 5.65 -49.41
C ARG H 23 53.76 7.01 -48.86
N TRP H 24 53.93 7.18 -47.55
CA TRP H 24 53.73 8.49 -46.92
C TRP H 24 55.07 9.18 -46.73
N HIS H 25 55.16 10.42 -47.20
CA HIS H 25 56.37 11.20 -47.09
C HIS H 25 56.05 12.69 -47.27
N PRO H 26 56.62 13.55 -46.40
CA PRO H 26 56.36 15.00 -46.44
C PRO H 26 56.74 15.69 -47.75
N ASP H 27 57.56 15.04 -48.56
CA ASP H 27 58.16 15.71 -49.73
C ASP H 27 57.51 15.35 -51.08
N ILE H 28 56.59 14.39 -51.08
CA ILE H 28 55.80 14.12 -52.27
C ILE H 28 55.09 15.42 -52.66
N PRO H 29 55.31 15.90 -53.90
CA PRO H 29 54.71 17.15 -54.34
C PRO H 29 53.22 16.98 -54.64
N MET H 30 52.46 18.06 -54.48
CA MET H 30 51.02 18.03 -54.71
C MET H 30 50.69 17.61 -56.14
N ALA H 31 49.80 16.65 -56.27
CA ALA H 31 49.26 16.23 -57.57
C ALA H 31 48.35 17.27 -58.26
N VAL H 32 47.81 18.20 -57.45
CA VAL H 32 46.94 19.28 -57.94
C VAL H 32 46.70 20.24 -56.78
N TRP H 33 46.45 21.50 -57.10
CA TRP H 33 46.12 22.49 -56.08
C TRP H 33 44.66 22.93 -56.19
N VAL H 34 43.98 23.08 -55.06
CA VAL H 34 42.60 23.59 -55.04
C VAL H 34 42.42 24.72 -54.02
N GLU H 35 41.40 25.55 -54.24
CA GLU H 35 41.01 26.63 -53.36
C GLU H 35 40.11 26.07 -52.22
N PRO H 36 40.22 26.60 -50.98
CA PRO H 36 39.24 26.19 -49.97
C PRO H 36 37.80 26.40 -50.46
N GLY H 37 36.95 25.41 -50.30
CA GLY H 37 35.57 25.50 -50.77
C GLY H 37 35.39 24.78 -52.09
N ALA H 38 36.48 24.28 -52.65
CA ALA H 38 36.45 23.56 -53.91
C ALA H 38 35.76 22.23 -53.75
N GLU H 39 34.97 21.89 -54.77
CA GLU H 39 34.44 20.56 -54.84
CA GLU H 39 34.29 20.62 -54.92
C GLU H 39 34.84 19.93 -56.16
N PHE H 40 35.16 18.63 -56.09
CA PHE H 40 35.78 17.94 -57.22
C PHE H 40 35.76 16.43 -57.03
N LYS H 41 36.10 15.68 -58.08
CA LYS H 41 36.19 14.23 -58.02
C LYS H 41 37.63 13.76 -58.17
N LEU H 42 37.96 12.61 -57.55
CA LEU H 42 39.23 11.96 -57.73
C LEU H 42 38.89 10.52 -58.08
N GLU H 43 39.53 9.98 -59.11
CA GLU H 43 39.39 8.55 -59.48
C GLU H 43 40.50 7.79 -58.78
N THR H 44 40.30 6.49 -58.59
CA THR H 44 41.24 5.68 -57.80
C THR H 44 41.43 4.28 -58.39
N TYR H 45 42.65 3.76 -58.23
CA TYR H 45 42.91 2.33 -58.49
C TYR H 45 42.39 1.56 -57.30
N ASP H 46 42.03 0.30 -57.50
CA ASP H 46 41.89 -0.60 -56.37
C ASP H 46 43.27 -0.62 -55.69
N TRP H 47 43.31 -1.02 -54.42
CA TRP H 47 44.52 -0.83 -53.59
C TRP H 47 45.78 -1.53 -54.14
N THR H 48 45.58 -2.67 -54.80
CA THR H 48 46.63 -3.47 -55.44
C THR H 48 47.00 -2.96 -56.84
N GLY H 49 46.10 -2.20 -57.44
CA GLY H 49 46.41 -1.55 -58.71
C GLY H 49 46.24 -2.47 -59.90
N GLY H 50 45.50 -3.56 -59.71
CA GLY H 50 45.15 -4.45 -60.80
C GLY H 50 45.53 -5.92 -60.61
N ALA H 51 46.23 -6.21 -59.52
CA ALA H 51 46.75 -7.55 -59.23
C ALA H 51 45.70 -8.65 -59.12
N ILE H 52 44.50 -8.29 -58.68
CA ILE H 52 43.46 -9.29 -58.44
C ILE H 52 42.39 -9.26 -59.52
N LYS H 53 41.99 -10.45 -59.98
CA LYS H 53 41.15 -10.57 -61.18
C LYS H 53 39.77 -11.11 -60.86
N ASN H 54 38.80 -10.83 -61.72
CA ASN H 54 37.48 -11.43 -61.58
C ASN H 54 37.43 -12.83 -62.23
N ASP H 55 37.75 -13.85 -61.44
CA ASP H 55 37.72 -15.25 -61.89
C ASP H 55 37.54 -16.17 -60.69
N ASP H 56 37.64 -17.47 -60.91
CA ASP H 56 37.37 -18.43 -59.85
C ASP H 56 38.61 -19.17 -59.32
N SER H 57 39.74 -18.45 -59.25
CA SER H 57 40.95 -18.98 -58.65
C SER H 57 41.57 -17.97 -57.67
N ALA H 58 42.18 -18.48 -56.60
CA ALA H 58 42.69 -17.64 -55.52
C ALA H 58 44.21 -17.39 -55.59
N GLU H 59 44.83 -17.82 -56.68
CA GLU H 59 46.29 -17.71 -56.84
C GLU H 59 46.80 -16.28 -56.89
N ASP H 60 46.03 -15.38 -57.51
CA ASP H 60 46.38 -13.95 -57.47
C ASP H 60 46.44 -13.37 -56.05
N VAL H 61 45.50 -13.78 -55.19
CA VAL H 61 45.51 -13.37 -53.77
C VAL H 61 46.74 -13.98 -53.06
N ARG H 62 46.99 -15.26 -53.32
CA ARG H 62 48.16 -15.93 -52.73
C ARG H 62 49.45 -15.23 -53.11
N ASP H 63 49.56 -14.82 -54.37
CA ASP H 63 50.84 -14.36 -54.92
C ASP H 63 51.05 -12.85 -54.96
N VAL H 64 50.02 -12.07 -54.61
CA VAL H 64 50.11 -10.59 -54.69
C VAL H 64 51.31 -10.02 -53.95
N ASP H 65 51.92 -8.96 -54.48
CA ASP H 65 53.07 -8.35 -53.83
C ASP H 65 52.64 -7.23 -52.92
N LEU H 66 52.42 -7.59 -51.66
CA LEU H 66 51.83 -6.67 -50.67
C LEU H 66 52.67 -5.44 -50.34
N SER H 67 53.91 -5.39 -50.85
CA SER H 67 54.75 -4.18 -50.71
C SER H 67 54.25 -3.02 -51.58
N THR H 68 53.51 -3.37 -52.63
CA THR H 68 52.97 -2.38 -53.57
C THR H 68 51.80 -1.55 -53.02
N VAL H 69 50.96 -2.15 -52.17
CA VAL H 69 49.76 -1.47 -51.62
C VAL H 69 50.16 -0.29 -50.72
N HIS H 70 49.35 0.77 -50.65
CA HIS H 70 48.13 1.01 -51.40
C HIS H 70 48.40 2.12 -52.41
N PHE H 71 47.89 1.97 -53.64
CA PHE H 71 48.02 3.07 -54.61
C PHE H 71 46.98 4.16 -54.38
N LEU H 72 47.44 5.28 -53.85
CA LEU H 72 46.55 6.39 -53.47
C LEU H 72 46.54 7.47 -54.52
N SER H 73 45.40 8.19 -54.66
CA SER H 73 45.31 9.36 -55.54
C SER H 73 45.54 10.62 -54.71
N GLY H 74 46.47 11.46 -55.16
CA GLY H 74 46.86 12.66 -54.43
C GLY H 74 48.37 12.81 -54.48
N PRO H 75 48.94 13.69 -53.64
CA PRO H 75 48.31 14.52 -52.62
C PRO H 75 47.63 15.76 -53.19
N VAL H 76 46.49 16.11 -52.64
CA VAL H 76 45.75 17.26 -53.11
C VAL H 76 46.15 18.42 -52.23
N GLY H 77 46.61 19.50 -52.86
CA GLY H 77 47.05 20.68 -52.13
C GLY H 77 45.89 21.63 -51.94
N VAL H 78 45.79 22.23 -50.75
CA VAL H 78 44.72 23.18 -50.46
C VAL H 78 45.36 24.51 -50.07
N LYS H 79 45.10 25.54 -50.88
CA LYS H 79 45.78 26.83 -50.72
C LYS H 79 45.46 27.49 -49.41
N GLY H 80 46.51 27.77 -48.63
CA GLY H 80 46.37 28.44 -47.34
C GLY H 80 46.34 27.51 -46.14
N ALA H 81 46.30 26.21 -46.41
CA ALA H 81 46.36 25.20 -45.36
C ALA H 81 47.74 25.19 -44.70
N GLU H 82 47.75 25.37 -43.38
CA GLU H 82 48.97 25.42 -42.58
C GLU H 82 48.98 24.35 -41.48
N PRO H 83 50.17 23.91 -41.02
CA PRO H 83 50.23 22.93 -39.96
C PRO H 83 49.42 23.38 -38.75
N GLY H 84 48.68 22.44 -38.15
CA GLY H 84 47.78 22.78 -37.03
C GLY H 84 46.37 23.21 -37.41
N ASP H 85 46.09 23.28 -38.71
CA ASP H 85 44.71 23.50 -39.17
C ASP H 85 43.96 22.17 -39.13
N LEU H 86 42.63 22.23 -39.25
CA LEU H 86 41.86 21.04 -39.57
C LEU H 86 41.37 21.18 -41.00
N LEU H 87 41.52 20.11 -41.78
CA LEU H 87 41.00 20.05 -43.13
C LEU H 87 39.64 19.37 -43.09
N VAL H 88 38.59 20.13 -43.40
CA VAL H 88 37.23 19.61 -43.38
C VAL H 88 36.91 18.99 -44.73
N VAL H 89 36.69 17.67 -44.75
CA VAL H 89 36.33 16.99 -46.00
C VAL H 89 34.89 16.45 -45.98
N ASP H 90 34.03 16.98 -46.85
CA ASP H 90 32.72 16.38 -47.09
C ASP H 90 32.86 15.33 -48.16
N LEU H 91 32.52 14.08 -47.82
CA LEU H 91 32.43 13.04 -48.84
C LEU H 91 31.01 13.10 -49.43
N LEU H 92 30.87 13.68 -50.62
CA LEU H 92 29.55 14.03 -51.16
C LEU H 92 28.96 12.83 -51.87
N ASP H 93 29.81 12.00 -52.47
CA ASP H 93 29.39 10.70 -53.03
C ASP H 93 30.60 9.89 -53.32
N ILE H 94 30.42 8.56 -53.47
CA ILE H 94 31.51 7.65 -53.79
C ILE H 94 30.91 6.48 -54.57
N GLY H 95 31.61 6.01 -55.58
CA GLY H 95 31.08 4.90 -56.35
C GLY H 95 32.10 4.10 -57.12
N ALA H 96 31.63 3.02 -57.74
CA ALA H 96 32.42 2.21 -58.65
C ALA H 96 32.47 2.88 -60.05
N ARG H 97 33.54 2.56 -60.80
CA ARG H 97 33.69 3.02 -62.19
C ARG H 97 32.70 2.28 -63.06
N ASP H 98 32.21 2.93 -64.10
CA ASP H 98 31.22 2.33 -64.97
C ASP H 98 31.75 1.09 -65.71
N ASP H 99 33.05 1.05 -65.96
CA ASP H 99 33.69 -0.08 -66.64
C ASP H 99 34.20 -1.17 -65.69
N SER H 100 33.89 -1.08 -64.40
CA SER H 100 34.45 -2.00 -63.41
C SER H 100 33.48 -2.23 -62.24
N LEU H 101 32.38 -2.91 -62.53
CA LEU H 101 31.27 -3.02 -61.60
C LEU H 101 31.32 -4.31 -60.80
N TRP H 102 32.48 -4.59 -60.23
CA TRP H 102 32.70 -5.77 -59.42
C TRP H 102 33.83 -5.40 -58.45
N GLY H 103 33.94 -6.18 -57.38
CA GLY H 103 35.00 -6.01 -56.43
C GLY H 103 35.35 -7.34 -55.84
N PHE H 104 36.38 -7.34 -55.00
CA PHE H 104 36.87 -8.62 -54.45
C PHE H 104 37.10 -8.57 -52.94
N ASN H 105 36.79 -9.71 -52.31
CA ASN H 105 37.23 -9.98 -50.96
C ASN H 105 38.17 -11.21 -51.00
N GLY H 106 39.11 -11.28 -50.06
CA GLY H 106 39.92 -12.49 -49.95
C GLY H 106 40.50 -12.77 -48.58
N PHE H 107 40.93 -14.01 -48.36
CA PHE H 107 41.86 -14.27 -47.25
C PHE H 107 43.25 -14.46 -47.85
N PHE H 108 44.21 -13.66 -47.39
CA PHE H 108 45.62 -13.93 -47.68
C PHE H 108 46.06 -15.29 -47.10
N SER H 109 47.04 -15.92 -47.73
CA SER H 109 47.73 -17.05 -47.10
C SER H 109 48.46 -16.54 -45.85
N LYS H 110 48.56 -17.37 -44.82
CA LYS H 110 49.35 -16.97 -43.64
C LYS H 110 50.80 -16.63 -44.03
N GLN H 111 51.29 -17.28 -45.09
CA GLN H 111 52.65 -17.06 -45.59
C GLN H 111 52.83 -15.71 -46.30
N ASN H 112 51.74 -15.09 -46.70
CA ASN H 112 51.79 -13.82 -47.42
C ASN H 112 50.67 -12.88 -46.95
N GLY H 113 50.81 -12.39 -45.71
CA GLY H 113 49.91 -11.38 -45.14
C GLY H 113 49.13 -11.78 -43.90
N GLY H 114 48.51 -12.96 -43.94
CA GLY H 114 47.71 -13.46 -42.82
C GLY H 114 46.37 -12.73 -42.67
N GLY H 115 45.86 -12.68 -41.44
CA GLY H 115 44.55 -12.10 -41.14
C GLY H 115 44.05 -12.47 -39.76
N PHE H 116 42.84 -12.00 -39.43
CA PHE H 116 42.29 -12.14 -38.06
C PHE H 116 42.07 -13.60 -37.65
N LEU H 117 41.62 -14.42 -38.60
CA LEU H 117 41.38 -15.82 -38.34
C LEU H 117 42.34 -16.72 -39.14
N ASP H 118 43.58 -16.25 -39.35
CA ASP H 118 44.57 -17.01 -40.16
C ASP H 118 44.97 -18.39 -39.58
N GLU H 119 44.75 -18.59 -38.29
CA GLU H 119 44.99 -19.91 -37.69
C GLU H 119 43.91 -20.91 -38.07
N HIS H 120 42.76 -20.39 -38.50
CA HIS H 120 41.63 -21.23 -38.90
C HIS H 120 41.47 -21.37 -40.42
N PHE H 121 41.95 -20.36 -41.14
CA PHE H 121 41.89 -20.33 -42.61
C PHE H 121 43.23 -19.90 -43.16
N PRO H 122 44.23 -20.80 -43.16
CA PRO H 122 45.60 -20.38 -43.48
C PRO H 122 45.92 -20.29 -44.98
N LEU H 123 45.04 -20.86 -45.81
CA LEU H 123 45.18 -20.86 -47.27
C LEU H 123 44.39 -19.71 -47.92
N ALA H 124 45.01 -19.10 -48.94
CA ALA H 124 44.43 -17.95 -49.65
C ALA H 124 43.11 -18.28 -50.33
N GLN H 125 42.15 -17.36 -50.25
CA GLN H 125 40.83 -17.57 -50.86
C GLN H 125 40.28 -16.28 -51.46
N LYS H 126 39.17 -16.37 -52.18
CA LYS H 126 38.61 -15.20 -52.81
C LYS H 126 37.12 -15.31 -53.02
N SER H 127 36.42 -14.20 -52.80
CA SER H 127 35.01 -14.06 -53.23
C SER H 127 34.91 -12.79 -54.07
N ILE H 128 34.10 -12.87 -55.12
CA ILE H 128 33.96 -11.81 -56.08
C ILE H 128 32.56 -11.24 -55.96
N TRP H 129 32.48 -9.91 -55.95
CA TRP H 129 31.21 -9.24 -55.72
C TRP H 129 30.83 -8.40 -56.93
N ASP H 130 29.58 -8.53 -57.37
CA ASP H 130 29.04 -7.70 -58.45
C ASP H 130 28.20 -6.56 -57.91
N PHE H 131 28.35 -5.38 -58.50
CA PHE H 131 27.56 -4.23 -58.07
C PHE H 131 26.32 -4.01 -58.95
N HIS H 132 25.14 -4.00 -58.31
CA HIS H 132 23.83 -3.77 -58.95
C HIS H 132 23.23 -2.49 -58.36
N GLY H 133 23.65 -1.35 -58.91
CA GLY H 133 23.28 -0.04 -58.39
C GLY H 133 23.82 0.15 -56.99
N MET H 134 22.92 0.20 -56.00
CA MET H 134 23.34 0.39 -54.60
C MET H 134 23.72 -0.92 -53.93
N PHE H 135 23.37 -2.02 -54.59
CA PHE H 135 23.39 -3.38 -53.99
C PHE H 135 24.53 -4.25 -54.50
N THR H 136 24.87 -5.29 -53.72
CA THR H 136 25.93 -6.19 -54.12
C THR H 136 25.54 -7.62 -53.74
N LYS H 137 26.22 -8.58 -54.37
CA LYS H 137 26.04 -10.01 -54.11
C LYS H 137 27.19 -10.76 -54.74
N SER H 138 27.40 -12.01 -54.32
CA SER H 138 28.56 -12.77 -54.76
C SER H 138 28.11 -14.13 -55.26
N ARG H 139 28.66 -14.53 -56.42
CA ARG H 139 28.39 -15.86 -56.97
C ARG H 139 28.91 -16.94 -56.03
N HIS H 140 29.79 -16.53 -55.11
CA HIS H 140 30.43 -17.44 -54.17
C HIS H 140 29.69 -17.63 -52.84
N ILE H 141 28.74 -16.75 -52.56
CA ILE H 141 27.95 -16.80 -51.32
C ILE H 141 26.44 -16.69 -51.63
N PRO H 142 25.76 -17.84 -51.80
CA PRO H 142 24.33 -17.79 -52.12
C PRO H 142 23.46 -17.26 -50.97
N GLY H 143 22.31 -16.68 -51.33
CA GLY H 143 21.33 -16.27 -50.34
C GLY H 143 21.56 -14.89 -49.72
N VAL H 144 22.61 -14.21 -50.14
CA VAL H 144 23.00 -12.97 -49.49
C VAL H 144 22.93 -11.84 -50.46
N ASN H 145 22.25 -10.75 -50.06
CA ASN H 145 22.11 -9.51 -50.84
C ASN H 145 22.10 -8.34 -49.87
N PHE H 146 22.88 -7.30 -50.15
CA PHE H 146 22.82 -6.12 -49.30
C PHE H 146 23.17 -4.79 -49.99
N ALA H 147 22.70 -3.69 -49.40
CA ALA H 147 23.08 -2.35 -49.83
C ALA H 147 24.46 -2.07 -49.31
N GLY H 148 25.29 -1.49 -50.14
CA GLY H 148 26.68 -1.27 -49.73
C GLY H 148 26.84 -0.04 -48.87
N LEU H 149 27.77 -0.12 -47.93
CA LEU H 149 28.16 1.02 -47.11
C LEU H 149 29.50 1.50 -47.69
N ILE H 150 29.38 2.36 -48.69
CA ILE H 150 30.50 2.68 -49.55
C ILE H 150 31.39 3.71 -48.90
N HIS H 151 32.67 3.37 -48.76
CA HIS H 151 33.60 4.16 -47.99
C HIS H 151 35.06 4.07 -48.49
N PRO H 152 35.84 5.14 -48.28
CA PRO H 152 37.28 4.98 -48.53
C PRO H 152 37.94 4.28 -47.34
N GLY H 153 38.60 3.17 -47.58
CA GLY H 153 39.34 2.53 -46.49
C GLY H 153 40.51 3.36 -45.98
N LEU H 154 41.06 4.21 -46.86
CA LEU H 154 42.26 4.97 -46.58
C LEU H 154 42.12 6.40 -47.06
N ILE H 155 42.31 7.33 -46.13
CA ILE H 155 42.27 8.76 -46.48
C ILE H 155 42.99 9.51 -45.37
N GLY H 156 43.75 10.53 -45.75
CA GLY H 156 44.47 11.34 -44.78
C GLY H 156 45.52 12.22 -45.42
N CYS H 157 46.19 13.04 -44.60
CA CYS H 157 47.11 14.07 -45.05
C CYS H 157 48.57 13.66 -44.84
N LEU H 158 49.47 14.32 -45.56
CA LEU H 158 50.91 14.06 -45.47
C LEU H 158 51.48 14.37 -44.08
N PRO H 159 52.31 13.46 -43.55
CA PRO H 159 53.01 13.71 -42.29
C PRO H 159 54.12 14.73 -42.45
N ASP H 160 54.46 15.44 -41.38
CA ASP H 160 55.68 16.25 -41.33
C ASP H 160 56.92 15.36 -41.07
N PRO H 161 58.15 15.92 -41.25
CA PRO H 161 59.39 15.16 -40.99
C PRO H 161 59.44 14.47 -39.61
N LYS H 162 59.11 15.20 -38.56
CA LYS H 162 59.07 14.64 -37.19
C LYS H 162 58.17 13.39 -37.08
N MET H 163 56.91 13.54 -37.50
CA MET H 163 55.93 12.47 -37.51
C MET H 163 56.44 11.22 -38.22
N LEU H 164 56.99 11.41 -39.42
CA LEU H 164 57.49 10.26 -40.19
C LEU H 164 58.61 9.54 -39.46
N ALA H 165 59.49 10.31 -38.83
CA ALA H 165 60.61 9.75 -38.05
C ALA H 165 60.13 8.88 -36.88
N SER H 166 59.14 9.39 -36.14
CA SER H 166 58.50 8.62 -35.06
C SER H 166 57.90 7.33 -35.57
N TRP H 167 57.17 7.40 -36.69
CA TRP H 167 56.50 6.22 -37.26
C TRP H 167 57.52 5.12 -37.54
N ASN H 168 58.54 5.45 -38.34
CA ASN H 168 59.58 4.49 -38.67
C ASN H 168 60.29 3.95 -37.42
N GLU H 169 60.64 4.84 -36.49
CA GLU H 169 61.33 4.42 -35.25
C GLU H 169 60.57 3.36 -34.43
N ARG H 170 59.32 3.67 -34.09
CA ARG H 170 58.51 2.78 -33.26
C ARG H 170 58.15 1.51 -34.00
N GLU H 171 57.93 1.60 -35.31
CA GLU H 171 57.51 0.44 -36.11
C GLU H 171 58.65 -0.52 -36.46
N THR H 172 59.83 0.02 -36.79
CA THR H 172 61.00 -0.82 -36.98
C THR H 172 61.43 -1.43 -35.64
N GLY H 173 61.30 -0.64 -34.57
CA GLY H 173 61.53 -1.10 -33.20
C GLY H 173 60.73 -2.35 -32.85
N LEU H 174 59.47 -2.37 -33.27
CA LEU H 174 58.58 -3.50 -33.01
C LEU H 174 58.90 -4.73 -33.85
N ILE H 175 59.30 -4.52 -35.11
CA ILE H 175 59.77 -5.63 -35.96
C ILE H 175 61.01 -6.30 -35.32
N ALA H 176 61.88 -5.47 -34.74
CA ALA H 176 63.10 -5.93 -34.07
C ALA H 176 62.84 -6.96 -32.95
N THR H 177 61.68 -6.85 -32.29
CA THR H 177 61.33 -7.74 -31.18
C THR H 177 60.95 -9.17 -31.62
N ASP H 178 60.67 -9.35 -32.92
CA ASP H 178 60.37 -10.67 -33.49
C ASP H 178 60.50 -10.62 -35.03
N PRO H 179 61.74 -10.48 -35.55
CA PRO H 179 61.94 -10.16 -36.96
C PRO H 179 61.60 -11.28 -37.95
N ASP H 180 61.60 -12.52 -37.48
CA ASP H 180 61.37 -13.67 -38.37
C ASP H 180 59.94 -14.19 -38.34
N ARG H 181 59.07 -13.49 -37.61
CA ARG H 181 57.68 -13.89 -37.47
C ARG H 181 56.95 -13.89 -38.82
N ILE H 182 56.22 -14.98 -39.09
CA ILE H 182 55.35 -15.08 -40.26
C ILE H 182 53.89 -15.21 -39.79
N PRO H 183 53.05 -14.19 -40.06
CA PRO H 183 53.34 -12.91 -40.72
C PRO H 183 54.04 -11.91 -39.81
N GLY H 184 54.66 -10.89 -40.40
CA GLY H 184 55.36 -9.86 -39.65
C GLY H 184 54.46 -9.00 -38.79
N LEU H 185 55.08 -8.31 -37.83
CA LEU H 185 54.36 -7.47 -36.87
C LEU H 185 54.08 -6.07 -37.46
N ALA H 186 54.95 -5.65 -38.38
CA ALA H 186 54.83 -4.37 -39.09
C ALA H 186 55.51 -4.47 -40.45
N ASN H 187 55.40 -3.41 -41.26
CA ASN H 187 56.04 -3.39 -42.58
C ASN H 187 56.96 -2.19 -42.65
N PRO H 188 58.26 -2.43 -42.89
CA PRO H 188 59.23 -1.34 -42.87
C PRO H 188 59.19 -0.53 -44.17
N PRO H 189 59.82 0.66 -44.18
CA PRO H 189 59.98 1.35 -45.45
C PRO H 189 60.65 0.44 -46.49
N ASN H 190 60.27 0.60 -47.75
CA ASN H 190 60.74 -0.30 -48.81
C ASN H 190 60.78 0.41 -50.18
N ALA H 191 61.98 0.73 -50.66
CA ALA H 191 62.17 1.56 -51.87
C ALA H 191 61.93 0.82 -53.19
N THR H 192 62.08 -0.52 -53.17
CA THR H 192 61.94 -1.39 -54.36
C THR H 192 60.64 -1.16 -55.11
N THR H 193 59.52 -1.20 -54.39
CA THR H 193 58.18 -1.08 -55.00
C THR H 193 57.52 0.28 -54.70
N ALA H 194 58.31 1.25 -54.25
CA ALA H 194 57.80 2.59 -53.93
C ALA H 194 57.49 3.45 -55.14
N HIS H 195 56.26 3.97 -55.19
CA HIS H 195 55.87 4.98 -56.15
C HIS H 195 55.79 6.29 -55.38
N MET H 196 56.64 7.25 -55.73
CA MET H 196 56.71 8.49 -54.95
C MET H 196 56.12 9.71 -55.65
N GLY H 197 55.13 9.49 -56.52
CA GLY H 197 54.44 10.59 -57.21
C GLY H 197 55.34 11.25 -58.23
N GLN H 198 55.47 12.58 -58.12
CA GLN H 198 56.31 13.35 -59.04
C GLN H 198 57.76 13.53 -58.54
N MET H 199 58.16 12.68 -57.57
CA MET H 199 59.50 12.74 -56.96
C MET H 199 60.56 12.13 -57.87
N GLN H 200 61.63 12.89 -58.11
CA GLN H 200 62.56 12.58 -59.19
C GLN H 200 63.98 12.22 -58.74
N GLY H 201 64.44 11.05 -59.22
CA GLY H 201 65.83 10.62 -59.13
C GLY H 201 66.42 10.41 -57.75
N GLU H 202 67.25 11.37 -57.32
CA GLU H 202 68.12 11.20 -56.16
C GLU H 202 67.59 11.76 -54.85
N ALA H 203 66.77 12.81 -54.92
CA ALA H 203 65.96 13.19 -53.77
C ALA H 203 64.86 12.14 -53.55
N ARG H 204 64.49 11.45 -54.63
CA ARG H 204 63.50 10.36 -54.64
C ARG H 204 64.05 9.10 -54.00
N ASP H 205 65.28 8.73 -54.36
CA ASP H 205 65.88 7.48 -53.86
C ASP H 205 66.02 7.44 -52.34
N LYS H 206 66.29 8.60 -51.74
CA LYS H 206 66.24 8.78 -50.29
C LYS H 206 64.81 8.65 -49.79
N ALA H 207 63.91 9.53 -50.28
CA ALA H 207 62.51 9.53 -49.84
C ALA H 207 61.90 8.12 -49.88
N ALA H 208 62.16 7.38 -50.95
CA ALA H 208 61.61 6.03 -51.11
C ALA H 208 62.18 5.04 -50.08
N ALA H 209 63.37 5.34 -49.58
CA ALA H 209 64.03 4.48 -48.60
C ALA H 209 63.53 4.77 -47.18
N GLU H 210 63.00 5.98 -46.96
CA GLU H 210 62.43 6.35 -45.66
C GLU H 210 60.90 6.58 -45.67
N GLY H 211 60.25 6.31 -46.81
CA GLY H 211 58.81 6.51 -46.97
C GLY H 211 58.02 5.41 -46.29
N ALA H 212 57.09 5.80 -45.41
CA ALA H 212 56.32 4.85 -44.60
C ALA H 212 55.32 4.07 -45.43
N ARG H 213 55.18 2.78 -45.14
CA ARG H 213 54.10 2.00 -45.70
C ARG H 213 52.73 2.61 -45.34
N THR H 214 51.76 2.43 -46.22
CA THR H 214 50.42 2.97 -46.02
C THR H 214 49.52 1.99 -45.26
N VAL H 215 50.10 0.86 -44.85
CA VAL H 215 49.35 -0.26 -44.30
C VAL H 215 48.58 0.07 -42.99
N PRO H 216 49.24 0.73 -42.01
CA PRO H 216 48.51 0.94 -40.76
C PRO H 216 47.89 2.32 -40.59
N PRO H 217 46.76 2.40 -39.85
CA PRO H 217 46.23 3.71 -39.44
C PRO H 217 47.21 4.35 -38.51
N ARG H 218 47.30 5.68 -38.54
CA ARG H 218 48.15 6.41 -37.62
C ARG H 218 47.46 7.73 -37.21
N GLU H 219 48.18 8.57 -36.49
CA GLU H 219 47.60 9.80 -35.94
C GLU H 219 46.92 10.69 -36.97
N HIS H 220 47.44 10.69 -38.20
CA HIS H 220 46.90 11.51 -39.30
C HIS H 220 45.58 10.99 -39.89
N GLY H 221 45.29 9.71 -39.64
CA GLY H 221 44.21 9.02 -40.30
C GLY H 221 44.83 7.88 -41.09
N GLY H 222 44.76 7.99 -42.41
CA GLY H 222 45.37 7.01 -43.27
C GLY H 222 44.46 5.82 -43.36
N ASN H 223 45.05 4.63 -43.27
CA ASN H 223 44.30 3.41 -43.49
C ASN H 223 43.51 2.86 -42.29
N CYS H 224 42.47 3.58 -41.88
CA CYS H 224 41.67 3.23 -40.72
C CYS H 224 40.68 2.10 -40.97
N ASP H 225 40.24 1.96 -42.20
CA ASP H 225 39.21 0.98 -42.52
C ASP H 225 38.00 1.05 -41.58
N ILE H 226 37.57 2.28 -41.33
CA ILE H 226 36.34 2.56 -40.62
C ILE H 226 35.20 2.60 -41.62
N LYS H 227 34.42 1.53 -41.66
CA LYS H 227 33.25 1.46 -42.55
C LYS H 227 32.29 2.64 -42.48
N ASP H 228 32.19 3.24 -41.30
CA ASP H 228 31.25 4.36 -41.07
C ASP H 228 31.74 5.73 -41.54
N LEU H 229 32.99 5.78 -41.98
CA LEU H 229 33.52 6.96 -42.62
C LEU H 229 33.09 6.90 -44.08
N SER H 230 31.79 6.96 -44.33
CA SER H 230 31.22 6.55 -45.62
C SER H 230 30.69 7.71 -46.46
N ARG H 231 30.30 7.44 -47.70
CA ARG H 231 29.69 8.50 -48.51
C ARG H 231 28.57 9.18 -47.76
N GLY H 232 28.71 10.49 -47.57
CA GLY H 232 27.73 11.27 -46.82
C GLY H 232 28.36 11.90 -45.57
N SER H 233 29.52 11.39 -45.16
CA SER H 233 30.17 11.83 -43.94
C SER H 233 30.93 13.15 -44.07
N ARG H 234 31.27 13.71 -42.92
CA ARG H 234 32.14 14.87 -42.87
C ARG H 234 33.28 14.52 -41.91
N VAL H 235 34.51 14.55 -42.39
CA VAL H 235 35.65 14.26 -41.52
C VAL H 235 36.57 15.47 -41.33
N PHE H 236 37.22 15.55 -40.18
CA PHE H 236 38.06 16.67 -39.82
C PHE H 236 39.49 16.16 -39.61
N PHE H 237 40.42 16.51 -40.52
CA PHE H 237 41.76 15.90 -40.49
C PHE H 237 42.75 16.88 -39.95
N PRO H 238 43.67 16.41 -39.10
CA PRO H 238 44.82 17.23 -38.71
C PRO H 238 45.73 17.50 -39.92
N VAL H 239 46.24 18.73 -40.01
CA VAL H 239 47.15 19.14 -41.08
C VAL H 239 48.56 19.29 -40.51
N TYR H 240 49.55 18.70 -41.20
CA TYR H 240 50.93 18.70 -40.71
C TYR H 240 51.90 19.54 -41.55
N VAL H 241 51.65 19.60 -42.85
CA VAL H 241 52.47 20.39 -43.79
C VAL H 241 51.62 21.44 -44.53
N ASP H 242 52.29 22.42 -45.16
CA ASP H 242 51.61 23.47 -45.94
C ASP H 242 50.86 22.87 -47.12
N GLY H 243 49.62 23.31 -47.32
CA GLY H 243 48.78 22.76 -48.38
C GLY H 243 48.13 21.40 -48.08
N ALA H 244 48.48 20.85 -46.91
CA ALA H 244 47.88 19.62 -46.36
C ALA H 244 48.32 18.34 -47.04
N GLY H 245 48.01 18.21 -48.33
CA GLY H 245 48.35 17.03 -49.11
C GLY H 245 47.46 15.87 -48.77
N LEU H 246 46.20 15.98 -49.19
CA LEU H 246 45.19 14.98 -48.89
C LEU H 246 45.22 13.91 -49.94
N SER H 247 45.35 12.67 -49.52
CA SER H 247 45.28 11.55 -50.46
C SER H 247 44.18 10.56 -50.09
N VAL H 248 43.72 9.79 -51.07
CA VAL H 248 42.62 8.89 -50.83
C VAL H 248 42.77 7.65 -51.70
N GLY H 249 42.34 6.49 -51.20
CA GLY H 249 42.31 5.32 -52.06
C GLY H 249 41.67 4.19 -51.32
N ASP H 250 41.89 2.97 -51.80
CA ASP H 250 41.44 1.81 -51.05
C ASP H 250 39.93 1.87 -50.83
N LEU H 251 39.17 2.14 -51.88
CA LEU H 251 37.72 2.24 -51.77
C LEU H 251 37.13 0.88 -51.52
N HIS H 252 36.12 0.84 -50.65
CA HIS H 252 35.34 -0.34 -50.35
C HIS H 252 33.88 -0.12 -50.68
N PHE H 253 33.25 -1.11 -51.29
CA PHE H 253 31.82 -1.05 -51.55
C PHE H 253 31.05 -1.35 -50.25
N SER H 254 31.68 -2.16 -49.39
CA SER H 254 31.16 -2.55 -48.09
C SER H 254 32.32 -3.13 -47.30
N GLN H 255 32.09 -3.29 -45.99
CA GLN H 255 33.08 -3.87 -45.09
C GLN H 255 32.40 -4.12 -43.75
N GLY H 256 32.90 -5.10 -42.99
CA GLY H 256 32.39 -5.38 -41.66
C GLY H 256 33.35 -4.80 -40.69
N ASP H 257 32.92 -4.57 -39.47
CA ASP H 257 33.78 -4.00 -38.45
C ASP H 257 34.98 -4.93 -38.22
N GLY H 258 36.15 -4.35 -38.08
CA GLY H 258 37.37 -5.11 -37.94
C GLY H 258 38.07 -5.44 -39.26
N GLU H 259 37.31 -5.46 -40.35
CA GLU H 259 37.79 -5.92 -41.66
C GLU H 259 38.56 -7.24 -41.50
N ILE H 260 37.94 -8.20 -40.81
CA ILE H 260 38.68 -9.35 -40.26
C ILE H 260 39.46 -10.15 -41.33
N THR H 261 38.93 -10.19 -42.55
CA THR H 261 39.55 -10.90 -43.68
C THR H 261 40.87 -10.27 -44.20
N PHE H 262 41.14 -9.04 -43.78
CA PHE H 262 42.31 -8.26 -44.17
C PHE H 262 42.33 -7.82 -45.65
N CYS H 263 42.17 -8.77 -46.57
CA CYS H 263 42.08 -8.47 -48.00
C CYS H 263 40.66 -7.98 -48.32
N GLY H 264 40.35 -6.75 -47.93
CA GLY H 264 38.95 -6.31 -47.89
C GLY H 264 38.18 -6.89 -46.72
N ALA H 265 36.87 -6.63 -46.58
CA ALA H 265 36.09 -5.67 -47.38
C ALA H 265 35.83 -6.16 -48.82
N ILE H 266 34.91 -5.47 -49.51
CA ILE H 266 34.77 -5.62 -50.94
C ILE H 266 35.63 -4.53 -51.53
N GLU H 267 36.80 -4.93 -52.02
CA GLU H 267 37.78 -4.04 -52.62
C GLU H 267 37.41 -3.63 -54.04
N MET H 268 37.62 -2.36 -54.37
CA MET H 268 37.22 -1.88 -55.69
C MET H 268 38.01 -0.66 -56.16
N ALA H 269 38.06 -0.44 -57.48
CA ALA H 269 38.45 0.86 -58.03
C ALA H 269 37.22 1.73 -58.06
N GLY H 270 37.42 3.05 -58.11
CA GLY H 270 36.26 3.93 -58.17
C GLY H 270 36.59 5.41 -58.21
N TRP H 271 35.73 6.21 -57.59
CA TRP H 271 35.87 7.67 -57.57
C TRP H 271 35.25 8.18 -56.31
N VAL H 272 35.68 9.37 -55.91
CA VAL H 272 35.22 10.02 -54.70
C VAL H 272 34.93 11.46 -55.08
N HIS H 273 33.73 11.93 -54.76
CA HIS H 273 33.33 13.32 -55.00
C HIS H 273 33.41 13.98 -53.64
N MET H 274 34.20 15.05 -53.52
CA MET H 274 34.39 15.69 -52.23
C MET H 274 34.47 17.23 -52.30
N LYS H 275 34.23 17.84 -51.15
CA LYS H 275 34.36 19.28 -50.94
C LYS H 275 35.38 19.47 -49.82
N VAL H 276 36.24 20.49 -49.93
CA VAL H 276 37.21 20.76 -48.86
C VAL H 276 37.10 22.18 -48.33
N SER H 277 37.43 22.33 -47.03
CA SER H 277 37.48 23.62 -46.37
C SER H 277 38.38 23.51 -45.14
N LEU H 278 38.50 24.60 -44.40
CA LEU H 278 39.48 24.67 -43.30
C LEU H 278 38.88 25.19 -42.01
N ILE H 279 39.45 24.76 -40.90
CA ILE H 279 39.25 25.41 -39.62
C ILE H 279 40.63 25.90 -39.18
N LYS H 280 40.80 27.22 -39.12
CA LYS H 280 42.14 27.78 -38.86
C LYS H 280 42.54 27.51 -37.42
N GLY H 281 43.68 26.82 -37.25
CA GLY H 281 44.18 26.43 -35.93
C GLY H 281 43.27 25.41 -35.25
N GLY H 282 42.56 24.62 -36.06
CA GLY H 282 41.60 23.66 -35.54
C GLY H 282 42.14 22.66 -34.54
N MET H 283 43.37 22.20 -34.72
CA MET H 283 43.92 21.16 -33.87
C MET H 283 44.00 21.55 -32.40
N ALA H 284 44.43 22.77 -32.12
CA ALA H 284 44.61 23.23 -30.75
C ALA H 284 43.28 23.65 -30.18
N LYS H 285 42.47 24.25 -31.03
CA LYS H 285 41.16 24.73 -30.62
C LYS H 285 40.28 23.61 -30.09
N TYR H 286 40.37 22.43 -30.70
CA TYR H 286 39.51 21.30 -30.36
C TYR H 286 40.26 20.11 -29.77
N GLY H 287 41.55 20.31 -29.43
CA GLY H 287 42.37 19.28 -28.80
C GLY H 287 42.41 18.02 -29.66
N ILE H 288 42.74 18.18 -30.93
CA ILE H 288 42.72 17.09 -31.90
C ILE H 288 44.07 16.40 -31.96
N LYS H 289 44.05 15.07 -31.79
CA LYS H 289 45.20 14.23 -32.06
C LYS H 289 44.90 13.34 -33.29
N ASN H 290 44.00 12.36 -33.18
CA ASN H 290 43.51 11.61 -34.36
C ASN H 290 42.36 12.35 -35.06
N PRO H 291 42.04 12.00 -36.33
CA PRO H 291 40.88 12.66 -36.95
C PRO H 291 39.59 12.45 -36.15
N ILE H 292 38.60 13.30 -36.42
CA ILE H 292 37.23 13.08 -35.94
C ILE H 292 36.29 13.23 -37.11
N PHE H 293 35.12 12.60 -37.03
CA PHE H 293 34.14 12.71 -38.10
C PHE H 293 32.70 12.52 -37.65
N LYS H 294 31.80 12.83 -38.57
CA LYS H 294 30.39 12.67 -38.39
C LYS H 294 29.95 11.67 -39.45
N PRO H 295 29.19 10.66 -39.05
CA PRO H 295 28.79 9.62 -39.99
C PRO H 295 27.73 10.13 -40.97
N SER H 296 27.36 9.31 -41.96
CA SER H 296 26.55 9.79 -43.09
C SER H 296 25.09 9.72 -42.75
N PRO H 297 24.25 10.69 -43.24
CA PRO H 297 22.79 10.50 -43.15
C PRO H 297 22.21 9.42 -44.04
N MET H 298 22.99 8.92 -44.99
CA MET H 298 22.50 7.92 -45.92
C MET H 298 23.32 6.66 -45.73
N THR H 299 22.79 5.72 -44.95
CA THR H 299 23.44 4.43 -44.72
C THR H 299 22.39 3.31 -44.72
N PRO H 300 22.83 2.05 -44.96
CA PRO H 300 21.84 0.96 -44.99
C PRO H 300 21.19 0.81 -43.62
N ASN H 301 19.86 0.75 -43.60
CA ASN H 301 19.08 0.83 -42.35
C ASN H 301 18.88 -0.50 -41.58
N TYR H 302 19.79 -1.46 -41.75
CA TYR H 302 19.59 -2.76 -41.07
C TYR H 302 19.56 -2.60 -39.54
N LYS H 303 18.55 -3.18 -38.89
CA LYS H 303 18.48 -3.16 -37.43
C LYS H 303 18.16 -4.51 -36.78
N ASP H 304 17.79 -5.51 -37.57
CA ASP H 304 17.45 -6.82 -37.03
C ASP H 304 18.69 -7.66 -36.89
N TYR H 305 19.49 -7.31 -35.90
CA TYR H 305 20.70 -8.03 -35.66
C TYR H 305 20.50 -9.33 -34.90
N LEU H 306 21.39 -10.29 -35.14
CA LEU H 306 21.57 -11.39 -34.25
C LEU H 306 22.97 -11.19 -33.71
N ILE H 307 23.07 -11.05 -32.40
CA ILE H 307 24.31 -10.61 -31.79
C ILE H 307 25.06 -11.70 -31.02
N PHE H 308 26.36 -11.81 -31.28
CA PHE H 308 27.20 -12.90 -30.76
C PHE H 308 28.23 -12.32 -29.81
N GLU H 309 28.64 -13.14 -28.84
CA GLU H 309 29.49 -12.63 -27.76
C GLU H 309 30.82 -13.36 -27.68
N GLY H 310 31.83 -12.66 -27.18
CA GLY H 310 33.09 -13.29 -26.82
C GLY H 310 33.75 -12.64 -25.62
N ILE H 311 34.59 -13.43 -24.95
CA ILE H 311 35.37 -12.99 -23.79
C ILE H 311 36.85 -13.29 -24.02
N SER H 312 37.71 -12.71 -23.18
CA SER H 312 39.15 -12.83 -23.29
C SER H 312 39.75 -14.21 -22.89
N VAL H 313 39.13 -15.29 -23.37
CA VAL H 313 39.63 -16.66 -23.23
C VAL H 313 39.75 -17.28 -24.62
N ASP H 314 40.97 -17.58 -25.06
CA ASP H 314 41.20 -18.01 -26.44
C ASP H 314 40.72 -19.43 -26.76
N GLU H 315 40.99 -19.87 -28.00
CA GLU H 315 40.56 -21.18 -28.51
CA GLU H 315 40.52 -21.17 -28.49
C GLU H 315 41.14 -22.37 -27.76
N LYS H 316 42.29 -22.15 -27.14
CA LYS H 316 42.96 -23.20 -26.36
C LYS H 316 42.47 -23.25 -24.90
N GLY H 317 41.66 -22.24 -24.52
CA GLY H 317 41.09 -22.16 -23.17
C GLY H 317 41.98 -21.37 -22.22
N LYS H 318 42.92 -20.63 -22.80
CA LYS H 318 43.90 -19.90 -22.03
C LYS H 318 43.35 -18.51 -21.67
N GLN H 319 43.64 -18.08 -20.45
CA GLN H 319 43.05 -16.88 -19.87
C GLN H 319 43.91 -15.65 -20.16
N HIS H 320 43.31 -14.66 -20.83
CA HIS H 320 44.04 -13.42 -21.08
C HIS H 320 43.51 -12.35 -20.16
N TYR H 321 44.07 -11.15 -20.28
CA TYR H 321 43.68 -10.07 -19.39
C TYR H 321 43.16 -8.89 -20.19
N LEU H 322 41.88 -8.59 -20.00
CA LEU H 322 41.19 -7.46 -20.66
C LEU H 322 41.62 -7.35 -22.11
N ASP H 323 41.63 -8.49 -22.80
CA ASP H 323 42.05 -8.51 -24.20
C ASP H 323 40.84 -8.53 -25.13
N VAL H 324 40.50 -7.35 -25.68
CA VAL H 324 39.38 -7.18 -26.61
C VAL H 324 39.62 -7.92 -27.94
N THR H 325 40.87 -7.95 -28.36
CA THR H 325 41.26 -8.67 -29.56
C THR H 325 40.86 -10.14 -29.46
N VAL H 326 41.25 -10.80 -28.38
CA VAL H 326 40.90 -12.21 -28.21
C VAL H 326 39.39 -12.41 -28.05
N ALA H 327 38.72 -11.45 -27.42
CA ALA H 327 37.27 -11.57 -27.21
C ALA H 327 36.49 -11.48 -28.53
N TYR H 328 36.91 -10.56 -29.41
CA TYR H 328 36.29 -10.38 -30.74
C TYR H 328 36.48 -11.63 -31.60
N ARG H 329 37.68 -12.21 -31.53
CA ARG H 329 37.93 -13.46 -32.29
C ARG H 329 36.89 -14.49 -31.90
N GLN H 330 36.69 -14.67 -30.59
CA GLN H 330 35.69 -15.58 -30.08
C GLN H 330 34.27 -15.28 -30.60
N ALA H 331 33.88 -14.00 -30.65
CA ALA H 331 32.54 -13.62 -31.12
C ALA H 331 32.41 -13.92 -32.61
N CYS H 332 33.48 -13.69 -33.36
CA CYS H 332 33.49 -13.97 -34.79
C CYS H 332 33.40 -15.47 -35.04
N LEU H 333 34.21 -16.26 -34.31
CA LEU H 333 34.15 -17.73 -34.43
C LEU H 333 32.79 -18.29 -34.05
N ASN H 334 32.17 -17.72 -33.02
CA ASN H 334 30.80 -18.08 -32.65
C ASN H 334 29.81 -17.83 -33.77
N ALA H 335 29.92 -16.68 -34.42
CA ALA H 335 29.04 -16.34 -35.55
C ALA H 335 29.25 -17.32 -36.71
N ILE H 336 30.50 -17.61 -37.03
CA ILE H 336 30.84 -18.57 -38.08
C ILE H 336 30.16 -19.93 -37.80
N GLU H 337 30.35 -20.47 -36.59
CA GLU H 337 29.73 -21.74 -36.17
C GLU H 337 28.24 -21.74 -36.38
N TYR H 338 27.62 -20.61 -36.06
CA TYR H 338 26.19 -20.46 -36.23
C TYR H 338 25.78 -20.50 -37.71
N LEU H 339 26.49 -19.74 -38.55
CA LEU H 339 26.19 -19.75 -39.97
C LEU H 339 26.36 -21.15 -40.61
N LYS H 340 27.42 -21.87 -40.24
CA LYS H 340 27.63 -23.24 -40.73
C LYS H 340 26.45 -24.17 -40.55
N LYS H 341 25.66 -23.97 -39.48
CA LYS H 341 24.47 -24.78 -39.24
C LYS H 341 23.39 -24.56 -40.27
N PHE H 342 23.55 -23.49 -41.04
CA PHE H 342 22.58 -23.18 -42.08
C PHE H 342 23.05 -23.63 -43.45
N GLY H 343 24.29 -24.14 -43.50
CA GLY H 343 24.82 -24.77 -44.70
C GLY H 343 25.94 -24.02 -45.36
N TYR H 344 26.28 -22.85 -44.81
CA TYR H 344 27.44 -22.13 -45.29
C TYR H 344 28.70 -22.88 -44.89
N SER H 345 29.71 -22.83 -45.75
CA SER H 345 31.05 -23.25 -45.39
C SER H 345 31.62 -22.21 -44.43
N GLY H 346 32.73 -22.55 -43.78
CA GLY H 346 33.41 -21.63 -42.88
C GLY H 346 33.98 -20.45 -43.62
N ALA H 347 34.43 -20.72 -44.85
CA ALA H 347 35.04 -19.71 -45.70
C ALA H 347 33.98 -18.69 -46.16
N GLN H 348 32.80 -19.19 -46.51
CA GLN H 348 31.67 -18.33 -46.86
C GLN H 348 31.33 -17.38 -45.68
N ALA H 349 31.25 -17.95 -44.48
CA ALA H 349 30.94 -17.21 -43.26
C ALA H 349 31.99 -16.15 -42.91
N TYR H 350 33.26 -16.53 -43.02
CA TYR H 350 34.38 -15.63 -42.77
C TYR H 350 34.42 -14.48 -43.75
N SER H 351 34.17 -14.80 -45.03
CA SER H 351 34.12 -13.76 -46.08
C SER H 351 32.97 -12.79 -45.81
N LEU H 352 31.82 -13.36 -45.46
CA LEU H 352 30.67 -12.58 -45.11
C LEU H 352 30.97 -11.57 -43.99
N LEU H 353 31.61 -12.04 -42.92
CA LEU H 353 31.93 -11.12 -41.79
C LEU H 353 32.89 -10.02 -42.19
N GLY H 354 33.71 -10.29 -43.21
CA GLY H 354 34.67 -9.31 -43.74
C GLY H 354 34.00 -8.29 -44.67
N THR H 355 32.84 -8.65 -45.22
CA THR H 355 32.22 -7.88 -46.31
C THR H 355 30.90 -7.20 -45.99
N ALA H 356 29.99 -7.94 -45.40
CA ALA H 356 28.68 -7.39 -45.01
C ALA H 356 28.85 -6.40 -43.85
N PRO H 357 27.92 -5.46 -43.68
CA PRO H 357 28.16 -4.41 -42.65
C PRO H 357 27.83 -4.89 -41.21
N VAL H 358 28.60 -5.88 -40.73
CA VAL H 358 28.45 -6.40 -39.39
C VAL H 358 29.03 -5.40 -38.41
N GLN H 359 28.53 -5.40 -37.17
CA GLN H 359 29.05 -4.46 -36.16
C GLN H 359 29.88 -5.23 -35.14
N GLY H 360 30.97 -4.62 -34.72
CA GLY H 360 31.85 -5.14 -33.69
C GLY H 360 31.88 -4.13 -32.57
N HIS H 361 31.34 -4.50 -31.41
CA HIS H 361 31.33 -3.59 -30.28
C HIS H 361 32.29 -3.98 -29.17
N ILE H 362 32.90 -2.96 -28.57
CA ILE H 362 33.69 -3.12 -27.36
C ILE H 362 32.72 -2.91 -26.23
N SER H 363 31.95 -3.95 -25.95
CA SER H 363 30.80 -3.87 -25.03
C SER H 363 31.22 -3.64 -23.58
N GLY H 364 32.24 -4.39 -23.14
CA GLY H 364 32.83 -4.22 -21.83
C GLY H 364 34.34 -4.36 -21.83
N VAL H 365 35.01 -3.47 -21.13
CA VAL H 365 36.49 -3.54 -21.10
C VAL H 365 37.04 -3.30 -19.66
N VAL H 366 36.25 -3.67 -18.65
CA VAL H 366 36.59 -3.40 -17.25
C VAL H 366 36.43 -4.60 -16.29
N ASP H 367 35.63 -5.59 -16.68
CA ASP H 367 35.23 -6.66 -15.78
C ASP H 367 36.30 -7.70 -15.65
N VAL H 368 37.41 -7.30 -15.01
CA VAL H 368 38.61 -8.12 -14.94
C VAL H 368 38.27 -9.57 -14.57
N PRO H 369 38.90 -10.56 -15.26
CA PRO H 369 39.90 -10.43 -16.32
C PRO H 369 39.33 -10.29 -17.75
N ASN H 370 38.03 -10.47 -17.94
CA ASN H 370 37.49 -10.57 -19.29
C ASN H 370 36.92 -9.26 -19.85
N ALA H 371 37.42 -8.87 -21.02
CA ALA H 371 36.70 -7.94 -21.89
C ALA H 371 35.52 -8.67 -22.47
N CYS H 372 34.50 -7.91 -22.87
CA CYS H 372 33.36 -8.50 -23.61
C CYS H 372 33.17 -7.77 -24.95
N ALA H 373 33.30 -8.53 -26.02
CA ALA H 373 33.12 -8.05 -27.37
C ALA H 373 31.93 -8.71 -28.04
N THR H 374 31.17 -7.90 -28.79
CA THR H 374 30.01 -8.42 -29.52
C THR H 374 30.14 -8.23 -31.04
N LEU H 375 29.60 -9.19 -31.79
CA LEU H 375 29.55 -9.23 -33.27
C LEU H 375 28.07 -9.25 -33.66
N TRP H 376 27.64 -8.23 -34.41
CA TRP H 376 26.21 -8.05 -34.74
C TRP H 376 25.98 -8.36 -36.22
N LEU H 377 25.18 -9.38 -36.50
CA LEU H 377 24.95 -9.86 -37.86
C LEU H 377 23.57 -9.40 -38.30
N PRO H 378 23.51 -8.51 -39.31
CA PRO H 378 22.18 -8.05 -39.71
C PRO H 378 21.50 -9.19 -40.45
N THR H 379 20.32 -9.59 -39.96
CA THR H 379 19.61 -10.72 -40.54
C THR H 379 18.89 -10.36 -41.84
N GLU H 380 18.80 -9.06 -42.15
CA GLU H 380 18.12 -8.58 -43.36
C GLU H 380 18.88 -8.95 -44.63
N ILE H 381 20.17 -9.26 -44.53
CA ILE H 381 20.96 -9.57 -45.71
C ILE H 381 20.72 -11.00 -46.26
N PHE H 382 19.97 -11.84 -45.54
CA PHE H 382 19.72 -13.23 -45.99
C PHE H 382 18.33 -13.34 -46.59
N ASP H 383 18.15 -14.09 -47.67
CA ASP H 383 16.80 -14.21 -48.24
C ASP H 383 16.00 -15.35 -47.61
N PHE H 384 16.39 -15.71 -46.40
CA PHE H 384 15.67 -16.68 -45.58
C PHE H 384 15.91 -16.29 -44.14
N ASP H 385 15.04 -16.74 -43.25
CA ASP H 385 15.10 -16.36 -41.84
C ASP H 385 16.15 -17.16 -41.08
N ILE H 386 17.18 -16.49 -40.55
CA ILE H 386 18.23 -17.17 -39.78
C ILE H 386 18.10 -17.11 -38.27
N ASN H 387 16.95 -16.66 -37.80
CA ASN H 387 16.72 -16.52 -36.38
C ASN H 387 16.47 -17.88 -35.76
N PRO H 388 16.79 -18.02 -34.47
CA PRO H 388 16.57 -19.30 -33.81
C PRO H 388 15.09 -19.60 -33.62
N THR H 389 14.70 -20.86 -33.85
CA THR H 389 13.32 -21.29 -33.59
C THR H 389 13.35 -22.54 -32.73
N ALA H 390 12.18 -22.98 -32.27
CA ALA H 390 12.07 -24.18 -31.45
C ALA H 390 12.60 -25.46 -32.17
N GLU H 391 12.41 -25.51 -33.50
CA GLU H 391 12.72 -26.71 -34.31
C GLU H 391 14.18 -26.88 -34.74
N GLY H 392 14.93 -25.80 -34.76
CA GLY H 392 16.31 -25.89 -35.15
C GLY H 392 16.40 -25.47 -36.58
N PRO H 393 17.62 -25.26 -37.08
CA PRO H 393 17.89 -24.72 -38.40
C PRO H 393 17.62 -25.69 -39.54
N GLN H 394 16.97 -25.21 -40.59
CA GLN H 394 16.94 -25.89 -41.87
C GLN H 394 18.15 -25.40 -42.64
N LYS H 395 19.02 -26.30 -43.08
CA LYS H 395 20.16 -25.85 -43.85
C LYS H 395 19.75 -25.54 -45.30
N ILE H 396 19.29 -24.30 -45.51
CA ILE H 396 18.69 -23.86 -46.78
C ILE H 396 19.72 -23.76 -47.89
N ILE H 397 20.98 -23.58 -47.51
CA ILE H 397 22.09 -23.51 -48.48
C ILE H 397 22.36 -24.86 -49.15
N THR H 398 21.69 -25.08 -50.27
CA THR H 398 22.00 -26.21 -51.14
C THR H 398 23.21 -25.80 -52.02
N GLY H 399 23.23 -26.17 -53.29
CA GLY H 399 24.18 -25.60 -54.26
C GLY H 399 25.50 -26.30 -54.54
N GLY H 400 26.40 -26.32 -53.55
CA GLY H 400 27.77 -26.82 -53.72
C GLY H 400 28.78 -25.73 -54.05
N VAL H 401 28.30 -24.52 -54.31
CA VAL H 401 29.15 -23.34 -54.53
C VAL H 401 30.08 -23.12 -53.34
N ASP H 402 31.30 -22.64 -53.59
CA ASP H 402 32.16 -22.21 -52.49
C ASP H 402 33.19 -21.20 -52.99
N LEU H 403 33.95 -20.62 -52.06
CA LEU H 403 35.04 -19.73 -52.42
C LEU H 403 36.20 -20.56 -52.99
N PRO H 404 36.83 -20.09 -54.08
CA PRO H 404 38.12 -20.59 -54.55
C PRO H 404 39.15 -20.65 -53.44
N ILE H 405 39.96 -21.71 -53.47
CA ILE H 405 41.04 -21.87 -52.50
C ILE H 405 42.32 -22.23 -53.25
N ALA H 406 43.43 -21.62 -52.84
CA ALA H 406 44.72 -21.90 -53.46
C ALA H 406 45.69 -22.51 -52.45
N GLN H 407 46.24 -23.68 -52.79
CA GLN H 407 47.27 -24.34 -51.97
C GLN H 407 48.49 -23.46 -51.88
N ASP H 408 49.26 -23.63 -50.81
CA ASP H 408 50.42 -22.78 -50.59
C ASP H 408 51.52 -22.94 -51.63
N LYS H 409 52.23 -21.83 -51.83
CA LYS H 409 53.25 -21.67 -52.87
C LYS H 409 54.48 -22.48 -52.47
#